data_2K2R
#
_entry.id   2K2R
#
loop_
_entity.id
_entity.type
_entity.pdbx_description
1 polymer Alpha-parvin
2 polymer Paxillin
#
loop_
_entity_poly.entity_id
_entity_poly.type
_entity_poly.pdbx_seq_one_letter_code
_entity_poly.pdbx_strand_id
1 'polypeptide(L)'
;RHERDAFDTLFDHAPDKLNVVKKTLITFVNKHLNKLNLEVTELETQFADGVYLVLLMGLLEGYFVPLHSFFLTPDSFEQK
VLNVSFAFELMQDGGLEKPKPRPEDIVNCDLKSTLRVLYNLFTKYRNVE
;
A
2 'polypeptide(L)' DLDALLADLE B
#
# COMPACT_ATOMS: atom_id res chain seq x y z
N ARG A 1 7.24 27.27 0.11
CA ARG A 1 8.18 26.37 -0.62
C ARG A 1 7.47 25.06 -0.97
N HIS A 2 6.86 24.99 -2.12
CA HIS A 2 6.14 23.74 -2.51
C HIS A 2 7.17 22.62 -2.74
N GLU A 3 7.42 21.83 -1.74
CA GLU A 3 8.40 20.72 -1.90
C GLU A 3 7.98 19.83 -3.07
N ARG A 4 8.80 19.75 -4.10
CA ARG A 4 8.46 18.91 -5.27
C ARG A 4 8.89 17.46 -4.98
N ASP A 5 8.00 16.51 -5.19
CA ASP A 5 8.33 15.08 -4.92
C ASP A 5 7.86 14.21 -6.09
N ALA A 6 7.24 13.11 -5.79
CA ALA A 6 6.76 12.20 -6.87
C ALA A 6 5.41 12.69 -7.43
N PHE A 7 4.43 12.87 -6.57
CA PHE A 7 3.10 13.33 -7.07
C PHE A 7 3.28 14.52 -8.02
N ASP A 8 4.27 15.31 -7.79
CA ASP A 8 4.50 16.50 -8.66
C ASP A 8 4.35 16.11 -10.13
N THR A 9 5.28 15.37 -10.65
CA THR A 9 5.21 14.96 -12.07
C THR A 9 4.03 14.02 -12.32
N LEU A 10 3.81 13.10 -11.44
CA LEU A 10 2.68 12.14 -11.61
C LEU A 10 1.37 12.89 -11.86
N PHE A 11 1.06 13.85 -11.03
CA PHE A 11 -0.20 14.61 -11.19
C PHE A 11 -0.02 15.73 -12.22
N ASP A 12 1.13 16.35 -12.19
CA ASP A 12 1.37 17.50 -13.12
C ASP A 12 1.83 17.01 -14.51
N HIS A 13 2.03 15.74 -14.70
CA HIS A 13 2.48 15.27 -16.03
C HIS A 13 1.96 13.86 -16.33
N ALA A 14 1.16 13.29 -15.47
CA ALA A 14 0.65 11.92 -15.77
C ALA A 14 -0.54 11.55 -14.87
N PRO A 15 -1.64 12.26 -15.03
CA PRO A 15 -2.86 11.96 -14.27
C PRO A 15 -3.40 10.60 -14.74
N ASP A 16 -2.98 10.16 -15.90
CA ASP A 16 -3.46 8.86 -16.43
C ASP A 16 -2.60 7.71 -15.90
N LYS A 17 -1.30 7.84 -15.96
CA LYS A 17 -0.42 6.76 -15.44
C LYS A 17 -0.66 6.61 -13.95
N LEU A 18 -0.93 7.70 -13.28
CA LEU A 18 -1.21 7.63 -11.82
C LEU A 18 -2.27 6.57 -11.59
N ASN A 19 -3.24 6.54 -12.46
CA ASN A 19 -4.33 5.54 -12.31
C ASN A 19 -3.76 4.14 -12.57
N VAL A 20 -3.13 3.95 -13.69
CA VAL A 20 -2.53 2.62 -14.00
C VAL A 20 -1.48 2.27 -12.94
N VAL A 21 -0.81 3.25 -12.41
CA VAL A 21 0.23 2.97 -11.38
C VAL A 21 -0.45 2.35 -10.15
N LYS A 22 -1.62 2.80 -9.79
CA LYS A 22 -2.31 2.21 -8.63
C LYS A 22 -2.58 0.75 -9.00
N LYS A 23 -3.00 0.52 -10.21
CA LYS A 23 -3.30 -0.88 -10.66
C LYS A 23 -2.05 -1.76 -10.58
N THR A 24 -0.88 -1.20 -10.69
CA THR A 24 0.35 -2.04 -10.61
C THR A 24 0.56 -2.38 -9.15
N LEU A 25 0.13 -1.50 -8.30
CA LEU A 25 0.25 -1.77 -6.86
C LEU A 25 -0.82 -2.80 -6.50
N ILE A 26 -1.91 -2.82 -7.24
CA ILE A 26 -2.97 -3.83 -7.00
C ILE A 26 -2.36 -5.19 -7.33
N THR A 27 -1.46 -5.23 -8.29
CA THR A 27 -0.83 -6.53 -8.68
C THR A 27 0.07 -7.05 -7.53
N PHE A 28 0.97 -6.25 -7.04
CA PHE A 28 1.87 -6.72 -5.94
C PHE A 28 1.01 -7.29 -4.79
N VAL A 29 -0.07 -6.63 -4.47
CA VAL A 29 -0.95 -7.15 -3.39
C VAL A 29 -1.65 -8.41 -3.91
N ASN A 30 -2.00 -8.44 -5.17
CA ASN A 30 -2.67 -9.64 -5.75
C ASN A 30 -1.72 -10.81 -5.59
N LYS A 31 -0.49 -10.53 -5.32
CA LYS A 31 0.51 -11.61 -5.14
C LYS A 31 0.35 -12.15 -3.73
N HIS A 32 0.44 -11.30 -2.75
CA HIS A 32 0.25 -11.76 -1.37
C HIS A 32 -1.13 -12.40 -1.30
N LEU A 33 -2.03 -11.95 -2.12
CA LEU A 33 -3.41 -12.51 -2.12
C LEU A 33 -3.44 -13.75 -3.03
N ASN A 34 -2.95 -13.63 -4.23
CA ASN A 34 -2.95 -14.81 -5.15
C ASN A 34 -2.50 -16.06 -4.38
N LYS A 35 -1.76 -15.86 -3.31
CA LYS A 35 -1.34 -17.05 -2.52
C LYS A 35 -2.61 -17.77 -2.07
N LEU A 36 -3.43 -17.08 -1.32
CA LEU A 36 -4.72 -17.70 -0.87
C LEU A 36 -5.63 -17.77 -2.11
N ASN A 37 -5.09 -17.39 -3.23
CA ASN A 37 -5.85 -17.39 -4.51
C ASN A 37 -7.09 -16.51 -4.39
N LEU A 38 -6.89 -15.23 -4.55
CA LEU A 38 -8.01 -14.25 -4.47
C LEU A 38 -7.76 -13.14 -5.50
N GLU A 39 -8.29 -11.96 -5.27
CA GLU A 39 -8.07 -10.86 -6.26
C GLU A 39 -8.47 -9.52 -5.65
N VAL A 40 -7.54 -8.61 -5.55
CA VAL A 40 -7.83 -7.25 -4.98
C VAL A 40 -8.16 -6.29 -6.12
N THR A 41 -8.83 -5.19 -5.83
CA THR A 41 -9.21 -4.22 -6.92
C THR A 41 -9.08 -2.77 -6.43
N GLU A 42 -9.03 -2.54 -5.14
CA GLU A 42 -8.95 -1.13 -4.63
C GLU A 42 -7.76 -0.97 -3.69
N LEU A 43 -6.59 -0.76 -4.23
CA LEU A 43 -5.40 -0.57 -3.38
C LEU A 43 -5.68 0.58 -2.42
N GLU A 44 -6.22 1.64 -2.92
CA GLU A 44 -6.51 2.82 -2.05
C GLU A 44 -7.30 2.41 -0.78
N THR A 45 -8.47 1.87 -0.95
CA THR A 45 -9.29 1.49 0.23
C THR A 45 -8.79 0.20 0.85
N GLN A 46 -7.77 -0.40 0.33
CA GLN A 46 -7.27 -1.65 0.93
C GLN A 46 -6.55 -1.30 2.22
N PHE A 47 -6.15 -0.05 2.37
CA PHE A 47 -5.49 0.37 3.61
C PHE A 47 -6.56 1.00 4.47
N ALA A 48 -7.68 1.27 3.87
CA ALA A 48 -8.83 1.84 4.63
C ALA A 48 -9.38 0.75 5.49
N ASP A 49 -8.51 -0.11 5.92
CA ASP A 49 -8.92 -1.24 6.78
C ASP A 49 -7.69 -1.93 7.36
N GLY A 50 -6.56 -1.74 6.73
CA GLY A 50 -5.30 -2.39 7.26
C GLY A 50 -5.50 -3.92 7.34
N VAL A 51 -6.63 -4.39 6.90
CA VAL A 51 -6.90 -5.86 6.93
C VAL A 51 -6.01 -6.55 5.90
N TYR A 52 -6.18 -6.18 4.65
CA TYR A 52 -5.36 -6.80 3.59
C TYR A 52 -3.88 -6.61 3.93
N LEU A 53 -3.60 -5.72 4.84
CA LEU A 53 -2.16 -5.48 5.20
C LEU A 53 -1.63 -6.65 6.06
N VAL A 54 -2.19 -6.90 7.21
CA VAL A 54 -1.65 -8.02 8.01
C VAL A 54 -1.71 -9.30 7.16
N LEU A 55 -2.62 -9.36 6.22
CA LEU A 55 -2.69 -10.55 5.34
C LEU A 55 -1.38 -10.64 4.56
N LEU A 56 -0.91 -9.55 4.03
CA LEU A 56 0.38 -9.60 3.29
C LEU A 56 1.40 -10.28 4.16
N MET A 57 1.62 -9.77 5.33
CA MET A 57 2.60 -10.39 6.26
C MET A 57 2.48 -11.92 6.27
N GLY A 58 1.29 -12.45 6.35
CA GLY A 58 1.12 -13.94 6.41
C GLY A 58 1.25 -14.63 5.05
N LEU A 59 0.49 -14.24 4.09
CA LEU A 59 0.55 -14.92 2.77
C LEU A 59 1.97 -14.84 2.24
N LEU A 60 2.75 -13.98 2.82
CA LEU A 60 4.18 -13.87 2.41
C LEU A 60 4.92 -15.00 3.12
N GLU A 61 4.83 -15.05 4.42
CA GLU A 61 5.51 -16.12 5.18
C GLU A 61 4.81 -17.46 4.91
N GLY A 62 3.56 -17.41 4.51
CA GLY A 62 2.81 -18.68 4.23
C GLY A 62 2.22 -19.22 5.53
N TYR A 63 1.15 -18.64 5.98
CA TYR A 63 0.50 -19.12 7.24
C TYR A 63 -0.98 -18.75 7.22
N PHE A 64 -1.74 -19.25 8.17
CA PHE A 64 -3.20 -18.95 8.21
C PHE A 64 -3.43 -17.65 8.99
N VAL A 65 -3.74 -16.58 8.29
CA VAL A 65 -4.00 -15.26 8.95
C VAL A 65 -5.47 -14.87 8.73
N PRO A 66 -6.37 -15.23 9.64
CA PRO A 66 -7.79 -14.88 9.49
C PRO A 66 -7.95 -13.35 9.38
N LEU A 67 -8.98 -12.90 8.73
CA LEU A 67 -9.19 -11.43 8.58
C LEU A 67 -9.49 -10.80 9.95
N HIS A 68 -9.87 -11.59 10.92
CA HIS A 68 -10.19 -11.04 12.28
C HIS A 68 -9.25 -11.66 13.32
N SER A 69 -7.98 -11.67 13.05
CA SER A 69 -6.99 -12.24 14.00
C SER A 69 -6.09 -11.12 14.51
N PHE A 70 -5.92 -10.14 13.68
CA PHE A 70 -5.05 -8.98 14.06
C PHE A 70 -5.88 -8.03 14.93
N PHE A 71 -5.83 -6.73 14.70
CA PHE A 71 -6.64 -5.82 15.55
C PHE A 71 -8.12 -6.06 15.28
N LEU A 72 -8.99 -5.50 16.08
CA LEU A 72 -10.45 -5.71 15.86
C LEU A 72 -10.81 -5.30 14.43
N THR A 73 -12.07 -5.32 14.11
CA THR A 73 -12.50 -4.94 12.73
C THR A 73 -12.70 -3.41 12.67
N PRO A 74 -12.15 -2.73 11.67
CA PRO A 74 -12.33 -1.26 11.57
C PRO A 74 -13.82 -0.93 11.48
N ASP A 75 -14.32 -0.12 12.37
CA ASP A 75 -15.76 0.26 12.35
C ASP A 75 -15.90 1.69 11.85
N SER A 76 -15.08 2.56 12.37
CA SER A 76 -15.12 4.00 11.95
C SER A 76 -13.75 4.42 11.42
N PHE A 77 -13.58 5.68 11.19
CA PHE A 77 -12.30 6.19 10.64
C PHE A 77 -11.17 5.96 11.61
N GLU A 78 -11.27 6.48 12.78
CA GLU A 78 -10.18 6.31 13.77
C GLU A 78 -9.78 4.83 13.84
N GLN A 79 -10.73 3.94 13.79
CA GLN A 79 -10.41 2.52 13.86
C GLN A 79 -9.65 2.08 12.60
N LYS A 80 -9.86 2.76 11.52
CA LYS A 80 -9.11 2.41 10.28
C LYS A 80 -7.71 3.03 10.40
N VAL A 81 -7.65 4.29 10.72
CA VAL A 81 -6.33 4.97 10.87
C VAL A 81 -5.48 4.13 11.81
N LEU A 82 -6.12 3.41 12.69
CA LEU A 82 -5.36 2.58 13.65
C LEU A 82 -4.83 1.36 12.92
N ASN A 83 -5.71 0.56 12.39
CA ASN A 83 -5.25 -0.65 11.67
C ASN A 83 -4.06 -0.30 10.75
N VAL A 84 -4.00 0.92 10.25
CA VAL A 84 -2.85 1.29 9.37
C VAL A 84 -1.67 1.76 10.20
N SER A 85 -1.92 2.43 11.29
CA SER A 85 -0.80 2.89 12.15
C SER A 85 -0.12 1.63 12.70
N PHE A 86 -0.89 0.60 12.81
CA PHE A 86 -0.41 -0.71 13.32
C PHE A 86 0.46 -1.36 12.26
N ALA A 87 -0.06 -1.50 11.08
CA ALA A 87 0.77 -2.11 10.01
C ALA A 87 2.07 -1.32 9.95
N PHE A 88 1.97 -0.03 10.11
CA PHE A 88 3.12 0.86 10.12
C PHE A 88 3.98 0.53 11.34
N GLU A 89 3.39 -0.03 12.35
CA GLU A 89 4.19 -0.37 13.57
C GLU A 89 5.02 -1.64 13.33
N LEU A 90 4.39 -2.70 12.90
CA LEU A 90 5.18 -3.95 12.65
C LEU A 90 6.07 -3.71 11.44
N MET A 91 5.79 -2.69 10.68
CA MET A 91 6.64 -2.42 9.48
C MET A 91 7.85 -1.62 9.95
N GLN A 92 7.61 -0.56 10.67
CA GLN A 92 8.75 0.25 11.19
C GLN A 92 9.74 -0.71 11.82
N ASP A 93 9.25 -1.80 12.35
CA ASP A 93 10.16 -2.80 12.96
C ASP A 93 10.68 -3.69 11.83
N GLY A 94 9.78 -4.25 11.08
CA GLY A 94 10.19 -5.12 9.94
C GLY A 94 10.86 -4.25 8.87
N GLY A 95 11.12 -2.99 9.17
CA GLY A 95 11.79 -2.09 8.17
C GLY A 95 10.84 -0.96 7.75
N LEU A 96 10.76 -0.68 6.47
CA LEU A 96 9.87 0.42 5.97
C LEU A 96 10.30 1.78 6.52
N GLU A 97 10.93 1.79 7.67
CA GLU A 97 11.38 3.08 8.26
C GLU A 97 10.16 3.98 8.50
N LYS A 98 10.34 5.27 8.39
CA LYS A 98 9.20 6.21 8.61
C LYS A 98 8.49 6.50 7.27
N PRO A 99 7.24 6.08 7.10
CA PRO A 99 6.53 6.34 5.83
C PRO A 99 6.51 7.85 5.57
N LYS A 100 6.30 8.24 4.35
CA LYS A 100 6.28 9.69 4.02
C LYS A 100 4.92 10.32 4.47
N PRO A 101 3.81 9.82 3.96
CA PRO A 101 2.48 10.35 4.34
C PRO A 101 2.14 9.88 5.77
N ARG A 102 0.88 9.91 6.15
CA ARG A 102 0.48 9.48 7.53
C ARG A 102 -0.62 8.40 7.46
N PRO A 103 -0.66 7.48 8.44
CA PRO A 103 -1.67 6.41 8.47
C PRO A 103 -3.04 6.93 7.99
N GLU A 104 -3.31 8.17 8.21
CA GLU A 104 -4.60 8.75 7.75
C GLU A 104 -4.54 8.91 6.25
N ASP A 105 -3.59 9.68 5.80
CA ASP A 105 -3.40 9.93 4.35
C ASP A 105 -3.56 8.62 3.56
N ILE A 106 -3.33 7.51 4.21
CA ILE A 106 -3.51 6.20 3.51
C ILE A 106 -4.99 5.84 3.59
N VAL A 107 -5.47 5.52 4.76
CA VAL A 107 -6.92 5.18 4.93
C VAL A 107 -7.76 6.21 4.17
N ASN A 108 -7.24 7.40 4.02
CA ASN A 108 -8.00 8.49 3.35
C ASN A 108 -8.40 8.08 1.93
N CYS A 109 -8.25 6.83 1.58
CA CYS A 109 -8.64 6.39 0.21
C CYS A 109 -7.99 7.30 -0.84
N ASP A 110 -7.17 8.22 -0.43
CA ASP A 110 -6.51 9.10 -1.41
C ASP A 110 -5.45 8.28 -2.12
N LEU A 111 -5.05 8.71 -3.26
CA LEU A 111 -4.03 7.97 -4.03
C LEU A 111 -2.67 8.60 -3.77
N LYS A 112 -2.55 9.86 -4.01
CA LYS A 112 -1.28 10.62 -3.83
C LYS A 112 -0.35 10.01 -2.76
N SER A 113 -0.68 10.24 -1.54
CA SER A 113 0.16 9.74 -0.43
C SER A 113 0.29 8.20 -0.47
N THR A 114 -0.83 7.56 -0.37
CA THR A 114 -0.87 6.07 -0.38
C THR A 114 0.07 5.52 -1.46
N LEU A 115 0.23 6.24 -2.52
CA LEU A 115 1.10 5.77 -3.62
C LEU A 115 2.55 5.92 -3.22
N ARG A 116 2.91 6.98 -2.55
CA ARG A 116 4.35 7.11 -2.16
C ARG A 116 4.75 5.90 -1.30
N VAL A 117 3.89 5.48 -0.41
CA VAL A 117 4.23 4.31 0.46
C VAL A 117 4.17 3.02 -0.35
N LEU A 118 3.12 2.82 -1.09
CA LEU A 118 3.03 1.56 -1.89
C LEU A 118 4.30 1.44 -2.72
N TYR A 119 4.79 2.53 -3.23
CA TYR A 119 6.05 2.47 -4.01
C TYR A 119 7.11 1.86 -3.10
N ASN A 120 7.24 2.42 -1.95
CA ASN A 120 8.22 1.92 -0.96
C ASN A 120 8.14 0.37 -0.87
N LEU A 121 6.96 -0.16 -0.87
CA LEU A 121 6.83 -1.65 -0.79
C LEU A 121 7.27 -2.28 -2.10
N PHE A 122 6.60 -1.95 -3.18
CA PHE A 122 6.95 -2.54 -4.51
C PHE A 122 8.45 -2.59 -4.63
N THR A 123 9.07 -1.69 -3.98
CA THR A 123 10.55 -1.65 -4.02
C THR A 123 11.13 -2.83 -3.25
N LYS A 124 10.71 -3.00 -2.04
CA LYS A 124 11.25 -4.10 -1.20
C LYS A 124 10.72 -5.49 -1.59
N TYR A 125 9.60 -5.59 -2.26
CA TYR A 125 9.06 -6.95 -2.60
C TYR A 125 9.30 -7.27 -4.07
N ARG A 126 9.57 -6.26 -4.85
CA ARG A 126 9.83 -6.48 -6.29
C ARG A 126 10.86 -7.61 -6.48
N ASN A 127 11.82 -7.69 -5.60
CA ASN A 127 12.88 -8.73 -5.73
C ASN A 127 12.59 -9.87 -4.75
N VAL A 128 11.92 -9.55 -3.70
CA VAL A 128 11.57 -10.57 -2.67
C VAL A 128 10.14 -11.04 -2.89
N GLU A 129 9.98 -12.32 -2.98
CA GLU A 129 8.64 -12.91 -3.22
C GLU A 129 7.65 -12.42 -2.16
N ASP B 1 9.97 10.96 -9.99
CA ASP B 1 10.41 9.61 -10.42
C ASP B 1 9.48 9.09 -11.52
N LEU B 2 9.00 9.96 -12.36
CA LEU B 2 8.08 9.53 -13.45
C LEU B 2 8.86 8.66 -14.45
N ASP B 3 9.82 9.24 -15.11
CA ASP B 3 10.62 8.47 -16.11
C ASP B 3 10.99 7.10 -15.55
N ALA B 4 11.30 7.02 -14.29
CA ALA B 4 11.70 5.69 -13.71
C ALA B 4 10.47 4.78 -13.56
N LEU B 5 9.40 5.29 -13.01
CA LEU B 5 8.18 4.45 -12.83
C LEU B 5 7.84 3.72 -14.14
N LEU B 6 7.97 4.38 -15.26
CA LEU B 6 7.64 3.72 -16.55
C LEU B 6 8.84 2.91 -17.06
N ALA B 7 10.03 3.41 -16.84
CA ALA B 7 11.24 2.67 -17.30
C ALA B 7 11.25 1.28 -16.66
N ASP B 8 10.47 1.09 -15.62
CA ASP B 8 10.42 -0.23 -14.92
C ASP B 8 9.09 -0.92 -15.24
N LEU B 9 8.06 -0.15 -15.49
CA LEU B 9 6.74 -0.77 -15.80
C LEU B 9 6.69 -1.24 -17.26
N GLU B 10 7.70 -0.94 -18.03
CA GLU B 10 7.73 -1.38 -19.45
C GLU B 10 7.30 -2.84 -19.56
N ARG A 1 6.81 23.95 3.39
CA ARG A 1 7.50 22.73 3.92
C ARG A 1 7.23 21.55 2.98
N HIS A 2 7.58 21.69 1.72
CA HIS A 2 7.35 20.58 0.75
C HIS A 2 8.53 20.51 -0.22
N GLU A 3 9.15 19.37 -0.32
CA GLU A 3 10.33 19.21 -1.24
C GLU A 3 9.84 18.66 -2.58
N ARG A 4 10.60 18.84 -3.63
CA ARG A 4 10.19 18.32 -4.97
C ARG A 4 10.75 16.91 -5.16
N ASP A 5 9.89 15.94 -5.35
CA ASP A 5 10.36 14.53 -5.53
C ASP A 5 9.50 13.84 -6.60
N ALA A 6 9.08 12.64 -6.34
CA ALA A 6 8.24 11.91 -7.34
C ALA A 6 6.80 12.44 -7.29
N PHE A 7 6.17 12.39 -6.14
CA PHE A 7 4.76 12.90 -6.04
C PHE A 7 4.65 14.24 -6.75
N ASP A 8 5.66 15.03 -6.69
CA ASP A 8 5.59 16.36 -7.35
C ASP A 8 5.41 16.17 -8.87
N THR A 9 6.44 15.73 -9.53
CA THR A 9 6.36 15.54 -11.01
C THR A 9 5.27 14.54 -11.38
N LEU A 10 4.94 13.64 -10.51
CA LEU A 10 3.88 12.65 -10.84
C LEU A 10 2.52 13.35 -10.85
N PHE A 11 2.20 14.05 -9.80
CA PHE A 11 0.89 14.76 -9.73
C PHE A 11 1.01 16.10 -10.44
N ASP A 12 2.20 16.55 -10.70
CA ASP A 12 2.37 17.87 -11.40
C ASP A 12 2.61 17.65 -12.89
N HIS A 13 2.86 16.43 -13.31
CA HIS A 13 3.10 16.21 -14.77
C HIS A 13 2.71 14.78 -15.19
N ALA A 14 1.82 14.14 -14.48
CA ALA A 14 1.43 12.75 -14.91
C ALA A 14 0.20 12.25 -14.14
N PRO A 15 -0.94 12.87 -14.36
CA PRO A 15 -2.19 12.46 -13.72
C PRO A 15 -2.66 11.13 -14.35
N ASP A 16 -2.10 10.79 -15.50
CA ASP A 16 -2.52 9.53 -16.18
C ASP A 16 -1.71 8.34 -15.67
N LYS A 17 -0.42 8.47 -15.61
CA LYS A 17 0.43 7.36 -15.12
C LYS A 17 0.07 7.07 -13.66
N LEU A 18 -0.25 8.08 -12.92
CA LEU A 18 -0.61 7.87 -11.50
C LEU A 18 -1.75 6.85 -11.44
N ASN A 19 -2.62 6.86 -12.41
CA ASN A 19 -3.74 5.89 -12.42
C ASN A 19 -3.17 4.50 -12.72
N VAL A 20 -2.42 4.38 -13.77
CA VAL A 20 -1.82 3.06 -14.11
C VAL A 20 -0.86 2.63 -12.98
N VAL A 21 -0.19 3.57 -12.37
CA VAL A 21 0.75 3.20 -11.28
C VAL A 21 -0.02 2.58 -10.11
N LYS A 22 -1.22 3.05 -9.83
CA LYS A 22 -2.00 2.43 -8.73
C LYS A 22 -2.26 0.99 -9.16
N LYS A 23 -2.60 0.80 -10.41
CA LYS A 23 -2.88 -0.58 -10.91
C LYS A 23 -1.64 -1.48 -10.77
N THR A 24 -0.46 -0.91 -10.78
CA THR A 24 0.75 -1.76 -10.64
C THR A 24 0.87 -2.15 -9.18
N LEU A 25 0.38 -1.31 -8.33
CA LEU A 25 0.40 -1.61 -6.90
C LEU A 25 -0.70 -2.64 -6.64
N ILE A 26 -1.73 -2.62 -7.46
CA ILE A 26 -2.82 -3.63 -7.33
C ILE A 26 -2.21 -4.98 -7.68
N THR A 27 -1.23 -4.99 -8.55
CA THR A 27 -0.59 -6.28 -8.95
C THR A 27 0.22 -6.85 -7.77
N PHE A 28 1.11 -6.06 -7.21
CA PHE A 28 1.93 -6.56 -6.06
C PHE A 28 0.97 -7.11 -4.97
N VAL A 29 -0.12 -6.44 -4.75
CA VAL A 29 -1.09 -6.92 -3.75
C VAL A 29 -1.75 -8.20 -4.27
N ASN A 30 -1.96 -8.26 -5.55
CA ASN A 30 -2.57 -9.47 -6.16
C ASN A 30 -1.61 -10.64 -5.95
N LYS A 31 -0.39 -10.34 -5.61
CA LYS A 31 0.61 -11.43 -5.39
C LYS A 31 0.39 -12.01 -4.00
N HIS A 32 0.46 -11.18 -2.98
CA HIS A 32 0.25 -11.69 -1.63
C HIS A 32 -1.14 -12.30 -1.60
N LEU A 33 -1.99 -11.84 -2.45
CA LEU A 33 -3.37 -12.38 -2.53
C LEU A 33 -3.38 -13.60 -3.44
N ASN A 34 -2.85 -13.47 -4.63
CA ASN A 34 -2.84 -14.62 -5.58
C ASN A 34 -2.46 -15.90 -4.83
N LYS A 35 -1.77 -15.80 -3.72
CA LYS A 35 -1.44 -17.06 -3.00
C LYS A 35 -2.74 -17.62 -2.41
N LEU A 36 -3.51 -16.80 -1.75
CA LEU A 36 -4.81 -17.28 -1.21
C LEU A 36 -5.77 -17.31 -2.40
N ASN A 37 -5.23 -17.07 -3.57
CA ASN A 37 -6.00 -17.06 -4.83
C ASN A 37 -7.20 -16.14 -4.74
N LEU A 38 -6.94 -14.86 -4.82
CA LEU A 38 -8.03 -13.85 -4.78
C LEU A 38 -7.76 -12.77 -5.83
N GLU A 39 -8.23 -11.57 -5.63
CA GLU A 39 -7.99 -10.50 -6.65
C GLU A 39 -8.34 -9.12 -6.07
N VAL A 40 -7.38 -8.23 -6.00
CA VAL A 40 -7.63 -6.85 -5.48
C VAL A 40 -8.01 -5.92 -6.64
N THR A 41 -8.67 -4.83 -6.35
CA THR A 41 -9.08 -3.88 -7.44
C THR A 41 -8.91 -2.42 -6.98
N GLU A 42 -8.98 -2.17 -5.69
CA GLU A 42 -8.86 -0.77 -5.19
C GLU A 42 -7.72 -0.66 -4.18
N LEU A 43 -6.51 -0.53 -4.64
CA LEU A 43 -5.37 -0.41 -3.70
C LEU A 43 -5.67 0.73 -2.73
N GLU A 44 -6.15 1.83 -3.22
CA GLU A 44 -6.46 2.98 -2.32
C GLU A 44 -7.37 2.55 -1.15
N THR A 45 -8.54 2.08 -1.47
CA THR A 45 -9.51 1.68 -0.40
C THR A 45 -9.09 0.36 0.25
N GLN A 46 -8.01 -0.23 -0.18
CA GLN A 46 -7.60 -1.49 0.46
C GLN A 46 -7.01 -1.17 1.81
N PHE A 47 -6.58 0.05 2.00
CA PHE A 47 -6.03 0.44 3.31
C PHE A 47 -7.18 1.01 4.11
N ALA A 48 -8.25 1.30 3.44
CA ALA A 48 -9.47 1.82 4.14
C ALA A 48 -10.02 0.71 5.01
N ASP A 49 -9.16 -0.16 5.45
CA ASP A 49 -9.57 -1.29 6.31
C ASP A 49 -8.32 -1.90 6.93
N GLY A 50 -7.19 -1.75 6.27
CA GLY A 50 -5.92 -2.31 6.81
C GLY A 50 -6.01 -3.85 6.95
N VAL A 51 -7.19 -4.39 7.10
CA VAL A 51 -7.32 -5.86 7.25
C VAL A 51 -6.61 -6.56 6.10
N TYR A 52 -7.02 -6.32 4.89
CA TYR A 52 -6.36 -6.97 3.73
C TYR A 52 -4.85 -6.82 3.90
N LEU A 53 -4.45 -5.94 4.76
CA LEU A 53 -2.99 -5.75 4.99
C LEU A 53 -2.50 -6.87 5.92
N VAL A 54 -3.21 -7.17 6.98
CA VAL A 54 -2.74 -8.29 7.85
C VAL A 54 -2.63 -9.53 6.95
N LEU A 55 -3.53 -9.63 6.02
CA LEU A 55 -3.50 -10.79 5.09
C LEU A 55 -2.13 -10.81 4.39
N LEU A 56 -1.70 -9.69 3.82
CA LEU A 56 -0.37 -9.66 3.14
C LEU A 56 0.66 -10.34 4.03
N MET A 57 0.78 -9.87 5.23
CA MET A 57 1.77 -10.47 6.17
C MET A 57 1.66 -12.01 6.18
N GLY A 58 0.47 -12.54 6.22
CA GLY A 58 0.31 -14.02 6.27
C GLY A 58 0.61 -14.68 4.92
N LEU A 59 -0.06 -14.28 3.89
CA LEU A 59 0.17 -14.91 2.56
C LEU A 59 1.65 -14.80 2.23
N LEU A 60 2.33 -13.95 2.92
CA LEU A 60 3.79 -13.81 2.70
C LEU A 60 4.46 -15.03 3.35
N GLU A 61 4.21 -15.21 4.62
CA GLU A 61 4.82 -16.38 5.35
C GLU A 61 4.02 -17.65 5.05
N GLY A 62 2.75 -17.54 4.78
CA GLY A 62 1.94 -18.77 4.51
C GLY A 62 1.60 -19.46 5.83
N TYR A 63 1.19 -18.71 6.82
CA TYR A 63 0.84 -19.31 8.14
C TYR A 63 -0.43 -18.63 8.68
N PHE A 64 -0.90 -19.05 9.83
CA PHE A 64 -2.12 -18.43 10.40
C PHE A 64 -1.96 -16.90 10.41
N VAL A 65 -2.89 -16.19 9.84
CA VAL A 65 -2.79 -14.72 9.80
C VAL A 65 -3.27 -14.12 11.15
N PRO A 66 -2.48 -13.28 11.81
CA PRO A 66 -2.92 -12.70 13.09
C PRO A 66 -4.17 -11.83 12.85
N LEU A 67 -5.29 -12.45 12.67
CA LEU A 67 -6.54 -11.69 12.41
C LEU A 67 -7.04 -11.05 13.71
N HIS A 68 -7.10 -11.81 14.76
CA HIS A 68 -7.61 -11.25 16.05
C HIS A 68 -6.65 -10.20 16.61
N SER A 69 -5.72 -9.73 15.82
CA SER A 69 -4.78 -8.69 16.29
C SER A 69 -5.25 -7.38 15.70
N PHE A 70 -5.95 -7.50 14.62
CA PHE A 70 -6.48 -6.33 13.90
C PHE A 70 -7.87 -6.01 14.45
N PHE A 71 -8.60 -5.23 13.71
CA PHE A 71 -9.99 -4.86 14.09
C PHE A 71 -10.86 -5.10 12.85
N LEU A 72 -11.14 -6.34 12.57
CA LEU A 72 -11.94 -6.68 11.35
C LEU A 72 -13.22 -5.82 11.30
N THR A 73 -14.06 -6.11 10.35
CA THR A 73 -15.35 -5.37 10.18
C THR A 73 -15.18 -3.88 10.54
N PRO A 74 -14.35 -3.17 9.80
CA PRO A 74 -14.15 -1.73 10.03
C PRO A 74 -15.51 -1.06 10.25
N ASP A 75 -15.63 -0.26 11.29
CA ASP A 75 -16.96 0.38 11.60
C ASP A 75 -16.91 1.88 11.28
N SER A 76 -15.85 2.52 11.66
CA SER A 76 -15.73 3.99 11.45
C SER A 76 -14.34 4.33 10.92
N PHE A 77 -14.02 5.58 10.94
CA PHE A 77 -12.70 6.01 10.45
C PHE A 77 -11.65 5.59 11.43
N GLU A 78 -11.79 6.00 12.64
CA GLU A 78 -10.80 5.64 13.68
C GLU A 78 -10.44 4.15 13.60
N GLN A 79 -11.40 3.27 13.45
CA GLN A 79 -11.02 1.82 13.39
C GLN A 79 -10.14 1.59 12.16
N LYS A 80 -10.44 2.27 11.10
CA LYS A 80 -9.61 2.11 9.86
C LYS A 80 -8.21 2.67 10.12
N VAL A 81 -8.15 3.91 10.56
CA VAL A 81 -6.83 4.54 10.84
C VAL A 81 -6.03 3.66 11.77
N LEU A 82 -6.69 2.84 12.54
CA LEU A 82 -5.96 1.96 13.49
C LEU A 82 -5.46 0.71 12.79
N ASN A 83 -6.23 0.16 11.92
CA ASN A 83 -5.77 -1.04 11.21
C ASN A 83 -4.52 -0.67 10.42
N VAL A 84 -4.44 0.56 9.95
CA VAL A 84 -3.24 0.96 9.16
C VAL A 84 -2.14 1.43 10.08
N SER A 85 -2.46 2.18 11.07
CA SER A 85 -1.41 2.66 11.99
C SER A 85 -0.72 1.45 12.61
N PHE A 86 -1.41 0.37 12.70
CA PHE A 86 -0.83 -0.85 13.31
C PHE A 86 0.09 -1.53 12.32
N ALA A 87 -0.41 -1.89 11.20
CA ALA A 87 0.46 -2.56 10.19
C ALA A 87 1.65 -1.62 9.94
N PHE A 88 1.41 -0.35 10.07
CA PHE A 88 2.47 0.66 9.88
C PHE A 88 3.38 0.62 11.08
N GLU A 89 2.90 0.11 12.18
CA GLU A 89 3.75 0.05 13.39
C GLU A 89 4.69 -1.16 13.25
N LEU A 90 4.16 -2.28 12.85
CA LEU A 90 5.03 -3.47 12.66
C LEU A 90 5.92 -3.22 11.45
N MET A 91 5.56 -2.28 10.62
CA MET A 91 6.42 -1.99 9.42
C MET A 91 7.52 -1.03 9.85
N GLN A 92 7.17 0.02 10.54
CA GLN A 92 8.22 0.97 11.01
C GLN A 92 9.28 0.15 11.73
N ASP A 93 8.88 -0.96 12.31
CA ASP A 93 9.85 -1.83 13.01
C ASP A 93 10.51 -2.72 11.96
N GLY A 94 9.71 -3.41 11.20
CA GLY A 94 10.25 -4.29 10.13
C GLY A 94 11.08 -3.44 9.17
N GLY A 95 11.14 -2.14 9.38
CA GLY A 95 11.94 -1.25 8.47
C GLY A 95 11.08 -0.11 7.94
N LEU A 96 10.64 -0.20 6.71
CA LEU A 96 9.79 0.87 6.10
C LEU A 96 10.61 2.14 5.88
N GLU A 97 11.66 2.30 6.64
CA GLU A 97 12.56 3.49 6.53
C GLU A 97 11.86 4.76 7.01
N LYS A 98 11.86 5.81 6.22
CA LYS A 98 11.23 7.10 6.63
C LYS A 98 10.01 7.42 5.74
N PRO A 99 8.82 7.02 6.14
CA PRO A 99 7.60 7.30 5.34
C PRO A 99 7.36 8.82 5.30
N LYS A 100 6.54 9.27 4.38
CA LYS A 100 6.24 10.73 4.25
C LYS A 100 4.77 11.06 4.62
N PRO A 101 3.83 10.20 4.26
CA PRO A 101 2.40 10.46 4.54
C PRO A 101 2.07 9.95 5.95
N ARG A 102 0.85 9.57 6.20
CA ARG A 102 0.49 9.08 7.58
C ARG A 102 -0.69 8.07 7.49
N PRO A 103 -0.79 7.19 8.49
CA PRO A 103 -1.86 6.16 8.55
C PRO A 103 -3.21 6.68 8.05
N GLU A 104 -3.50 7.93 8.25
CA GLU A 104 -4.79 8.48 7.78
C GLU A 104 -4.70 8.68 6.27
N ASP A 105 -3.73 9.44 5.86
CA ASP A 105 -3.52 9.72 4.41
C ASP A 105 -3.71 8.43 3.61
N ILE A 106 -3.53 7.30 4.23
CA ILE A 106 -3.71 6.00 3.49
C ILE A 106 -5.21 5.68 3.52
N VAL A 107 -5.72 5.35 4.68
CA VAL A 107 -7.19 5.05 4.82
C VAL A 107 -7.99 6.13 4.06
N ASN A 108 -7.45 7.30 3.99
CA ASN A 108 -8.16 8.43 3.32
C ASN A 108 -8.49 8.08 1.87
N CYS A 109 -8.27 6.86 1.47
CA CYS A 109 -8.57 6.46 0.06
C CYS A 109 -7.86 7.41 -0.92
N ASP A 110 -7.14 8.38 -0.42
CA ASP A 110 -6.43 9.29 -1.34
C ASP A 110 -5.37 8.48 -2.05
N LEU A 111 -4.91 8.95 -3.16
CA LEU A 111 -3.88 8.22 -3.92
C LEU A 111 -2.51 8.79 -3.57
N LYS A 112 -2.37 10.06 -3.72
CA LYS A 112 -1.06 10.74 -3.44
C LYS A 112 -0.23 10.06 -2.34
N SER A 113 -0.60 10.28 -1.13
CA SER A 113 0.15 9.69 0.01
C SER A 113 0.25 8.16 -0.10
N THR A 114 -0.87 7.53 -0.15
CA THR A 114 -0.94 6.05 -0.23
C THR A 114 0.11 5.54 -1.25
N LEU A 115 0.29 6.27 -2.30
CA LEU A 115 1.26 5.86 -3.33
C LEU A 115 2.67 5.98 -2.78
N ARG A 116 3.00 7.05 -2.11
CA ARG A 116 4.38 7.16 -1.56
C ARG A 116 4.74 5.84 -0.84
N VAL A 117 3.88 5.42 0.05
CA VAL A 117 4.13 4.16 0.82
C VAL A 117 4.10 2.93 -0.07
N LEU A 118 3.05 2.71 -0.81
CA LEU A 118 2.99 1.50 -1.67
C LEU A 118 4.29 1.39 -2.46
N TYR A 119 4.77 2.48 -2.99
CA TYR A 119 6.07 2.42 -3.73
C TYR A 119 7.08 1.78 -2.80
N ASN A 120 7.20 2.34 -1.63
CA ASN A 120 8.16 1.81 -0.63
C ASN A 120 8.05 0.26 -0.56
N LEU A 121 6.85 -0.26 -0.62
CA LEU A 121 6.68 -1.73 -0.57
C LEU A 121 7.18 -2.34 -1.87
N PHE A 122 6.58 -2.00 -2.98
CA PHE A 122 7.01 -2.57 -4.30
C PHE A 122 8.52 -2.63 -4.34
N THR A 123 9.11 -1.77 -3.63
CA THR A 123 10.59 -1.74 -3.59
C THR A 123 11.09 -2.95 -2.79
N LYS A 124 10.58 -3.13 -1.61
CA LYS A 124 11.06 -4.25 -0.76
C LYS A 124 10.52 -5.62 -1.19
N TYR A 125 9.44 -5.69 -1.93
CA TYR A 125 8.88 -7.03 -2.32
C TYR A 125 9.17 -7.32 -3.79
N ARG A 126 9.53 -6.32 -4.54
CA ARG A 126 9.84 -6.52 -5.97
C ARG A 126 10.74 -7.74 -6.14
N ASN A 127 11.61 -7.99 -5.20
CA ASN A 127 12.54 -9.15 -5.30
C ASN A 127 12.13 -10.20 -4.27
N VAL A 128 11.51 -9.76 -3.22
CA VAL A 128 11.05 -10.67 -2.14
C VAL A 128 9.55 -10.89 -2.25
N GLU A 129 9.15 -12.11 -2.14
CA GLU A 129 7.72 -12.46 -2.25
C GLU A 129 6.94 -11.94 -1.04
N ASP B 1 12.36 8.05 -14.30
CA ASP B 1 11.62 9.04 -15.13
C ASP B 1 10.21 8.52 -15.40
N LEU B 2 9.32 9.39 -15.78
CA LEU B 2 7.91 8.95 -16.06
C LEU B 2 7.94 7.78 -17.04
N ASP B 3 8.64 7.95 -18.13
CA ASP B 3 8.71 6.86 -19.14
C ASP B 3 9.30 5.60 -18.50
N ALA B 4 10.30 5.76 -17.67
CA ALA B 4 10.93 4.57 -17.01
C ALA B 4 9.85 3.76 -16.29
N LEU B 5 9.03 4.40 -15.51
CA LEU B 5 7.97 3.68 -14.77
C LEU B 5 7.08 2.90 -15.75
N LEU B 6 6.48 3.59 -16.68
CA LEU B 6 5.58 2.89 -17.66
C LEU B 6 6.31 1.67 -18.23
N ALA B 7 7.53 1.85 -18.66
CA ALA B 7 8.30 0.71 -19.24
C ALA B 7 8.27 -0.47 -18.26
N ASP B 8 8.49 -0.22 -17.00
CA ASP B 8 8.48 -1.32 -16.00
C ASP B 8 7.15 -2.06 -16.07
N LEU B 9 6.07 -1.35 -16.22
CA LEU B 9 4.74 -2.01 -16.29
C LEU B 9 4.67 -2.88 -17.54
N GLU B 10 4.55 -2.28 -18.69
CA GLU B 10 4.47 -3.07 -19.95
C GLU B 10 5.57 -4.15 -19.96
N ARG A 1 6.22 20.13 4.09
CA ARG A 1 5.83 21.43 3.49
C ARG A 1 5.82 21.30 1.97
N HIS A 2 6.44 22.22 1.28
CA HIS A 2 6.47 22.15 -0.21
C HIS A 2 7.52 21.13 -0.65
N GLU A 3 7.09 20.00 -1.14
CA GLU A 3 8.04 18.95 -1.59
C GLU A 3 7.55 18.34 -2.91
N ARG A 4 8.15 18.70 -4.01
CA ARG A 4 7.73 18.15 -5.33
C ARG A 4 8.52 16.87 -5.62
N ASP A 5 7.83 15.80 -5.95
CA ASP A 5 8.52 14.51 -6.24
C ASP A 5 7.81 13.77 -7.37
N ALA A 6 7.58 12.50 -7.21
CA ALA A 6 6.90 11.71 -8.28
C ALA A 6 5.41 12.09 -8.38
N PHE A 7 4.65 11.96 -7.31
CA PHE A 7 3.19 12.30 -7.38
C PHE A 7 2.99 13.60 -8.15
N ASP A 8 3.53 14.66 -7.65
CA ASP A 8 3.38 15.97 -8.34
C ASP A 8 3.60 15.78 -9.84
N THR A 9 4.80 15.46 -10.22
CA THR A 9 5.09 15.25 -11.66
C THR A 9 4.09 14.27 -12.26
N LEU A 10 3.94 13.14 -11.66
CA LEU A 10 2.99 12.13 -12.19
C LEU A 10 1.61 12.76 -12.34
N PHE A 11 1.06 13.22 -11.26
CA PHE A 11 -0.29 13.86 -11.32
C PHE A 11 -0.25 15.01 -12.33
N ASP A 12 0.70 15.86 -12.16
CA ASP A 12 0.81 17.07 -13.03
C ASP A 12 1.04 16.69 -14.49
N HIS A 13 1.98 15.86 -14.75
CA HIS A 13 2.31 15.49 -16.17
C HIS A 13 1.74 14.13 -16.56
N ALA A 14 1.04 13.45 -15.70
CA ALA A 14 0.50 12.12 -16.10
C ALA A 14 -0.49 11.57 -15.06
N PRO A 15 -1.63 12.20 -14.93
CA PRO A 15 -2.66 11.74 -13.99
C PRO A 15 -3.16 10.37 -14.47
N ASP A 16 -2.87 10.02 -15.70
CA ASP A 16 -3.31 8.70 -16.24
C ASP A 16 -2.29 7.62 -15.90
N LYS A 17 -1.03 7.89 -16.09
CA LYS A 17 0.00 6.88 -15.75
C LYS A 17 -0.08 6.60 -14.26
N LEU A 18 -0.32 7.62 -13.49
CA LEU A 18 -0.43 7.43 -12.02
C LEU A 18 -1.48 6.35 -11.77
N ASN A 19 -2.58 6.42 -12.46
CA ASN A 19 -3.65 5.40 -12.27
C ASN A 19 -3.07 4.01 -12.51
N VAL A 20 -2.38 3.82 -13.61
CA VAL A 20 -1.78 2.48 -13.88
C VAL A 20 -0.78 2.13 -12.79
N VAL A 21 -0.05 3.09 -12.29
CA VAL A 21 0.93 2.79 -11.22
C VAL A 21 0.19 2.23 -10.01
N LYS A 22 -1.02 2.67 -9.74
CA LYS A 22 -1.76 2.11 -8.60
C LYS A 22 -2.00 0.64 -8.93
N LYS A 23 -2.46 0.35 -10.10
CA LYS A 23 -2.72 -1.08 -10.47
C LYS A 23 -1.44 -1.90 -10.28
N THR A 24 -0.30 -1.27 -10.28
CA THR A 24 0.97 -2.05 -10.08
C THR A 24 1.12 -2.33 -8.60
N LEU A 25 0.82 -1.38 -7.80
CA LEU A 25 0.88 -1.59 -6.34
C LEU A 25 -0.13 -2.69 -6.02
N ILE A 26 -1.21 -2.71 -6.75
CA ILE A 26 -2.23 -3.76 -6.55
C ILE A 26 -1.61 -5.11 -6.89
N THR A 27 -0.74 -5.15 -7.87
CA THR A 27 -0.12 -6.45 -8.23
C THR A 27 0.75 -6.99 -7.07
N PHE A 28 1.44 -6.13 -6.36
CA PHE A 28 2.30 -6.62 -5.23
C PHE A 28 1.38 -7.25 -4.17
N VAL A 29 0.31 -6.59 -3.80
CA VAL A 29 -0.61 -7.21 -2.80
C VAL A 29 -1.24 -8.46 -3.42
N ASN A 30 -1.70 -8.36 -4.66
CA ASN A 30 -2.32 -9.53 -5.34
C ASN A 30 -1.34 -10.69 -5.28
N LYS A 31 -0.10 -10.40 -5.05
CA LYS A 31 0.91 -11.48 -5.02
C LYS A 31 0.80 -12.18 -3.67
N HIS A 32 0.92 -11.46 -2.59
CA HIS A 32 0.81 -12.07 -1.30
C HIS A 32 -0.64 -12.53 -1.12
N LEU A 33 -1.52 -11.95 -1.88
CA LEU A 33 -2.94 -12.38 -1.81
C LEU A 33 -3.08 -13.57 -2.74
N ASN A 34 -2.50 -13.48 -3.92
CA ASN A 34 -2.56 -14.64 -4.83
C ASN A 34 -2.20 -15.93 -4.07
N LYS A 35 -1.35 -15.89 -3.06
CA LYS A 35 -1.04 -17.18 -2.35
C LYS A 35 -2.36 -17.86 -1.97
N LEU A 36 -3.15 -17.20 -1.18
CA LEU A 36 -4.47 -17.78 -0.79
C LEU A 36 -5.38 -17.68 -2.01
N ASN A 37 -4.80 -17.31 -3.12
CA ASN A 37 -5.54 -17.16 -4.39
C ASN A 37 -6.77 -16.29 -4.19
N LEU A 38 -6.53 -15.02 -4.00
CA LEU A 38 -7.64 -14.03 -3.82
C LEU A 38 -7.56 -12.99 -4.94
N GLU A 39 -8.05 -11.81 -4.73
CA GLU A 39 -7.99 -10.78 -5.81
C GLU A 39 -8.33 -9.39 -5.26
N VAL A 40 -7.39 -8.48 -5.31
CA VAL A 40 -7.65 -7.08 -4.81
C VAL A 40 -7.85 -6.17 -6.03
N THR A 41 -8.49 -5.03 -5.86
CA THR A 41 -8.72 -4.12 -7.03
C THR A 41 -8.58 -2.64 -6.62
N GLU A 42 -8.54 -2.35 -5.35
CA GLU A 42 -8.44 -0.91 -4.92
C GLU A 42 -7.37 -0.75 -3.83
N LEU A 43 -6.13 -0.64 -4.22
CA LEU A 43 -5.07 -0.46 -3.21
C LEU A 43 -5.43 0.73 -2.31
N GLU A 44 -5.89 1.79 -2.90
CA GLU A 44 -6.24 3.00 -2.11
C GLU A 44 -7.16 2.63 -0.92
N THR A 45 -8.32 2.12 -1.20
CA THR A 45 -9.28 1.80 -0.11
C THR A 45 -8.88 0.50 0.60
N GLN A 46 -7.82 -0.13 0.19
CA GLN A 46 -7.42 -1.37 0.88
C GLN A 46 -6.80 -0.99 2.21
N PHE A 47 -6.41 0.25 2.34
CA PHE A 47 -5.84 0.72 3.62
C PHE A 47 -6.97 1.37 4.37
N ALA A 48 -8.02 1.66 3.67
CA ALA A 48 -9.22 2.24 4.32
C ALA A 48 -9.90 1.10 5.05
N ASP A 49 -9.11 0.18 5.51
CA ASP A 49 -9.66 -1.00 6.19
C ASP A 49 -8.52 -1.75 6.89
N GLY A 50 -7.31 -1.53 6.46
CA GLY A 50 -6.13 -2.23 7.08
C GLY A 50 -6.39 -3.76 7.19
N VAL A 51 -7.50 -4.24 6.69
CA VAL A 51 -7.79 -5.70 6.79
C VAL A 51 -6.98 -6.45 5.74
N TYR A 52 -7.23 -6.16 4.48
CA TYR A 52 -6.48 -6.87 3.41
C TYR A 52 -4.99 -6.76 3.71
N LEU A 53 -4.64 -5.87 4.60
CA LEU A 53 -3.20 -5.71 4.97
C LEU A 53 -2.81 -6.82 5.95
N VAL A 54 -3.56 -7.00 7.01
CA VAL A 54 -3.18 -8.10 7.95
C VAL A 54 -3.04 -9.40 7.15
N LEU A 55 -3.80 -9.54 6.09
CA LEU A 55 -3.69 -10.75 5.25
C LEU A 55 -2.29 -10.77 4.64
N LEU A 56 -1.92 -9.73 3.93
CA LEU A 56 -0.57 -9.65 3.30
C LEU A 56 0.48 -10.19 4.28
N MET A 57 0.43 -9.71 5.49
CA MET A 57 1.41 -10.15 6.53
C MET A 57 1.37 -11.68 6.71
N GLY A 58 0.21 -12.27 6.71
CA GLY A 58 0.14 -13.75 6.94
C GLY A 58 0.54 -14.53 5.68
N LEU A 59 0.06 -14.14 4.55
CA LEU A 59 0.41 -14.85 3.29
C LEU A 59 1.91 -14.70 3.06
N LEU A 60 2.49 -13.76 3.74
CA LEU A 60 3.96 -13.57 3.64
C LEU A 60 4.60 -14.64 4.52
N GLU A 61 4.11 -14.78 5.73
CA GLU A 61 4.67 -15.83 6.63
C GLU A 61 4.53 -17.19 5.95
N GLY A 62 3.44 -17.41 5.25
CA GLY A 62 3.25 -18.72 4.54
C GLY A 62 2.30 -19.61 5.35
N TYR A 63 1.18 -19.10 5.75
CA TYR A 63 0.22 -19.93 6.53
C TYR A 63 -1.12 -19.19 6.66
N PHE A 64 -2.15 -19.88 7.07
CA PHE A 64 -3.49 -19.23 7.21
C PHE A 64 -3.40 -18.07 8.20
N VAL A 65 -4.23 -17.07 8.03
CA VAL A 65 -4.20 -15.91 8.95
C VAL A 65 -5.10 -16.25 10.18
N PRO A 66 -4.59 -16.13 11.39
CA PRO A 66 -5.40 -16.46 12.58
C PRO A 66 -6.68 -15.59 12.59
N LEU A 67 -7.65 -15.95 13.37
CA LEU A 67 -8.90 -15.16 13.42
C LEU A 67 -8.67 -13.88 14.23
N HIS A 68 -8.11 -14.01 15.41
CA HIS A 68 -7.84 -12.80 16.23
C HIS A 68 -6.57 -12.11 15.74
N SER A 69 -6.24 -12.31 14.49
CA SER A 69 -5.01 -11.66 13.93
C SER A 69 -5.33 -10.24 13.50
N PHE A 70 -6.55 -10.03 13.11
CA PHE A 70 -6.99 -8.70 12.67
C PHE A 70 -7.16 -7.80 13.88
N PHE A 71 -7.92 -6.76 13.72
CA PHE A 71 -8.20 -5.82 14.84
C PHE A 71 -9.67 -5.41 14.75
N LEU A 72 -10.55 -6.30 15.13
CA LEU A 72 -12.01 -5.98 15.05
C LEU A 72 -12.38 -5.67 13.61
N THR A 73 -13.60 -5.28 13.36
CA THR A 73 -14.03 -4.96 11.96
C THR A 73 -14.09 -3.42 11.78
N PRO A 74 -13.37 -2.87 10.81
CA PRO A 74 -13.41 -1.41 10.59
C PRO A 74 -14.84 -0.88 10.66
N ASP A 75 -15.06 0.17 11.42
CA ASP A 75 -16.46 0.73 11.56
C ASP A 75 -16.48 2.22 11.20
N SER A 76 -15.53 2.96 11.69
CA SER A 76 -15.49 4.44 11.43
C SER A 76 -14.11 4.84 10.90
N PHE A 77 -13.85 6.10 10.87
CA PHE A 77 -12.54 6.57 10.38
C PHE A 77 -11.48 6.27 11.39
N GLU A 78 -11.64 6.74 12.57
CA GLU A 78 -10.63 6.48 13.63
C GLU A 78 -10.22 5.01 13.63
N GLN A 79 -11.13 4.09 13.52
CA GLN A 79 -10.69 2.67 13.51
C GLN A 79 -9.82 2.43 12.30
N LYS A 80 -10.14 3.03 11.20
CA LYS A 80 -9.31 2.83 9.97
C LYS A 80 -7.93 3.44 10.20
N VAL A 81 -7.88 4.68 10.59
CA VAL A 81 -6.56 5.35 10.83
C VAL A 81 -5.72 4.48 11.76
N LEU A 82 -6.34 3.74 12.64
CA LEU A 82 -5.56 2.89 13.58
C LEU A 82 -5.16 1.59 12.91
N ASN A 83 -6.03 0.99 12.20
CA ASN A 83 -5.68 -0.27 11.52
C ASN A 83 -4.47 -0.01 10.62
N VAL A 84 -4.37 1.19 10.10
CA VAL A 84 -3.20 1.53 9.22
C VAL A 84 -2.03 2.00 10.05
N SER A 85 -2.27 2.67 11.13
CA SER A 85 -1.14 3.12 11.97
C SER A 85 -0.45 1.87 12.50
N PHE A 86 -1.20 0.82 12.60
CA PHE A 86 -0.65 -0.46 13.09
C PHE A 86 0.20 -1.09 12.00
N ALA A 87 -0.36 -1.31 10.86
CA ALA A 87 0.44 -1.91 9.75
C ALA A 87 1.68 -1.05 9.55
N PHE A 88 1.52 0.23 9.75
CA PHE A 88 2.66 1.17 9.62
C PHE A 88 3.58 0.97 10.79
N GLU A 89 3.08 0.40 11.85
CA GLU A 89 3.95 0.21 13.06
C GLU A 89 4.80 -1.06 12.86
N LEU A 90 4.20 -2.12 12.41
CA LEU A 90 4.98 -3.37 12.19
C LEU A 90 5.88 -3.12 10.98
N MET A 91 5.55 -2.15 10.20
CA MET A 91 6.39 -1.84 9.00
C MET A 91 7.54 -0.95 9.43
N GLN A 92 7.24 0.09 10.17
CA GLN A 92 8.32 0.99 10.65
C GLN A 92 9.35 0.12 11.37
N ASP A 93 8.91 -0.99 11.91
CA ASP A 93 9.86 -1.89 12.61
C ASP A 93 10.47 -2.83 11.58
N GLY A 94 9.65 -3.52 10.86
CA GLY A 94 10.16 -4.45 9.83
C GLY A 94 11.00 -3.66 8.82
N GLY A 95 11.12 -2.36 8.99
CA GLY A 95 11.94 -1.53 8.05
C GLY A 95 11.15 -0.29 7.59
N LEU A 96 10.83 -0.22 6.32
CA LEU A 96 10.08 0.96 5.80
C LEU A 96 10.90 2.22 6.01
N GLU A 97 10.95 2.69 7.22
CA GLU A 97 11.75 3.92 7.52
C GLU A 97 11.37 5.07 6.58
N LYS A 98 12.04 6.18 6.74
CA LYS A 98 11.76 7.37 5.89
C LYS A 98 10.26 7.57 5.65
N PRO A 99 9.53 7.88 6.70
CA PRO A 99 8.08 8.12 6.59
C PRO A 99 7.83 9.47 5.91
N LYS A 100 6.64 9.71 5.45
CA LYS A 100 6.36 11.02 4.80
C LYS A 100 4.85 11.35 4.90
N PRO A 101 3.95 10.47 4.49
CA PRO A 101 2.51 10.74 4.57
C PRO A 101 2.02 10.33 5.97
N ARG A 102 0.74 10.07 6.16
CA ARG A 102 0.25 9.68 7.52
C ARG A 102 -0.81 8.55 7.41
N PRO A 103 -0.89 7.68 8.42
CA PRO A 103 -1.88 6.58 8.44
C PRO A 103 -3.22 7.09 7.90
N GLU A 104 -3.47 8.35 8.01
CA GLU A 104 -4.72 8.92 7.49
C GLU A 104 -4.60 9.05 5.98
N ASP A 105 -3.61 9.79 5.56
CA ASP A 105 -3.36 10.01 4.11
C ASP A 105 -3.56 8.71 3.34
N ILE A 106 -3.38 7.60 3.99
CA ILE A 106 -3.59 6.29 3.31
C ILE A 106 -5.09 5.99 3.38
N VAL A 107 -5.59 5.72 4.56
CA VAL A 107 -7.06 5.45 4.74
C VAL A 107 -7.85 6.47 3.89
N ASN A 108 -7.33 7.66 3.79
CA ASN A 108 -8.03 8.74 3.03
C ASN A 108 -8.25 8.32 1.57
N CYS A 109 -7.95 7.10 1.23
CA CYS A 109 -8.16 6.64 -0.17
C CYS A 109 -7.37 7.51 -1.15
N ASP A 110 -6.80 8.61 -0.71
CA ASP A 110 -6.03 9.44 -1.65
C ASP A 110 -4.94 8.58 -2.25
N LEU A 111 -4.47 8.95 -3.39
CA LEU A 111 -3.41 8.17 -4.07
C LEU A 111 -2.06 8.80 -3.76
N LYS A 112 -1.95 10.08 -3.96
CA LYS A 112 -0.67 10.81 -3.73
C LYS A 112 0.19 10.18 -2.62
N SER A 113 -0.18 10.40 -1.41
CA SER A 113 0.59 9.86 -0.25
C SER A 113 0.69 8.33 -0.33
N THR A 114 -0.43 7.69 -0.36
CA THR A 114 -0.47 6.20 -0.44
C THR A 114 0.63 5.71 -1.39
N LEU A 115 0.79 6.41 -2.46
CA LEU A 115 1.82 6.06 -3.47
C LEU A 115 3.19 6.14 -2.83
N ARG A 116 3.47 7.23 -2.17
CA ARG A 116 4.80 7.37 -1.54
C ARG A 116 5.17 6.09 -0.77
N VAL A 117 4.33 5.71 0.15
CA VAL A 117 4.61 4.50 0.99
C VAL A 117 4.57 3.22 0.15
N LEU A 118 3.53 2.99 -0.58
CA LEU A 118 3.44 1.73 -1.38
C LEU A 118 4.72 1.57 -2.19
N TYR A 119 5.19 2.62 -2.81
CA TYR A 119 6.45 2.52 -3.58
C TYR A 119 7.51 1.95 -2.66
N ASN A 120 7.66 2.55 -1.53
CA ASN A 120 8.66 2.08 -0.55
C ASN A 120 8.60 0.53 -0.43
N LEU A 121 7.42 -0.03 -0.36
CA LEU A 121 7.29 -1.50 -0.25
C LEU A 121 7.69 -2.14 -1.59
N PHE A 122 6.95 -1.86 -2.64
CA PHE A 122 7.26 -2.46 -3.97
C PHE A 122 8.74 -2.50 -4.18
N THR A 123 9.39 -1.61 -3.57
CA THR A 123 10.86 -1.55 -3.70
C THR A 123 11.50 -2.69 -2.93
N LYS A 124 11.15 -2.83 -1.69
CA LYS A 124 11.77 -3.89 -0.86
C LYS A 124 11.18 -5.28 -1.11
N TYR A 125 10.02 -5.38 -1.73
CA TYR A 125 9.40 -6.73 -1.95
C TYR A 125 9.51 -7.13 -3.42
N ARG A 126 9.78 -6.19 -4.27
CA ARG A 126 9.90 -6.47 -5.73
C ARG A 126 10.74 -7.75 -5.94
N ASN A 127 11.63 -8.03 -5.06
CA ASN A 127 12.49 -9.24 -5.20
C ASN A 127 11.80 -10.42 -4.54
N VAL A 128 10.91 -10.11 -3.65
CA VAL A 128 10.17 -11.16 -2.94
C VAL A 128 9.02 -11.63 -3.81
N GLU A 129 8.83 -12.91 -3.84
CA GLU A 129 7.77 -13.52 -4.67
C GLU A 129 6.39 -13.11 -4.13
N ASP B 1 11.51 10.50 -15.87
CA ASP B 1 11.30 9.46 -14.83
C ASP B 1 9.93 8.80 -15.05
N LEU B 2 9.00 9.52 -15.61
CA LEU B 2 7.65 8.95 -15.85
C LEU B 2 7.75 7.84 -16.90
N ASP B 3 8.09 8.17 -18.10
CA ASP B 3 8.20 7.14 -19.16
C ASP B 3 9.08 5.99 -18.65
N ALA B 4 9.95 6.26 -17.72
CA ALA B 4 10.83 5.19 -17.19
C ALA B 4 10.00 4.25 -16.31
N LEU B 5 9.06 4.79 -15.57
CA LEU B 5 8.21 3.94 -14.70
C LEU B 5 7.35 3.03 -15.58
N LEU B 6 6.85 3.54 -16.67
CA LEU B 6 6.00 2.71 -17.56
C LEU B 6 6.81 1.54 -18.09
N ALA B 7 8.00 1.80 -18.55
CA ALA B 7 8.86 0.68 -19.07
C ALA B 7 9.12 -0.33 -17.96
N ASP B 8 9.37 0.13 -16.76
CA ASP B 8 9.64 -0.81 -15.64
C ASP B 8 8.37 -1.62 -15.35
N LEU B 9 7.23 -1.12 -15.71
CA LEU B 9 5.97 -1.86 -15.47
C LEU B 9 5.81 -2.96 -16.53
N GLU B 10 5.45 -2.57 -17.73
CA GLU B 10 5.28 -3.58 -18.81
C GLU B 10 6.47 -4.54 -18.84
N ARG A 1 0.08 23.21 1.56
CA ARG A 1 0.95 22.17 2.18
C ARG A 1 1.53 21.27 1.09
N HIS A 2 0.95 21.26 -0.07
CA HIS A 2 1.48 20.41 -1.17
C HIS A 2 2.97 20.68 -1.34
N GLU A 3 3.80 19.95 -0.65
CA GLU A 3 5.28 20.16 -0.77
C GLU A 3 5.76 19.69 -2.14
N ARG A 4 6.89 20.16 -2.58
CA ARG A 4 7.43 19.74 -3.91
C ARG A 4 8.29 18.49 -3.72
N ASP A 5 7.77 17.35 -4.08
CA ASP A 5 8.54 16.08 -3.92
C ASP A 5 8.27 15.18 -5.13
N ALA A 6 8.02 13.93 -4.89
CA ALA A 6 7.75 13.00 -6.03
C ALA A 6 6.41 13.38 -6.67
N PHE A 7 5.35 13.41 -5.91
CA PHE A 7 4.02 13.78 -6.50
C PHE A 7 4.16 14.98 -7.45
N ASP A 8 4.84 15.98 -7.02
CA ASP A 8 4.99 17.21 -7.86
C ASP A 8 5.28 16.84 -9.32
N THR A 9 6.46 16.39 -9.59
CA THR A 9 6.81 16.04 -11.00
C THR A 9 5.82 15.03 -11.57
N LEU A 10 5.41 14.10 -10.77
CA LEU A 10 4.45 13.06 -11.26
C LEU A 10 3.09 13.70 -11.60
N PHE A 11 2.48 14.35 -10.64
CA PHE A 11 1.15 14.99 -10.88
C PHE A 11 1.30 16.14 -11.87
N ASP A 12 2.45 16.74 -11.92
CA ASP A 12 2.64 17.88 -12.85
C ASP A 12 2.76 17.37 -14.28
N HIS A 13 3.59 16.39 -14.48
CA HIS A 13 3.82 15.85 -15.86
C HIS A 13 3.41 14.37 -15.98
N ALA A 14 2.48 13.89 -15.19
CA ALA A 14 2.08 12.46 -15.36
C ALA A 14 0.86 12.10 -14.49
N PRO A 15 -0.29 12.68 -14.80
CA PRO A 15 -1.52 12.37 -14.08
C PRO A 15 -2.02 10.98 -14.52
N ASP A 16 -1.51 10.49 -15.62
CA ASP A 16 -1.96 9.16 -16.13
C ASP A 16 -1.16 8.02 -15.49
N LYS A 17 0.13 8.17 -15.40
CA LYS A 17 0.97 7.10 -14.80
C LYS A 17 0.50 6.82 -13.38
N LEU A 18 0.32 7.85 -12.59
CA LEU A 18 -0.13 7.65 -11.19
C LEU A 18 -1.31 6.68 -11.16
N ASN A 19 -2.16 6.72 -12.16
CA ASN A 19 -3.32 5.79 -12.19
C ASN A 19 -2.84 4.37 -12.46
N VAL A 20 -2.20 4.15 -13.58
CA VAL A 20 -1.71 2.78 -13.89
C VAL A 20 -0.71 2.33 -12.82
N VAL A 21 -0.04 3.25 -12.17
CA VAL A 21 0.92 2.83 -11.12
C VAL A 21 0.14 2.23 -9.94
N LYS A 22 -1.00 2.78 -9.59
CA LYS A 22 -1.77 2.16 -8.47
C LYS A 22 -2.16 0.76 -8.94
N LYS A 23 -2.49 0.62 -10.19
CA LYS A 23 -2.89 -0.73 -10.71
C LYS A 23 -1.73 -1.72 -10.55
N THR A 24 -0.51 -1.27 -10.63
CA THR A 24 0.65 -2.19 -10.48
C THR A 24 0.78 -2.53 -9.01
N LEU A 25 0.32 -1.66 -8.18
CA LEU A 25 0.36 -1.92 -6.73
C LEU A 25 -0.78 -2.89 -6.41
N ILE A 26 -1.83 -2.85 -7.20
CA ILE A 26 -2.96 -3.80 -7.01
C ILE A 26 -2.40 -5.18 -7.31
N THR A 27 -1.48 -5.27 -8.24
CA THR A 27 -0.89 -6.59 -8.59
C THR A 27 -0.06 -7.14 -7.42
N PHE A 28 0.86 -6.38 -6.87
CA PHE A 28 1.68 -6.88 -5.74
C PHE A 28 0.74 -7.48 -4.66
N VAL A 29 -0.32 -6.79 -4.33
CA VAL A 29 -1.24 -7.34 -3.30
C VAL A 29 -1.97 -8.55 -3.90
N ASN A 30 -2.23 -8.54 -5.17
CA ASN A 30 -2.92 -9.70 -5.82
C ASN A 30 -2.00 -10.91 -5.67
N LYS A 31 -0.77 -10.66 -5.34
CA LYS A 31 0.22 -11.75 -5.17
C LYS A 31 0.01 -12.34 -3.78
N HIS A 32 0.09 -11.53 -2.76
CA HIS A 32 -0.14 -12.04 -1.41
C HIS A 32 -1.53 -12.68 -1.40
N LEU A 33 -2.39 -12.20 -2.24
CA LEU A 33 -3.76 -12.75 -2.32
C LEU A 33 -3.77 -13.95 -3.24
N ASN A 34 -3.26 -13.80 -4.45
CA ASN A 34 -3.25 -14.97 -5.39
C ASN A 34 -2.83 -16.24 -4.62
N LYS A 35 -2.15 -16.09 -3.51
CA LYS A 35 -1.77 -17.29 -2.72
C LYS A 35 -3.07 -17.95 -2.26
N LEU A 36 -3.89 -17.22 -1.54
CA LEU A 36 -5.19 -17.76 -1.07
C LEU A 36 -6.14 -17.76 -2.27
N ASN A 37 -5.61 -17.47 -3.42
CA ASN A 37 -6.39 -17.43 -4.68
C ASN A 37 -7.59 -16.50 -4.53
N LEU A 38 -7.34 -15.23 -4.60
CA LEU A 38 -8.43 -14.21 -4.51
C LEU A 38 -8.14 -13.11 -5.53
N GLU A 39 -8.60 -11.91 -5.30
CA GLU A 39 -8.35 -10.82 -6.30
C GLU A 39 -8.70 -9.45 -5.70
N VAL A 40 -7.73 -8.58 -5.62
CA VAL A 40 -7.97 -7.21 -5.07
C VAL A 40 -8.42 -6.29 -6.21
N THR A 41 -9.08 -5.19 -5.90
CA THR A 41 -9.56 -4.26 -6.96
C THR A 41 -9.19 -2.82 -6.60
N GLU A 42 -9.03 -2.52 -5.34
CA GLU A 42 -8.71 -1.11 -4.95
C GLU A 42 -7.60 -1.08 -3.91
N LEU A 43 -6.38 -0.95 -4.33
CA LEU A 43 -5.29 -0.87 -3.32
C LEU A 43 -5.61 0.33 -2.41
N GLU A 44 -5.99 1.41 -3.00
CA GLU A 44 -6.31 2.63 -2.18
C GLU A 44 -7.16 2.27 -0.94
N THR A 45 -8.33 1.75 -1.17
CA THR A 45 -9.23 1.42 -0.02
C THR A 45 -8.80 0.15 0.68
N GLN A 46 -7.77 -0.50 0.22
CA GLN A 46 -7.35 -1.74 0.90
C GLN A 46 -6.60 -1.35 2.16
N PHE A 47 -6.20 -0.10 2.26
CA PHE A 47 -5.50 0.37 3.47
C PHE A 47 -6.56 1.03 4.32
N ALA A 48 -7.69 1.29 3.73
CA ALA A 48 -8.82 1.89 4.49
C ALA A 48 -9.33 0.84 5.46
N ASP A 49 -8.44 0.01 5.89
CA ASP A 49 -8.81 -1.07 6.84
C ASP A 49 -7.53 -1.74 7.36
N GLY A 50 -6.45 -1.65 6.60
CA GLY A 50 -5.17 -2.28 7.05
C GLY A 50 -5.35 -3.79 7.31
N VAL A 51 -6.56 -4.28 7.38
CA VAL A 51 -6.78 -5.74 7.65
C VAL A 51 -6.16 -6.56 6.52
N TYR A 52 -6.63 -6.38 5.32
CA TYR A 52 -6.08 -7.15 4.17
C TYR A 52 -4.55 -7.06 4.22
N LEU A 53 -4.05 -6.12 4.98
CA LEU A 53 -2.56 -5.96 5.06
C LEU A 53 -1.98 -7.05 5.98
N VAL A 54 -2.41 -7.14 7.22
CA VAL A 54 -1.85 -8.21 8.08
C VAL A 54 -2.00 -9.54 7.33
N LEU A 55 -3.00 -9.61 6.51
CA LEU A 55 -3.23 -10.83 5.69
C LEU A 55 -2.01 -11.00 4.76
N LEU A 56 -1.57 -9.93 4.14
CA LEU A 56 -0.37 -10.01 3.25
C LEU A 56 0.76 -10.67 4.03
N MET A 57 1.09 -10.14 5.17
CA MET A 57 2.18 -10.74 5.99
C MET A 57 2.02 -12.26 6.06
N GLY A 58 0.81 -12.74 6.17
CA GLY A 58 0.61 -14.22 6.28
C GLY A 58 0.75 -14.93 4.93
N LEU A 59 -0.05 -14.59 3.96
CA LEU A 59 0.04 -15.27 2.63
C LEU A 59 1.46 -15.18 2.10
N LEU A 60 2.23 -14.30 2.66
CA LEU A 60 3.65 -14.16 2.20
C LEU A 60 4.46 -15.25 2.90
N GLU A 61 4.33 -15.36 4.19
CA GLU A 61 5.08 -16.40 4.94
C GLU A 61 4.35 -17.74 4.81
N GLY A 62 3.18 -17.74 4.22
CA GLY A 62 2.43 -19.01 4.07
C GLY A 62 1.78 -19.37 5.40
N TYR A 63 1.00 -18.48 5.94
CA TYR A 63 0.32 -18.74 7.25
C TYR A 63 -1.11 -18.24 7.18
N PHE A 64 -1.99 -18.82 7.96
CA PHE A 64 -3.42 -18.38 7.94
C PHE A 64 -3.63 -17.29 8.98
N VAL A 65 -4.42 -16.29 8.65
CA VAL A 65 -4.69 -15.17 9.61
C VAL A 65 -6.18 -15.19 9.99
N PRO A 66 -6.55 -15.89 11.05
CA PRO A 66 -7.96 -15.98 11.47
C PRO A 66 -8.56 -14.58 11.71
N LEU A 67 -9.78 -14.53 12.19
CA LEU A 67 -10.44 -13.22 12.44
C LEU A 67 -9.89 -12.58 13.72
N HIS A 68 -9.93 -13.28 14.82
CA HIS A 68 -9.41 -12.69 16.08
C HIS A 68 -7.90 -12.53 15.99
N SER A 69 -7.35 -12.75 14.83
CA SER A 69 -5.88 -12.62 14.66
C SER A 69 -5.55 -11.17 14.33
N PHE A 70 -6.49 -10.50 13.75
CA PHE A 70 -6.30 -9.09 13.37
C PHE A 70 -6.42 -8.20 14.60
N PHE A 71 -6.69 -6.95 14.38
CA PHE A 71 -6.86 -5.97 15.50
C PHE A 71 -8.28 -5.42 15.45
N LEU A 72 -9.23 -6.17 15.92
CA LEU A 72 -10.65 -5.71 15.88
C LEU A 72 -11.03 -5.40 14.44
N THR A 73 -12.23 -4.88 14.22
CA THR A 73 -12.69 -4.55 12.85
C THR A 73 -12.82 -3.01 12.73
N PRO A 74 -12.22 -2.40 11.71
CA PRO A 74 -12.35 -0.94 11.56
C PRO A 74 -13.83 -0.55 11.44
N ASP A 75 -14.29 0.36 12.25
CA ASP A 75 -15.73 0.79 12.21
C ASP A 75 -15.82 2.23 11.73
N SER A 76 -14.94 3.07 12.23
CA SER A 76 -14.94 4.51 11.82
C SER A 76 -13.57 4.87 11.24
N PHE A 77 -13.36 6.13 11.01
CA PHE A 77 -12.08 6.59 10.41
C PHE A 77 -10.93 6.33 11.35
N GLU A 78 -10.98 6.89 12.50
CA GLU A 78 -9.87 6.69 13.47
C GLU A 78 -9.51 5.21 13.58
N GLN A 79 -10.49 4.35 13.57
CA GLN A 79 -10.22 2.91 13.67
C GLN A 79 -9.45 2.43 12.44
N LYS A 80 -9.73 2.98 11.30
CA LYS A 80 -8.98 2.57 10.08
C LYS A 80 -7.58 3.19 10.16
N VAL A 81 -7.52 4.46 10.46
CA VAL A 81 -6.22 5.16 10.56
C VAL A 81 -5.32 4.40 11.54
N LEU A 82 -5.91 3.67 12.45
CA LEU A 82 -5.09 2.91 13.43
C LEU A 82 -4.64 1.60 12.82
N ASN A 83 -5.48 0.96 12.07
CA ASN A 83 -5.04 -0.31 11.45
C ASN A 83 -3.85 0.00 10.54
N VAL A 84 -3.80 1.18 9.98
CA VAL A 84 -2.65 1.55 9.10
C VAL A 84 -1.52 2.13 9.92
N SER A 85 -1.82 2.76 11.01
CA SER A 85 -0.71 3.31 11.84
C SER A 85 0.07 2.13 12.38
N PHE A 86 -0.62 1.04 12.50
CA PHE A 86 0.01 -0.21 13.00
C PHE A 86 0.87 -0.81 11.90
N ALA A 87 0.30 -1.03 10.76
CA ALA A 87 1.09 -1.60 9.64
C ALA A 87 2.29 -0.68 9.42
N PHE A 88 2.08 0.58 9.65
CA PHE A 88 3.15 1.58 9.49
C PHE A 88 4.11 1.42 10.65
N GLU A 89 3.67 0.83 11.71
CA GLU A 89 4.57 0.66 12.89
C GLU A 89 5.51 -0.53 12.61
N LEU A 90 4.97 -1.63 12.17
CA LEU A 90 5.86 -2.78 11.87
C LEU A 90 6.66 -2.45 10.62
N MET A 91 6.24 -1.48 9.87
CA MET A 91 7.00 -1.12 8.63
C MET A 91 8.12 -0.18 9.00
N GLN A 92 7.83 0.83 9.77
CA GLN A 92 8.92 1.77 10.17
C GLN A 92 10.01 0.93 10.83
N ASP A 93 9.61 -0.17 11.43
CA ASP A 93 10.62 -1.07 12.08
C ASP A 93 11.08 -2.07 11.04
N GLY A 94 10.15 -2.76 10.45
CA GLY A 94 10.50 -3.77 9.41
C GLY A 94 11.28 -3.09 8.28
N GLY A 95 11.50 -1.81 8.37
CA GLY A 95 12.27 -1.09 7.29
C GLY A 95 11.53 0.17 6.83
N LEU A 96 11.02 0.15 5.62
CA LEU A 96 10.27 1.34 5.08
C LEU A 96 11.25 2.49 4.81
N GLU A 97 12.32 2.52 5.53
CA GLU A 97 13.36 3.59 5.34
C GLU A 97 12.82 4.99 5.68
N LYS A 98 12.53 5.80 4.68
CA LYS A 98 12.05 7.20 4.95
C LYS A 98 10.57 7.38 4.53
N PRO A 99 9.64 7.25 5.46
CA PRO A 99 8.21 7.44 5.13
C PRO A 99 7.94 8.90 4.79
N LYS A 100 6.83 9.21 4.18
CA LYS A 100 6.53 10.63 3.81
C LYS A 100 5.04 10.99 4.11
N PRO A 101 4.07 10.21 3.65
CA PRO A 101 2.65 10.52 3.89
C PRO A 101 2.26 10.02 5.28
N ARG A 102 1.01 10.15 5.66
CA ARG A 102 0.57 9.71 7.03
C ARG A 102 -0.46 8.55 6.93
N PRO A 103 -0.49 7.66 7.91
CA PRO A 103 -1.46 6.54 7.95
C PRO A 103 -2.83 7.03 7.48
N GLU A 104 -3.11 8.28 7.68
CA GLU A 104 -4.41 8.84 7.23
C GLU A 104 -4.36 8.95 5.72
N ASP A 105 -3.40 9.69 5.24
CA ASP A 105 -3.21 9.89 3.78
C ASP A 105 -3.43 8.57 3.05
N ILE A 106 -3.21 7.47 3.70
CA ILE A 106 -3.42 6.15 3.06
C ILE A 106 -4.91 5.80 3.20
N VAL A 107 -5.35 5.54 4.41
CA VAL A 107 -6.81 5.22 4.61
C VAL A 107 -7.64 6.22 3.81
N ASN A 108 -7.13 7.41 3.64
CA ASN A 108 -7.88 8.47 2.91
C ASN A 108 -8.21 7.98 1.49
N CYS A 109 -7.92 6.76 1.18
CA CYS A 109 -8.24 6.24 -0.18
C CYS A 109 -7.66 7.18 -1.24
N ASP A 110 -6.92 8.18 -0.84
CA ASP A 110 -6.34 9.10 -1.84
C ASP A 110 -5.31 8.34 -2.65
N LEU A 111 -4.90 8.88 -3.73
CA LEU A 111 -3.90 8.22 -4.58
C LEU A 111 -2.53 8.80 -4.26
N LYS A 112 -2.39 10.07 -4.43
CA LYS A 112 -1.10 10.77 -4.20
C LYS A 112 -0.20 10.11 -3.15
N SER A 113 -0.52 10.33 -1.93
CA SER A 113 0.31 9.79 -0.82
C SER A 113 0.36 8.26 -0.88
N THR A 114 -0.78 7.67 -0.82
CA THR A 114 -0.91 6.20 -0.84
C THR A 114 0.04 5.60 -1.89
N LEU A 115 0.14 6.23 -3.02
CA LEU A 115 1.02 5.75 -4.11
C LEU A 115 2.47 5.82 -3.67
N ARG A 116 2.87 6.87 -3.03
CA ARG A 116 4.30 6.98 -2.61
C ARG A 116 4.70 5.82 -1.69
N VAL A 117 3.92 5.55 -0.67
CA VAL A 117 4.29 4.44 0.26
C VAL A 117 4.15 3.09 -0.44
N LEU A 118 3.14 2.91 -1.22
CA LEU A 118 2.97 1.60 -1.91
C LEU A 118 4.22 1.36 -2.73
N TYR A 119 4.67 2.35 -3.47
CA TYR A 119 5.91 2.17 -4.27
C TYR A 119 6.96 1.58 -3.34
N ASN A 120 7.12 2.21 -2.24
CA ASN A 120 8.08 1.74 -1.20
C ASN A 120 7.93 0.21 -1.02
N LEU A 121 6.73 -0.30 -1.02
CA LEU A 121 6.53 -1.76 -0.85
C LEU A 121 6.95 -2.47 -2.13
N PHE A 122 6.34 -2.16 -3.24
CA PHE A 122 6.70 -2.81 -4.53
C PHE A 122 8.20 -2.95 -4.61
N THR A 123 8.87 -2.09 -3.94
CA THR A 123 10.35 -2.13 -3.94
C THR A 123 10.81 -3.28 -3.03
N LYS A 124 10.28 -3.33 -1.86
CA LYS A 124 10.66 -4.38 -0.88
C LYS A 124 10.21 -5.78 -1.31
N TYR A 125 9.17 -5.91 -2.09
CA TYR A 125 8.66 -7.28 -2.47
C TYR A 125 9.00 -7.60 -3.92
N ARG A 126 9.26 -6.62 -4.70
CA ARG A 126 9.59 -6.83 -6.14
C ARG A 126 10.55 -8.02 -6.29
N ASN A 127 11.41 -8.24 -5.36
CA ASN A 127 12.39 -9.36 -5.46
C ASN A 127 11.88 -10.56 -4.69
N VAL A 128 11.04 -10.31 -3.73
CA VAL A 128 10.48 -11.40 -2.89
C VAL A 128 9.05 -11.68 -3.31
N GLU A 129 8.75 -12.92 -3.56
CA GLU A 129 7.41 -13.33 -4.00
C GLU A 129 6.38 -13.04 -2.90
N ASP B 1 12.68 8.36 -10.66
CA ASP B 1 12.23 9.45 -11.59
C ASP B 1 10.99 8.98 -12.36
N LEU B 2 10.62 9.69 -13.38
CA LEU B 2 9.43 9.29 -14.18
C LEU B 2 9.80 8.12 -15.07
N ASP B 3 10.73 8.32 -15.96
CA ASP B 3 11.14 7.23 -16.88
C ASP B 3 11.53 6.00 -16.05
N ALA B 4 11.92 6.19 -14.82
CA ALA B 4 12.31 5.03 -13.98
C ALA B 4 11.07 4.25 -13.54
N LEU B 5 10.12 4.93 -12.97
CA LEU B 5 8.88 4.24 -12.51
C LEU B 5 8.29 3.41 -13.66
N LEU B 6 8.40 3.89 -14.87
CA LEU B 6 7.84 3.12 -16.01
C LEU B 6 8.80 1.99 -16.41
N ALA B 7 10.03 2.33 -16.68
CA ALA B 7 11.03 1.29 -17.07
C ALA B 7 10.92 0.09 -16.12
N ASP B 8 10.51 0.31 -14.92
CA ASP B 8 10.37 -0.82 -13.95
C ASP B 8 9.02 -1.51 -14.16
N LEU B 9 7.98 -0.74 -14.35
CA LEU B 9 6.63 -1.35 -14.58
C LEU B 9 6.74 -2.42 -15.67
N GLU B 10 7.13 -2.04 -16.85
CA GLU B 10 7.24 -3.03 -17.96
C GLU B 10 7.99 -4.27 -17.47
N ARG A 1 7.03 18.66 4.92
CA ARG A 1 7.57 19.94 4.37
C ARG A 1 7.12 20.07 2.91
N HIS A 2 6.16 20.93 2.64
CA HIS A 2 5.68 21.10 1.25
C HIS A 2 6.89 21.29 0.32
N GLU A 3 7.28 20.24 -0.36
CA GLU A 3 8.46 20.33 -1.29
C GLU A 3 8.15 19.57 -2.57
N ARG A 4 8.89 19.82 -3.62
CA ARG A 4 8.64 19.10 -4.90
C ARG A 4 9.18 17.67 -4.78
N ASP A 5 8.36 16.70 -5.11
CA ASP A 5 8.79 15.26 -5.01
C ASP A 5 8.32 14.50 -6.25
N ALA A 6 7.77 13.34 -6.05
CA ALA A 6 7.29 12.51 -7.20
C ALA A 6 5.88 12.93 -7.64
N PHE A 7 4.95 13.00 -6.73
CA PHE A 7 3.55 13.37 -7.13
C PHE A 7 3.55 14.61 -8.04
N ASP A 8 4.52 15.46 -7.92
CA ASP A 8 4.50 16.70 -8.77
C ASP A 8 4.25 16.37 -10.23
N THR A 9 5.27 15.91 -10.86
CA THR A 9 5.19 15.58 -12.32
C THR A 9 4.17 14.48 -12.57
N LEU A 10 4.02 13.58 -11.66
CA LEU A 10 3.04 12.49 -11.87
C LEU A 10 1.62 13.08 -11.95
N PHE A 11 1.22 13.80 -10.93
CA PHE A 11 -0.15 14.41 -10.93
C PHE A 11 -0.17 15.66 -11.81
N ASP A 12 0.96 16.27 -12.04
CA ASP A 12 0.97 17.50 -12.89
C ASP A 12 1.28 17.16 -14.35
N HIS A 13 1.64 15.94 -14.64
CA HIS A 13 1.95 15.59 -16.07
C HIS A 13 1.59 14.12 -16.38
N ALA A 14 0.81 13.47 -15.55
CA ALA A 14 0.45 12.05 -15.87
C ALA A 14 -0.66 11.52 -14.95
N PRO A 15 -1.84 12.07 -15.06
CA PRO A 15 -2.99 11.61 -14.25
C PRO A 15 -3.42 10.21 -14.74
N ASP A 16 -2.98 9.82 -15.92
CA ASP A 16 -3.38 8.49 -16.48
C ASP A 16 -2.45 7.38 -15.98
N LYS A 17 -1.17 7.57 -16.10
CA LYS A 17 -0.21 6.53 -15.65
C LYS A 17 -0.33 6.41 -14.13
N LEU A 18 -0.72 7.47 -13.48
CA LEU A 18 -0.87 7.42 -12.01
C LEU A 18 -1.85 6.29 -11.69
N ASN A 19 -2.84 6.13 -12.52
CA ASN A 19 -3.83 5.05 -12.30
C ASN A 19 -3.15 3.71 -12.55
N VAL A 20 -2.46 3.59 -13.65
CA VAL A 20 -1.76 2.31 -13.95
C VAL A 20 -0.72 2.02 -12.85
N VAL A 21 -0.09 3.05 -12.33
CA VAL A 21 0.93 2.81 -11.26
C VAL A 21 0.25 2.20 -10.03
N LYS A 22 -0.94 2.64 -9.66
CA LYS A 22 -1.60 2.02 -8.49
C LYS A 22 -1.88 0.57 -8.88
N LYS A 23 -2.35 0.34 -10.07
CA LYS A 23 -2.67 -1.04 -10.51
C LYS A 23 -1.46 -1.97 -10.38
N THR A 24 -0.27 -1.45 -10.49
CA THR A 24 0.94 -2.33 -10.36
C THR A 24 1.17 -2.58 -8.88
N LEU A 25 0.86 -1.62 -8.08
CA LEU A 25 1.00 -1.77 -6.62
C LEU A 25 -0.04 -2.81 -6.20
N ILE A 26 -1.15 -2.87 -6.91
CA ILE A 26 -2.17 -3.90 -6.60
C ILE A 26 -1.54 -5.24 -6.89
N THR A 27 -0.80 -5.36 -7.96
CA THR A 27 -0.18 -6.67 -8.29
C THR A 27 0.73 -7.14 -7.15
N PHE A 28 1.48 -6.28 -6.53
CA PHE A 28 2.39 -6.72 -5.41
C PHE A 28 1.55 -7.32 -4.27
N VAL A 29 0.58 -6.59 -3.80
CA VAL A 29 -0.27 -7.12 -2.71
C VAL A 29 -1.03 -8.36 -3.21
N ASN A 30 -1.59 -8.29 -4.39
CA ASN A 30 -2.34 -9.44 -4.96
C ASN A 30 -1.42 -10.62 -5.05
N LYS A 31 -0.16 -10.38 -4.99
CA LYS A 31 0.81 -11.48 -5.09
C LYS A 31 0.79 -12.24 -3.79
N HIS A 32 1.01 -11.57 -2.71
CA HIS A 32 0.98 -12.25 -1.43
C HIS A 32 -0.46 -12.64 -1.14
N LEU A 33 -1.40 -11.90 -1.66
CA LEU A 33 -2.81 -12.26 -1.44
C LEU A 33 -3.13 -13.41 -2.39
N ASN A 34 -2.65 -13.34 -3.61
CA ASN A 34 -2.92 -14.46 -4.55
C ASN A 34 -2.39 -15.78 -3.96
N LYS A 35 -1.43 -15.72 -3.05
CA LYS A 35 -0.91 -17.01 -2.46
C LYS A 35 -2.12 -17.85 -2.04
N LEU A 36 -2.90 -17.34 -1.12
CA LEU A 36 -4.12 -18.07 -0.68
C LEU A 36 -5.21 -17.85 -1.74
N ASN A 37 -4.82 -17.31 -2.85
CA ASN A 37 -5.73 -17.04 -3.99
C ASN A 37 -6.91 -16.13 -3.62
N LEU A 38 -6.62 -14.87 -3.50
CA LEU A 38 -7.70 -13.86 -3.18
C LEU A 38 -7.84 -12.91 -4.39
N GLU A 39 -8.25 -11.69 -4.17
CA GLU A 39 -8.42 -10.75 -5.32
C GLU A 39 -8.63 -9.31 -4.83
N VAL A 40 -7.69 -8.42 -5.09
CA VAL A 40 -7.86 -6.98 -4.67
C VAL A 40 -8.03 -6.13 -5.93
N THR A 41 -8.61 -4.95 -5.80
CA THR A 41 -8.82 -4.08 -7.00
C THR A 41 -8.61 -2.61 -6.66
N GLU A 42 -8.84 -2.24 -5.41
CA GLU A 42 -8.67 -0.79 -5.02
C GLU A 42 -7.66 -0.70 -3.90
N LEU A 43 -6.40 -0.69 -4.21
CA LEU A 43 -5.38 -0.60 -3.13
C LEU A 43 -5.68 0.65 -2.31
N GLU A 44 -5.98 1.73 -2.96
CA GLU A 44 -6.26 3.00 -2.21
C GLU A 44 -7.24 2.73 -1.03
N THR A 45 -8.42 2.30 -1.33
CA THR A 45 -9.44 2.07 -0.27
C THR A 45 -9.13 0.79 0.51
N GLN A 46 -8.13 0.06 0.14
CA GLN A 46 -7.82 -1.17 0.89
C GLN A 46 -7.14 -0.77 2.18
N PHE A 47 -6.62 0.43 2.23
CA PHE A 47 -5.98 0.91 3.47
C PHE A 47 -7.11 1.50 4.29
N ALA A 48 -8.17 1.81 3.62
CA ALA A 48 -9.36 2.38 4.34
C ALA A 48 -9.92 1.30 5.26
N ASP A 49 -9.09 0.38 5.63
CA ASP A 49 -9.54 -0.72 6.52
C ASP A 49 -8.33 -1.53 6.96
N GLY A 50 -7.20 -1.35 6.33
CA GLY A 50 -5.98 -2.11 6.72
C GLY A 50 -6.32 -3.60 6.97
N VAL A 51 -7.46 -4.07 6.54
CA VAL A 51 -7.82 -5.49 6.77
C VAL A 51 -7.09 -6.37 5.74
N TYR A 52 -7.39 -6.17 4.49
CA TYR A 52 -6.71 -6.97 3.45
C TYR A 52 -5.21 -6.72 3.57
N LEU A 53 -4.88 -5.71 4.32
CA LEU A 53 -3.45 -5.35 4.50
C LEU A 53 -2.76 -6.37 5.44
N VAL A 54 -3.21 -6.53 6.65
CA VAL A 54 -2.53 -7.52 7.51
C VAL A 54 -2.57 -8.88 6.81
N LEU A 55 -3.57 -9.10 6.00
CA LEU A 55 -3.64 -10.40 5.28
C LEU A 55 -2.35 -10.56 4.49
N LEU A 56 -2.05 -9.65 3.60
CA LEU A 56 -0.79 -9.79 2.80
C LEU A 56 0.38 -10.12 3.74
N MET A 57 0.45 -9.47 4.87
CA MET A 57 1.55 -9.79 5.83
C MET A 57 1.46 -11.25 6.27
N GLY A 58 0.29 -11.83 6.16
CA GLY A 58 0.11 -13.24 6.58
C GLY A 58 0.61 -14.18 5.48
N LEU A 59 0.10 -14.05 4.30
CA LEU A 59 0.57 -14.94 3.19
C LEU A 59 2.07 -14.78 3.08
N LEU A 60 2.60 -13.72 3.63
CA LEU A 60 4.08 -13.52 3.61
C LEU A 60 4.67 -14.49 4.65
N GLU A 61 4.15 -14.46 5.84
CA GLU A 61 4.67 -15.40 6.89
C GLU A 61 4.61 -16.82 6.36
N GLY A 62 3.69 -17.11 5.46
CA GLY A 62 3.59 -18.49 4.91
C GLY A 62 2.62 -19.31 5.74
N TYR A 63 1.56 -18.71 6.20
CA TYR A 63 0.56 -19.45 7.03
C TYR A 63 -0.81 -18.79 6.89
N PHE A 64 -1.86 -19.52 7.17
CA PHE A 64 -3.23 -18.92 7.06
C PHE A 64 -3.27 -17.60 7.82
N VAL A 65 -4.37 -16.89 7.74
CA VAL A 65 -4.49 -15.58 8.45
C VAL A 65 -5.98 -15.38 8.84
N PRO A 66 -6.37 -15.79 10.04
CA PRO A 66 -7.77 -15.63 10.47
C PRO A 66 -8.17 -14.15 10.41
N LEU A 67 -9.13 -13.83 9.60
CA LEU A 67 -9.57 -12.41 9.47
C LEU A 67 -9.76 -11.80 10.87
N HIS A 68 -9.86 -12.61 11.89
CA HIS A 68 -10.06 -12.08 13.27
C HIS A 68 -8.73 -12.12 14.04
N SER A 69 -7.77 -12.84 13.54
CA SER A 69 -6.47 -12.90 14.26
C SER A 69 -5.98 -11.50 14.55
N PHE A 70 -6.21 -10.62 13.62
CA PHE A 70 -5.76 -9.22 13.77
C PHE A 70 -6.98 -8.34 14.05
N PHE A 71 -6.96 -7.09 13.72
CA PHE A 71 -8.13 -6.23 14.01
C PHE A 71 -9.39 -6.88 13.42
N LEU A 72 -10.46 -6.90 14.16
CA LEU A 72 -11.71 -7.52 13.65
C LEU A 72 -12.16 -6.78 12.39
N THR A 73 -12.85 -5.68 12.56
CA THR A 73 -13.33 -4.90 11.38
C THR A 73 -13.49 -3.41 11.80
N PRO A 74 -12.87 -2.47 11.10
CA PRO A 74 -13.02 -1.04 11.47
C PRO A 74 -14.49 -0.63 11.33
N ASP A 75 -14.91 0.33 12.11
CA ASP A 75 -16.32 0.80 12.04
C ASP A 75 -16.32 2.27 11.60
N SER A 76 -15.34 3.03 12.05
CA SER A 76 -15.26 4.48 11.68
C SER A 76 -13.87 4.81 11.18
N PHE A 77 -13.62 6.06 10.99
CA PHE A 77 -12.29 6.52 10.47
C PHE A 77 -11.19 6.20 11.44
N GLU A 78 -11.28 6.71 12.62
CA GLU A 78 -10.22 6.44 13.62
C GLU A 78 -9.88 4.94 13.64
N GLN A 79 -10.86 4.11 13.55
CA GLN A 79 -10.61 2.66 13.56
C GLN A 79 -9.78 2.27 12.33
N LYS A 80 -9.99 2.93 11.23
CA LYS A 80 -9.17 2.59 10.02
C LYS A 80 -7.78 3.19 10.21
N VAL A 81 -7.72 4.45 10.57
CA VAL A 81 -6.41 5.11 10.80
C VAL A 81 -5.58 4.26 11.74
N LEU A 82 -6.22 3.48 12.58
CA LEU A 82 -5.46 2.63 13.54
C LEU A 82 -5.01 1.36 12.84
N ASN A 83 -5.85 0.76 12.07
CA ASN A 83 -5.43 -0.47 11.36
C ASN A 83 -4.21 -0.14 10.50
N VAL A 84 -4.12 1.06 10.01
CA VAL A 84 -2.94 1.43 9.16
C VAL A 84 -1.80 1.90 10.02
N SER A 85 -2.08 2.62 11.06
CA SER A 85 -0.98 3.08 11.94
C SER A 85 -0.28 1.85 12.49
N PHE A 86 -1.01 0.78 12.59
CA PHE A 86 -0.45 -0.49 13.13
C PHE A 86 0.45 -1.16 12.09
N ALA A 87 -0.08 -1.47 10.96
CA ALA A 87 0.78 -2.13 9.94
C ALA A 87 1.96 -1.20 9.66
N PHE A 88 1.72 0.07 9.85
CA PHE A 88 2.76 1.09 9.64
C PHE A 88 3.70 1.02 10.82
N GLU A 89 3.26 0.45 11.91
CA GLU A 89 4.13 0.35 13.09
C GLU A 89 5.06 -0.85 12.91
N LEU A 90 4.52 -1.96 12.47
CA LEU A 90 5.39 -3.14 12.25
C LEU A 90 6.25 -2.87 11.02
N MET A 91 5.88 -1.91 10.23
CA MET A 91 6.71 -1.58 9.02
C MET A 91 7.81 -0.63 9.46
N GLN A 92 7.45 0.39 10.18
CA GLN A 92 8.47 1.35 10.67
C GLN A 92 9.56 0.53 11.36
N ASP A 93 9.18 -0.58 11.94
CA ASP A 93 10.18 -1.46 12.61
C ASP A 93 10.69 -2.48 11.61
N GLY A 94 9.80 -3.21 11.01
CA GLY A 94 10.20 -4.23 10.01
C GLY A 94 10.95 -3.55 8.86
N GLY A 95 11.14 -2.25 8.93
CA GLY A 95 11.88 -1.54 7.83
C GLY A 95 11.19 -0.22 7.48
N LEU A 96 10.84 -0.04 6.23
CA LEU A 96 10.18 1.23 5.79
C LEU A 96 11.18 2.39 5.83
N GLU A 97 12.17 2.28 6.67
CA GLU A 97 13.21 3.35 6.80
C GLU A 97 12.60 4.68 7.24
N LYS A 98 12.47 5.63 6.35
CA LYS A 98 11.92 6.97 6.73
C LYS A 98 10.52 7.19 6.10
N PRO A 99 9.46 7.00 6.87
CA PRO A 99 8.09 7.21 6.35
C PRO A 99 7.86 8.69 6.06
N LYS A 100 6.84 9.04 5.31
CA LYS A 100 6.60 10.48 4.99
C LYS A 100 5.08 10.85 5.11
N PRO A 101 4.17 10.18 4.43
CA PRO A 101 2.74 10.53 4.55
C PRO A 101 2.23 10.02 5.91
N ARG A 102 0.96 10.13 6.19
CA ARG A 102 0.44 9.68 7.53
C ARG A 102 -0.60 8.54 7.36
N PRO A 103 -0.69 7.64 8.33
CA PRO A 103 -1.66 6.53 8.29
C PRO A 103 -3.01 7.05 7.78
N GLU A 104 -3.25 8.32 7.98
CA GLU A 104 -4.52 8.93 7.50
C GLU A 104 -4.40 9.09 5.99
N ASP A 105 -3.38 9.80 5.57
CA ASP A 105 -3.13 10.04 4.12
C ASP A 105 -3.39 8.75 3.34
N ILE A 106 -3.24 7.63 3.99
CA ILE A 106 -3.51 6.33 3.31
C ILE A 106 -5.02 6.04 3.43
N VAL A 107 -5.48 5.76 4.63
CA VAL A 107 -6.94 5.51 4.85
C VAL A 107 -7.74 6.57 4.08
N ASN A 108 -7.15 7.72 3.91
CA ASN A 108 -7.86 8.83 3.20
C ASN A 108 -8.26 8.40 1.80
N CYS A 109 -8.09 7.15 1.46
CA CYS A 109 -8.47 6.69 0.09
C CYS A 109 -7.78 7.56 -0.95
N ASP A 110 -6.95 8.47 -0.52
CA ASP A 110 -6.24 9.34 -1.50
C ASP A 110 -5.18 8.51 -2.18
N LEU A 111 -4.76 8.94 -3.32
CA LEU A 111 -3.71 8.22 -4.07
C LEU A 111 -2.35 8.84 -3.78
N LYS A 112 -2.27 10.13 -3.96
CA LYS A 112 -1.00 10.87 -3.78
C LYS A 112 -0.05 10.25 -2.75
N SER A 113 -0.33 10.44 -1.52
CA SER A 113 0.54 9.92 -0.44
C SER A 113 0.62 8.39 -0.50
N THR A 114 -0.52 7.76 -0.42
CA THR A 114 -0.59 6.27 -0.46
C THR A 114 0.39 5.73 -1.51
N LEU A 115 0.54 6.42 -2.60
CA LEU A 115 1.47 5.98 -3.65
C LEU A 115 2.88 6.13 -3.14
N ARG A 116 3.18 7.25 -2.53
CA ARG A 116 4.57 7.44 -1.99
C ARG A 116 5.01 6.17 -1.23
N VAL A 117 4.21 5.71 -0.31
CA VAL A 117 4.58 4.51 0.50
C VAL A 117 4.51 3.25 -0.35
N LEU A 118 3.41 3.00 -1.01
CA LEU A 118 3.29 1.78 -1.84
C LEU A 118 4.55 1.64 -2.70
N TYR A 119 5.07 2.72 -3.17
CA TYR A 119 6.31 2.65 -3.98
C TYR A 119 7.40 2.10 -3.08
N ASN A 120 7.58 2.75 -1.96
CA ASN A 120 8.60 2.31 -0.98
C ASN A 120 8.52 0.77 -0.80
N LEU A 121 7.34 0.23 -0.81
CA LEU A 121 7.18 -1.24 -0.63
C LEU A 121 7.60 -1.95 -1.91
N PHE A 122 6.91 -1.73 -3.00
CA PHE A 122 7.26 -2.41 -4.28
C PHE A 122 8.76 -2.45 -4.43
N THR A 123 9.37 -1.49 -3.88
CA THR A 123 10.85 -1.42 -3.94
C THR A 123 11.45 -2.52 -3.06
N LYS A 124 11.04 -2.59 -1.84
CA LYS A 124 11.62 -3.58 -0.90
C LYS A 124 11.09 -5.01 -1.11
N TYR A 125 9.94 -5.19 -1.74
CA TYR A 125 9.40 -6.57 -1.91
C TYR A 125 9.57 -7.04 -3.36
N ARG A 126 9.85 -6.13 -4.25
CA ARG A 126 10.05 -6.49 -5.67
C ARG A 126 10.91 -7.75 -5.79
N ASN A 127 11.78 -7.96 -4.85
CA ASN A 127 12.68 -9.14 -4.89
C ASN A 127 11.99 -10.30 -4.19
N VAL A 128 11.07 -9.98 -3.36
CA VAL A 128 10.31 -11.00 -2.62
C VAL A 128 9.20 -11.54 -3.51
N GLU A 129 9.04 -12.81 -3.48
CA GLU A 129 8.01 -13.48 -4.30
C GLU A 129 6.62 -13.01 -3.89
N ASP B 1 4.39 10.07 -14.14
CA ASP B 1 5.09 8.76 -14.13
C ASP B 1 6.01 8.70 -15.35
N LEU B 2 5.49 9.04 -16.49
CA LEU B 2 6.32 9.03 -17.74
C LEU B 2 6.97 7.64 -17.90
N ASP B 3 7.60 7.41 -19.01
CA ASP B 3 8.25 6.10 -19.22
C ASP B 3 9.29 5.87 -18.12
N ALA B 4 9.58 6.89 -17.36
CA ALA B 4 10.58 6.73 -16.27
C ALA B 4 10.10 5.66 -15.29
N LEU B 5 9.03 5.93 -14.60
CA LEU B 5 8.51 4.94 -13.62
C LEU B 5 8.02 3.70 -14.37
N LEU B 6 7.55 3.86 -15.58
CA LEU B 6 7.06 2.66 -16.33
C LEU B 6 8.17 1.60 -16.33
N ALA B 7 9.37 1.99 -16.70
CA ALA B 7 10.49 1.02 -16.72
C ALA B 7 10.74 0.52 -15.29
N ASP B 8 10.78 1.41 -14.35
CA ASP B 8 11.02 0.98 -12.93
C ASP B 8 10.06 -0.17 -12.58
N LEU B 9 8.89 -0.17 -13.16
CA LEU B 9 7.92 -1.25 -12.86
C LEU B 9 8.30 -2.51 -13.65
N GLU B 10 8.02 -2.53 -14.93
CA GLU B 10 8.35 -3.71 -15.75
C GLU B 10 9.86 -3.98 -15.68
N ARG A 1 10.88 29.12 -7.38
CA ARG A 1 10.46 28.69 -6.01
C ARG A 1 11.09 27.34 -5.68
N HIS A 2 10.82 26.82 -4.51
CA HIS A 2 11.42 25.51 -4.13
C HIS A 2 10.62 24.37 -4.78
N GLU A 3 11.27 23.30 -5.16
CA GLU A 3 10.55 22.17 -5.79
C GLU A 3 9.60 21.53 -4.78
N ARG A 4 8.39 21.25 -5.19
CA ARG A 4 7.41 20.62 -4.26
C ARG A 4 7.94 19.28 -3.77
N ASP A 5 7.24 18.19 -4.04
CA ASP A 5 7.71 16.85 -3.56
C ASP A 5 7.56 15.80 -4.68
N ALA A 6 7.09 14.64 -4.34
CA ALA A 6 6.93 13.55 -5.36
C ALA A 6 5.56 13.62 -6.06
N PHE A 7 4.49 13.55 -5.32
CA PHE A 7 3.12 13.57 -5.95
C PHE A 7 2.97 14.83 -6.83
N ASP A 8 3.62 15.89 -6.47
CA ASP A 8 3.47 17.15 -7.25
C ASP A 8 3.53 16.88 -8.74
N THR A 9 4.69 16.64 -9.21
CA THR A 9 4.89 16.38 -10.66
C THR A 9 4.13 15.13 -11.08
N LEU A 10 4.05 14.16 -10.24
CA LEU A 10 3.32 12.92 -10.60
C LEU A 10 1.82 13.24 -10.80
N PHE A 11 1.23 13.97 -9.89
CA PHE A 11 -0.22 14.31 -10.01
C PHE A 11 -0.38 15.56 -10.86
N ASP A 12 0.64 16.37 -10.93
CA ASP A 12 0.53 17.64 -11.74
C ASP A 12 1.06 17.42 -13.17
N HIS A 13 1.66 16.28 -13.44
CA HIS A 13 2.19 16.04 -14.82
C HIS A 13 1.95 14.59 -15.25
N ALA A 14 1.12 13.86 -14.56
CA ALA A 14 0.87 12.44 -14.97
C ALA A 14 -0.30 11.82 -14.19
N PRO A 15 -1.49 12.34 -14.41
CA PRO A 15 -2.69 11.79 -13.74
C PRO A 15 -3.00 10.42 -14.33
N ASP A 16 -2.41 10.08 -15.44
CA ASP A 16 -2.68 8.76 -16.09
C ASP A 16 -1.77 7.68 -15.52
N LYS A 17 -0.50 7.95 -15.42
CA LYS A 17 0.43 6.93 -14.87
C LYS A 17 0.02 6.56 -13.45
N LEU A 18 -0.34 7.53 -12.66
CA LEU A 18 -0.76 7.24 -11.27
C LEU A 18 -1.89 6.20 -11.28
N ASN A 19 -2.73 6.25 -12.27
CA ASN A 19 -3.85 5.26 -12.35
C ASN A 19 -3.25 3.87 -12.58
N VAL A 20 -2.40 3.75 -13.56
CA VAL A 20 -1.79 2.42 -13.84
C VAL A 20 -0.84 2.04 -12.69
N VAL A 21 -0.21 3.00 -12.07
CA VAL A 21 0.72 2.66 -10.95
C VAL A 21 -0.07 2.01 -9.81
N LYS A 22 -1.26 2.48 -9.52
CA LYS A 22 -2.05 1.84 -8.44
C LYS A 22 -2.34 0.41 -8.90
N LYS A 23 -2.79 0.25 -10.10
CA LYS A 23 -3.10 -1.12 -10.62
C LYS A 23 -1.88 -2.04 -10.47
N THR A 24 -0.69 -1.49 -10.47
CA THR A 24 0.52 -2.36 -10.33
C THR A 24 0.74 -2.66 -8.86
N LEU A 25 0.46 -1.71 -8.02
CA LEU A 25 0.59 -1.95 -6.57
C LEU A 25 -0.39 -3.06 -6.22
N ILE A 26 -1.51 -3.09 -6.90
CA ILE A 26 -2.49 -4.18 -6.66
C ILE A 26 -1.78 -5.49 -6.99
N THR A 27 -1.27 -5.62 -8.18
CA THR A 27 -0.57 -6.87 -8.56
C THR A 27 0.37 -7.37 -7.43
N PHE A 28 1.08 -6.50 -6.78
CA PHE A 28 2.00 -6.96 -5.69
C PHE A 28 1.20 -7.65 -4.58
N VAL A 29 0.19 -7.00 -4.06
CA VAL A 29 -0.61 -7.65 -2.98
C VAL A 29 -1.33 -8.88 -3.57
N ASN A 30 -1.87 -8.74 -4.75
CA ASN A 30 -2.59 -9.87 -5.43
C ASN A 30 -1.62 -11.04 -5.56
N LYS A 31 -0.36 -10.78 -5.46
CA LYS A 31 0.63 -11.85 -5.60
C LYS A 31 0.68 -12.64 -4.31
N HIS A 32 0.91 -11.98 -3.22
CA HIS A 32 0.96 -12.68 -1.96
C HIS A 32 -0.45 -13.20 -1.68
N LEU A 33 -1.43 -12.58 -2.26
CA LEU A 33 -2.83 -13.05 -2.05
C LEU A 33 -3.08 -14.16 -3.08
N ASN A 34 -2.69 -13.94 -4.31
CA ASN A 34 -2.90 -14.99 -5.34
C ASN A 34 -2.41 -16.34 -4.78
N LYS A 35 -1.48 -16.36 -3.86
CA LYS A 35 -1.05 -17.69 -3.34
C LYS A 35 -2.28 -18.35 -2.73
N LEU A 36 -2.95 -17.68 -1.83
CA LEU A 36 -4.18 -18.26 -1.26
C LEU A 36 -5.27 -18.18 -2.34
N ASN A 37 -4.85 -17.81 -3.51
CA ASN A 37 -5.76 -17.67 -4.68
C ASN A 37 -6.94 -16.77 -4.35
N LEU A 38 -6.68 -15.49 -4.31
CA LEU A 38 -7.76 -14.48 -4.04
C LEU A 38 -7.65 -13.37 -5.09
N GLU A 39 -8.16 -12.20 -4.81
CA GLU A 39 -8.07 -11.11 -5.83
C GLU A 39 -8.47 -9.76 -5.23
N VAL A 40 -7.55 -8.83 -5.22
CA VAL A 40 -7.85 -7.45 -4.69
C VAL A 40 -8.03 -6.51 -5.89
N THR A 41 -8.71 -5.41 -5.71
CA THR A 41 -8.92 -4.46 -6.87
C THR A 41 -8.82 -3.01 -6.42
N GLU A 42 -9.01 -2.73 -5.15
CA GLU A 42 -8.96 -1.30 -4.68
C GLU A 42 -7.80 -1.12 -3.70
N LEU A 43 -6.61 -0.94 -4.19
CA LEU A 43 -5.47 -0.73 -3.26
C LEU A 43 -5.82 0.44 -2.34
N GLU A 44 -6.33 1.51 -2.89
CA GLU A 44 -6.67 2.69 -2.06
C GLU A 44 -7.52 2.29 -0.82
N THR A 45 -8.68 1.77 -1.04
CA THR A 45 -9.58 1.40 0.09
C THR A 45 -9.11 0.11 0.76
N GLN A 46 -8.05 -0.48 0.30
CA GLN A 46 -7.59 -1.72 0.95
C GLN A 46 -6.91 -1.35 2.25
N PHE A 47 -6.52 -0.11 2.38
CA PHE A 47 -5.89 0.34 3.64
C PHE A 47 -7.01 0.89 4.50
N ALA A 48 -8.11 1.17 3.87
CA ALA A 48 -9.28 1.69 4.62
C ALA A 48 -9.79 0.57 5.54
N ASP A 49 -8.91 -0.32 5.89
CA ASP A 49 -9.28 -1.46 6.76
C ASP A 49 -8.02 -2.24 7.15
N GLY A 50 -6.91 -1.95 6.51
CA GLY A 50 -5.65 -2.70 6.84
C GLY A 50 -5.93 -4.22 6.89
N VAL A 51 -7.08 -4.65 6.45
CA VAL A 51 -7.41 -6.12 6.48
C VAL A 51 -6.57 -6.86 5.44
N TYR A 52 -6.75 -6.54 4.20
CA TYR A 52 -6.00 -7.23 3.13
C TYR A 52 -4.51 -7.10 3.44
N LEU A 53 -4.19 -6.22 4.34
CA LEU A 53 -2.75 -6.04 4.71
C LEU A 53 -2.30 -7.22 5.58
N VAL A 54 -2.88 -7.40 6.74
CA VAL A 54 -2.44 -8.54 7.58
C VAL A 54 -2.50 -9.83 6.76
N LEU A 55 -3.37 -9.89 5.78
CA LEU A 55 -3.44 -11.12 4.93
C LEU A 55 -2.07 -11.29 4.26
N LEU A 56 -1.65 -10.30 3.48
CA LEU A 56 -0.32 -10.35 2.79
C LEU A 56 0.72 -10.93 3.76
N MET A 57 0.80 -10.37 4.92
CA MET A 57 1.78 -10.86 5.92
C MET A 57 1.60 -12.37 6.12
N GLY A 58 0.39 -12.85 6.00
CA GLY A 58 0.14 -14.31 6.20
C GLY A 58 0.57 -15.12 4.98
N LEU A 59 0.06 -14.82 3.82
CA LEU A 59 0.45 -15.63 2.63
C LEU A 59 1.98 -15.64 2.54
N LEU A 60 2.60 -14.72 3.20
CA LEU A 60 4.09 -14.70 3.21
C LEU A 60 4.53 -15.81 4.17
N GLU A 61 3.98 -15.82 5.36
CA GLU A 61 4.33 -16.87 6.33
C GLU A 61 4.05 -18.24 5.70
N GLY A 62 2.94 -18.37 5.02
CA GLY A 62 2.58 -19.66 4.36
C GLY A 62 1.45 -20.33 5.13
N TYR A 63 0.41 -19.61 5.41
CA TYR A 63 -0.73 -20.20 6.16
C TYR A 63 -1.99 -19.37 5.91
N PHE A 64 -3.13 -19.86 6.33
CA PHE A 64 -4.39 -19.10 6.12
C PHE A 64 -4.48 -17.93 7.10
N VAL A 65 -5.45 -17.06 6.93
CA VAL A 65 -5.58 -15.89 7.84
C VAL A 65 -7.08 -15.60 8.09
N PRO A 66 -7.65 -16.17 9.14
CA PRO A 66 -9.09 -15.94 9.42
C PRO A 66 -9.39 -14.45 9.56
N LEU A 67 -10.64 -14.10 9.67
CA LEU A 67 -11.00 -12.67 9.79
C LEU A 67 -10.73 -12.18 11.22
N HIS A 68 -11.08 -12.97 12.20
CA HIS A 68 -10.84 -12.55 13.61
C HIS A 68 -9.41 -12.89 14.02
N SER A 69 -8.56 -13.20 13.07
CA SER A 69 -7.16 -13.53 13.42
C SER A 69 -6.41 -12.26 13.76
N PHE A 70 -6.77 -11.20 13.10
CA PHE A 70 -6.09 -9.89 13.32
C PHE A 70 -6.95 -9.03 14.28
N PHE A 71 -6.98 -7.74 14.08
CA PHE A 71 -7.80 -6.89 14.98
C PHE A 71 -9.28 -7.18 14.70
N LEU A 72 -10.17 -6.38 15.23
CA LEU A 72 -11.62 -6.63 14.98
C LEU A 72 -11.99 -6.04 13.62
N THR A 73 -13.22 -6.16 13.21
CA THR A 73 -13.63 -5.59 11.90
C THR A 73 -13.65 -4.06 12.00
N PRO A 74 -13.08 -3.34 11.05
CA PRO A 74 -13.07 -1.86 11.12
C PRO A 74 -14.46 -1.34 11.49
N ASP A 75 -14.53 -0.44 12.44
CA ASP A 75 -15.86 0.12 12.86
C ASP A 75 -15.95 1.60 12.48
N SER A 76 -14.91 2.34 12.78
CA SER A 76 -14.88 3.80 12.49
C SER A 76 -13.56 4.19 11.84
N PHE A 77 -13.28 5.45 11.79
CA PHE A 77 -12.02 5.91 11.19
C PHE A 77 -10.86 5.57 12.08
N GLU A 78 -10.90 6.03 13.28
CA GLU A 78 -9.80 5.74 14.23
C GLU A 78 -9.41 4.26 14.18
N GLN A 79 -10.35 3.34 14.16
CA GLN A 79 -9.93 1.91 14.12
C GLN A 79 -9.16 1.66 12.83
N LYS A 80 -9.58 2.26 11.77
CA LYS A 80 -8.84 2.08 10.47
C LYS A 80 -7.45 2.68 10.61
N VAL A 81 -7.38 3.94 10.97
CA VAL A 81 -6.07 4.62 11.12
C VAL A 81 -5.15 3.76 12.00
N LEU A 82 -5.72 2.95 12.85
CA LEU A 82 -4.86 2.11 13.74
C LEU A 82 -4.45 0.84 13.02
N ASN A 83 -5.31 0.28 12.23
CA ASN A 83 -4.91 -0.95 11.50
C ASN A 83 -3.73 -0.59 10.59
N VAL A 84 -3.70 0.63 10.11
CA VAL A 84 -2.57 1.05 9.23
C VAL A 84 -1.41 1.54 10.07
N SER A 85 -1.69 2.17 11.17
CA SER A 85 -0.58 2.65 12.03
C SER A 85 0.20 1.43 12.48
N PHE A 86 -0.48 0.33 12.54
CA PHE A 86 0.15 -0.94 12.98
C PHE A 86 1.05 -1.50 11.86
N ALA A 87 0.49 -1.74 10.72
CA ALA A 87 1.33 -2.27 9.61
C ALA A 87 2.48 -1.27 9.39
N PHE A 88 2.20 -0.03 9.67
CA PHE A 88 3.21 1.03 9.54
C PHE A 88 4.19 0.88 10.67
N GLU A 89 3.78 0.23 11.73
CA GLU A 89 4.70 0.08 12.88
C GLU A 89 5.68 -1.06 12.60
N LEU A 90 5.19 -2.16 12.12
CA LEU A 90 6.11 -3.28 11.79
C LEU A 90 6.91 -2.89 10.55
N MET A 91 6.46 -1.90 9.83
CA MET A 91 7.20 -1.47 8.62
C MET A 91 8.27 -0.48 9.05
N GLN A 92 7.90 0.48 9.85
CA GLN A 92 8.89 1.48 10.34
C GLN A 92 10.04 0.70 10.95
N ASP A 93 9.76 -0.47 11.46
CA ASP A 93 10.85 -1.29 12.06
C ASP A 93 11.53 -2.05 10.93
N GLY A 94 10.76 -2.77 10.17
CA GLY A 94 11.34 -3.53 9.03
C GLY A 94 12.05 -2.56 8.08
N GLY A 95 12.01 -1.28 8.38
CA GLY A 95 12.70 -0.27 7.50
C GLY A 95 11.72 0.85 7.10
N LEU A 96 11.21 0.79 5.89
CA LEU A 96 10.25 1.84 5.41
C LEU A 96 10.95 3.19 5.27
N GLU A 97 11.97 3.42 6.05
CA GLU A 97 12.70 4.72 5.96
C GLU A 97 11.73 5.89 6.20
N LYS A 98 12.28 7.03 6.52
CA LYS A 98 11.45 8.26 6.78
C LYS A 98 10.21 8.30 5.85
N PRO A 99 9.04 7.92 6.35
CA PRO A 99 7.82 7.96 5.52
C PRO A 99 7.42 9.41 5.24
N LYS A 100 6.56 9.63 4.28
CA LYS A 100 6.14 11.03 3.93
C LYS A 100 4.66 11.27 4.35
N PRO A 101 3.74 10.41 3.95
CA PRO A 101 2.32 10.59 4.31
C PRO A 101 2.09 10.01 5.72
N ARG A 102 0.86 9.91 6.17
CA ARG A 102 0.58 9.37 7.55
C ARG A 102 -0.51 8.28 7.47
N PRO A 103 -0.48 7.31 8.38
CA PRO A 103 -1.48 6.22 8.42
C PRO A 103 -2.88 6.73 8.07
N GLU A 104 -3.14 7.99 8.30
CA GLU A 104 -4.47 8.54 7.96
C GLU A 104 -4.51 8.71 6.44
N ASP A 105 -3.60 9.49 5.93
CA ASP A 105 -3.52 9.75 4.47
C ASP A 105 -3.71 8.45 3.70
N ILE A 106 -3.43 7.34 4.32
CA ILE A 106 -3.61 6.02 3.61
C ILE A 106 -5.08 5.63 3.74
N VAL A 107 -5.51 5.28 4.93
CA VAL A 107 -6.95 4.92 5.16
C VAL A 107 -7.83 5.94 4.43
N ASN A 108 -7.32 7.13 4.26
CA ASN A 108 -8.10 8.21 3.61
C ASN A 108 -8.54 7.80 2.19
N CYS A 109 -8.42 6.54 1.86
CA CYS A 109 -8.85 6.08 0.51
C CYS A 109 -8.28 7.01 -0.57
N ASP A 110 -7.38 7.89 -0.20
CA ASP A 110 -6.79 8.80 -1.21
C ASP A 110 -5.71 8.03 -1.96
N LEU A 111 -5.32 8.51 -3.08
CA LEU A 111 -4.27 7.83 -3.87
C LEU A 111 -2.94 8.50 -3.57
N LYS A 112 -2.89 9.78 -3.72
CA LYS A 112 -1.64 10.57 -3.49
C LYS A 112 -0.70 9.94 -2.45
N SER A 113 -1.03 10.10 -1.22
CA SER A 113 -0.17 9.59 -0.14
C SER A 113 0.00 8.06 -0.24
N THR A 114 -1.08 7.36 -0.20
CA THR A 114 -1.07 5.89 -0.27
C THR A 114 -0.09 5.43 -1.37
N LEU A 115 -0.04 6.13 -2.45
CA LEU A 115 0.88 5.75 -3.55
C LEU A 115 2.31 5.87 -3.03
N ARG A 116 2.61 6.94 -2.34
CA ARG A 116 4.00 7.10 -1.82
C ARG A 116 4.42 5.86 -1.00
N VAL A 117 3.65 5.48 -0.03
CA VAL A 117 4.03 4.32 0.83
C VAL A 117 3.98 3.01 0.05
N LEU A 118 2.96 2.78 -0.73
CA LEU A 118 2.89 1.50 -1.47
C LEU A 118 4.16 1.38 -2.31
N TYR A 119 4.61 2.47 -2.88
CA TYR A 119 5.87 2.40 -3.66
C TYR A 119 6.92 1.80 -2.74
N ASN A 120 7.06 2.40 -1.60
CA ASN A 120 8.01 1.91 -0.58
C ASN A 120 7.90 0.38 -0.43
N LEU A 121 6.70 -0.15 -0.50
CA LEU A 121 6.54 -1.62 -0.36
C LEU A 121 7.03 -2.32 -1.61
N PHE A 122 6.46 -2.01 -2.75
CA PHE A 122 6.89 -2.65 -4.02
C PHE A 122 8.39 -2.76 -4.04
N THR A 123 8.99 -1.86 -3.37
CA THR A 123 10.47 -1.87 -3.30
C THR A 123 10.93 -3.01 -2.39
N LYS A 124 10.36 -3.07 -1.22
CA LYS A 124 10.76 -4.11 -0.24
C LYS A 124 10.33 -5.52 -0.64
N TYR A 125 9.29 -5.68 -1.44
CA TYR A 125 8.83 -7.06 -1.79
C TYR A 125 9.21 -7.42 -3.23
N ARG A 126 9.51 -6.43 -4.02
CA ARG A 126 9.90 -6.66 -5.43
C ARG A 126 10.85 -7.86 -5.54
N ASN A 127 11.62 -8.11 -4.52
CA ASN A 127 12.59 -9.23 -4.56
C ASN A 127 11.91 -10.49 -4.04
N VAL A 128 10.88 -10.29 -3.29
CA VAL A 128 10.13 -11.42 -2.72
C VAL A 128 9.04 -11.86 -3.70
N GLU A 129 8.87 -13.13 -3.79
CA GLU A 129 7.87 -13.70 -4.71
C GLU A 129 6.46 -13.34 -4.25
N ASP B 1 12.34 9.84 -11.56
CA ASP B 1 11.71 10.57 -12.70
C ASP B 1 10.43 9.86 -13.12
N LEU B 2 9.64 10.47 -13.95
CA LEU B 2 8.37 9.82 -14.39
C LEU B 2 8.71 8.71 -15.38
N ASP B 3 9.59 8.97 -16.30
CA ASP B 3 9.97 7.93 -17.28
C ASP B 3 10.58 6.74 -16.53
N ALA B 4 11.09 6.98 -15.36
CA ALA B 4 11.69 5.88 -14.57
C ALA B 4 10.58 5.03 -13.95
N LEU B 5 9.57 5.66 -13.40
CA LEU B 5 8.46 4.90 -12.79
C LEU B 5 7.83 3.99 -13.86
N LEU B 6 7.79 4.43 -15.08
CA LEU B 6 7.19 3.59 -16.15
C LEU B 6 8.19 2.52 -16.61
N ALA B 7 9.43 2.88 -16.74
CA ALA B 7 10.45 1.89 -17.19
C ALA B 7 10.66 0.84 -16.10
N ASP B 8 10.13 1.06 -14.92
CA ASP B 8 10.31 0.08 -13.81
C ASP B 8 9.00 -0.69 -13.55
N LEU B 9 7.87 -0.04 -13.72
CA LEU B 9 6.57 -0.74 -13.47
C LEU B 9 6.02 -1.35 -14.77
N GLU B 10 6.72 -1.21 -15.87
CA GLU B 10 6.23 -1.78 -17.15
C GLU B 10 5.74 -3.22 -16.93
N ARG A 1 9.44 19.75 5.88
CA ARG A 1 10.34 20.16 4.77
C ARG A 1 9.70 19.77 3.44
N HIS A 2 9.08 20.71 2.77
CA HIS A 2 8.43 20.40 1.46
C HIS A 2 9.43 19.66 0.57
N GLU A 3 9.44 18.36 0.63
CA GLU A 3 10.39 17.56 -0.22
C GLU A 3 9.73 17.24 -1.56
N ARG A 4 10.34 17.65 -2.64
CA ARG A 4 9.76 17.37 -3.99
C ARG A 4 10.28 16.01 -4.48
N ASP A 5 9.38 15.11 -4.82
CA ASP A 5 9.79 13.75 -5.30
C ASP A 5 9.09 13.44 -6.62
N ALA A 6 8.58 12.24 -6.74
CA ALA A 6 7.87 11.84 -7.99
C ALA A 6 6.42 12.35 -7.95
N PHE A 7 5.69 11.97 -6.94
CA PHE A 7 4.27 12.42 -6.82
C PHE A 7 4.17 13.91 -7.16
N ASP A 8 5.18 14.65 -6.87
CA ASP A 8 5.15 16.10 -7.19
C ASP A 8 4.88 16.29 -8.69
N THR A 9 5.81 15.90 -9.51
CA THR A 9 5.66 16.07 -10.99
C THR A 9 4.73 15.01 -11.58
N LEU A 10 4.57 13.91 -10.93
CA LEU A 10 3.68 12.86 -11.50
C LEU A 10 2.22 13.33 -11.42
N PHE A 11 1.85 13.99 -10.35
CA PHE A 11 0.44 14.47 -10.22
C PHE A 11 0.33 15.81 -10.94
N ASP A 12 1.40 16.54 -10.98
CA ASP A 12 1.38 17.87 -11.66
C ASP A 12 1.70 17.72 -13.15
N HIS A 13 2.21 16.58 -13.56
CA HIS A 13 2.55 16.40 -15.02
C HIS A 13 2.19 14.98 -15.51
N ALA A 14 1.42 14.23 -14.77
CA ALA A 14 1.06 12.86 -15.26
C ALA A 14 -0.02 12.22 -14.38
N PRO A 15 -1.22 12.77 -14.41
CA PRO A 15 -2.34 12.23 -13.63
C PRO A 15 -2.77 10.88 -14.23
N ASP A 16 -2.33 10.60 -15.43
CA ASP A 16 -2.71 9.31 -16.10
C ASP A 16 -1.77 8.18 -15.70
N LYS A 17 -0.49 8.44 -15.73
CA LYS A 17 0.49 7.38 -15.35
C LYS A 17 0.23 6.96 -13.91
N LEU A 18 -0.05 7.91 -13.06
CA LEU A 18 -0.32 7.58 -11.64
C LEU A 18 -1.43 6.52 -11.58
N ASN A 19 -2.41 6.64 -12.44
CA ASN A 19 -3.51 5.65 -12.43
C ASN A 19 -2.93 4.27 -12.72
N VAL A 20 -2.18 4.15 -13.79
CA VAL A 20 -1.57 2.82 -14.11
C VAL A 20 -0.64 2.40 -12.96
N VAL A 21 0.03 3.35 -12.36
CA VAL A 21 0.95 2.98 -11.24
C VAL A 21 0.15 2.39 -10.08
N LYS A 22 -1.07 2.84 -9.88
CA LYS A 22 -1.88 2.25 -8.78
C LYS A 22 -2.09 0.80 -9.18
N LYS A 23 -2.38 0.56 -10.42
CA LYS A 23 -2.60 -0.84 -10.89
C LYS A 23 -1.33 -1.69 -10.68
N THR A 24 -0.18 -1.08 -10.62
CA THR A 24 1.06 -1.87 -10.40
C THR A 24 1.11 -2.23 -8.93
N LEU A 25 0.57 -1.37 -8.13
CA LEU A 25 0.52 -1.66 -6.69
C LEU A 25 -0.53 -2.74 -6.48
N ILE A 26 -1.53 -2.75 -7.34
CA ILE A 26 -2.57 -3.79 -7.24
C ILE A 26 -1.89 -5.12 -7.50
N THR A 27 -0.91 -5.13 -8.36
CA THR A 27 -0.19 -6.41 -8.64
C THR A 27 0.57 -6.85 -7.38
N PHE A 28 1.21 -5.93 -6.69
CA PHE A 28 1.96 -6.28 -5.44
C PHE A 28 1.03 -7.06 -4.50
N VAL A 29 -0.13 -6.52 -4.23
CA VAL A 29 -1.07 -7.23 -3.33
C VAL A 29 -1.55 -8.51 -4.02
N ASN A 30 -1.75 -8.46 -5.31
CA ASN A 30 -2.21 -9.67 -6.04
C ASN A 30 -1.18 -10.77 -5.84
N LYS A 31 -0.02 -10.44 -5.42
CA LYS A 31 1.02 -11.48 -5.19
C LYS A 31 0.75 -12.11 -3.85
N HIS A 32 0.76 -11.33 -2.81
CA HIS A 32 0.46 -11.90 -1.49
C HIS A 32 -0.92 -12.58 -1.57
N LEU A 33 -1.72 -12.13 -2.48
CA LEU A 33 -3.07 -12.72 -2.63
C LEU A 33 -2.97 -13.91 -3.57
N ASN A 34 -2.35 -13.73 -4.70
CA ASN A 34 -2.24 -14.85 -5.67
C ASN A 34 -1.89 -16.17 -4.96
N LYS A 35 -1.22 -16.18 -3.80
CA LYS A 35 -0.97 -17.55 -3.22
C LYS A 35 -2.28 -18.09 -2.66
N LEU A 36 -2.94 -17.37 -1.80
CA LEU A 36 -4.25 -17.85 -1.29
C LEU A 36 -5.24 -17.75 -2.45
N ASN A 37 -4.72 -17.40 -3.59
CA ASN A 37 -5.50 -17.26 -4.85
C ASN A 37 -6.73 -16.37 -4.67
N LEU A 38 -6.50 -15.11 -4.47
CA LEU A 38 -7.61 -14.11 -4.34
C LEU A 38 -7.43 -13.08 -5.48
N GLU A 39 -7.88 -11.88 -5.30
CA GLU A 39 -7.72 -10.87 -6.39
C GLU A 39 -8.05 -9.46 -5.87
N VAL A 40 -7.09 -8.56 -5.90
CA VAL A 40 -7.36 -7.16 -5.43
C VAL A 40 -7.76 -6.31 -6.65
N THR A 41 -8.44 -5.21 -6.41
CA THR A 41 -8.87 -4.34 -7.55
C THR A 41 -8.73 -2.86 -7.18
N GLU A 42 -8.82 -2.54 -5.91
CA GLU A 42 -8.71 -1.10 -5.49
C GLU A 42 -7.67 -0.96 -4.40
N LEU A 43 -6.43 -0.78 -4.77
CA LEU A 43 -5.37 -0.62 -3.76
C LEU A 43 -5.76 0.53 -2.84
N GLU A 44 -6.23 1.60 -3.40
CA GLU A 44 -6.63 2.77 -2.57
C GLU A 44 -7.51 2.33 -1.38
N THR A 45 -8.64 1.77 -1.66
CA THR A 45 -9.57 1.36 -0.58
C THR A 45 -9.11 0.07 0.10
N GLN A 46 -8.02 -0.50 -0.32
CA GLN A 46 -7.58 -1.75 0.34
C GLN A 46 -7.02 -1.38 1.70
N PHE A 47 -6.69 -0.13 1.88
CA PHE A 47 -6.17 0.32 3.19
C PHE A 47 -7.35 0.91 3.93
N ALA A 48 -8.38 1.18 3.19
CA ALA A 48 -9.62 1.71 3.82
C ALA A 48 -10.25 0.58 4.59
N ASP A 49 -9.42 -0.31 5.08
CA ASP A 49 -9.92 -1.47 5.84
C ASP A 49 -8.74 -2.19 6.50
N GLY A 50 -7.53 -1.85 6.11
CA GLY A 50 -6.33 -2.52 6.71
C GLY A 50 -6.53 -4.04 6.82
N VAL A 51 -7.53 -4.59 6.21
CA VAL A 51 -7.73 -6.06 6.29
C VAL A 51 -6.75 -6.73 5.34
N TYR A 52 -6.87 -6.43 4.07
CA TYR A 52 -5.94 -7.02 3.08
C TYR A 52 -4.52 -6.79 3.58
N LEU A 53 -4.36 -5.89 4.51
CA LEU A 53 -3.00 -5.64 5.06
C LEU A 53 -2.63 -6.81 5.96
N VAL A 54 -3.42 -7.09 6.97
CA VAL A 54 -3.09 -8.25 7.84
C VAL A 54 -2.88 -9.49 6.95
N LEU A 55 -3.66 -9.62 5.91
CA LEU A 55 -3.51 -10.79 5.00
C LEU A 55 -2.13 -10.74 4.34
N LEU A 56 -1.68 -9.59 3.91
CA LEU A 56 -0.33 -9.51 3.27
C LEU A 56 0.66 -10.17 4.21
N MET A 57 0.75 -9.69 5.42
CA MET A 57 1.71 -10.26 6.39
C MET A 57 1.67 -11.80 6.37
N GLY A 58 0.49 -12.38 6.41
CA GLY A 58 0.42 -13.88 6.44
C GLY A 58 0.75 -14.53 5.10
N LEU A 59 0.08 -14.16 4.06
CA LEU A 59 0.35 -14.80 2.74
C LEU A 59 1.81 -14.60 2.38
N LEU A 60 2.46 -13.69 3.03
CA LEU A 60 3.91 -13.47 2.76
C LEU A 60 4.69 -14.57 3.49
N GLU A 61 4.44 -14.73 4.76
CA GLU A 61 5.15 -15.80 5.52
C GLU A 61 4.62 -17.17 5.08
N GLY A 62 3.41 -17.22 4.58
CA GLY A 62 2.84 -18.53 4.13
C GLY A 62 2.47 -19.38 5.35
N TYR A 63 1.45 -18.98 6.06
CA TYR A 63 1.03 -19.76 7.26
C TYR A 63 -0.31 -19.19 7.77
N PHE A 64 -0.79 -19.72 8.87
CA PHE A 64 -2.08 -19.20 9.42
C PHE A 64 -2.04 -17.68 9.48
N VAL A 65 -2.86 -17.03 8.72
CA VAL A 65 -2.87 -15.54 8.72
C VAL A 65 -3.27 -15.02 10.12
N PRO A 66 -2.40 -14.31 10.82
CA PRO A 66 -2.75 -13.78 12.15
C PRO A 66 -4.02 -12.93 12.04
N LEU A 67 -5.13 -13.44 12.50
CA LEU A 67 -6.42 -12.69 12.40
C LEU A 67 -6.63 -11.77 13.60
N HIS A 68 -6.56 -12.29 14.79
CA HIS A 68 -6.78 -11.45 16.01
C HIS A 68 -5.60 -10.51 16.21
N SER A 69 -5.01 -10.04 15.16
CA SER A 69 -3.85 -9.11 15.29
C SER A 69 -4.36 -7.68 15.18
N PHE A 70 -5.39 -7.51 14.42
CA PHE A 70 -5.97 -6.15 14.21
C PHE A 70 -7.22 -5.95 15.06
N PHE A 71 -8.34 -5.69 14.41
CA PHE A 71 -9.61 -5.47 15.17
C PHE A 71 -10.78 -6.16 14.45
N LEU A 72 -10.84 -7.46 14.53
CA LEU A 72 -11.96 -8.21 13.86
C LEU A 72 -12.18 -7.65 12.45
N THR A 73 -13.10 -6.71 12.32
CA THR A 73 -13.38 -6.11 10.98
C THR A 73 -13.58 -4.59 11.15
N PRO A 74 -13.15 -3.78 10.18
CA PRO A 74 -13.32 -2.32 10.27
C PRO A 74 -14.78 -1.95 10.56
N ASP A 75 -15.01 -1.02 11.47
CA ASP A 75 -16.41 -0.61 11.81
C ASP A 75 -16.64 0.84 11.34
N SER A 76 -15.69 1.69 11.60
CA SER A 76 -15.82 3.14 11.24
C SER A 76 -14.48 3.67 10.71
N PHE A 77 -14.36 4.95 10.62
CA PHE A 77 -13.09 5.54 10.11
C PHE A 77 -12.01 5.35 11.14
N GLU A 78 -12.22 5.84 12.30
CA GLU A 78 -11.19 5.72 13.37
C GLU A 78 -10.62 4.29 13.41
N GLN A 79 -11.45 3.28 13.32
CA GLN A 79 -10.87 1.91 13.37
C GLN A 79 -10.02 1.69 12.14
N LYS A 80 -10.39 2.28 11.04
CA LYS A 80 -9.57 2.12 9.80
C LYS A 80 -8.23 2.83 10.00
N VAL A 81 -8.28 4.09 10.36
CA VAL A 81 -7.02 4.86 10.58
C VAL A 81 -6.10 4.10 11.52
N LEU A 82 -6.66 3.33 12.40
CA LEU A 82 -5.83 2.56 13.37
C LEU A 82 -5.36 1.27 12.72
N ASN A 83 -6.17 0.68 11.92
CA ASN A 83 -5.77 -0.57 11.26
C ASN A 83 -4.55 -0.26 10.38
N VAL A 84 -4.50 0.93 9.85
CA VAL A 84 -3.33 1.31 8.98
C VAL A 84 -2.20 1.86 9.84
N SER A 85 -2.51 2.59 10.86
CA SER A 85 -1.42 3.12 11.71
C SER A 85 -0.68 1.93 12.32
N PHE A 86 -1.38 0.84 12.44
CA PHE A 86 -0.80 -0.38 13.03
C PHE A 86 0.13 -1.04 12.01
N ALA A 87 -0.37 -1.37 10.87
CA ALA A 87 0.50 -1.99 9.85
C ALA A 87 1.69 -1.06 9.62
N PHE A 88 1.45 0.21 9.77
CA PHE A 88 2.52 1.21 9.59
C PHE A 88 3.42 1.14 10.80
N GLU A 89 2.92 0.62 11.88
CA GLU A 89 3.76 0.54 13.10
C GLU A 89 4.71 -0.66 12.97
N LEU A 90 4.20 -1.79 12.54
CA LEU A 90 5.09 -2.96 12.36
C LEU A 90 5.98 -2.69 11.16
N MET A 91 5.62 -1.74 10.33
CA MET A 91 6.49 -1.43 9.14
C MET A 91 7.58 -0.47 9.60
N GLN A 92 7.21 0.58 10.27
CA GLN A 92 8.23 1.53 10.78
C GLN A 92 9.29 0.73 11.52
N ASP A 93 8.90 -0.38 12.09
CA ASP A 93 9.87 -1.24 12.80
C ASP A 93 10.57 -2.11 11.76
N GLY A 94 9.81 -2.83 10.99
CA GLY A 94 10.40 -3.69 9.93
C GLY A 94 11.18 -2.81 8.95
N GLY A 95 11.20 -1.52 9.18
CA GLY A 95 11.96 -0.60 8.25
C GLY A 95 11.06 0.58 7.82
N LEU A 96 10.84 0.71 6.53
CA LEU A 96 10.00 1.83 6.01
C LEU A 96 10.63 3.17 6.41
N GLU A 97 10.46 3.54 7.64
CA GLU A 97 11.03 4.82 8.13
C GLU A 97 10.72 5.96 7.15
N LYS A 98 11.24 7.14 7.44
CA LYS A 98 11.00 8.32 6.56
C LYS A 98 9.56 8.37 6.05
N PRO A 99 8.63 8.60 6.95
CA PRO A 99 7.19 8.70 6.59
C PRO A 99 6.94 9.99 5.79
N LYS A 100 5.83 10.08 5.12
CA LYS A 100 5.50 11.30 4.34
C LYS A 100 3.98 11.62 4.44
N PRO A 101 3.11 10.66 4.17
CA PRO A 101 1.65 10.89 4.27
C PRO A 101 1.21 10.48 5.68
N ARG A 102 -0.04 10.18 5.91
CA ARG A 102 -0.50 9.77 7.28
C ARG A 102 -1.49 8.60 7.18
N PRO A 103 -1.49 7.70 8.16
CA PRO A 103 -2.40 6.53 8.17
C PRO A 103 -3.79 6.94 7.66
N GLU A 104 -4.16 8.16 7.89
CA GLU A 104 -5.48 8.63 7.40
C GLU A 104 -5.37 8.80 5.90
N ASP A 105 -4.44 9.59 5.48
CA ASP A 105 -4.21 9.85 4.03
C ASP A 105 -4.29 8.53 3.27
N ILE A 106 -4.05 7.44 3.92
CA ILE A 106 -4.13 6.11 3.22
C ILE A 106 -5.60 5.69 3.23
N VAL A 107 -6.11 5.37 4.39
CA VAL A 107 -7.55 4.98 4.51
C VAL A 107 -8.39 5.97 3.71
N ASN A 108 -7.91 7.17 3.59
CA ASN A 108 -8.65 8.23 2.84
C ASN A 108 -8.90 7.79 1.39
N CYS A 109 -8.54 6.59 1.06
CA CYS A 109 -8.75 6.11 -0.34
C CYS A 109 -8.11 7.07 -1.33
N ASP A 110 -7.45 8.10 -0.87
CA ASP A 110 -6.82 9.04 -1.81
C ASP A 110 -5.74 8.30 -2.59
N LEU A 111 -5.24 8.92 -3.61
CA LEU A 111 -4.19 8.28 -4.43
C LEU A 111 -2.82 8.81 -3.99
N LYS A 112 -2.63 10.08 -4.14
CA LYS A 112 -1.34 10.74 -3.80
C LYS A 112 -0.59 10.07 -2.64
N SER A 113 -1.05 10.28 -1.46
CA SER A 113 -0.37 9.71 -0.27
C SER A 113 -0.28 8.19 -0.36
N THR A 114 -1.40 7.55 -0.46
CA THR A 114 -1.44 6.06 -0.53
C THR A 114 -0.32 5.54 -1.45
N LEU A 115 -0.11 6.20 -2.53
CA LEU A 115 0.94 5.78 -3.49
C LEU A 115 2.32 5.98 -2.88
N ARG A 116 2.53 7.05 -2.18
CA ARG A 116 3.87 7.26 -1.57
C ARG A 116 4.22 6.02 -0.72
N VAL A 117 3.32 5.62 0.14
CA VAL A 117 3.56 4.45 1.03
C VAL A 117 3.69 3.16 0.23
N LEU A 118 2.76 2.87 -0.62
CA LEU A 118 2.84 1.60 -1.39
C LEU A 118 4.17 1.55 -2.13
N TYR A 119 4.57 2.63 -2.73
CA TYR A 119 5.86 2.64 -3.46
C TYR A 119 6.93 2.18 -2.48
N ASN A 120 6.99 2.83 -1.36
CA ASN A 120 7.99 2.46 -0.32
C ASN A 120 8.04 0.93 -0.17
N LEU A 121 6.91 0.27 -0.21
CA LEU A 121 6.90 -1.20 -0.07
C LEU A 121 7.42 -1.84 -1.36
N PHE A 122 6.72 -1.69 -2.46
CA PHE A 122 7.18 -2.33 -3.72
C PHE A 122 8.67 -2.18 -3.86
N THR A 123 9.18 -1.17 -3.31
CA THR A 123 10.64 -0.95 -3.40
C THR A 123 11.37 -2.02 -2.59
N LYS A 124 11.03 -2.13 -1.35
CA LYS A 124 11.75 -3.10 -0.46
C LYS A 124 11.28 -4.55 -0.62
N TYR A 125 10.11 -4.81 -1.17
CA TYR A 125 9.63 -6.23 -1.28
C TYR A 125 9.69 -6.69 -2.75
N ARG A 126 9.90 -5.78 -3.65
CA ARG A 126 9.98 -6.15 -5.09
C ARG A 126 10.81 -7.42 -5.28
N ASN A 127 11.76 -7.65 -4.43
CA ASN A 127 12.62 -8.85 -4.55
C ASN A 127 11.93 -10.02 -3.86
N VAL A 128 11.04 -9.69 -2.99
CA VAL A 128 10.27 -10.70 -2.23
C VAL A 128 8.87 -10.80 -2.83
N GLU A 129 8.29 -11.95 -2.72
CA GLU A 129 6.95 -12.17 -3.29
C GLU A 129 5.89 -11.54 -2.39
N ASP B 1 12.66 8.56 -14.59
CA ASP B 1 11.53 9.06 -13.75
C ASP B 1 10.20 8.65 -14.38
N LEU B 2 9.65 9.47 -15.23
CA LEU B 2 8.36 9.12 -15.88
C LEU B 2 8.52 7.84 -16.70
N ASP B 3 9.22 7.92 -17.78
CA ASP B 3 9.42 6.72 -18.64
C ASP B 3 10.05 5.59 -17.81
N ALA B 4 10.72 5.93 -16.75
CA ALA B 4 11.35 4.87 -15.90
C ALA B 4 10.26 4.01 -15.26
N LEU B 5 9.39 4.61 -14.50
CA LEU B 5 8.31 3.83 -13.84
C LEU B 5 7.48 3.11 -14.90
N LEU B 6 7.28 3.72 -16.03
CA LEU B 6 6.46 3.07 -17.10
C LEU B 6 7.17 1.80 -17.56
N ALA B 7 8.46 1.86 -17.76
CA ALA B 7 9.21 0.65 -18.21
C ALA B 7 8.97 -0.49 -17.21
N ASP B 8 9.16 -0.24 -15.95
CA ASP B 8 8.93 -1.31 -14.93
C ASP B 8 7.51 -1.83 -15.06
N LEU B 9 6.59 -0.99 -15.49
CA LEU B 9 5.18 -1.43 -15.65
C LEU B 9 5.08 -2.42 -16.82
N GLU B 10 5.05 -1.91 -18.03
CA GLU B 10 4.96 -2.81 -19.21
C GLU B 10 5.96 -3.96 -19.08
N ARG A 1 9.15 19.34 1.33
CA ARG A 1 8.28 20.55 1.25
C ARG A 1 8.10 20.96 -0.20
N HIS A 2 9.16 21.37 -0.86
CA HIS A 2 9.04 21.78 -2.28
C HIS A 2 8.79 20.55 -3.16
N GLU A 3 7.56 20.30 -3.51
CA GLU A 3 7.26 19.12 -4.36
C GLU A 3 8.19 19.12 -5.57
N ARG A 4 8.61 17.96 -6.02
CA ARG A 4 9.54 17.91 -7.18
C ARG A 4 9.85 16.44 -7.52
N ASP A 5 9.58 15.54 -6.62
CA ASP A 5 9.86 14.11 -6.88
C ASP A 5 8.87 13.56 -7.90
N ALA A 6 8.31 12.42 -7.61
CA ALA A 6 7.35 11.79 -8.57
C ALA A 6 5.96 12.43 -8.46
N PHE A 7 5.38 12.46 -7.28
CA PHE A 7 4.01 13.06 -7.13
C PHE A 7 3.94 14.38 -7.91
N ASP A 8 5.03 15.08 -8.00
CA ASP A 8 5.02 16.37 -8.73
C ASP A 8 4.62 16.17 -10.19
N THR A 9 5.48 15.56 -10.94
CA THR A 9 5.20 15.34 -12.40
C THR A 9 4.12 14.29 -12.60
N LEU A 10 3.86 13.47 -11.63
CA LEU A 10 2.81 12.43 -11.80
C LEU A 10 1.43 13.09 -11.74
N PHE A 11 1.22 13.92 -10.77
CA PHE A 11 -0.11 14.60 -10.63
C PHE A 11 -0.13 15.88 -11.46
N ASP A 12 1.02 16.31 -11.92
CA ASP A 12 1.08 17.58 -12.72
C ASP A 12 1.31 17.28 -14.21
N HIS A 13 1.57 16.05 -14.57
CA HIS A 13 1.82 15.76 -16.02
C HIS A 13 1.49 14.30 -16.37
N ALA A 14 0.64 13.66 -15.62
CA ALA A 14 0.29 12.24 -15.98
C ALA A 14 -0.82 11.69 -15.09
N PRO A 15 -2.03 12.23 -15.25
CA PRO A 15 -3.19 11.76 -14.47
C PRO A 15 -3.58 10.35 -14.97
N ASP A 16 -3.06 9.96 -16.10
CA ASP A 16 -3.42 8.61 -16.66
C ASP A 16 -2.52 7.52 -16.08
N LYS A 17 -1.23 7.73 -16.08
CA LYS A 17 -0.33 6.69 -15.52
C LYS A 17 -0.61 6.57 -14.03
N LEU A 18 -0.99 7.64 -13.39
CA LEU A 18 -1.29 7.54 -11.95
C LEU A 18 -2.34 6.45 -11.74
N ASN A 19 -3.26 6.34 -12.67
CA ASN A 19 -4.31 5.29 -12.56
C ASN A 19 -3.66 3.92 -12.72
N VAL A 20 -2.89 3.75 -13.76
CA VAL A 20 -2.22 2.43 -13.98
C VAL A 20 -1.16 2.20 -12.90
N VAL A 21 -0.52 3.24 -12.45
CA VAL A 21 0.53 3.07 -11.40
C VAL A 21 -0.14 2.53 -10.12
N LYS A 22 -1.37 2.89 -9.86
CA LYS A 22 -2.04 2.34 -8.66
C LYS A 22 -2.23 0.86 -8.95
N LYS A 23 -2.71 0.55 -10.12
CA LYS A 23 -2.92 -0.88 -10.49
C LYS A 23 -1.62 -1.67 -10.33
N THR A 24 -0.50 -1.00 -10.33
CA THR A 24 0.80 -1.73 -10.17
C THR A 24 0.99 -2.02 -8.69
N LEU A 25 0.67 -1.08 -7.86
CA LEU A 25 0.77 -1.31 -6.42
C LEU A 25 -0.20 -2.45 -6.09
N ILE A 26 -1.30 -2.50 -6.81
CA ILE A 26 -2.29 -3.58 -6.61
C ILE A 26 -1.63 -4.90 -7.00
N THR A 27 -0.78 -4.89 -7.98
CA THR A 27 -0.14 -6.17 -8.41
C THR A 27 0.78 -6.70 -7.30
N PHE A 28 1.48 -5.85 -6.60
CA PHE A 28 2.40 -6.33 -5.51
C PHE A 28 1.54 -7.00 -4.43
N VAL A 29 0.48 -6.36 -4.01
CA VAL A 29 -0.38 -6.99 -2.99
C VAL A 29 -0.98 -8.26 -3.57
N ASN A 30 -1.51 -8.18 -4.77
CA ASN A 30 -2.12 -9.37 -5.43
C ASN A 30 -1.10 -10.51 -5.46
N LYS A 31 0.14 -10.17 -5.31
CA LYS A 31 1.19 -11.22 -5.36
C LYS A 31 1.19 -11.97 -4.05
N HIS A 32 1.31 -11.27 -2.96
CA HIS A 32 1.29 -11.95 -1.69
C HIS A 32 -0.15 -12.40 -1.45
N LEU A 33 -1.10 -11.76 -2.07
CA LEU A 33 -2.51 -12.19 -1.89
C LEU A 33 -2.77 -13.36 -2.84
N ASN A 34 -2.30 -13.27 -4.07
CA ASN A 34 -2.53 -14.41 -5.01
C ASN A 34 -1.91 -15.68 -4.43
N LYS A 35 -0.94 -15.59 -3.55
CA LYS A 35 -0.35 -16.85 -3.00
C LYS A 35 -1.49 -17.71 -2.46
N LEU A 36 -2.22 -17.23 -1.48
CA LEU A 36 -3.37 -18.03 -0.97
C LEU A 36 -4.47 -17.96 -2.03
N ASN A 37 -4.19 -17.29 -3.10
CA ASN A 37 -5.14 -17.16 -4.23
C ASN A 37 -6.35 -16.30 -3.83
N LEU A 38 -6.17 -15.01 -3.95
CA LEU A 38 -7.26 -14.03 -3.63
C LEU A 38 -7.33 -13.01 -4.78
N GLU A 39 -7.82 -11.83 -4.54
CA GLU A 39 -7.89 -10.83 -5.65
C GLU A 39 -8.20 -9.45 -5.09
N VAL A 40 -7.29 -8.51 -5.25
CA VAL A 40 -7.51 -7.12 -4.75
C VAL A 40 -7.73 -6.20 -5.96
N THR A 41 -8.37 -5.07 -5.77
CA THR A 41 -8.62 -4.14 -6.93
C THR A 41 -8.57 -2.67 -6.50
N GLU A 42 -8.50 -2.39 -5.22
CA GLU A 42 -8.49 -0.96 -4.76
C GLU A 42 -7.38 -0.74 -3.74
N LEU A 43 -6.18 -0.53 -4.20
CA LEU A 43 -5.05 -0.28 -3.25
C LEU A 43 -5.45 0.85 -2.31
N GLU A 44 -6.00 1.89 -2.84
CA GLU A 44 -6.38 3.04 -1.99
C GLU A 44 -7.18 2.60 -0.74
N THR A 45 -8.34 2.04 -0.95
CA THR A 45 -9.19 1.64 0.21
C THR A 45 -8.70 0.33 0.83
N GLN A 46 -7.65 -0.25 0.32
CA GLN A 46 -7.16 -1.51 0.91
C GLN A 46 -6.55 -1.18 2.26
N PHE A 47 -6.15 0.06 2.44
CA PHE A 47 -5.58 0.47 3.73
C PHE A 47 -6.71 1.06 4.54
N ALA A 48 -7.78 1.37 3.87
CA ALA A 48 -8.97 1.91 4.58
C ALA A 48 -9.58 0.78 5.38
N ASP A 49 -8.74 -0.13 5.79
CA ASP A 49 -9.22 -1.30 6.55
C ASP A 49 -8.03 -2.08 7.10
N GLY A 50 -6.87 -1.89 6.53
CA GLY A 50 -5.66 -2.62 7.03
C GLY A 50 -5.91 -4.14 7.09
N VAL A 51 -6.99 -4.60 6.53
CA VAL A 51 -7.26 -6.06 6.54
C VAL A 51 -6.29 -6.74 5.59
N TYR A 52 -6.36 -6.37 4.34
CA TYR A 52 -5.46 -6.97 3.34
C TYR A 52 -4.02 -6.80 3.82
N LEU A 53 -3.81 -5.94 4.78
CA LEU A 53 -2.41 -5.75 5.27
C LEU A 53 -2.01 -6.96 6.11
N VAL A 54 -2.70 -7.24 7.18
CA VAL A 54 -2.30 -8.43 7.98
C VAL A 54 -2.19 -9.65 7.06
N LEU A 55 -3.02 -9.71 6.04
CA LEU A 55 -2.93 -10.88 5.11
C LEU A 55 -1.55 -10.87 4.44
N LEU A 56 -1.19 -9.78 3.82
CA LEU A 56 0.15 -9.67 3.15
C LEU A 56 1.20 -10.31 4.06
N MET A 57 1.27 -9.84 5.26
CA MET A 57 2.26 -10.39 6.23
C MET A 57 2.10 -11.90 6.35
N GLY A 58 0.91 -12.40 6.18
CA GLY A 58 0.69 -13.86 6.30
C GLY A 58 1.19 -14.60 5.06
N LEU A 59 0.68 -14.28 3.91
CA LEU A 59 1.13 -14.97 2.68
C LEU A 59 2.64 -14.83 2.59
N LEU A 60 3.19 -13.91 3.34
CA LEU A 60 4.67 -13.73 3.34
C LEU A 60 5.26 -14.81 4.24
N GLU A 61 4.74 -14.94 5.44
CA GLU A 61 5.25 -15.98 6.37
C GLU A 61 4.87 -17.36 5.83
N GLY A 62 3.87 -17.41 4.97
CA GLY A 62 3.44 -18.72 4.39
C GLY A 62 2.07 -19.11 4.94
N TYR A 63 1.02 -18.52 4.43
CA TYR A 63 -0.35 -18.86 4.92
C TYR A 63 -0.40 -18.75 6.44
N PHE A 64 -1.54 -19.07 7.02
CA PHE A 64 -1.70 -19.01 8.51
C PHE A 64 -2.08 -17.59 8.94
N VAL A 65 -3.22 -17.11 8.52
CA VAL A 65 -3.66 -15.73 8.92
C VAL A 65 -5.21 -15.76 9.07
N PRO A 66 -5.70 -16.06 10.26
CA PRO A 66 -7.15 -16.11 10.50
C PRO A 66 -7.77 -14.71 10.29
N LEU A 67 -9.07 -14.62 10.30
CA LEU A 67 -9.72 -13.30 10.10
C LEU A 67 -9.73 -12.53 11.43
N HIS A 68 -10.24 -13.14 12.47
CA HIS A 68 -10.29 -12.43 13.78
C HIS A 68 -8.91 -12.47 14.44
N SER A 69 -7.91 -12.90 13.73
CA SER A 69 -6.54 -12.95 14.33
C SER A 69 -6.10 -11.54 14.65
N PHE A 70 -6.44 -10.63 13.80
CA PHE A 70 -6.06 -9.20 13.99
C PHE A 70 -7.18 -8.47 14.73
N PHE A 71 -7.43 -7.23 14.38
CA PHE A 71 -8.52 -6.47 15.05
C PHE A 71 -9.87 -7.07 14.65
N LEU A 72 -10.95 -6.48 15.08
CA LEU A 72 -12.28 -7.02 14.72
C LEU A 72 -12.63 -6.57 13.30
N THR A 73 -13.39 -5.52 13.17
CA THR A 73 -13.76 -5.02 11.81
C THR A 73 -13.85 -3.47 11.86
N PRO A 74 -13.15 -2.76 11.00
CA PRO A 74 -13.21 -1.28 11.02
C PRO A 74 -14.67 -0.84 10.88
N ASP A 75 -15.12 0.02 11.76
CA ASP A 75 -16.54 0.50 11.70
C ASP A 75 -16.54 1.99 11.38
N SER A 76 -15.70 2.72 12.04
CA SER A 76 -15.63 4.19 11.81
C SER A 76 -14.23 4.57 11.31
N PHE A 77 -13.96 5.82 11.23
CA PHE A 77 -12.64 6.30 10.74
C PHE A 77 -11.55 5.92 11.70
N GLU A 78 -11.65 6.36 12.90
CA GLU A 78 -10.59 6.03 13.91
C GLU A 78 -10.27 4.54 13.87
N GLN A 79 -11.26 3.72 13.72
CA GLN A 79 -11.03 2.27 13.68
C GLN A 79 -10.18 1.91 12.46
N LYS A 80 -10.40 2.55 11.35
CA LYS A 80 -9.57 2.26 10.16
C LYS A 80 -8.17 2.85 10.38
N VAL A 81 -8.13 4.09 10.81
CA VAL A 81 -6.83 4.76 11.08
C VAL A 81 -6.00 3.90 12.02
N LEU A 82 -6.63 3.08 12.81
CA LEU A 82 -5.87 2.23 13.76
C LEU A 82 -5.38 0.97 13.06
N ASN A 83 -6.18 0.41 12.22
CA ASN A 83 -5.72 -0.81 11.52
C ASN A 83 -4.47 -0.44 10.70
N VAL A 84 -4.40 0.79 10.25
CA VAL A 84 -3.20 1.20 9.44
C VAL A 84 -2.11 1.70 10.38
N SER A 85 -2.47 2.30 11.48
CA SER A 85 -1.41 2.77 12.41
C SER A 85 -0.67 1.53 12.89
N PHE A 86 -1.36 0.44 12.89
CA PHE A 86 -0.77 -0.84 13.33
C PHE A 86 0.17 -1.39 12.26
N ALA A 87 -0.33 -1.57 11.07
CA ALA A 87 0.56 -2.09 10.00
C ALA A 87 1.74 -1.14 9.89
N PHE A 88 1.49 0.11 10.19
CA PHE A 88 2.54 1.15 10.15
C PHE A 88 3.45 0.93 11.34
N GLU A 89 2.94 0.27 12.35
CA GLU A 89 3.79 0.04 13.56
C GLU A 89 4.74 -1.13 13.28
N LEU A 90 4.24 -2.21 12.74
CA LEU A 90 5.14 -3.35 12.42
C LEU A 90 6.04 -2.94 11.26
N MET A 91 5.66 -1.90 10.56
CA MET A 91 6.51 -1.46 9.41
C MET A 91 7.60 -0.55 9.95
N GLN A 92 7.23 0.42 10.74
CA GLN A 92 8.26 1.33 11.32
C GLN A 92 9.32 0.44 11.97
N ASP A 93 8.93 -0.72 12.43
CA ASP A 93 9.91 -1.65 13.05
C ASP A 93 10.58 -2.45 11.93
N GLY A 94 9.78 -3.08 11.13
CA GLY A 94 10.33 -3.87 10.00
C GLY A 94 11.07 -2.94 9.03
N GLY A 95 11.17 -1.66 9.37
CA GLY A 95 11.87 -0.69 8.48
C GLY A 95 10.86 0.32 7.90
N LEU A 96 10.85 0.48 6.61
CA LEU A 96 9.88 1.44 5.98
C LEU A 96 10.34 2.88 6.26
N GLU A 97 11.02 3.07 7.36
CA GLU A 97 11.52 4.42 7.75
C GLU A 97 10.34 5.34 8.11
N LYS A 98 10.46 6.61 7.84
CA LYS A 98 9.37 7.58 8.17
C LYS A 98 8.72 8.14 6.89
N PRO A 99 7.62 7.57 6.43
CA PRO A 99 6.94 8.07 5.21
C PRO A 99 6.52 9.53 5.43
N LYS A 100 6.21 10.24 4.39
CA LYS A 100 5.81 11.67 4.55
C LYS A 100 4.35 11.76 5.06
N PRO A 101 3.42 11.08 4.43
CA PRO A 101 2.01 11.12 4.88
C PRO A 101 1.84 10.40 6.21
N ARG A 102 0.69 9.85 6.45
CA ARG A 102 0.48 9.14 7.75
C ARG A 102 -0.75 8.22 7.63
N PRO A 103 -0.82 7.18 8.46
CA PRO A 103 -1.94 6.21 8.46
C PRO A 103 -3.27 6.88 8.14
N GLU A 104 -3.42 8.13 8.43
CA GLU A 104 -4.70 8.80 8.10
C GLU A 104 -4.75 9.00 6.59
N ASP A 105 -3.81 9.75 6.09
CA ASP A 105 -3.72 10.01 4.62
C ASP A 105 -3.95 8.72 3.85
N ILE A 106 -3.43 7.64 4.35
CA ILE A 106 -3.60 6.33 3.67
C ILE A 106 -5.06 5.91 3.75
N VAL A 107 -5.55 5.59 4.93
CA VAL A 107 -7.00 5.20 5.07
C VAL A 107 -7.84 6.19 4.26
N ASN A 108 -7.42 7.42 4.21
CA ASN A 108 -8.17 8.47 3.49
C ASN A 108 -8.31 8.10 1.99
N CYS A 109 -8.04 6.88 1.63
CA CYS A 109 -8.17 6.50 0.18
C CYS A 109 -7.40 7.51 -0.68
N ASP A 110 -6.63 8.37 -0.05
CA ASP A 110 -5.88 9.37 -0.83
C ASP A 110 -5.03 8.66 -1.86
N LEU A 111 -4.73 9.31 -2.92
CA LEU A 111 -3.87 8.71 -3.96
C LEU A 111 -2.46 9.24 -3.72
N LYS A 112 -2.28 10.49 -4.00
CA LYS A 112 -0.97 11.17 -3.83
C LYS A 112 -0.10 10.59 -2.72
N SER A 113 -0.44 10.86 -1.51
CA SER A 113 0.37 10.39 -0.36
C SER A 113 0.43 8.84 -0.32
N THR A 114 -0.68 8.20 -0.20
CA THR A 114 -0.70 6.71 -0.16
C THR A 114 0.27 6.15 -1.21
N LEU A 115 0.41 6.85 -2.29
CA LEU A 115 1.34 6.43 -3.37
C LEU A 115 2.76 6.52 -2.82
N ARG A 116 3.10 7.62 -2.22
CA ARG A 116 4.48 7.76 -1.67
C ARG A 116 4.82 6.51 -0.83
N VAL A 117 3.97 6.17 0.09
CA VAL A 117 4.21 5.00 0.98
C VAL A 117 4.26 3.69 0.17
N LEU A 118 3.24 3.39 -0.57
CA LEU A 118 3.24 2.12 -1.35
C LEU A 118 4.55 2.03 -2.13
N TYR A 119 4.97 3.08 -2.77
CA TYR A 119 6.26 3.04 -3.51
C TYR A 119 7.30 2.45 -2.57
N ASN A 120 7.37 3.01 -1.41
CA ASN A 120 8.32 2.52 -0.38
C ASN A 120 8.26 0.98 -0.30
N LEU A 121 7.07 0.41 -0.34
CA LEU A 121 6.95 -1.07 -0.26
C LEU A 121 7.41 -1.70 -1.56
N PHE A 122 6.79 -1.34 -2.67
CA PHE A 122 7.19 -1.92 -3.98
C PHE A 122 8.69 -1.97 -4.06
N THR A 123 9.30 -1.12 -3.35
CA THR A 123 10.78 -1.08 -3.34
C THR A 123 11.30 -2.26 -2.51
N LYS A 124 10.78 -2.42 -1.33
CA LYS A 124 11.22 -3.50 -0.44
C LYS A 124 10.84 -4.90 -0.96
N TYR A 125 9.78 -5.04 -1.71
CA TYR A 125 9.36 -6.41 -2.18
C TYR A 125 9.68 -6.63 -3.64
N ARG A 126 9.91 -5.58 -4.36
CA ARG A 126 10.25 -5.68 -5.80
C ARG A 126 11.22 -6.84 -6.05
N ASN A 127 12.07 -7.12 -5.11
CA ASN A 127 13.08 -8.22 -5.28
C ASN A 127 12.60 -9.43 -4.49
N VAL A 128 11.85 -9.20 -3.48
CA VAL A 128 11.34 -10.31 -2.61
C VAL A 128 9.86 -10.56 -2.93
N GLU A 129 9.54 -11.78 -3.20
CA GLU A 129 8.16 -12.14 -3.55
C GLU A 129 7.21 -11.82 -2.40
N ASP B 1 11.90 8.46 -14.79
CA ASP B 1 10.66 9.04 -14.19
C ASP B 1 9.43 8.34 -14.76
N LEU B 2 8.58 9.07 -15.43
CA LEU B 2 7.36 8.44 -16.01
C LEU B 2 7.78 7.30 -16.94
N ASP B 3 8.80 7.51 -17.72
CA ASP B 3 9.27 6.44 -18.65
C ASP B 3 9.80 5.25 -17.83
N ALA B 4 10.73 5.49 -16.96
CA ALA B 4 11.30 4.37 -16.15
C ALA B 4 10.17 3.53 -15.55
N LEU B 5 9.18 4.17 -14.98
CA LEU B 5 8.06 3.42 -14.37
C LEU B 5 7.41 2.50 -15.41
N LEU B 6 6.80 3.07 -16.41
CA LEU B 6 6.14 2.24 -17.46
C LEU B 6 7.05 1.08 -17.87
N ALA B 7 8.29 1.37 -18.17
CA ALA B 7 9.23 0.27 -18.57
C ALA B 7 9.22 -0.82 -17.51
N ASP B 8 9.12 -0.45 -16.27
CA ASP B 8 9.12 -1.47 -15.18
C ASP B 8 7.82 -2.29 -15.27
N LEU B 9 6.72 -1.64 -15.51
CA LEU B 9 5.43 -2.39 -15.61
C LEU B 9 5.52 -3.40 -16.76
N GLU B 10 5.47 -2.94 -17.97
CA GLU B 10 5.54 -3.88 -19.12
C GLU B 10 6.78 -4.79 -18.97
N ARG A 1 4.03 21.90 4.91
CA ARG A 1 4.12 22.82 3.74
C ARG A 1 4.12 21.99 2.45
N HIS A 2 3.66 22.56 1.36
CA HIS A 2 3.64 21.81 0.08
C HIS A 2 5.07 21.62 -0.43
N GLU A 3 5.74 20.60 0.02
CA GLU A 3 7.13 20.36 -0.43
C GLU A 3 7.12 19.62 -1.77
N ARG A 4 7.69 20.21 -2.80
CA ARG A 4 7.71 19.53 -4.12
C ARG A 4 8.49 18.23 -3.99
N ASP A 5 7.85 17.10 -4.22
CA ASP A 5 8.53 15.79 -4.10
C ASP A 5 8.18 14.89 -5.29
N ALA A 6 7.87 13.65 -5.02
CA ALA A 6 7.52 12.71 -6.11
C ALA A 6 6.16 13.05 -6.73
N PHE A 7 5.12 13.12 -5.92
CA PHE A 7 3.77 13.44 -6.50
C PHE A 7 3.86 14.57 -7.53
N ASP A 8 4.79 15.45 -7.37
CA ASP A 8 4.89 16.59 -8.32
C ASP A 8 4.86 16.07 -9.76
N THR A 9 5.92 15.45 -10.18
CA THR A 9 5.97 14.92 -11.59
C THR A 9 4.83 13.94 -11.83
N LEU A 10 4.47 13.20 -10.84
CA LEU A 10 3.37 12.21 -11.04
C LEU A 10 2.02 12.93 -11.22
N PHE A 11 1.67 13.80 -10.31
CA PHE A 11 0.37 14.51 -10.41
C PHE A 11 0.50 15.77 -11.29
N ASP A 12 1.70 16.16 -11.63
CA ASP A 12 1.87 17.39 -12.49
C ASP A 12 2.43 17.02 -13.87
N HIS A 13 2.72 15.77 -14.12
CA HIS A 13 3.27 15.41 -15.47
C HIS A 13 2.86 13.99 -15.88
N ALA A 14 1.81 13.45 -15.33
CA ALA A 14 1.39 12.07 -15.73
C ALA A 14 0.11 11.64 -15.01
N PRO A 15 -0.99 12.26 -15.35
CA PRO A 15 -2.29 11.91 -14.75
C PRO A 15 -2.74 10.55 -15.30
N ASP A 16 -2.12 10.10 -16.36
CA ASP A 16 -2.52 8.79 -16.98
C ASP A 16 -1.80 7.62 -16.31
N LYS A 17 -0.51 7.71 -16.16
CA LYS A 17 0.25 6.61 -15.52
C LYS A 17 -0.20 6.52 -14.07
N LEU A 18 -0.65 7.63 -13.54
CA LEU A 18 -1.12 7.63 -12.14
C LEU A 18 -2.18 6.52 -12.00
N ASN A 19 -2.99 6.38 -13.01
CA ASN A 19 -4.05 5.32 -12.97
C ASN A 19 -3.39 3.96 -13.17
N VAL A 20 -2.53 3.84 -14.14
CA VAL A 20 -1.85 2.54 -14.38
C VAL A 20 -0.94 2.20 -13.20
N VAL A 21 -0.37 3.18 -12.56
CA VAL A 21 0.53 2.89 -11.41
C VAL A 21 -0.28 2.25 -10.27
N LYS A 22 -1.45 2.76 -9.95
CA LYS A 22 -2.22 2.12 -8.87
C LYS A 22 -2.51 0.69 -9.31
N LYS A 23 -2.99 0.51 -10.50
CA LYS A 23 -3.31 -0.88 -10.98
C LYS A 23 -2.10 -1.81 -10.87
N THR A 24 -0.90 -1.29 -10.92
CA THR A 24 0.29 -2.18 -10.81
C THR A 24 0.54 -2.48 -9.34
N LEU A 25 0.26 -1.53 -8.50
CA LEU A 25 0.43 -1.77 -7.05
C LEU A 25 -0.59 -2.83 -6.68
N ILE A 26 -1.71 -2.85 -7.35
CA ILE A 26 -2.72 -3.90 -7.08
C ILE A 26 -2.04 -5.22 -7.36
N THR A 27 -1.51 -5.39 -8.54
CA THR A 27 -0.84 -6.68 -8.88
C THR A 27 0.07 -7.17 -7.72
N PHE A 28 0.83 -6.29 -7.12
CA PHE A 28 1.74 -6.74 -6.00
C PHE A 28 0.90 -7.35 -4.86
N VAL A 29 -0.11 -6.66 -4.40
CA VAL A 29 -0.96 -7.22 -3.32
C VAL A 29 -1.68 -8.47 -3.85
N ASN A 30 -2.18 -8.40 -5.06
CA ASN A 30 -2.89 -9.55 -5.68
C ASN A 30 -1.98 -10.77 -5.64
N LYS A 31 -0.71 -10.55 -5.55
CA LYS A 31 0.25 -11.67 -5.54
C LYS A 31 0.22 -12.30 -4.15
N HIS A 32 0.40 -11.51 -3.14
CA HIS A 32 0.36 -12.04 -1.81
C HIS A 32 -1.07 -12.51 -1.57
N LEU A 33 -2.01 -11.86 -2.19
CA LEU A 33 -3.42 -12.26 -2.03
C LEU A 33 -3.66 -13.49 -2.88
N ASN A 34 -3.23 -13.46 -4.12
CA ASN A 34 -3.42 -14.67 -4.96
C ASN A 34 -2.89 -15.91 -4.22
N LYS A 35 -2.01 -15.74 -3.26
CA LYS A 35 -1.50 -16.95 -2.55
C LYS A 35 -2.68 -17.70 -1.94
N LEU A 36 -3.41 -17.08 -1.04
CA LEU A 36 -4.59 -17.77 -0.48
C LEU A 36 -5.67 -17.79 -1.56
N ASN A 37 -5.35 -17.22 -2.69
CA ASN A 37 -6.27 -17.18 -3.85
C ASN A 37 -7.43 -16.20 -3.59
N LEU A 38 -7.19 -14.96 -3.89
CA LEU A 38 -8.24 -13.91 -3.72
C LEU A 38 -8.14 -12.93 -4.89
N GLU A 39 -8.60 -11.72 -4.73
CA GLU A 39 -8.52 -10.74 -5.86
C GLU A 39 -8.82 -9.32 -5.35
N VAL A 40 -7.86 -8.43 -5.46
CA VAL A 40 -8.06 -7.02 -4.99
C VAL A 40 -8.32 -6.13 -6.21
N THR A 41 -8.92 -4.98 -6.01
CA THR A 41 -9.21 -4.07 -7.15
C THR A 41 -9.06 -2.60 -6.73
N GLU A 42 -9.32 -2.30 -5.48
CA GLU A 42 -9.21 -0.88 -5.01
C GLU A 42 -8.03 -0.74 -4.05
N LEU A 43 -6.85 -0.60 -4.56
CA LEU A 43 -5.68 -0.45 -3.67
C LEU A 43 -5.94 0.73 -2.74
N GLU A 44 -6.41 1.81 -3.27
CA GLU A 44 -6.68 3.00 -2.40
C GLU A 44 -7.54 2.61 -1.18
N THR A 45 -8.73 2.14 -1.41
CA THR A 45 -9.64 1.79 -0.29
C THR A 45 -9.21 0.49 0.38
N GLN A 46 -8.17 -0.15 -0.09
CA GLN A 46 -7.75 -1.40 0.57
C GLN A 46 -7.09 -1.05 1.89
N PHE A 47 -6.66 0.18 2.03
CA PHE A 47 -6.05 0.59 3.30
C PHE A 47 -7.15 1.23 4.12
N ALA A 48 -8.23 1.55 3.47
CA ALA A 48 -9.39 2.15 4.19
C ALA A 48 -9.96 1.12 5.16
N ASP A 49 -9.13 0.22 5.59
CA ASP A 49 -9.57 -0.83 6.53
C ASP A 49 -8.33 -1.57 7.05
N GLY A 50 -7.22 -1.39 6.40
CA GLY A 50 -5.95 -2.07 6.84
C GLY A 50 -6.19 -3.57 7.10
N VAL A 51 -7.36 -4.08 6.81
CA VAL A 51 -7.60 -5.53 7.04
C VAL A 51 -6.89 -6.33 5.96
N TYR A 52 -7.25 -6.10 4.73
CA TYR A 52 -6.58 -6.83 3.62
C TYR A 52 -5.08 -6.60 3.74
N LEU A 53 -4.70 -5.66 4.58
CA LEU A 53 -3.25 -5.35 4.74
C LEU A 53 -2.58 -6.39 5.65
N VAL A 54 -3.03 -6.59 6.88
CA VAL A 54 -2.31 -7.63 7.67
C VAL A 54 -2.38 -8.95 6.91
N LEU A 55 -3.35 -9.09 6.06
CA LEU A 55 -3.47 -10.34 5.24
C LEU A 55 -2.24 -10.40 4.32
N LEU A 56 -1.92 -9.29 3.68
CA LEU A 56 -0.72 -9.24 2.78
C LEU A 56 0.48 -9.84 3.54
N MET A 57 0.75 -9.30 4.69
CA MET A 57 1.91 -9.78 5.51
C MET A 57 1.87 -11.30 5.70
N GLY A 58 0.78 -11.84 6.18
CA GLY A 58 0.72 -13.30 6.42
C GLY A 58 0.94 -14.07 5.13
N LEU A 59 0.23 -13.75 4.10
CA LEU A 59 0.40 -14.49 2.83
C LEU A 59 1.87 -14.46 2.46
N LEU A 60 2.59 -13.48 2.95
CA LEU A 60 4.06 -13.46 2.67
C LEU A 60 4.65 -14.69 3.36
N GLU A 61 4.47 -14.78 4.65
CA GLU A 61 4.99 -15.95 5.40
C GLU A 61 4.53 -17.24 4.71
N GLY A 62 3.26 -17.34 4.42
CA GLY A 62 2.72 -18.55 3.75
C GLY A 62 2.06 -19.45 4.80
N TYR A 63 0.98 -19.00 5.37
CA TYR A 63 0.28 -19.81 6.40
C TYR A 63 -1.20 -19.43 6.42
N PHE A 64 -1.98 -20.05 7.26
CA PHE A 64 -3.43 -19.72 7.31
C PHE A 64 -3.63 -18.39 8.07
N VAL A 65 -3.70 -17.31 7.34
CA VAL A 65 -3.90 -15.99 7.98
C VAL A 65 -5.12 -16.07 8.93
N PRO A 66 -4.92 -15.99 10.24
CA PRO A 66 -6.06 -16.08 11.18
C PRO A 66 -7.12 -15.05 10.81
N LEU A 67 -8.22 -15.02 11.52
CA LEU A 67 -9.32 -14.07 11.19
C LEU A 67 -9.14 -12.73 11.91
N HIS A 68 -8.99 -12.74 13.23
CA HIS A 68 -8.84 -11.46 13.99
C HIS A 68 -7.55 -11.48 14.81
N SER A 69 -6.46 -11.85 14.20
CA SER A 69 -5.17 -11.85 14.95
C SER A 69 -4.74 -10.41 15.16
N PHE A 70 -5.02 -9.60 14.20
CA PHE A 70 -4.64 -8.18 14.26
C PHE A 70 -5.82 -7.40 14.87
N PHE A 71 -5.89 -6.13 14.63
CA PHE A 71 -7.01 -5.33 15.21
C PHE A 71 -8.34 -5.90 14.71
N LEU A 72 -9.37 -5.82 15.51
CA LEU A 72 -10.69 -6.34 15.08
C LEU A 72 -11.11 -5.69 13.78
N THR A 73 -12.35 -5.82 13.41
CA THR A 73 -12.82 -5.22 12.14
C THR A 73 -13.01 -3.69 12.33
N PRO A 74 -12.27 -2.85 11.60
CA PRO A 74 -12.42 -1.39 11.74
C PRO A 74 -13.89 -1.02 11.55
N ASP A 75 -14.37 -0.06 12.31
CA ASP A 75 -15.81 0.36 12.20
C ASP A 75 -15.88 1.85 11.86
N SER A 76 -15.04 2.64 12.48
CA SER A 76 -15.05 4.10 12.22
C SER A 76 -13.70 4.51 11.64
N PHE A 77 -13.58 5.75 11.30
CA PHE A 77 -12.32 6.27 10.69
C PHE A 77 -11.15 6.02 11.60
N GLU A 78 -11.20 6.53 12.77
CA GLU A 78 -10.07 6.34 13.71
C GLU A 78 -9.66 4.87 13.75
N GLN A 79 -10.61 3.98 13.73
CA GLN A 79 -10.29 2.55 13.78
C GLN A 79 -9.49 2.14 12.54
N LYS A 80 -9.83 2.64 11.40
CA LYS A 80 -9.04 2.26 10.18
C LYS A 80 -7.70 2.98 10.25
N VAL A 81 -7.70 4.25 10.57
CA VAL A 81 -6.42 5.00 10.66
C VAL A 81 -5.48 4.25 11.60
N LEU A 82 -6.04 3.51 12.52
CA LEU A 82 -5.20 2.75 13.48
C LEU A 82 -4.79 1.44 12.84
N ASN A 83 -5.66 0.83 12.13
CA ASN A 83 -5.31 -0.44 11.48
C ASN A 83 -4.13 -0.18 10.53
N VAL A 84 -4.06 0.99 9.96
CA VAL A 84 -2.94 1.31 9.02
C VAL A 84 -1.74 1.82 9.80
N SER A 85 -1.95 2.59 10.82
CA SER A 85 -0.79 3.09 11.60
C SER A 85 -0.09 1.88 12.22
N PHE A 86 -0.83 0.85 12.42
CA PHE A 86 -0.26 -0.38 13.03
C PHE A 86 0.54 -1.14 11.99
N ALA A 87 -0.06 -1.46 10.89
CA ALA A 87 0.71 -2.18 9.84
C ALA A 87 1.92 -1.34 9.51
N PHE A 88 1.77 -0.05 9.62
CA PHE A 88 2.88 0.89 9.35
C PHE A 88 3.86 0.78 10.49
N GLU A 89 3.41 0.32 11.62
CA GLU A 89 4.33 0.22 12.79
C GLU A 89 5.20 -1.04 12.63
N LEU A 90 4.59 -2.14 12.29
CA LEU A 90 5.39 -3.37 12.08
C LEU A 90 6.21 -3.21 10.81
N MET A 91 5.83 -2.27 9.98
CA MET A 91 6.61 -2.07 8.71
C MET A 91 7.78 -1.14 9.02
N GLN A 92 7.51 -0.05 9.70
CA GLN A 92 8.61 0.87 10.07
C GLN A 92 9.70 0.03 10.74
N ASP A 93 9.30 -1.03 11.39
CA ASP A 93 10.29 -1.92 12.05
C ASP A 93 10.82 -2.89 11.00
N GLY A 94 9.92 -3.59 10.37
CA GLY A 94 10.33 -4.56 9.33
C GLY A 94 11.04 -3.81 8.20
N GLY A 95 11.19 -2.51 8.33
CA GLY A 95 11.88 -1.71 7.25
C GLY A 95 11.05 -0.47 6.88
N LEU A 96 10.75 -0.32 5.60
CA LEU A 96 9.96 0.86 5.15
C LEU A 96 10.75 2.14 5.42
N GLU A 97 10.80 2.55 6.65
CA GLU A 97 11.55 3.79 7.02
C GLU A 97 11.22 4.94 6.07
N LYS A 98 11.91 6.04 6.22
CA LYS A 98 11.68 7.24 5.37
C LYS A 98 10.18 7.45 5.06
N PRO A 99 9.41 7.76 6.07
CA PRO A 99 7.97 8.01 5.91
C PRO A 99 7.75 9.40 5.29
N LYS A 100 6.56 9.66 4.80
CA LYS A 100 6.27 11.00 4.22
C LYS A 100 4.77 11.35 4.42
N PRO A 101 3.84 10.48 4.05
CA PRO A 101 2.40 10.77 4.22
C PRO A 101 2.00 10.35 5.64
N ARG A 102 0.73 10.09 5.89
CA ARG A 102 0.31 9.71 7.28
C ARG A 102 -0.76 8.59 7.21
N PRO A 103 -0.80 7.70 8.21
CA PRO A 103 -1.79 6.59 8.24
C PRO A 103 -3.15 7.08 7.75
N GLU A 104 -3.43 8.33 7.95
CA GLU A 104 -4.73 8.87 7.47
C GLU A 104 -4.65 9.02 5.95
N ASP A 105 -3.68 9.77 5.51
CA ASP A 105 -3.48 10.01 4.06
C ASP A 105 -3.68 8.70 3.29
N ILE A 106 -3.50 7.59 3.96
CA ILE A 106 -3.70 6.27 3.28
C ILE A 106 -5.19 5.92 3.38
N VAL A 107 -5.64 5.62 4.57
CA VAL A 107 -7.09 5.30 4.78
C VAL A 107 -7.93 6.34 4.05
N ASN A 108 -7.40 7.52 3.92
CA ASN A 108 -8.16 8.61 3.25
C ASN A 108 -8.53 8.22 1.80
N CYS A 109 -8.42 6.96 1.47
CA CYS A 109 -8.79 6.53 0.09
C CYS A 109 -8.10 7.44 -0.92
N ASP A 110 -7.20 8.28 -0.48
CA ASP A 110 -6.50 9.17 -1.43
C ASP A 110 -5.48 8.36 -2.20
N LEU A 111 -5.06 8.87 -3.30
CA LEU A 111 -4.06 8.17 -4.13
C LEU A 111 -2.69 8.74 -3.84
N LYS A 112 -2.55 10.02 -4.01
CA LYS A 112 -1.25 10.71 -3.80
C LYS A 112 -0.34 10.05 -2.75
N SER A 113 -0.65 10.26 -1.54
CA SER A 113 0.18 9.70 -0.43
C SER A 113 0.27 8.18 -0.54
N THR A 114 -0.86 7.56 -0.49
CA THR A 114 -0.96 6.07 -0.56
C THR A 114 0.03 5.53 -1.61
N LEU A 115 0.14 6.20 -2.72
CA LEU A 115 1.04 5.77 -3.81
C LEU A 115 2.49 5.88 -3.35
N ARG A 116 2.81 6.92 -2.65
CA ARG A 116 4.22 7.09 -2.21
C ARG A 116 4.66 5.91 -1.32
N VAL A 117 3.88 5.55 -0.34
CA VAL A 117 4.27 4.42 0.56
C VAL A 117 4.24 3.10 -0.21
N LEU A 118 3.25 2.88 -1.02
CA LEU A 118 3.19 1.61 -1.76
C LEU A 118 4.40 1.50 -2.67
N TYR A 119 4.75 2.55 -3.35
CA TYR A 119 5.95 2.49 -4.22
C TYR A 119 7.08 1.93 -3.38
N ASN A 120 7.27 2.53 -2.25
CA ASN A 120 8.31 2.08 -1.30
C ASN A 120 8.25 0.54 -1.18
N LEU A 121 7.07 -0.01 -1.10
CA LEU A 121 6.95 -1.48 -0.96
C LEU A 121 7.31 -2.16 -2.28
N PHE A 122 6.56 -1.90 -3.33
CA PHE A 122 6.85 -2.53 -4.65
C PHE A 122 8.34 -2.59 -4.87
N THR A 123 8.99 -1.66 -4.30
CA THR A 123 10.45 -1.60 -4.45
C THR A 123 11.10 -2.74 -3.67
N LYS A 124 10.77 -2.85 -2.41
CA LYS A 124 11.41 -3.90 -1.57
C LYS A 124 10.79 -5.29 -1.78
N TYR A 125 9.63 -5.40 -2.37
CA TYR A 125 8.99 -6.73 -2.53
C TYR A 125 9.13 -7.20 -3.98
N ARG A 126 9.37 -6.29 -4.88
CA ARG A 126 9.53 -6.66 -6.30
C ARG A 126 10.45 -7.89 -6.44
N ASN A 127 11.40 -8.02 -5.57
CA ASN A 127 12.36 -9.16 -5.64
C ASN A 127 11.98 -10.21 -4.60
N VAL A 128 11.34 -9.78 -3.58
CA VAL A 128 10.92 -10.71 -2.48
C VAL A 128 9.42 -10.99 -2.60
N GLU A 129 9.09 -12.24 -2.58
CA GLU A 129 7.68 -12.65 -2.73
C GLU A 129 6.88 -12.26 -1.48
N ASP B 1 12.23 9.79 -12.50
CA ASP B 1 11.80 10.05 -13.90
C ASP B 1 10.66 9.10 -14.27
N LEU B 2 9.59 9.61 -14.80
CA LEU B 2 8.45 8.72 -15.18
C LEU B 2 8.98 7.50 -15.94
N ASP B 3 10.01 7.68 -16.71
CA ASP B 3 10.57 6.54 -17.48
C ASP B 3 11.05 5.46 -16.48
N ALA B 4 11.48 5.87 -15.32
CA ALA B 4 11.95 4.88 -14.31
C ALA B 4 10.74 4.22 -13.65
N LEU B 5 9.69 4.96 -13.44
CA LEU B 5 8.48 4.35 -12.81
C LEU B 5 8.00 3.18 -13.67
N LEU B 6 8.03 3.33 -14.96
CA LEU B 6 7.57 2.21 -15.84
C LEU B 6 8.68 1.17 -15.98
N ALA B 7 9.91 1.60 -16.04
CA ALA B 7 11.04 0.63 -16.18
C ALA B 7 11.12 -0.24 -14.93
N ASP B 8 10.44 0.14 -13.88
CA ASP B 8 10.46 -0.66 -12.61
C ASP B 8 9.12 -1.36 -12.42
N LEU B 9 8.07 -0.83 -12.97
CA LEU B 9 6.73 -1.47 -12.81
C LEU B 9 6.54 -2.57 -13.87
N GLU B 10 7.41 -2.64 -14.84
CA GLU B 10 7.28 -3.68 -15.89
C GLU B 10 6.99 -5.04 -15.26
N ARG A 1 5.28 23.98 4.31
CA ARG A 1 6.23 24.65 3.36
C ARG A 1 6.15 23.95 2.00
N HIS A 2 6.27 24.71 0.93
CA HIS A 2 6.20 24.09 -0.42
C HIS A 2 7.40 23.16 -0.61
N GLU A 3 7.15 21.92 -0.93
CA GLU A 3 8.27 20.94 -1.13
C GLU A 3 7.98 20.10 -2.37
N ARG A 4 8.93 20.02 -3.28
CA ARG A 4 8.72 19.21 -4.51
C ARG A 4 9.32 17.81 -4.31
N ASP A 5 8.56 16.78 -4.59
CA ASP A 5 9.07 15.39 -4.40
C ASP A 5 8.64 14.52 -5.58
N ALA A 6 8.15 13.35 -5.31
CA ALA A 6 7.72 12.43 -6.42
C ALA A 6 6.29 12.76 -6.88
N PHE A 7 5.33 12.71 -5.99
CA PHE A 7 3.92 13.00 -6.42
C PHE A 7 3.87 14.28 -7.27
N ASP A 8 4.85 15.13 -7.15
CA ASP A 8 4.83 16.41 -7.91
C ASP A 8 4.58 16.20 -9.40
N THR A 9 5.55 15.72 -10.06
CA THR A 9 5.46 15.50 -11.53
C THR A 9 4.62 14.29 -11.85
N LEU A 10 4.46 13.38 -10.94
CA LEU A 10 3.64 12.19 -11.25
C LEU A 10 2.16 12.62 -11.35
N PHE A 11 1.70 13.43 -10.44
CA PHE A 11 0.27 13.90 -10.47
C PHE A 11 0.16 15.18 -11.30
N ASP A 12 1.25 15.86 -11.51
CA ASP A 12 1.18 17.14 -12.30
C ASP A 12 1.55 16.88 -13.76
N HIS A 13 1.98 15.67 -14.10
CA HIS A 13 2.35 15.41 -15.53
C HIS A 13 1.99 13.98 -15.94
N ALA A 14 1.18 13.28 -15.18
CA ALA A 14 0.82 11.90 -15.59
C ALA A 14 -0.31 11.34 -14.72
N PRO A 15 -1.49 11.91 -14.85
CA PRO A 15 -2.66 11.42 -14.09
C PRO A 15 -3.04 10.04 -14.64
N ASP A 16 -2.61 9.73 -15.84
CA ASP A 16 -2.96 8.40 -16.45
C ASP A 16 -1.93 7.34 -16.04
N LYS A 17 -0.67 7.69 -16.06
CA LYS A 17 0.37 6.71 -15.67
C LYS A 17 0.12 6.31 -14.22
N LEU A 18 -0.29 7.24 -13.41
CA LEU A 18 -0.57 6.93 -11.99
C LEU A 18 -1.64 5.84 -11.94
N ASN A 19 -2.63 5.93 -12.77
CA ASN A 19 -3.68 4.89 -12.78
C ASN A 19 -3.02 3.53 -12.97
N VAL A 20 -2.14 3.43 -13.94
CA VAL A 20 -1.45 2.14 -14.18
C VAL A 20 -0.51 1.82 -13.01
N VAL A 21 0.14 2.81 -12.46
CA VAL A 21 1.07 2.53 -11.32
C VAL A 21 0.26 1.99 -10.15
N LYS A 22 -0.95 2.44 -9.96
CA LYS A 22 -1.76 1.92 -8.83
C LYS A 22 -1.99 0.45 -9.15
N LYS A 23 -2.30 0.15 -10.39
CA LYS A 23 -2.55 -1.28 -10.78
C LYS A 23 -1.28 -2.12 -10.53
N THR A 24 -0.14 -1.52 -10.49
CA THR A 24 1.10 -2.31 -10.23
C THR A 24 1.14 -2.62 -8.75
N LEU A 25 0.64 -1.72 -7.98
CA LEU A 25 0.57 -1.95 -6.52
C LEU A 25 -0.51 -3.01 -6.30
N ILE A 26 -1.50 -3.04 -7.16
CA ILE A 26 -2.57 -4.06 -7.06
C ILE A 26 -1.94 -5.42 -7.32
N THR A 27 -0.90 -5.45 -8.12
CA THR A 27 -0.23 -6.75 -8.43
C THR A 27 0.53 -7.29 -7.19
N PHE A 28 1.37 -6.50 -6.57
CA PHE A 28 2.12 -7.01 -5.37
C PHE A 28 1.09 -7.50 -4.32
N VAL A 29 -0.02 -6.83 -4.24
CA VAL A 29 -1.08 -7.25 -3.28
C VAL A 29 -1.70 -8.56 -3.82
N ASN A 30 -1.86 -8.64 -5.11
CA ASN A 30 -2.45 -9.87 -5.72
C ASN A 30 -1.51 -11.03 -5.46
N LYS A 31 -0.30 -10.76 -5.09
CA LYS A 31 0.66 -11.86 -4.83
C LYS A 31 0.36 -12.41 -3.44
N HIS A 32 0.42 -11.58 -2.43
CA HIS A 32 0.13 -12.08 -1.09
C HIS A 32 -1.27 -12.67 -1.09
N LEU A 33 -2.05 -12.20 -1.99
CA LEU A 33 -3.44 -12.70 -2.12
C LEU A 33 -3.41 -13.95 -2.99
N ASN A 34 -2.77 -13.86 -4.12
CA ASN A 34 -2.68 -15.06 -5.01
C ASN A 34 -2.38 -16.31 -4.17
N LYS A 35 -1.68 -16.20 -3.05
CA LYS A 35 -1.42 -17.46 -2.29
C LYS A 35 -2.77 -18.12 -1.98
N LEU A 36 -3.60 -17.43 -1.26
CA LEU A 36 -4.95 -17.98 -0.93
C LEU A 36 -5.82 -17.85 -2.19
N ASN A 37 -5.18 -17.50 -3.27
CA ASN A 37 -5.85 -17.34 -4.59
C ASN A 37 -7.08 -16.42 -4.50
N LEU A 38 -6.83 -15.16 -4.28
CA LEU A 38 -7.93 -14.14 -4.23
C LEU A 38 -7.68 -13.13 -5.35
N GLU A 39 -8.12 -11.91 -5.20
CA GLU A 39 -7.89 -10.90 -6.28
C GLU A 39 -8.23 -9.50 -5.76
N VAL A 40 -7.27 -8.62 -5.76
CA VAL A 40 -7.53 -7.21 -5.30
C VAL A 40 -7.89 -6.34 -6.51
N THR A 41 -8.54 -5.22 -6.28
CA THR A 41 -8.93 -4.33 -7.42
C THR A 41 -8.77 -2.86 -7.05
N GLU A 42 -8.86 -2.53 -5.78
CA GLU A 42 -8.75 -1.10 -5.35
C GLU A 42 -7.66 -0.94 -4.30
N LEU A 43 -6.44 -0.79 -4.73
CA LEU A 43 -5.34 -0.61 -3.74
C LEU A 43 -5.71 0.57 -2.85
N GLU A 44 -6.14 1.65 -3.43
CA GLU A 44 -6.51 2.84 -2.61
C GLU A 44 -7.38 2.45 -1.40
N THR A 45 -8.52 1.91 -1.64
CA THR A 45 -9.45 1.56 -0.52
C THR A 45 -9.01 0.26 0.17
N GLN A 46 -7.95 -0.35 -0.26
CA GLN A 46 -7.53 -1.60 0.41
C GLN A 46 -6.92 -1.23 1.75
N PHE A 47 -6.53 0.02 1.89
CA PHE A 47 -5.96 0.46 3.18
C PHE A 47 -7.08 1.10 3.94
N ALA A 48 -8.14 1.42 3.25
CA ALA A 48 -9.33 2.00 3.92
C ALA A 48 -9.95 0.94 4.81
N ASP A 49 -9.13 0.05 5.28
CA ASP A 49 -9.62 -1.04 6.14
C ASP A 49 -8.40 -1.79 6.73
N GLY A 50 -7.26 -1.63 6.11
CA GLY A 50 -6.03 -2.32 6.60
C GLY A 50 -6.30 -3.80 6.92
N VAL A 51 -7.46 -4.32 6.57
CA VAL A 51 -7.75 -5.75 6.86
C VAL A 51 -6.99 -6.63 5.88
N TYR A 52 -7.26 -6.50 4.62
CA TYR A 52 -6.54 -7.33 3.62
C TYR A 52 -5.04 -7.12 3.82
N LEU A 53 -4.71 -6.13 4.60
CA LEU A 53 -3.27 -5.83 4.86
C LEU A 53 -2.73 -6.80 5.91
N VAL A 54 -3.38 -6.96 7.03
CA VAL A 54 -2.87 -7.94 8.02
C VAL A 54 -2.76 -9.29 7.30
N LEU A 55 -3.64 -9.51 6.35
CA LEU A 55 -3.58 -10.78 5.57
C LEU A 55 -2.24 -10.83 4.84
N LEU A 56 -1.84 -9.75 4.20
CA LEU A 56 -0.51 -9.76 3.49
C LEU A 56 0.52 -10.33 4.44
N MET A 57 0.66 -9.74 5.58
CA MET A 57 1.67 -10.25 6.56
C MET A 57 1.58 -11.79 6.65
N GLY A 58 0.39 -12.33 6.66
CA GLY A 58 0.25 -13.82 6.79
C GLY A 58 0.53 -14.58 5.49
N LEU A 59 -0.20 -14.29 4.45
CA LEU A 59 0.01 -15.03 3.17
C LEU A 59 1.45 -14.88 2.75
N LEU A 60 2.14 -13.96 3.32
CA LEU A 60 3.59 -13.78 2.99
C LEU A 60 4.36 -14.82 3.80
N GLU A 61 4.15 -14.85 5.08
CA GLU A 61 4.84 -15.85 5.94
C GLU A 61 4.40 -17.25 5.51
N GLY A 62 3.26 -17.37 4.87
CA GLY A 62 2.78 -18.70 4.43
C GLY A 62 1.93 -19.34 5.53
N TYR A 63 0.95 -18.64 6.01
CA TYR A 63 0.09 -19.20 7.09
C TYR A 63 -1.20 -18.37 7.18
N PHE A 64 -2.33 -19.02 7.31
CA PHE A 64 -3.62 -18.28 7.40
C PHE A 64 -3.65 -17.52 8.73
N VAL A 65 -3.50 -16.23 8.69
CA VAL A 65 -3.53 -15.44 9.95
C VAL A 65 -4.93 -15.60 10.62
N PRO A 66 -5.00 -15.92 11.90
CA PRO A 66 -6.31 -16.07 12.57
C PRO A 66 -7.14 -14.78 12.44
N LEU A 67 -8.33 -14.78 12.96
CA LEU A 67 -9.20 -13.57 12.86
C LEU A 67 -8.92 -12.62 14.03
N HIS A 68 -8.22 -13.08 15.04
CA HIS A 68 -7.94 -12.21 16.22
C HIS A 68 -6.62 -11.45 16.01
N SER A 69 -5.73 -11.98 15.23
CA SER A 69 -4.43 -11.29 15.00
C SER A 69 -4.69 -9.87 14.54
N PHE A 70 -5.77 -9.69 13.86
CA PHE A 70 -6.13 -8.34 13.36
C PHE A 70 -6.24 -7.38 14.55
N PHE A 71 -7.01 -6.35 14.37
CA PHE A 71 -7.24 -5.34 15.46
C PHE A 71 -8.75 -5.28 15.73
N LEU A 72 -9.49 -4.66 14.86
CA LEU A 72 -10.97 -4.60 15.06
C LEU A 72 -11.63 -4.32 13.71
N THR A 73 -12.89 -4.60 13.58
CA THR A 73 -13.60 -4.35 12.30
C THR A 73 -13.68 -2.83 12.06
N PRO A 74 -13.06 -2.31 11.00
CA PRO A 74 -13.12 -0.85 10.74
C PRO A 74 -14.58 -0.44 10.56
N ASP A 75 -15.09 0.40 11.44
CA ASP A 75 -16.50 0.85 11.34
C ASP A 75 -16.52 2.32 10.91
N SER A 76 -15.73 3.12 11.55
CA SER A 76 -15.66 4.58 11.20
C SER A 76 -14.26 4.91 10.71
N PHE A 77 -14.00 6.18 10.53
CA PHE A 77 -12.67 6.61 10.01
C PHE A 77 -11.58 6.29 11.00
N GLU A 78 -11.67 6.80 12.16
CA GLU A 78 -10.61 6.53 13.17
C GLU A 78 -10.31 5.04 13.23
N GLN A 79 -11.31 4.21 13.15
CA GLN A 79 -11.09 2.76 13.21
C GLN A 79 -10.27 2.31 12.02
N LYS A 80 -10.47 2.93 10.89
CA LYS A 80 -9.67 2.55 9.70
C LYS A 80 -8.27 3.11 9.88
N VAL A 81 -8.17 4.38 10.19
CA VAL A 81 -6.85 5.03 10.40
C VAL A 81 -6.04 4.20 11.38
N LEU A 82 -6.70 3.45 12.23
CA LEU A 82 -5.96 2.62 13.23
C LEU A 82 -5.53 1.31 12.58
N ASN A 83 -6.35 0.74 11.77
CA ASN A 83 -5.93 -0.53 11.11
C ASN A 83 -4.67 -0.24 10.29
N VAL A 84 -4.55 0.96 9.78
CA VAL A 84 -3.32 1.30 8.98
C VAL A 84 -2.23 1.78 9.90
N SER A 85 -2.57 2.45 10.95
CA SER A 85 -1.51 2.92 11.89
C SER A 85 -0.82 1.69 12.45
N PHE A 86 -1.54 0.61 12.49
CA PHE A 86 -0.99 -0.65 13.02
C PHE A 86 -0.06 -1.28 11.99
N ALA A 87 -0.55 -1.53 10.82
CA ALA A 87 0.35 -2.13 9.80
C ALA A 87 1.53 -1.21 9.62
N PHE A 88 1.31 0.05 9.82
CA PHE A 88 2.38 1.06 9.72
C PHE A 88 3.27 0.90 10.91
N GLU A 89 2.77 0.32 11.97
CA GLU A 89 3.60 0.15 13.19
C GLU A 89 4.54 -1.04 12.99
N LEU A 90 4.02 -2.15 12.52
CA LEU A 90 4.89 -3.32 12.30
C LEU A 90 5.78 -3.02 11.09
N MET A 91 5.42 -2.04 10.31
CA MET A 91 6.26 -1.70 9.13
C MET A 91 7.35 -0.74 9.58
N GLN A 92 6.99 0.26 10.33
CA GLN A 92 8.01 1.22 10.84
C GLN A 92 9.09 0.38 11.52
N ASP A 93 8.71 -0.75 12.06
CA ASP A 93 9.70 -1.64 12.71
C ASP A 93 10.34 -2.49 11.61
N GLY A 94 9.52 -3.14 10.84
CA GLY A 94 10.05 -3.99 9.74
C GLY A 94 10.86 -3.11 8.79
N GLY A 95 10.94 -1.82 9.05
CA GLY A 95 11.73 -0.91 8.15
C GLY A 95 10.85 0.24 7.63
N LEU A 96 10.42 0.16 6.40
CA LEU A 96 9.56 1.23 5.81
C LEU A 96 10.37 2.53 5.63
N GLU A 97 11.35 2.73 6.45
CA GLU A 97 12.19 3.96 6.34
C GLU A 97 11.33 5.22 6.52
N LYS A 98 11.95 6.30 6.89
CA LYS A 98 11.22 7.60 7.11
C LYS A 98 10.02 7.74 6.16
N PRO A 99 8.81 7.45 6.61
CA PRO A 99 7.61 7.58 5.75
C PRO A 99 7.33 9.06 5.51
N LYS A 100 6.50 9.36 4.53
CA LYS A 100 6.17 10.80 4.21
C LYS A 100 4.68 11.10 4.50
N PRO A 101 3.76 10.28 4.01
CA PRO A 101 2.33 10.51 4.24
C PRO A 101 1.95 9.95 5.63
N ARG A 102 0.67 9.97 5.98
CA ARG A 102 0.24 9.47 7.32
C ARG A 102 -0.87 8.41 7.16
N PRO A 103 -0.96 7.45 8.08
CA PRO A 103 -1.99 6.40 8.04
C PRO A 103 -3.33 6.96 7.53
N GLU A 104 -3.55 8.23 7.75
CA GLU A 104 -4.81 8.84 7.26
C GLU A 104 -4.71 8.97 5.74
N ASP A 105 -3.73 9.71 5.30
CA ASP A 105 -3.50 9.92 3.85
C ASP A 105 -3.68 8.59 3.10
N ILE A 106 -3.50 7.50 3.78
CA ILE A 106 -3.67 6.18 3.11
C ILE A 106 -5.16 5.83 3.15
N VAL A 107 -5.68 5.54 4.33
CA VAL A 107 -7.14 5.23 4.45
C VAL A 107 -7.94 6.25 3.65
N ASN A 108 -7.41 7.43 3.51
CA ASN A 108 -8.14 8.52 2.78
C ASN A 108 -8.46 8.07 1.35
N CYS A 109 -8.25 6.82 1.02
CA CYS A 109 -8.56 6.35 -0.36
C CYS A 109 -7.85 7.23 -1.39
N ASP A 110 -7.10 8.21 -0.95
CA ASP A 110 -6.39 9.07 -1.92
C ASP A 110 -5.28 8.24 -2.56
N LEU A 111 -4.82 8.67 -3.69
CA LEU A 111 -3.75 7.95 -4.39
C LEU A 111 -2.42 8.59 -4.04
N LYS A 112 -2.34 9.87 -4.21
CA LYS A 112 -1.09 10.62 -3.94
C LYS A 112 -0.22 9.99 -2.86
N SER A 113 -0.59 10.18 -1.65
CA SER A 113 0.19 9.65 -0.51
C SER A 113 0.32 8.11 -0.58
N THR A 114 -0.78 7.46 -0.58
CA THR A 114 -0.80 5.96 -0.61
C THR A 114 0.20 5.46 -1.66
N LEU A 115 0.32 6.15 -2.75
CA LEU A 115 1.26 5.74 -3.82
C LEU A 115 2.68 5.85 -3.27
N ARG A 116 3.00 6.93 -2.61
CA ARG A 116 4.39 7.06 -2.10
C ARG A 116 4.78 5.86 -1.20
N VAL A 117 3.95 5.50 -0.26
CA VAL A 117 4.31 4.37 0.65
C VAL A 117 4.21 3.03 -0.08
N LEU A 118 3.20 2.82 -0.86
CA LEU A 118 3.09 1.51 -1.56
C LEU A 118 4.33 1.35 -2.44
N TYR A 119 4.79 2.41 -3.05
CA TYR A 119 6.01 2.30 -3.87
C TYR A 119 7.11 1.76 -2.97
N ASN A 120 7.30 2.43 -1.88
CA ASN A 120 8.33 2.02 -0.89
C ASN A 120 8.23 0.48 -0.67
N LEU A 121 7.05 -0.06 -0.69
CA LEU A 121 6.90 -1.53 -0.47
C LEU A 121 7.32 -2.27 -1.74
N PHE A 122 6.63 -2.06 -2.83
CA PHE A 122 6.98 -2.75 -4.11
C PHE A 122 8.48 -2.80 -4.26
N THR A 123 9.10 -1.84 -3.72
CA THR A 123 10.58 -1.79 -3.80
C THR A 123 11.17 -2.86 -2.90
N LYS A 124 10.75 -2.88 -1.67
CA LYS A 124 11.31 -3.85 -0.70
C LYS A 124 10.81 -5.28 -0.89
N TYR A 125 9.67 -5.49 -1.54
CA TYR A 125 9.15 -6.89 -1.70
C TYR A 125 9.36 -7.38 -3.13
N ARG A 126 9.60 -6.49 -4.03
CA ARG A 126 9.81 -6.86 -5.45
C ARG A 126 10.73 -8.09 -5.54
N ASN A 127 11.62 -8.25 -4.61
CA ASN A 127 12.56 -9.39 -4.64
C ASN A 127 11.91 -10.58 -3.94
N VAL A 128 10.96 -10.30 -3.13
CA VAL A 128 10.24 -11.35 -2.37
C VAL A 128 8.89 -11.61 -3.04
N GLU A 129 8.52 -12.84 -3.07
CA GLU A 129 7.24 -13.25 -3.69
C GLU A 129 6.06 -12.77 -2.85
N ASP B 1 12.55 8.62 -13.01
CA ASP B 1 11.70 9.61 -13.72
C ASP B 1 10.43 8.91 -14.23
N LEU B 2 9.57 9.63 -14.89
CA LEU B 2 8.32 9.01 -15.40
C LEU B 2 8.67 7.91 -16.40
N ASP B 3 9.29 8.28 -17.48
CA ASP B 3 9.67 7.26 -18.51
C ASP B 3 10.34 6.07 -17.82
N ALA B 4 10.93 6.28 -16.68
CA ALA B 4 11.60 5.16 -15.95
C ALA B 4 10.53 4.24 -15.38
N LEU B 5 9.78 4.70 -14.41
CA LEU B 5 8.72 3.85 -13.80
C LEU B 5 7.90 3.18 -14.90
N LEU B 6 7.79 3.81 -16.04
CA LEU B 6 7.01 3.20 -17.16
C LEU B 6 7.79 2.01 -17.71
N ALA B 7 8.88 2.27 -18.39
CA ALA B 7 9.69 1.16 -18.96
C ALA B 7 9.96 0.10 -17.88
N ASP B 8 9.61 0.37 -16.65
CA ASP B 8 9.86 -0.63 -15.56
C ASP B 8 8.70 -1.63 -15.47
N LEU B 9 7.54 -1.20 -15.00
CA LEU B 9 6.36 -2.15 -14.89
C LEU B 9 5.44 -2.03 -16.09
N GLU B 10 5.96 -1.63 -17.22
CA GLU B 10 5.12 -1.49 -18.44
C GLU B 10 4.22 -2.71 -18.59
N ARG A 1 11.26 23.54 0.40
CA ARG A 1 10.21 23.05 1.35
C ARG A 1 9.71 21.67 0.89
N HIS A 2 8.55 21.63 0.31
CA HIS A 2 8.00 20.32 -0.15
C HIS A 2 9.03 19.62 -1.04
N GLU A 3 9.68 18.61 -0.53
CA GLU A 3 10.69 17.90 -1.36
C GLU A 3 10.07 17.52 -2.71
N ARG A 4 10.72 17.84 -3.79
CA ARG A 4 10.16 17.51 -5.13
C ARG A 4 10.57 16.07 -5.50
N ASP A 5 9.61 15.18 -5.60
CA ASP A 5 9.90 13.76 -5.96
C ASP A 5 9.08 13.38 -7.17
N ALA A 6 8.50 12.22 -7.15
CA ALA A 6 7.66 11.77 -8.30
C ALA A 6 6.25 12.35 -8.17
N PHE A 7 5.59 12.06 -7.08
CA PHE A 7 4.21 12.58 -6.86
C PHE A 7 4.16 14.07 -7.20
N ASP A 8 5.25 14.75 -7.01
CA ASP A 8 5.26 16.21 -7.32
C ASP A 8 4.86 16.43 -8.79
N THR A 9 5.70 16.02 -9.70
CA THR A 9 5.39 16.22 -11.15
C THR A 9 4.37 15.21 -11.65
N LEU A 10 4.20 14.11 -10.99
CA LEU A 10 3.22 13.11 -11.49
C LEU A 10 1.79 13.63 -11.25
N PHE A 11 1.55 14.26 -10.13
CA PHE A 11 0.17 14.79 -9.86
C PHE A 11 0.05 16.15 -10.53
N ASP A 12 1.14 16.82 -10.69
CA ASP A 12 1.10 18.18 -11.32
C ASP A 12 1.20 18.06 -12.83
N HIS A 13 1.64 16.92 -13.34
CA HIS A 13 1.77 16.78 -14.83
C HIS A 13 1.41 15.36 -15.30
N ALA A 14 0.72 14.56 -14.50
CA ALA A 14 0.36 13.19 -14.99
C ALA A 14 -0.63 12.50 -14.03
N PRO A 15 -1.84 13.02 -13.95
CA PRO A 15 -2.88 12.43 -13.09
C PRO A 15 -3.32 11.08 -13.68
N ASP A 16 -2.95 10.81 -14.92
CA ASP A 16 -3.38 9.53 -15.56
C ASP A 16 -2.40 8.39 -15.22
N LYS A 17 -1.13 8.63 -15.34
CA LYS A 17 -0.15 7.55 -15.03
C LYS A 17 -0.30 7.16 -13.56
N LEU A 18 -0.58 8.11 -12.71
CA LEU A 18 -0.74 7.79 -11.27
C LEU A 18 -1.84 6.74 -11.12
N ASN A 19 -2.85 6.81 -11.94
CA ASN A 19 -3.94 5.81 -11.85
C ASN A 19 -3.36 4.44 -12.19
N VAL A 20 -2.65 4.36 -13.29
CA VAL A 20 -2.04 3.06 -13.67
C VAL A 20 -1.05 2.62 -12.58
N VAL A 21 -0.37 3.56 -12.00
CA VAL A 21 0.61 3.19 -10.93
C VAL A 21 -0.14 2.55 -9.75
N LYS A 22 -1.36 2.95 -9.49
CA LYS A 22 -2.10 2.30 -8.37
C LYS A 22 -2.33 0.87 -8.80
N LYS A 23 -2.70 0.65 -10.02
CA LYS A 23 -2.96 -0.73 -10.50
C LYS A 23 -1.69 -1.58 -10.36
N THR A 24 -0.53 -0.96 -10.36
CA THR A 24 0.72 -1.75 -10.21
C THR A 24 0.87 -2.12 -8.75
N LEU A 25 0.42 -1.27 -7.89
CA LEU A 25 0.47 -1.57 -6.45
C LEU A 25 -0.54 -2.70 -6.20
N ILE A 26 -1.58 -2.74 -6.99
CA ILE A 26 -2.57 -3.83 -6.83
C ILE A 26 -1.87 -5.12 -7.20
N THR A 27 -1.00 -5.09 -8.17
CA THR A 27 -0.28 -6.33 -8.59
C THR A 27 0.61 -6.87 -7.45
N PHE A 28 1.31 -6.02 -6.75
CA PHE A 28 2.21 -6.52 -5.65
C PHE A 28 1.34 -7.21 -4.58
N VAL A 29 0.27 -6.60 -4.18
CA VAL A 29 -0.60 -7.24 -3.15
C VAL A 29 -1.22 -8.49 -3.75
N ASN A 30 -1.68 -8.42 -4.99
CA ASN A 30 -2.28 -9.61 -5.65
C ASN A 30 -1.23 -10.71 -5.68
N LYS A 31 -0.01 -10.37 -5.50
CA LYS A 31 1.07 -11.37 -5.54
C LYS A 31 1.06 -12.15 -4.24
N HIS A 32 1.19 -11.48 -3.12
CA HIS A 32 1.19 -12.21 -1.87
C HIS A 32 -0.22 -12.76 -1.66
N LEU A 33 -1.17 -12.19 -2.32
CA LEU A 33 -2.56 -12.70 -2.21
C LEU A 33 -2.64 -13.86 -3.19
N ASN A 34 -2.15 -13.66 -4.38
CA ASN A 34 -2.17 -14.75 -5.39
C ASN A 34 -1.70 -16.07 -4.74
N LYS A 35 -0.81 -16.04 -3.77
CA LYS A 35 -0.39 -17.35 -3.16
C LYS A 35 -1.66 -18.10 -2.74
N LEU A 36 -2.41 -17.52 -1.85
CA LEU A 36 -3.69 -18.16 -1.43
C LEU A 36 -4.66 -18.05 -2.61
N ASN A 37 -4.17 -17.59 -3.72
CA ASN A 37 -4.98 -17.42 -4.94
C ASN A 37 -6.25 -16.63 -4.66
N LEU A 38 -6.07 -15.35 -4.45
CA LEU A 38 -7.24 -14.43 -4.19
C LEU A 38 -7.23 -13.34 -5.26
N GLU A 39 -7.79 -12.19 -4.97
CA GLU A 39 -7.80 -11.11 -6.00
C GLU A 39 -8.22 -9.77 -5.39
N VAL A 40 -7.35 -8.78 -5.48
CA VAL A 40 -7.67 -7.42 -4.94
C VAL A 40 -7.90 -6.47 -6.12
N THR A 41 -8.57 -5.36 -5.89
CA THR A 41 -8.83 -4.40 -7.02
C THR A 41 -8.77 -2.94 -6.54
N GLU A 42 -8.85 -2.70 -5.26
CA GLU A 42 -8.84 -1.28 -4.76
C GLU A 42 -7.70 -1.07 -3.77
N LEU A 43 -6.51 -0.83 -4.24
CA LEU A 43 -5.39 -0.60 -3.29
C LEU A 43 -5.79 0.54 -2.35
N GLU A 44 -6.33 1.59 -2.89
CA GLU A 44 -6.72 2.75 -2.05
C GLU A 44 -7.60 2.29 -0.86
N THR A 45 -8.73 1.73 -1.16
CA THR A 45 -9.67 1.29 -0.08
C THR A 45 -9.16 0.02 0.60
N GLN A 46 -8.06 -0.52 0.18
CA GLN A 46 -7.56 -1.74 0.84
C GLN A 46 -6.95 -1.34 2.17
N PHE A 47 -6.67 -0.07 2.31
CA PHE A 47 -6.12 0.43 3.59
C PHE A 47 -7.29 0.98 4.38
N ALA A 48 -8.38 1.18 3.72
CA ALA A 48 -9.60 1.69 4.40
C ALA A 48 -10.11 0.60 5.34
N ASP A 49 -9.21 -0.22 5.79
CA ASP A 49 -9.58 -1.33 6.71
C ASP A 49 -8.30 -2.01 7.22
N GLY A 50 -7.19 -1.76 6.58
CA GLY A 50 -5.91 -2.40 7.03
C GLY A 50 -6.05 -3.95 7.07
N VAL A 51 -7.22 -4.46 6.78
CA VAL A 51 -7.43 -5.94 6.82
C VAL A 51 -6.63 -6.63 5.72
N TYR A 52 -6.91 -6.33 4.49
CA TYR A 52 -6.14 -6.97 3.39
C TYR A 52 -4.65 -6.75 3.65
N LEU A 53 -4.35 -5.88 4.58
CA LEU A 53 -2.92 -5.58 4.87
C LEU A 53 -2.28 -6.72 5.66
N VAL A 54 -2.72 -7.01 6.86
CA VAL A 54 -2.04 -8.12 7.59
C VAL A 54 -2.22 -9.40 6.77
N LEU A 55 -3.20 -9.42 5.89
CA LEU A 55 -3.42 -10.64 5.06
C LEU A 55 -2.16 -10.87 4.19
N LEU A 56 -1.81 -9.93 3.34
CA LEU A 56 -0.60 -10.11 2.49
C LEU A 56 0.58 -10.49 3.40
N MET A 57 0.68 -9.88 4.55
CA MET A 57 1.78 -10.23 5.49
C MET A 57 1.65 -11.70 5.86
N GLY A 58 0.48 -12.25 5.72
CA GLY A 58 0.27 -13.68 6.05
C GLY A 58 0.84 -14.56 4.94
N LEU A 59 0.33 -14.42 3.74
CA LEU A 59 0.86 -15.25 2.62
C LEU A 59 2.38 -15.10 2.60
N LEU A 60 2.89 -14.07 3.23
CA LEU A 60 4.37 -13.90 3.27
C LEU A 60 4.91 -14.87 4.33
N GLU A 61 4.27 -14.92 5.47
CA GLU A 61 4.74 -15.85 6.54
C GLU A 61 4.57 -17.30 6.06
N GLY A 62 3.62 -17.53 5.18
CA GLY A 62 3.39 -18.93 4.67
C GLY A 62 2.21 -19.56 5.40
N TYR A 63 1.23 -18.78 5.74
CA TYR A 63 0.04 -19.34 6.44
C TYR A 63 -1.14 -18.37 6.31
N PHE A 64 -2.33 -18.88 6.23
CA PHE A 64 -3.52 -18.00 6.10
C PHE A 64 -3.68 -17.14 7.35
N VAL A 65 -4.75 -16.41 7.45
CA VAL A 65 -4.97 -15.54 8.65
C VAL A 65 -6.49 -15.39 8.88
N PRO A 66 -7.05 -16.04 9.89
CA PRO A 66 -8.51 -15.94 10.14
C PRO A 66 -8.90 -14.47 10.36
N LEU A 67 -10.16 -14.22 10.64
CA LEU A 67 -10.61 -12.82 10.86
C LEU A 67 -10.27 -12.37 12.28
N HIS A 68 -10.35 -13.27 13.23
CA HIS A 68 -10.05 -12.90 14.63
C HIS A 68 -8.58 -12.48 14.75
N SER A 69 -7.78 -12.82 13.79
CA SER A 69 -6.34 -12.43 13.85
C SER A 69 -6.24 -10.91 13.81
N PHE A 70 -7.18 -10.31 13.20
CA PHE A 70 -7.19 -8.84 13.07
C PHE A 70 -7.81 -8.22 14.32
N PHE A 71 -8.25 -7.00 14.21
CA PHE A 71 -8.90 -6.30 15.36
C PHE A 71 -10.38 -6.11 15.03
N LEU A 72 -11.16 -7.14 15.14
CA LEU A 72 -12.60 -7.02 14.82
C LEU A 72 -12.75 -6.45 13.41
N THR A 73 -13.89 -5.93 13.06
CA THR A 73 -14.10 -5.34 11.70
C THR A 73 -14.13 -3.81 11.83
N PRO A 74 -13.57 -3.07 10.86
CA PRO A 74 -13.59 -1.60 10.93
C PRO A 74 -15.00 -1.10 11.27
N ASP A 75 -15.12 -0.19 12.20
CA ASP A 75 -16.47 0.34 12.59
C ASP A 75 -16.61 1.80 12.14
N SER A 76 -15.60 2.57 12.39
CA SER A 76 -15.61 4.01 12.04
C SER A 76 -14.29 4.42 11.40
N PHE A 77 -14.05 5.68 11.29
CA PHE A 77 -12.80 6.15 10.68
C PHE A 77 -11.65 5.90 11.62
N GLU A 78 -11.73 6.43 12.79
CA GLU A 78 -10.63 6.24 13.77
C GLU A 78 -10.19 4.76 13.82
N GLN A 79 -11.11 3.82 13.82
CA GLN A 79 -10.65 2.41 13.88
C GLN A 79 -9.85 2.11 12.62
N LYS A 80 -10.24 2.67 11.51
CA LYS A 80 -9.48 2.43 10.25
C LYS A 80 -8.09 3.07 10.40
N VAL A 81 -8.06 4.35 10.69
CA VAL A 81 -6.75 5.06 10.85
C VAL A 81 -5.85 4.25 11.77
N LEU A 82 -6.41 3.49 12.66
CA LEU A 82 -5.58 2.68 13.60
C LEU A 82 -5.18 1.37 12.96
N ASN A 83 -6.04 0.78 12.19
CA ASN A 83 -5.67 -0.49 11.54
C ASN A 83 -4.46 -0.22 10.65
N VAL A 84 -4.37 0.98 10.12
CA VAL A 84 -3.20 1.33 9.25
C VAL A 84 -2.05 1.82 10.11
N SER A 85 -2.33 2.51 11.16
CA SER A 85 -1.21 2.99 12.02
C SER A 85 -0.48 1.75 12.54
N PHE A 86 -1.21 0.68 12.63
CA PHE A 86 -0.63 -0.59 13.13
C PHE A 86 0.24 -1.21 12.05
N ALA A 87 -0.31 -1.47 10.91
CA ALA A 87 0.51 -2.06 9.82
C ALA A 87 1.72 -1.16 9.61
N PHE A 88 1.52 0.11 9.82
CA PHE A 88 2.61 1.09 9.66
C PHE A 88 3.54 0.94 10.85
N GLU A 89 3.06 0.37 11.91
CA GLU A 89 3.94 0.22 13.10
C GLU A 89 4.86 -1.00 12.88
N LEU A 90 4.32 -2.08 12.43
CA LEU A 90 5.18 -3.26 12.16
C LEU A 90 6.05 -2.96 10.95
N MET A 91 5.68 -1.97 10.17
CA MET A 91 6.52 -1.63 8.99
C MET A 91 7.63 -0.68 9.42
N GLN A 92 7.26 0.32 10.17
CA GLN A 92 8.29 1.27 10.66
C GLN A 92 9.36 0.46 11.40
N ASP A 93 8.98 -0.67 11.92
CA ASP A 93 9.98 -1.53 12.63
C ASP A 93 10.68 -2.38 11.59
N GLY A 94 9.93 -3.11 10.82
CA GLY A 94 10.55 -3.96 9.78
C GLY A 94 11.32 -3.09 8.80
N GLY A 95 11.34 -1.79 9.02
CA GLY A 95 12.08 -0.86 8.11
C GLY A 95 11.17 0.29 7.65
N LEU A 96 10.92 0.39 6.38
CA LEU A 96 10.05 1.47 5.86
C LEU A 96 10.71 2.83 6.15
N GLU A 97 10.67 3.24 7.38
CA GLU A 97 11.30 4.54 7.77
C GLU A 97 10.91 5.66 6.80
N LYS A 98 11.44 6.82 7.03
CA LYS A 98 11.15 8.00 6.16
C LYS A 98 9.64 8.13 5.87
N PRO A 99 8.85 8.39 6.90
CA PRO A 99 7.40 8.57 6.72
C PRO A 99 7.11 9.92 6.08
N LYS A 100 5.92 10.11 5.58
CA LYS A 100 5.57 11.42 4.96
C LYS A 100 4.06 11.70 5.11
N PRO A 101 3.20 10.76 4.72
CA PRO A 101 1.75 10.96 4.84
C PRO A 101 1.32 10.49 6.23
N ARG A 102 0.07 10.15 6.44
CA ARG A 102 -0.38 9.71 7.79
C ARG A 102 -1.32 8.48 7.67
N PRO A 103 -1.28 7.59 8.66
CA PRO A 103 -2.15 6.38 8.66
C PRO A 103 -3.55 6.71 8.17
N GLU A 104 -3.99 7.93 8.35
CA GLU A 104 -5.35 8.31 7.88
C GLU A 104 -5.24 8.63 6.38
N ASP A 105 -4.28 9.43 6.01
CA ASP A 105 -4.06 9.79 4.58
C ASP A 105 -4.21 8.52 3.73
N ILE A 106 -3.87 7.40 4.29
CA ILE A 106 -4.01 6.13 3.53
C ILE A 106 -5.49 5.73 3.56
N VAL A 107 -6.00 5.39 4.72
CA VAL A 107 -7.45 5.04 4.86
C VAL A 107 -8.27 6.04 4.04
N ASN A 108 -7.75 7.24 3.91
CA ASN A 108 -8.46 8.32 3.18
C ASN A 108 -8.71 7.88 1.73
N CYS A 109 -8.39 6.66 1.39
CA CYS A 109 -8.62 6.20 0.00
C CYS A 109 -7.99 7.20 -0.98
N ASP A 110 -7.26 8.16 -0.49
CA ASP A 110 -6.63 9.14 -1.39
C ASP A 110 -5.54 8.44 -2.17
N LEU A 111 -5.07 9.07 -3.20
CA LEU A 111 -4.02 8.48 -4.05
C LEU A 111 -2.66 9.02 -3.60
N LYS A 112 -2.46 10.29 -3.77
CA LYS A 112 -1.16 10.95 -3.43
C LYS A 112 -0.40 10.27 -2.29
N SER A 113 -0.83 10.46 -1.10
CA SER A 113 -0.12 9.88 0.07
C SER A 113 0.00 8.35 -0.05
N THR A 114 -1.12 7.71 -0.11
CA THR A 114 -1.18 6.23 -0.21
C THR A 114 -0.13 5.71 -1.18
N LEU A 115 0.05 6.38 -2.27
CA LEU A 115 1.03 5.95 -3.30
C LEU A 115 2.45 6.12 -2.77
N ARG A 116 2.70 7.16 -2.03
CA ARG A 116 4.09 7.34 -1.50
C ARG A 116 4.46 6.12 -0.66
N VAL A 117 3.60 5.73 0.24
CA VAL A 117 3.88 4.56 1.13
C VAL A 117 3.91 3.26 0.34
N LEU A 118 2.96 3.04 -0.52
CA LEU A 118 2.96 1.76 -1.26
C LEU A 118 4.24 1.68 -2.08
N TYR A 119 4.66 2.76 -2.70
CA TYR A 119 5.94 2.73 -3.46
C TYR A 119 6.99 2.12 -2.55
N ASN A 120 7.06 2.68 -1.38
CA ASN A 120 8.01 2.19 -0.36
C ASN A 120 7.94 0.64 -0.28
N LEU A 121 6.76 0.08 -0.32
CA LEU A 121 6.64 -1.40 -0.24
C LEU A 121 7.15 -2.02 -1.54
N PHE A 122 6.56 -1.66 -2.65
CA PHE A 122 7.00 -2.22 -3.97
C PHE A 122 8.50 -2.27 -3.99
N THR A 123 9.09 -1.42 -3.26
CA THR A 123 10.57 -1.39 -3.20
C THR A 123 11.06 -2.58 -2.38
N LYS A 124 10.50 -2.75 -1.22
CA LYS A 124 10.93 -3.87 -0.33
C LYS A 124 10.54 -5.25 -0.85
N TYR A 125 9.50 -5.38 -1.64
CA TYR A 125 9.07 -6.74 -2.12
C TYR A 125 9.41 -6.95 -3.60
N ARG A 126 9.68 -5.90 -4.29
CA ARG A 126 10.03 -6.00 -5.73
C ARG A 126 10.97 -7.20 -5.97
N ASN A 127 11.81 -7.50 -5.03
CA ASN A 127 12.78 -8.62 -5.18
C ASN A 127 12.35 -9.78 -4.28
N VAL A 128 11.65 -9.47 -3.25
CA VAL A 128 11.18 -10.51 -2.29
C VAL A 128 9.69 -10.75 -2.50
N GLU A 129 9.33 -12.00 -2.53
CA GLU A 129 7.92 -12.38 -2.75
C GLU A 129 7.04 -11.81 -1.63
N ASP B 1 12.19 9.61 -14.53
CA ASP B 1 11.02 9.93 -13.65
C ASP B 1 9.76 9.32 -14.27
N LEU B 2 9.11 10.04 -15.13
CA LEU B 2 7.86 9.51 -15.76
C LEU B 2 8.17 8.20 -16.48
N ASP B 3 8.77 8.27 -17.62
CA ASP B 3 9.11 7.04 -18.39
C ASP B 3 9.76 6.01 -17.47
N ALA B 4 10.60 6.44 -16.56
CA ALA B 4 11.26 5.48 -15.65
C ALA B 4 10.23 4.54 -15.00
N LEU B 5 9.29 5.09 -14.29
CA LEU B 5 8.25 4.24 -13.64
C LEU B 5 7.54 3.38 -14.68
N LEU B 6 7.01 3.98 -15.71
CA LEU B 6 6.29 3.19 -16.75
C LEU B 6 7.15 1.98 -17.15
N ALA B 7 8.44 2.11 -17.07
CA ALA B 7 9.33 0.98 -17.45
C ALA B 7 9.24 -0.11 -16.38
N ASP B 8 9.32 0.26 -15.13
CA ASP B 8 9.23 -0.77 -14.05
C ASP B 8 7.98 -1.62 -14.28
N LEU B 9 6.91 -1.02 -14.70
CA LEU B 9 5.66 -1.80 -14.94
C LEU B 9 5.91 -2.78 -16.09
N GLU B 10 6.26 -2.29 -17.24
CA GLU B 10 6.53 -3.15 -18.39
C GLU B 10 7.77 -4.01 -18.10
N ARG A 1 9.05 26.46 0.82
CA ARG A 1 9.73 25.13 0.88
C ARG A 1 8.78 24.05 0.34
N HIS A 2 8.23 24.25 -0.82
CA HIS A 2 7.30 23.23 -1.38
C HIS A 2 8.12 22.09 -2.00
N GLU A 3 8.23 20.99 -1.31
CA GLU A 3 9.00 19.84 -1.86
C GLU A 3 8.50 19.51 -3.27
N ARG A 4 9.32 18.88 -4.07
CA ARG A 4 8.90 18.53 -5.46
C ARG A 4 9.63 17.26 -5.90
N ASP A 5 8.90 16.18 -6.07
CA ASP A 5 9.53 14.90 -6.49
C ASP A 5 8.56 14.11 -7.37
N ALA A 6 8.42 12.84 -7.11
CA ALA A 6 7.49 12.01 -7.93
C ALA A 6 6.06 12.51 -7.73
N PHE A 7 5.57 12.54 -6.51
CA PHE A 7 4.18 13.03 -6.26
C PHE A 7 3.90 14.27 -7.10
N ASP A 8 4.75 15.24 -7.00
CA ASP A 8 4.55 16.50 -7.77
C ASP A 8 4.40 16.19 -9.27
N THR A 9 5.47 15.77 -9.89
CA THR A 9 5.42 15.48 -11.35
C THR A 9 4.34 14.45 -11.68
N LEU A 10 4.03 13.58 -10.77
CA LEU A 10 2.99 12.55 -11.04
C LEU A 10 1.60 13.21 -10.97
N PHE A 11 1.34 13.91 -9.90
CA PHE A 11 0.00 14.57 -9.74
C PHE A 11 -0.01 15.91 -10.48
N ASP A 12 1.12 16.36 -10.94
CA ASP A 12 1.18 17.67 -11.67
C ASP A 12 1.49 17.48 -13.16
N HIS A 13 1.85 16.29 -13.57
CA HIS A 13 2.17 16.10 -15.03
C HIS A 13 1.85 14.68 -15.50
N ALA A 14 0.91 14.00 -14.89
CA ALA A 14 0.58 12.63 -15.36
C ALA A 14 -0.63 12.05 -14.62
N PRO A 15 -1.79 12.61 -14.87
CA PRO A 15 -3.03 12.13 -14.25
C PRO A 15 -3.40 10.76 -14.86
N ASP A 16 -2.78 10.42 -15.97
CA ASP A 16 -3.11 9.12 -16.63
C ASP A 16 -2.28 7.99 -16.01
N LYS A 17 -0.99 8.17 -15.91
CA LYS A 17 -0.15 7.11 -15.30
C LYS A 17 -0.56 6.97 -13.85
N LEU A 18 -0.99 8.04 -13.26
CA LEU A 18 -1.44 7.98 -11.85
C LEU A 18 -2.47 6.86 -11.72
N ASN A 19 -3.32 6.74 -12.71
CA ASN A 19 -4.36 5.67 -12.68
C ASN A 19 -3.69 4.31 -12.83
N VAL A 20 -2.94 4.11 -13.89
CA VAL A 20 -2.27 2.79 -14.08
C VAL A 20 -1.29 2.55 -12.93
N VAL A 21 -0.72 3.60 -12.41
CA VAL A 21 0.24 3.44 -11.29
C VAL A 21 -0.48 2.85 -10.07
N LYS A 22 -1.72 3.21 -9.83
CA LYS A 22 -2.44 2.60 -8.69
C LYS A 22 -2.59 1.12 -9.03
N LYS A 23 -2.93 0.83 -10.25
CA LYS A 23 -3.11 -0.57 -10.68
C LYS A 23 -1.79 -1.35 -10.51
N THR A 24 -0.68 -0.67 -10.44
CA THR A 24 0.61 -1.39 -10.25
C THR A 24 0.72 -1.76 -8.78
N LEU A 25 0.23 -0.90 -7.94
CA LEU A 25 0.24 -1.22 -6.51
C LEU A 25 -0.79 -2.34 -6.29
N ILE A 26 -1.81 -2.37 -7.12
CA ILE A 26 -2.81 -3.46 -7.02
C ILE A 26 -2.09 -4.77 -7.31
N THR A 27 -1.16 -4.74 -8.22
CA THR A 27 -0.41 -6.00 -8.54
C THR A 27 0.38 -6.45 -7.29
N PHE A 28 1.00 -5.54 -6.59
CA PHE A 28 1.76 -5.91 -5.37
C PHE A 28 0.86 -6.70 -4.39
N VAL A 29 -0.29 -6.17 -4.10
CA VAL A 29 -1.20 -6.90 -3.17
C VAL A 29 -1.70 -8.17 -3.85
N ASN A 30 -1.92 -8.13 -5.14
CA ASN A 30 -2.38 -9.34 -5.88
C ASN A 30 -1.32 -10.41 -5.75
N LYS A 31 -0.15 -10.01 -5.38
CA LYS A 31 0.95 -10.98 -5.23
C LYS A 31 0.74 -11.72 -3.93
N HIS A 32 0.68 -10.99 -2.84
CA HIS A 32 0.45 -11.67 -1.56
C HIS A 32 -0.89 -12.39 -1.63
N LEU A 33 -1.77 -11.86 -2.41
CA LEU A 33 -3.11 -12.48 -2.54
C LEU A 33 -2.95 -13.66 -3.48
N ASN A 34 -2.30 -13.44 -4.60
CA ASN A 34 -2.10 -14.57 -5.56
C ASN A 34 -1.67 -15.82 -4.77
N LYS A 35 -0.98 -15.68 -3.65
CA LYS A 35 -0.62 -16.91 -2.88
C LYS A 35 -1.93 -17.48 -2.35
N LEU A 36 -2.64 -16.71 -1.58
CA LEU A 36 -3.96 -17.19 -1.08
C LEU A 36 -4.92 -17.23 -2.28
N ASN A 37 -4.38 -16.93 -3.43
CA ASN A 37 -5.15 -16.93 -4.70
C ASN A 37 -6.44 -16.13 -4.61
N LEU A 38 -6.31 -14.85 -4.42
CA LEU A 38 -7.51 -13.94 -4.36
C LEU A 38 -7.36 -12.89 -5.47
N GLU A 39 -7.87 -11.71 -5.27
CA GLU A 39 -7.74 -10.65 -6.33
C GLU A 39 -8.15 -9.29 -5.76
N VAL A 40 -7.22 -8.35 -5.74
CA VAL A 40 -7.52 -6.98 -5.22
C VAL A 40 -7.94 -6.07 -6.38
N THR A 41 -8.63 -5.00 -6.11
CA THR A 41 -9.07 -4.08 -7.20
C THR A 41 -9.00 -2.60 -6.75
N GLU A 42 -9.13 -2.36 -5.47
CA GLU A 42 -9.11 -0.95 -4.96
C GLU A 42 -7.95 -0.76 -3.98
N LEU A 43 -6.78 -0.53 -4.47
CA LEU A 43 -5.62 -0.32 -3.56
C LEU A 43 -5.99 0.81 -2.59
N GLU A 44 -6.54 1.87 -3.11
CA GLU A 44 -6.90 3.01 -2.22
C GLU A 44 -7.71 2.53 -0.99
N THR A 45 -8.84 1.96 -1.22
CA THR A 45 -9.70 1.51 -0.09
C THR A 45 -9.18 0.21 0.54
N GLN A 46 -8.10 -0.34 0.04
CA GLN A 46 -7.59 -1.58 0.64
C GLN A 46 -6.96 -1.22 1.97
N PHE A 47 -6.61 0.03 2.15
CA PHE A 47 -6.03 0.47 3.42
C PHE A 47 -7.16 1.02 4.25
N ALA A 48 -8.26 1.29 3.62
CA ALA A 48 -9.44 1.80 4.36
C ALA A 48 -9.97 0.67 5.23
N ASP A 49 -9.08 -0.18 5.64
CA ASP A 49 -9.47 -1.33 6.49
C ASP A 49 -8.19 -2.01 7.00
N GLY A 50 -7.09 -1.83 6.31
CA GLY A 50 -5.79 -2.43 6.76
C GLY A 50 -5.91 -3.96 6.94
N VAL A 51 -7.02 -4.54 6.60
CA VAL A 51 -7.17 -6.03 6.78
C VAL A 51 -6.25 -6.76 5.80
N TYR A 52 -6.47 -6.56 4.53
CA TYR A 52 -5.63 -7.25 3.52
C TYR A 52 -4.16 -6.96 3.83
N LEU A 53 -3.91 -5.96 4.63
CA LEU A 53 -2.50 -5.62 4.95
C LEU A 53 -1.92 -6.65 5.93
N VAL A 54 -2.49 -6.82 7.09
CA VAL A 54 -1.92 -7.84 8.02
C VAL A 54 -1.80 -9.16 7.26
N LEU A 55 -2.70 -9.40 6.35
CA LEU A 55 -2.65 -10.65 5.56
C LEU A 55 -1.36 -10.63 4.73
N LEU A 56 -1.09 -9.55 4.03
CA LEU A 56 0.16 -9.47 3.21
C LEU A 56 1.33 -10.00 4.04
N MET A 57 1.48 -9.49 5.22
CA MET A 57 2.59 -9.97 6.09
C MET A 57 2.53 -11.50 6.16
N GLY A 58 1.34 -12.05 6.22
CA GLY A 58 1.22 -13.53 6.32
C GLY A 58 1.57 -14.26 5.01
N LEU A 59 0.90 -13.96 3.94
CA LEU A 59 1.22 -14.67 2.66
C LEU A 59 2.68 -14.42 2.32
N LEU A 60 3.27 -13.46 2.95
CA LEU A 60 4.72 -13.19 2.71
C LEU A 60 5.51 -14.32 3.37
N GLU A 61 5.34 -14.47 4.65
CA GLU A 61 6.07 -15.57 5.36
C GLU A 61 5.70 -16.90 4.70
N GLY A 62 4.48 -17.03 4.29
CA GLY A 62 4.02 -18.30 3.63
C GLY A 62 3.19 -19.11 4.63
N TYR A 63 2.28 -18.46 5.30
CA TYR A 63 1.42 -19.17 6.31
C TYR A 63 0.00 -18.63 6.21
N PHE A 64 -0.84 -18.96 7.17
CA PHE A 64 -2.26 -18.49 7.17
C PHE A 64 -2.53 -17.69 8.45
N VAL A 65 -2.68 -16.40 8.33
CA VAL A 65 -2.95 -15.58 9.55
C VAL A 65 -4.43 -15.80 9.97
N PRO A 66 -4.68 -16.23 11.20
CA PRO A 66 -6.08 -16.47 11.64
C PRO A 66 -6.91 -15.20 11.46
N LEU A 67 -8.19 -15.34 11.26
CA LEU A 67 -9.07 -14.16 11.05
C LEU A 67 -9.20 -13.36 12.36
N HIS A 68 -9.41 -14.03 13.46
CA HIS A 68 -9.57 -13.29 14.75
C HIS A 68 -8.22 -12.78 15.25
N SER A 69 -7.14 -13.34 14.78
CA SER A 69 -5.82 -12.86 15.24
C SER A 69 -5.76 -11.36 15.06
N PHE A 70 -6.32 -10.92 13.98
CA PHE A 70 -6.31 -9.48 13.64
C PHE A 70 -7.68 -9.06 13.12
N PHE A 71 -7.71 -8.21 12.13
CA PHE A 71 -9.01 -7.77 11.55
C PHE A 71 -9.91 -7.23 12.66
N LEU A 72 -9.62 -6.06 13.17
CA LEU A 72 -10.48 -5.50 14.23
C LEU A 72 -11.87 -5.28 13.64
N THR A 73 -12.31 -4.05 13.53
CA THR A 73 -13.65 -3.79 12.96
C THR A 73 -13.66 -2.36 12.37
N PRO A 74 -12.98 -2.16 11.27
CA PRO A 74 -12.95 -0.83 10.64
C PRO A 74 -14.39 -0.38 10.36
N ASP A 75 -15.03 0.21 11.36
CA ASP A 75 -16.43 0.66 11.18
C ASP A 75 -16.44 2.16 10.87
N SER A 76 -15.75 2.92 11.67
CA SER A 76 -15.67 4.39 11.44
C SER A 76 -14.25 4.73 10.98
N PHE A 77 -13.96 5.99 10.90
CA PHE A 77 -12.61 6.40 10.44
C PHE A 77 -11.56 5.98 11.42
N GLU A 78 -11.67 6.42 12.62
CA GLU A 78 -10.65 6.05 13.64
C GLU A 78 -10.38 4.55 13.60
N GLN A 79 -11.40 3.75 13.45
CA GLN A 79 -11.20 2.29 13.41
C GLN A 79 -10.39 1.91 12.17
N LYS A 80 -10.52 2.66 11.12
CA LYS A 80 -9.73 2.35 9.91
C LYS A 80 -8.30 2.85 10.15
N VAL A 81 -8.16 4.08 10.55
CA VAL A 81 -6.82 4.65 10.83
C VAL A 81 -6.08 3.72 11.77
N LEU A 82 -6.80 2.96 12.53
CA LEU A 82 -6.15 2.04 13.50
C LEU A 82 -5.62 0.83 12.78
N ASN A 83 -6.46 0.11 12.15
CA ASN A 83 -5.99 -1.11 11.43
C ASN A 83 -4.76 -0.75 10.57
N VAL A 84 -4.67 0.48 10.10
CA VAL A 84 -3.49 0.86 9.26
C VAL A 84 -2.36 1.33 10.17
N SER A 85 -2.67 1.98 11.24
CA SER A 85 -1.61 2.44 12.16
C SER A 85 -0.90 1.20 12.68
N PHE A 86 -1.61 0.12 12.74
CA PHE A 86 -1.04 -1.15 13.25
C PHE A 86 -0.13 -1.76 12.19
N ALA A 87 -0.64 -1.99 11.03
CA ALA A 87 0.22 -2.58 9.97
C ALA A 87 1.42 -1.66 9.80
N PHE A 88 1.20 -0.40 10.00
CA PHE A 88 2.26 0.63 9.88
C PHE A 88 3.16 0.48 11.09
N GLU A 89 2.68 -0.11 12.14
CA GLU A 89 3.53 -0.25 13.35
C GLU A 89 4.50 -1.40 13.14
N LEU A 90 4.00 -2.52 12.67
CA LEU A 90 4.92 -3.67 12.42
C LEU A 90 5.79 -3.31 11.22
N MET A 91 5.40 -2.33 10.44
CA MET A 91 6.24 -1.95 9.27
C MET A 91 7.31 -0.97 9.74
N GLN A 92 6.92 0.02 10.48
CA GLN A 92 7.93 0.99 11.00
C GLN A 92 9.02 0.17 11.69
N ASP A 93 8.65 -0.96 12.20
CA ASP A 93 9.67 -1.85 12.85
C ASP A 93 10.33 -2.67 11.76
N GLY A 94 9.53 -3.34 10.98
CA GLY A 94 10.09 -4.16 9.88
C GLY A 94 10.92 -3.28 8.96
N GLY A 95 10.97 -1.98 9.22
CA GLY A 95 11.79 -1.06 8.36
C GLY A 95 10.93 0.11 7.85
N LEU A 96 10.50 0.03 6.61
CA LEU A 96 9.66 1.12 6.01
C LEU A 96 10.43 2.44 5.93
N GLU A 97 11.39 2.62 6.78
CA GLU A 97 12.19 3.89 6.76
C GLU A 97 11.29 5.10 6.97
N LYS A 98 11.85 6.15 7.51
CA LYS A 98 11.10 7.41 7.79
C LYS A 98 9.97 7.65 6.76
N PRO A 99 8.74 7.30 7.08
CA PRO A 99 7.60 7.51 6.16
C PRO A 99 7.27 9.01 6.10
N LYS A 100 6.50 9.41 5.12
CA LYS A 100 6.13 10.87 4.99
C LYS A 100 4.62 11.09 5.27
N PRO A 101 3.74 10.30 4.67
CA PRO A 101 2.30 10.47 4.88
C PRO A 101 1.92 9.84 6.23
N ARG A 102 0.65 9.60 6.49
CA ARG A 102 0.24 9.03 7.82
C ARG A 102 -0.87 7.96 7.64
N PRO A 103 -0.97 7.02 8.57
CA PRO A 103 -2.01 5.97 8.52
C PRO A 103 -3.33 6.57 8.06
N GLU A 104 -3.48 7.85 8.22
CA GLU A 104 -4.74 8.51 7.77
C GLU A 104 -4.67 8.70 6.26
N ASP A 105 -3.66 9.41 5.81
CA ASP A 105 -3.46 9.66 4.36
C ASP A 105 -3.72 8.37 3.56
N ILE A 106 -3.47 7.25 4.16
CA ILE A 106 -3.70 5.95 3.45
C ILE A 106 -5.21 5.65 3.53
N VAL A 107 -5.71 5.35 4.70
CA VAL A 107 -7.18 5.09 4.84
C VAL A 107 -7.96 6.15 4.05
N ASN A 108 -7.39 7.33 3.93
CA ASN A 108 -8.07 8.45 3.23
C ASN A 108 -8.41 8.06 1.78
N CYS A 109 -8.23 6.83 1.41
CA CYS A 109 -8.56 6.42 0.01
C CYS A 109 -7.82 7.33 -0.97
N ASP A 110 -7.00 8.25 -0.50
CA ASP A 110 -6.27 9.12 -1.43
C ASP A 110 -5.18 8.29 -2.07
N LEU A 111 -4.73 8.70 -3.22
CA LEU A 111 -3.67 7.95 -3.92
C LEU A 111 -2.33 8.60 -3.62
N LYS A 112 -2.25 9.88 -3.79
CA LYS A 112 -0.97 10.61 -3.57
C LYS A 112 -0.10 10.02 -2.46
N SER A 113 -0.43 10.30 -1.25
CA SER A 113 0.36 9.79 -0.11
C SER A 113 0.54 8.27 -0.18
N THR A 114 -0.56 7.60 -0.20
CA THR A 114 -0.59 6.12 -0.26
C THR A 114 0.49 5.63 -1.21
N LEU A 115 0.63 6.29 -2.31
CA LEU A 115 1.64 5.89 -3.32
C LEU A 115 3.02 6.07 -2.71
N ARG A 116 3.33 7.20 -2.12
CA ARG A 116 4.68 7.36 -1.55
C ARG A 116 5.08 6.09 -0.75
N VAL A 117 4.26 5.72 0.19
CA VAL A 117 4.57 4.54 1.05
C VAL A 117 4.51 3.20 0.29
N LEU A 118 3.43 2.91 -0.39
CA LEU A 118 3.33 1.61 -1.10
C LEU A 118 4.51 1.46 -2.04
N TYR A 119 4.96 2.51 -2.63
CA TYR A 119 6.13 2.41 -3.52
C TYR A 119 7.28 1.90 -2.66
N ASN A 120 7.49 2.56 -1.57
CA ASN A 120 8.56 2.15 -0.62
C ASN A 120 8.54 0.63 -0.44
N LEU A 121 7.39 0.04 -0.22
CA LEU A 121 7.32 -1.43 -0.04
C LEU A 121 7.70 -2.10 -1.35
N PHE A 122 6.94 -1.88 -2.41
CA PHE A 122 7.26 -2.52 -3.71
C PHE A 122 8.74 -2.51 -3.94
N THR A 123 9.40 -1.60 -3.33
CA THR A 123 10.88 -1.53 -3.51
C THR A 123 11.52 -2.65 -2.69
N LYS A 124 11.18 -2.73 -1.44
CA LYS A 124 11.77 -3.76 -0.56
C LYS A 124 11.26 -5.17 -0.85
N TYR A 125 10.12 -5.31 -1.49
CA TYR A 125 9.57 -6.68 -1.74
C TYR A 125 9.83 -7.09 -3.19
N ARG A 126 9.96 -6.13 -4.05
CA ARG A 126 10.20 -6.41 -5.49
C ARG A 126 11.16 -7.61 -5.67
N ASN A 127 12.03 -7.83 -4.74
CA ASN A 127 13.01 -8.94 -4.85
C ASN A 127 12.47 -10.14 -4.07
N VAL A 128 11.63 -9.87 -3.13
CA VAL A 128 11.05 -10.95 -2.29
C VAL A 128 9.60 -11.20 -2.70
N GLU A 129 9.21 -12.42 -2.67
CA GLU A 129 7.85 -12.81 -3.08
C GLU A 129 6.83 -12.21 -2.11
N ASP B 1 10.84 8.16 -11.60
CA ASP B 1 10.25 9.11 -12.58
C ASP B 1 9.18 8.39 -13.41
N LEU B 2 8.37 9.13 -14.12
CA LEU B 2 7.30 8.49 -14.94
C LEU B 2 7.92 7.40 -15.83
N ASP B 3 8.75 7.79 -16.75
CA ASP B 3 9.40 6.81 -17.67
C ASP B 3 9.86 5.58 -16.88
N ALA B 4 10.33 5.75 -15.68
CA ALA B 4 10.80 4.58 -14.89
C ALA B 4 9.61 3.69 -14.51
N LEU B 5 8.63 4.25 -13.86
CA LEU B 5 7.44 3.44 -13.46
C LEU B 5 6.92 2.64 -14.66
N LEU B 6 6.88 3.24 -15.82
CA LEU B 6 6.36 2.52 -17.01
C LEU B 6 7.39 1.47 -17.48
N ALA B 7 8.64 1.74 -17.31
CA ALA B 7 9.68 0.76 -17.74
C ALA B 7 9.76 -0.39 -16.75
N ASP B 8 9.08 -0.28 -15.63
CA ASP B 8 9.13 -1.38 -14.62
C ASP B 8 7.86 -2.24 -14.72
N LEU B 9 6.74 -1.67 -15.07
CA LEU B 9 5.47 -2.46 -15.18
C LEU B 9 5.11 -2.73 -16.64
N GLU B 10 5.91 -2.29 -17.58
CA GLU B 10 5.59 -2.52 -19.01
C GLU B 10 5.11 -3.96 -19.22
N ARG A 1 5.09 23.32 3.92
CA ARG A 1 6.45 23.46 3.32
C ARG A 1 6.37 23.11 1.83
N HIS A 2 7.28 23.62 1.04
CA HIS A 2 7.26 23.33 -0.41
C HIS A 2 7.75 21.90 -0.65
N GLU A 3 6.85 21.00 -0.96
CA GLU A 3 7.23 19.57 -1.20
C GLU A 3 6.79 19.15 -2.61
N ARG A 4 7.72 18.79 -3.45
CA ARG A 4 7.36 18.37 -4.83
C ARG A 4 8.38 17.33 -5.31
N ASP A 5 7.93 16.15 -5.62
CA ASP A 5 8.87 15.08 -6.08
C ASP A 5 8.17 14.20 -7.13
N ALA A 6 8.30 12.92 -6.99
CA ALA A 6 7.67 11.98 -7.97
C ALA A 6 6.17 12.24 -8.06
N PHE A 7 5.45 12.17 -6.96
CA PHE A 7 3.96 12.38 -7.02
C PHE A 7 3.62 13.56 -7.92
N ASP A 8 4.01 14.73 -7.51
CA ASP A 8 3.67 15.93 -8.31
C ASP A 8 3.97 15.68 -9.80
N THR A 9 5.20 15.67 -10.15
CA THR A 9 5.55 15.46 -11.59
C THR A 9 4.91 14.19 -12.14
N LEU A 10 5.04 13.12 -11.46
CA LEU A 10 4.47 11.84 -11.98
C LEU A 10 2.99 11.99 -12.27
N PHE A 11 2.23 12.33 -11.29
CA PHE A 11 0.77 12.45 -11.48
C PHE A 11 0.37 13.80 -12.07
N ASP A 12 1.11 14.82 -11.84
CA ASP A 12 0.73 16.16 -12.41
C ASP A 12 1.08 16.23 -13.89
N HIS A 13 2.00 15.40 -14.34
CA HIS A 13 2.40 15.42 -15.79
C HIS A 13 2.02 14.06 -16.42
N ALA A 14 1.18 13.30 -15.77
CA ALA A 14 0.77 11.99 -16.33
C ALA A 14 -0.37 11.40 -15.49
N PRO A 15 -1.53 12.01 -15.55
CA PRO A 15 -2.69 11.53 -14.78
C PRO A 15 -3.04 10.12 -15.26
N ASP A 16 -2.50 9.74 -16.39
CA ASP A 16 -2.78 8.39 -16.93
C ASP A 16 -1.93 7.36 -16.17
N LYS A 17 -0.79 7.78 -15.72
CA LYS A 17 0.10 6.87 -14.95
C LYS A 17 -0.44 6.79 -13.53
N LEU A 18 -0.98 7.88 -13.05
CA LEU A 18 -1.56 7.89 -11.68
C LEU A 18 -2.42 6.64 -11.52
N ASN A 19 -3.27 6.39 -12.47
CA ASN A 19 -4.14 5.19 -12.40
C ASN A 19 -3.32 3.91 -12.62
N VAL A 20 -2.64 3.81 -13.73
CA VAL A 20 -1.84 2.58 -13.99
C VAL A 20 -0.79 2.34 -12.90
N VAL A 21 -0.28 3.39 -12.29
CA VAL A 21 0.77 3.18 -11.24
C VAL A 21 0.12 2.58 -10.00
N LYS A 22 -1.04 3.07 -9.62
CA LYS A 22 -1.71 2.47 -8.44
C LYS A 22 -1.98 1.01 -8.80
N LYS A 23 -2.44 0.77 -9.99
CA LYS A 23 -2.75 -0.62 -10.42
C LYS A 23 -1.53 -1.54 -10.25
N THR A 24 -0.35 -1.01 -10.40
CA THR A 24 0.86 -1.88 -10.24
C THR A 24 1.06 -2.17 -8.76
N LEU A 25 0.72 -1.24 -7.95
CA LEU A 25 0.85 -1.46 -6.50
C LEU A 25 -0.21 -2.51 -6.12
N ILE A 26 -1.32 -2.49 -6.81
CA ILE A 26 -2.38 -3.49 -6.54
C ILE A 26 -1.81 -4.86 -6.88
N THR A 27 -0.95 -4.93 -7.87
CA THR A 27 -0.37 -6.25 -8.26
C THR A 27 0.55 -6.80 -7.15
N PHE A 28 1.37 -5.96 -6.55
CA PHE A 28 2.27 -6.47 -5.48
C PHE A 28 1.41 -7.10 -4.37
N VAL A 29 0.37 -6.43 -3.96
CA VAL A 29 -0.50 -7.04 -2.91
C VAL A 29 -1.18 -8.28 -3.49
N ASN A 30 -1.65 -8.19 -4.71
CA ASN A 30 -2.33 -9.36 -5.36
C ASN A 30 -1.37 -10.54 -5.34
N LYS A 31 -0.11 -10.28 -5.13
CA LYS A 31 0.88 -11.38 -5.11
C LYS A 31 0.79 -12.06 -3.76
N HIS A 32 0.93 -11.31 -2.72
CA HIS A 32 0.82 -11.87 -1.41
C HIS A 32 -0.61 -12.38 -1.24
N LEU A 33 -1.52 -11.78 -1.94
CA LEU A 33 -2.94 -12.23 -1.86
C LEU A 33 -3.10 -13.42 -2.79
N ASN A 34 -2.60 -13.33 -3.99
CA ASN A 34 -2.72 -14.50 -4.92
C ASN A 34 -2.27 -15.77 -4.18
N LYS A 35 -1.44 -15.65 -3.18
CA LYS A 35 -1.00 -16.89 -2.44
C LYS A 35 -2.26 -17.67 -2.06
N LEU A 36 -3.11 -17.07 -1.27
CA LEU A 36 -4.37 -17.74 -0.86
C LEU A 36 -5.35 -17.62 -2.05
N ASN A 37 -4.83 -17.19 -3.15
CA ASN A 37 -5.63 -17.02 -4.40
C ASN A 37 -6.85 -16.13 -4.18
N LEU A 38 -6.60 -14.86 -4.03
CA LEU A 38 -7.71 -13.86 -3.83
C LEU A 38 -7.65 -12.87 -5.01
N GLU A 39 -8.11 -11.67 -4.81
CA GLU A 39 -8.08 -10.66 -5.92
C GLU A 39 -8.40 -9.27 -5.37
N VAL A 40 -7.45 -8.36 -5.40
CA VAL A 40 -7.70 -6.98 -4.87
C VAL A 40 -7.85 -6.01 -6.07
N THR A 41 -8.48 -4.87 -5.87
CA THR A 41 -8.65 -3.91 -7.01
C THR A 41 -8.56 -2.46 -6.53
N GLU A 42 -8.42 -2.22 -5.25
CA GLU A 42 -8.37 -0.81 -4.77
C GLU A 42 -7.30 -0.68 -3.68
N LEU A 43 -6.06 -0.51 -4.05
CA LEU A 43 -5.01 -0.34 -3.02
C LEU A 43 -5.42 0.84 -2.14
N GLU A 44 -5.83 1.92 -2.74
CA GLU A 44 -6.23 3.11 -1.93
C GLU A 44 -7.17 2.71 -0.76
N THR A 45 -8.31 2.20 -1.09
CA THR A 45 -9.31 1.82 -0.05
C THR A 45 -8.90 0.53 0.67
N GLN A 46 -7.83 -0.09 0.27
CA GLN A 46 -7.44 -1.34 0.95
C GLN A 46 -6.82 -0.97 2.29
N PHE A 47 -6.39 0.26 2.43
CA PHE A 47 -5.82 0.70 3.71
C PHE A 47 -6.96 1.31 4.49
N ALA A 48 -8.03 1.58 3.81
CA ALA A 48 -9.23 2.13 4.50
C ALA A 48 -9.82 1.02 5.36
N ASP A 49 -8.98 0.14 5.79
CA ASP A 49 -9.43 -0.99 6.63
C ASP A 49 -8.23 -1.72 7.21
N GLY A 50 -7.07 -1.57 6.62
CA GLY A 50 -5.87 -2.27 7.15
C GLY A 50 -6.12 -3.78 7.23
N VAL A 51 -7.20 -4.23 6.67
CA VAL A 51 -7.51 -5.69 6.69
C VAL A 51 -6.59 -6.38 5.70
N TYR A 52 -6.70 -6.01 4.46
CA TYR A 52 -5.84 -6.63 3.42
C TYR A 52 -4.38 -6.44 3.83
N LEU A 53 -4.14 -5.55 4.75
CA LEU A 53 -2.73 -5.32 5.20
C LEU A 53 -2.26 -6.52 6.03
N VAL A 54 -2.89 -6.78 7.13
CA VAL A 54 -2.45 -7.93 7.97
C VAL A 54 -2.51 -9.23 7.16
N LEU A 55 -3.36 -9.30 6.18
CA LEU A 55 -3.47 -10.55 5.38
C LEU A 55 -2.21 -10.70 4.50
N LEU A 56 -1.95 -9.75 3.64
CA LEU A 56 -0.75 -9.87 2.76
C LEU A 56 0.46 -10.20 3.62
N MET A 57 0.50 -9.69 4.81
CA MET A 57 1.66 -9.96 5.71
C MET A 57 1.74 -11.46 6.02
N GLY A 58 0.63 -12.07 6.32
CA GLY A 58 0.69 -13.53 6.65
C GLY A 58 0.96 -14.35 5.38
N LEU A 59 0.37 -13.99 4.29
CA LEU A 59 0.61 -14.74 3.03
C LEU A 59 2.07 -14.58 2.63
N LEU A 60 2.70 -13.58 3.17
CA LEU A 60 4.14 -13.39 2.86
C LEU A 60 4.91 -14.41 3.68
N GLU A 61 4.53 -14.58 4.93
CA GLU A 61 5.21 -15.59 5.79
C GLU A 61 4.90 -16.98 5.24
N GLY A 62 3.66 -17.23 4.93
CA GLY A 62 3.25 -18.58 4.38
C GLY A 62 2.33 -19.28 5.37
N TYR A 63 1.19 -18.71 5.63
CA TYR A 63 0.23 -19.34 6.58
C TYR A 63 -1.16 -18.71 6.40
N PHE A 64 -2.17 -19.33 6.96
CA PHE A 64 -3.55 -18.79 6.82
C PHE A 64 -3.82 -17.77 7.93
N VAL A 65 -4.34 -16.61 7.58
CA VAL A 65 -4.64 -15.57 8.61
C VAL A 65 -6.16 -15.57 8.89
N PRO A 66 -6.60 -16.06 10.05
CA PRO A 66 -8.04 -16.07 10.36
C PRO A 66 -8.61 -14.65 10.30
N LEU A 67 -9.90 -14.52 10.14
CA LEU A 67 -10.51 -13.17 10.04
C LEU A 67 -10.36 -12.45 11.38
N HIS A 68 -10.77 -13.08 12.46
CA HIS A 68 -10.66 -12.42 13.79
C HIS A 68 -9.25 -12.63 14.35
N SER A 69 -8.29 -12.89 13.50
CA SER A 69 -6.90 -13.08 14.00
C SER A 69 -6.25 -11.72 14.26
N PHE A 70 -6.62 -10.77 13.48
CA PHE A 70 -6.05 -9.40 13.63
C PHE A 70 -6.94 -8.56 14.55
N PHE A 71 -7.02 -7.28 14.33
CA PHE A 71 -7.87 -6.43 15.22
C PHE A 71 -9.34 -6.66 14.88
N LEU A 72 -10.22 -5.84 15.39
CA LEU A 72 -11.67 -6.02 15.09
C LEU A 72 -11.97 -5.41 13.72
N THR A 73 -13.22 -5.37 13.34
CA THR A 73 -13.57 -4.78 12.01
C THR A 73 -13.69 -3.25 12.15
N PRO A 74 -13.03 -2.48 11.29
CA PRO A 74 -13.13 -1.01 11.38
C PRO A 74 -14.59 -0.57 11.26
N ASP A 75 -15.04 0.32 12.11
CA ASP A 75 -16.45 0.80 12.06
C ASP A 75 -16.45 2.27 11.64
N SER A 76 -15.55 3.04 12.18
CA SER A 76 -15.48 4.50 11.84
C SER A 76 -14.07 4.84 11.36
N PHE A 77 -13.81 6.11 11.20
CA PHE A 77 -12.49 6.55 10.70
C PHE A 77 -11.39 6.21 11.68
N GLU A 78 -11.50 6.69 12.87
CA GLU A 78 -10.46 6.40 13.89
C GLU A 78 -10.14 4.90 13.89
N GLN A 79 -11.13 4.08 13.76
CA GLN A 79 -10.89 2.63 13.77
C GLN A 79 -10.10 2.22 12.53
N LYS A 80 -10.26 2.94 11.45
CA LYS A 80 -9.48 2.59 10.23
C LYS A 80 -8.07 3.15 10.40
N VAL A 81 -7.98 4.38 10.81
CA VAL A 81 -6.65 5.01 11.03
C VAL A 81 -5.83 4.14 11.98
N LEU A 82 -6.49 3.38 12.83
CA LEU A 82 -5.74 2.52 13.79
C LEU A 82 -5.35 1.23 13.10
N ASN A 83 -6.22 0.63 12.35
CA ASN A 83 -5.86 -0.62 11.67
C ASN A 83 -4.66 -0.33 10.76
N VAL A 84 -4.54 0.89 10.28
CA VAL A 84 -3.38 1.23 9.40
C VAL A 84 -2.23 1.69 10.27
N SER A 85 -2.51 2.26 11.40
CA SER A 85 -1.40 2.69 12.28
C SER A 85 -0.67 1.44 12.70
N PHE A 86 -1.39 0.37 12.73
CA PHE A 86 -0.82 -0.95 13.12
C PHE A 86 0.02 -1.50 11.97
N ALA A 87 -0.56 -1.64 10.83
CA ALA A 87 0.22 -2.16 9.67
C ALA A 87 1.45 -1.26 9.51
N PHE A 88 1.27 -0.01 9.83
CA PHE A 88 2.36 0.98 9.76
C PHE A 88 3.32 0.70 10.89
N GLU A 89 2.86 0.06 11.92
CA GLU A 89 3.77 -0.24 13.06
C GLU A 89 4.67 -1.40 12.64
N LEU A 90 4.09 -2.44 12.12
CA LEU A 90 4.93 -3.57 11.64
C LEU A 90 5.78 -3.10 10.47
N MET A 91 5.40 -2.00 9.86
CA MET A 91 6.21 -1.49 8.71
C MET A 91 7.41 -0.75 9.28
N GLN A 92 7.14 0.23 10.10
CA GLN A 92 8.25 1.01 10.71
C GLN A 92 9.28 0.02 11.26
N ASP A 93 8.83 -1.16 11.63
CA ASP A 93 9.76 -2.18 12.15
C ASP A 93 10.25 -3.02 10.98
N GLY A 94 9.33 -3.54 10.21
CA GLY A 94 9.71 -4.36 9.04
C GLY A 94 10.60 -3.53 8.11
N GLY A 95 10.85 -2.28 8.44
CA GLY A 95 11.73 -1.43 7.58
C GLY A 95 10.98 -0.14 7.19
N LEU A 96 10.66 0.01 5.92
CA LEU A 96 9.94 1.22 5.44
C LEU A 96 10.81 2.47 5.60
N GLU A 97 11.69 2.47 6.56
CA GLU A 97 12.59 3.65 6.77
C GLU A 97 11.76 4.89 7.08
N LYS A 98 12.43 6.01 7.23
CA LYS A 98 11.73 7.30 7.55
C LYS A 98 10.35 7.40 6.86
N PRO A 99 9.27 7.16 7.57
CA PRO A 99 7.92 7.28 6.97
C PRO A 99 7.66 8.75 6.63
N LYS A 100 6.66 9.04 5.84
CA LYS A 100 6.40 10.47 5.46
C LYS A 100 4.90 10.82 5.52
N PRO A 101 4.01 10.10 4.86
CA PRO A 101 2.58 10.43 4.93
C PRO A 101 2.06 9.91 6.29
N ARG A 102 0.77 9.74 6.48
CA ARG A 102 0.26 9.28 7.81
C ARG A 102 -0.81 8.19 7.65
N PRO A 103 -0.92 7.29 8.63
CA PRO A 103 -1.94 6.21 8.61
C PRO A 103 -3.27 6.78 8.09
N GLU A 104 -3.43 8.07 8.22
CA GLU A 104 -4.66 8.71 7.71
C GLU A 104 -4.52 8.87 6.20
N ASP A 105 -3.49 9.57 5.79
CA ASP A 105 -3.22 9.81 4.35
C ASP A 105 -3.47 8.53 3.56
N ILE A 106 -3.29 7.41 4.18
CA ILE A 106 -3.56 6.11 3.50
C ILE A 106 -5.06 5.83 3.61
N VAL A 107 -5.56 5.62 4.82
CA VAL A 107 -7.03 5.36 4.99
C VAL A 107 -7.79 6.42 4.18
N ASN A 108 -7.25 7.60 4.10
CA ASN A 108 -7.93 8.72 3.37
C ASN A 108 -8.19 8.32 1.91
N CYS A 109 -7.98 7.08 1.56
CA CYS A 109 -8.25 6.65 0.16
C CYS A 109 -7.58 7.63 -0.80
N ASP A 110 -6.77 8.54 -0.31
CA ASP A 110 -6.12 9.49 -1.24
C ASP A 110 -5.09 8.74 -2.05
N LEU A 111 -4.67 9.32 -3.12
CA LEU A 111 -3.69 8.69 -4.01
C LEU A 111 -2.28 9.20 -3.69
N LYS A 112 -2.08 10.46 -3.89
CA LYS A 112 -0.76 11.11 -3.69
C LYS A 112 0.11 10.45 -2.61
N SER A 113 -0.23 10.63 -1.38
CA SER A 113 0.61 10.06 -0.28
C SER A 113 0.67 8.53 -0.35
N THR A 114 -0.47 7.91 -0.27
CA THR A 114 -0.56 6.42 -0.32
C THR A 114 0.41 5.88 -1.37
N LEU A 115 0.54 6.55 -2.48
CA LEU A 115 1.45 6.08 -3.55
C LEU A 115 2.90 6.26 -3.09
N ARG A 116 3.20 7.35 -2.46
CA ARG A 116 4.60 7.56 -2.01
C ARG A 116 5.08 6.37 -1.15
N VAL A 117 4.28 5.96 -0.20
CA VAL A 117 4.68 4.83 0.69
C VAL A 117 4.56 3.50 -0.05
N LEU A 118 3.51 3.28 -0.77
CA LEU A 118 3.39 1.98 -1.48
C LEU A 118 4.59 1.84 -2.40
N TYR A 119 5.02 2.91 -2.99
CA TYR A 119 6.21 2.83 -3.88
C TYR A 119 7.34 2.26 -3.04
N ASN A 120 7.55 2.88 -1.92
CA ASN A 120 8.61 2.42 -0.98
C ASN A 120 8.54 0.88 -0.86
N LEU A 121 7.36 0.32 -0.82
CA LEU A 121 7.24 -1.16 -0.69
C LEU A 121 7.60 -1.82 -2.03
N PHE A 122 6.85 -1.57 -3.07
CA PHE A 122 7.15 -2.19 -4.39
C PHE A 122 8.64 -2.22 -4.61
N THR A 123 9.28 -1.28 -4.04
CA THR A 123 10.75 -1.19 -4.18
C THR A 123 11.41 -2.32 -3.38
N LYS A 124 11.06 -2.44 -2.14
CA LYS A 124 11.70 -3.49 -1.29
C LYS A 124 11.12 -4.90 -1.52
N TYR A 125 9.95 -5.02 -2.10
CA TYR A 125 9.35 -6.38 -2.29
C TYR A 125 9.44 -6.80 -3.77
N ARG A 126 9.73 -5.88 -4.63
CA ARG A 126 9.85 -6.20 -6.07
C ARG A 126 10.76 -7.43 -6.27
N ASN A 127 11.74 -7.59 -5.44
CA ASN A 127 12.69 -8.73 -5.59
C ASN A 127 12.25 -9.87 -4.68
N VAL A 128 11.53 -9.55 -3.66
CA VAL A 128 11.05 -10.58 -2.70
C VAL A 128 9.57 -10.87 -2.96
N GLU A 129 9.26 -12.11 -3.13
CA GLU A 129 7.87 -12.52 -3.41
C GLU A 129 6.94 -12.08 -2.28
N ASP B 1 10.91 9.70 -12.91
CA ASP B 1 11.22 8.84 -14.10
C ASP B 1 9.94 8.13 -14.56
N LEU B 2 8.96 8.89 -14.98
CA LEU B 2 7.68 8.26 -15.45
C LEU B 2 8.00 7.11 -16.40
N ASP B 3 9.01 7.27 -17.22
CA ASP B 3 9.38 6.18 -18.17
C ASP B 3 9.83 4.94 -17.40
N ALA B 4 10.74 5.09 -16.49
CA ALA B 4 11.22 3.92 -15.70
C ALA B 4 10.03 3.13 -15.15
N LEU B 5 9.01 3.81 -14.71
CA LEU B 5 7.82 3.11 -14.14
C LEU B 5 7.16 2.26 -15.24
N LEU B 6 6.63 2.88 -16.26
CA LEU B 6 5.97 2.12 -17.35
C LEU B 6 6.86 0.94 -17.77
N ALA B 7 8.15 1.15 -17.80
CA ALA B 7 9.07 0.05 -18.19
C ALA B 7 8.96 -1.09 -17.17
N ASP B 8 8.91 -0.76 -15.91
CA ASP B 8 8.80 -1.82 -14.87
C ASP B 8 7.59 -2.70 -15.18
N LEU B 9 6.45 -2.13 -15.40
CA LEU B 9 5.25 -2.94 -15.71
C LEU B 9 5.57 -3.89 -16.87
N GLU B 10 6.07 -3.36 -17.95
CA GLU B 10 6.41 -4.17 -19.10
C GLU B 10 7.58 -5.10 -18.75
N ARG A 1 5.21 23.28 5.52
CA ARG A 1 6.39 22.97 4.65
C ARG A 1 5.90 22.30 3.36
N HIS A 2 6.09 22.94 2.24
CA HIS A 2 5.64 22.34 0.94
C HIS A 2 6.82 21.63 0.27
N GLU A 3 6.85 20.32 0.33
CA GLU A 3 7.97 19.56 -0.31
C GLU A 3 7.62 19.26 -1.76
N ARG A 4 8.59 18.91 -2.56
CA ARG A 4 8.33 18.60 -4.00
C ARG A 4 9.14 17.35 -4.39
N ASP A 5 8.48 16.32 -4.81
CA ASP A 5 9.18 15.06 -5.19
C ASP A 5 8.47 14.40 -6.38
N ALA A 6 8.27 13.11 -6.30
CA ALA A 6 7.59 12.39 -7.41
C ALA A 6 6.13 12.84 -7.54
N PHE A 7 5.36 12.74 -6.48
CA PHE A 7 3.92 13.15 -6.56
C PHE A 7 3.82 14.50 -7.29
N ASP A 8 4.79 15.33 -7.14
CA ASP A 8 4.75 16.66 -7.80
C ASP A 8 4.63 16.50 -9.32
N THR A 9 5.66 16.03 -9.96
CA THR A 9 5.62 15.88 -11.45
C THR A 9 4.69 14.75 -11.87
N LEU A 10 4.42 13.83 -11.00
CA LEU A 10 3.51 12.71 -11.41
C LEU A 10 2.07 13.22 -11.48
N PHE A 11 1.63 13.96 -10.50
CA PHE A 11 0.23 14.50 -10.52
C PHE A 11 0.21 15.78 -11.35
N ASP A 12 1.35 16.37 -11.56
CA ASP A 12 1.40 17.63 -12.37
C ASP A 12 1.80 17.32 -13.81
N HIS A 13 2.26 16.13 -14.09
CA HIS A 13 2.67 15.80 -15.49
C HIS A 13 2.43 14.32 -15.81
N ALA A 14 1.52 13.67 -15.12
CA ALA A 14 1.27 12.23 -15.45
C ALA A 14 0.03 11.70 -14.71
N PRO A 15 -1.13 12.21 -15.06
CA PRO A 15 -2.38 11.74 -14.45
C PRO A 15 -2.69 10.33 -14.97
N ASP A 16 -2.05 9.93 -16.04
CA ASP A 16 -2.31 8.57 -16.61
C ASP A 16 -1.42 7.51 -15.93
N LYS A 17 -0.15 7.79 -15.80
CA LYS A 17 0.76 6.80 -15.16
C LYS A 17 0.30 6.55 -13.72
N LEU A 18 -0.07 7.59 -13.02
CA LEU A 18 -0.53 7.41 -11.61
C LEU A 18 -1.62 6.34 -11.58
N ASN A 19 -2.42 6.26 -12.60
CA ASN A 19 -3.50 5.24 -12.63
C ASN A 19 -2.88 3.86 -12.78
N VAL A 20 -2.07 3.68 -13.79
CA VAL A 20 -1.42 2.35 -13.99
C VAL A 20 -0.46 2.04 -12.84
N VAL A 21 0.11 3.05 -12.24
CA VAL A 21 1.06 2.80 -11.12
C VAL A 21 0.30 2.17 -9.94
N LYS A 22 -0.85 2.68 -9.58
CA LYS A 22 -1.60 2.06 -8.47
C LYS A 22 -1.91 0.64 -8.89
N LYS A 23 -2.28 0.44 -10.12
CA LYS A 23 -2.63 -0.93 -10.60
C LYS A 23 -1.45 -1.89 -10.41
N THR A 24 -0.24 -1.41 -10.46
CA THR A 24 0.92 -2.34 -10.27
C THR A 24 1.03 -2.65 -8.79
N LEU A 25 0.64 -1.72 -7.98
CA LEU A 25 0.66 -1.96 -6.52
C LEU A 25 -0.48 -2.94 -6.20
N ILE A 26 -1.51 -2.91 -7.00
CA ILE A 26 -2.63 -3.87 -6.79
C ILE A 26 -2.05 -5.25 -7.04
N THR A 27 -1.19 -5.37 -8.02
CA THR A 27 -0.57 -6.69 -8.33
C THR A 27 0.31 -7.13 -7.15
N PHE A 28 0.95 -6.20 -6.49
CA PHE A 28 1.81 -6.57 -5.33
C PHE A 28 0.96 -7.36 -4.31
N VAL A 29 -0.11 -6.76 -3.86
CA VAL A 29 -0.97 -7.47 -2.88
C VAL A 29 -1.60 -8.69 -3.54
N ASN A 30 -2.06 -8.57 -4.76
CA ASN A 30 -2.68 -9.73 -5.47
C ASN A 30 -1.71 -10.90 -5.44
N LYS A 31 -0.46 -10.62 -5.24
CA LYS A 31 0.54 -11.70 -5.21
C LYS A 31 0.46 -12.38 -3.87
N HIS A 32 0.62 -11.63 -2.82
CA HIS A 32 0.54 -12.19 -1.51
C HIS A 32 -0.88 -12.72 -1.32
N LEU A 33 -1.80 -12.15 -2.01
CA LEU A 33 -3.21 -12.62 -1.92
C LEU A 33 -3.32 -13.83 -2.84
N ASN A 34 -2.81 -13.73 -4.04
CA ASN A 34 -2.88 -14.89 -4.97
C ASN A 34 -2.48 -16.17 -4.20
N LYS A 35 -1.67 -16.06 -3.17
CA LYS A 35 -1.32 -17.29 -2.40
C LYS A 35 -2.64 -17.90 -1.92
N LEU A 36 -3.39 -17.16 -1.16
CA LEU A 36 -4.72 -17.67 -0.70
C LEU A 36 -5.65 -17.67 -1.91
N ASN A 37 -5.08 -17.40 -3.06
CA ASN A 37 -5.83 -17.36 -4.33
C ASN A 37 -7.07 -16.48 -4.20
N LEU A 38 -6.84 -15.20 -4.17
CA LEU A 38 -7.96 -14.22 -4.07
C LEU A 38 -7.78 -13.16 -5.16
N GLU A 39 -8.30 -11.98 -4.97
CA GLU A 39 -8.14 -10.93 -6.03
C GLU A 39 -8.51 -9.55 -5.49
N VAL A 40 -7.55 -8.66 -5.43
CA VAL A 40 -7.81 -7.27 -4.95
C VAL A 40 -8.09 -6.38 -6.15
N THR A 41 -8.73 -5.26 -5.96
CA THR A 41 -9.06 -4.35 -7.11
C THR A 41 -8.79 -2.89 -6.75
N GLU A 42 -8.73 -2.57 -5.48
CA GLU A 42 -8.53 -1.14 -5.09
C GLU A 42 -7.50 -1.03 -3.97
N LEU A 43 -6.25 -0.91 -4.30
CA LEU A 43 -5.23 -0.78 -3.22
C LEU A 43 -5.63 0.42 -2.36
N GLU A 44 -5.99 1.50 -3.00
CA GLU A 44 -6.40 2.72 -2.23
C GLU A 44 -7.33 2.37 -1.05
N THR A 45 -8.48 1.83 -1.34
CA THR A 45 -9.45 1.52 -0.26
C THR A 45 -9.06 0.24 0.48
N GLN A 46 -8.00 -0.41 0.09
CA GLN A 46 -7.62 -1.65 0.81
C GLN A 46 -6.99 -1.24 2.13
N PHE A 47 -6.61 0.01 2.24
CA PHE A 47 -6.03 0.49 3.50
C PHE A 47 -7.16 1.12 4.26
N ALA A 48 -8.23 1.38 3.57
CA ALA A 48 -9.43 1.93 4.23
C ALA A 48 -10.04 0.82 5.07
N ASP A 49 -9.19 -0.05 5.53
CA ASP A 49 -9.66 -1.19 6.35
C ASP A 49 -8.46 -1.95 6.91
N GLY A 50 -7.29 -1.73 6.39
CA GLY A 50 -6.09 -2.45 6.89
C GLY A 50 -6.39 -3.97 7.01
N VAL A 51 -7.50 -4.42 6.49
CA VAL A 51 -7.84 -5.88 6.59
C VAL A 51 -6.99 -6.66 5.58
N TYR A 52 -7.16 -6.37 4.33
CA TYR A 52 -6.38 -7.10 3.30
C TYR A 52 -4.90 -6.91 3.62
N LEU A 53 -4.60 -5.97 4.48
CA LEU A 53 -3.17 -5.73 4.83
C LEU A 53 -2.69 -6.86 5.75
N VAL A 54 -3.28 -7.04 6.90
CA VAL A 54 -2.80 -8.13 7.79
C VAL A 54 -2.81 -9.45 7.01
N LEU A 55 -3.70 -9.58 6.06
CA LEU A 55 -3.74 -10.86 5.28
C LEU A 55 -2.48 -10.97 4.41
N LEU A 56 -2.26 -10.04 3.53
CA LEU A 56 -1.05 -10.11 2.67
C LEU A 56 0.18 -10.38 3.54
N MET A 57 0.21 -9.86 4.73
CA MET A 57 1.38 -10.09 5.63
C MET A 57 1.55 -11.59 5.89
N GLY A 58 0.52 -12.26 6.31
CA GLY A 58 0.66 -13.71 6.60
C GLY A 58 0.95 -14.49 5.32
N LEU A 59 0.31 -14.17 4.25
CA LEU A 59 0.56 -14.91 2.98
C LEU A 59 2.00 -14.65 2.57
N LEU A 60 2.59 -13.63 3.11
CA LEU A 60 4.01 -13.33 2.78
C LEU A 60 4.88 -14.37 3.48
N GLU A 61 4.76 -14.46 4.77
CA GLU A 61 5.56 -15.46 5.52
C GLU A 61 5.06 -16.87 5.19
N GLY A 62 3.91 -16.95 4.56
CA GLY A 62 3.35 -18.30 4.20
C GLY A 62 2.53 -18.85 5.37
N TYR A 63 1.36 -18.33 5.57
CA TYR A 63 0.50 -18.81 6.69
C TYR A 63 -0.90 -18.20 6.58
N PHE A 64 -1.89 -18.86 7.09
CA PHE A 64 -3.28 -18.32 7.02
C PHE A 64 -3.57 -17.50 8.29
N VAL A 65 -3.80 -16.22 8.14
CA VAL A 65 -4.08 -15.37 9.33
C VAL A 65 -5.55 -15.59 9.76
N PRO A 66 -5.81 -15.93 11.02
CA PRO A 66 -7.20 -16.15 11.47
C PRO A 66 -8.05 -14.90 11.16
N LEU A 67 -9.30 -14.92 11.53
CA LEU A 67 -10.17 -13.75 11.25
C LEU A 67 -9.99 -12.70 12.34
N HIS A 68 -10.17 -13.09 13.59
CA HIS A 68 -10.01 -12.11 14.71
C HIS A 68 -8.56 -12.08 15.18
N SER A 69 -7.64 -12.38 14.31
CA SER A 69 -6.21 -12.37 14.71
C SER A 69 -5.75 -10.93 14.89
N PHE A 70 -6.27 -10.07 14.10
CA PHE A 70 -5.88 -8.63 14.16
C PHE A 70 -6.75 -7.86 15.15
N PHE A 71 -7.40 -6.80 14.69
CA PHE A 71 -8.26 -5.97 15.59
C PHE A 71 -9.71 -5.98 15.08
N LEU A 72 -10.44 -7.03 15.36
CA LEU A 72 -11.86 -7.09 14.91
C LEU A 72 -11.99 -6.59 13.48
N THR A 73 -13.12 -6.04 13.12
CA THR A 73 -13.32 -5.51 11.73
C THR A 73 -13.46 -3.97 11.80
N PRO A 74 -13.00 -3.26 10.79
CA PRO A 74 -13.10 -1.77 10.79
C PRO A 74 -14.54 -1.34 11.09
N ASP A 75 -14.72 -0.36 11.95
CA ASP A 75 -16.09 0.13 12.30
C ASP A 75 -16.24 1.60 11.88
N SER A 76 -15.25 2.39 12.19
CA SER A 76 -15.30 3.86 11.88
C SER A 76 -13.97 4.31 11.28
N PHE A 77 -13.75 5.58 11.20
CA PHE A 77 -12.49 6.09 10.63
C PHE A 77 -11.35 5.83 11.60
N GLU A 78 -11.46 6.31 12.77
CA GLU A 78 -10.38 6.11 13.76
C GLU A 78 -9.90 4.65 13.77
N GLN A 79 -10.79 3.69 13.71
CA GLN A 79 -10.31 2.29 13.71
C GLN A 79 -9.51 2.04 12.45
N LYS A 80 -9.92 2.64 11.37
CA LYS A 80 -9.16 2.44 10.09
C LYS A 80 -7.78 3.09 10.25
N VAL A 81 -7.75 4.35 10.61
CA VAL A 81 -6.47 5.06 10.78
C VAL A 81 -5.52 4.24 11.66
N LEU A 82 -6.07 3.47 12.56
CA LEU A 82 -5.21 2.64 13.45
C LEU A 82 -4.81 1.35 12.76
N ASN A 83 -5.71 0.74 12.08
CA ASN A 83 -5.36 -0.50 11.37
C ASN A 83 -4.19 -0.19 10.42
N VAL A 84 -4.14 1.01 9.91
CA VAL A 84 -3.02 1.37 8.99
C VAL A 84 -1.82 1.85 9.78
N SER A 85 -2.04 2.53 10.87
CA SER A 85 -0.88 3.00 11.66
C SER A 85 -0.14 1.76 12.15
N PHE A 86 -0.86 0.69 12.25
CA PHE A 86 -0.27 -0.59 12.71
C PHE A 86 0.56 -1.20 11.59
N ALA A 87 -0.03 -1.43 10.47
CA ALA A 87 0.75 -2.01 9.33
C ALA A 87 1.95 -1.09 9.09
N PHE A 88 1.77 0.17 9.34
CA PHE A 88 2.86 1.15 9.17
C PHE A 88 3.83 0.96 10.32
N GLU A 89 3.38 0.38 11.39
CA GLU A 89 4.30 0.19 12.55
C GLU A 89 5.21 -1.00 12.24
N LEU A 90 4.65 -2.08 11.77
CA LEU A 90 5.49 -3.25 11.42
C LEU A 90 6.35 -2.86 10.22
N MET A 91 5.97 -1.83 9.51
CA MET A 91 6.80 -1.42 8.33
C MET A 91 7.94 -0.56 8.84
N GLN A 92 7.61 0.45 9.60
CA GLN A 92 8.66 1.33 10.16
C GLN A 92 9.73 0.44 10.80
N ASP A 93 9.33 -0.72 11.27
CA ASP A 93 10.31 -1.65 11.89
C ASP A 93 10.89 -2.53 10.79
N GLY A 94 10.05 -3.18 10.07
CA GLY A 94 10.53 -4.06 8.96
C GLY A 94 11.33 -3.21 7.97
N GLY A 95 11.45 -1.93 8.21
CA GLY A 95 12.23 -1.04 7.29
C GLY A 95 11.39 0.19 6.92
N LEU A 96 11.10 0.36 5.65
CA LEU A 96 10.30 1.52 5.19
C LEU A 96 10.97 2.82 5.65
N GLU A 97 10.77 3.17 6.87
CA GLU A 97 11.37 4.42 7.42
C GLU A 97 11.09 5.60 6.49
N LYS A 98 11.66 6.73 6.78
CA LYS A 98 11.43 7.94 5.94
C LYS A 98 9.96 8.08 5.55
N PRO A 99 9.11 8.34 6.53
CA PRO A 99 7.66 8.50 6.28
C PRO A 99 7.41 9.81 5.52
N LYS A 100 6.25 9.94 4.94
CA LYS A 100 5.91 11.19 4.20
C LYS A 100 4.40 11.49 4.33
N PRO A 101 3.52 10.54 4.05
CA PRO A 101 2.07 10.78 4.17
C PRO A 101 1.66 10.38 5.60
N ARG A 102 0.42 10.06 5.84
CA ARG A 102 0.00 9.67 7.24
C ARG A 102 -1.02 8.51 7.16
N PRO A 103 -1.03 7.63 8.17
CA PRO A 103 -1.96 6.49 8.20
C PRO A 103 -3.35 6.95 7.74
N GLU A 104 -3.62 8.21 7.86
CA GLU A 104 -4.93 8.74 7.41
C GLU A 104 -4.89 8.89 5.89
N ASP A 105 -3.94 9.65 5.42
CA ASP A 105 -3.77 9.88 3.97
C ASP A 105 -3.94 8.56 3.21
N ILE A 106 -3.69 7.46 3.86
CA ILE A 106 -3.87 6.14 3.18
C ILE A 106 -5.35 5.78 3.30
N VAL A 107 -5.80 5.50 4.50
CA VAL A 107 -7.24 5.18 4.73
C VAL A 107 -8.10 6.16 3.93
N ASN A 108 -7.61 7.37 3.77
CA ASN A 108 -8.37 8.42 3.05
C ASN A 108 -8.67 7.97 1.61
N CYS A 109 -8.34 6.76 1.27
CA CYS A 109 -8.62 6.26 -0.11
C CYS A 109 -7.87 7.11 -1.15
N ASP A 110 -7.32 8.24 -0.77
CA ASP A 110 -6.59 9.05 -1.76
C ASP A 110 -5.51 8.18 -2.37
N LEU A 111 -5.07 8.54 -3.53
CA LEU A 111 -4.02 7.75 -4.21
C LEU A 111 -2.66 8.40 -3.94
N LYS A 112 -2.59 9.68 -4.13
CA LYS A 112 -1.32 10.43 -3.93
C LYS A 112 -0.45 9.84 -2.81
N SER A 113 -0.77 10.14 -1.60
CA SER A 113 0.02 9.65 -0.44
C SER A 113 0.21 8.12 -0.53
N THR A 114 -0.87 7.44 -0.56
CA THR A 114 -0.87 5.96 -0.60
C THR A 114 0.22 5.48 -1.57
N LEU A 115 0.38 6.16 -2.66
CA LEU A 115 1.40 5.77 -3.63
C LEU A 115 2.78 5.97 -3.02
N ARG A 116 3.05 7.09 -2.38
CA ARG A 116 4.40 7.25 -1.77
C ARG A 116 4.78 5.97 -1.00
N VAL A 117 3.96 5.57 -0.07
CA VAL A 117 4.27 4.37 0.77
C VAL A 117 4.25 3.06 -0.03
N LEU A 118 3.21 2.80 -0.76
CA LEU A 118 3.14 1.52 -1.51
C LEU A 118 4.37 1.38 -2.40
N TYR A 119 4.79 2.44 -3.02
CA TYR A 119 5.99 2.36 -3.87
C TYR A 119 7.14 1.90 -3.02
N ASN A 120 7.34 2.59 -1.94
CA ASN A 120 8.45 2.24 -1.00
C ASN A 120 8.46 0.70 -0.79
N LEU A 121 7.32 0.09 -0.71
CA LEU A 121 7.29 -1.39 -0.51
C LEU A 121 7.65 -2.09 -1.82
N PHE A 122 6.85 -1.95 -2.85
CA PHE A 122 7.15 -2.63 -4.13
C PHE A 122 8.63 -2.54 -4.43
N THR A 123 9.24 -1.55 -3.96
CA THR A 123 10.68 -1.39 -4.21
C THR A 123 11.46 -2.41 -3.40
N LYS A 124 11.23 -2.46 -2.13
CA LYS A 124 12.01 -3.40 -1.26
C LYS A 124 11.50 -4.84 -1.34
N TYR A 125 10.30 -5.08 -1.80
CA TYR A 125 9.77 -6.48 -1.83
C TYR A 125 9.74 -7.03 -3.27
N ARG A 126 9.86 -6.16 -4.23
CA ARG A 126 9.84 -6.60 -5.65
C ARG A 126 10.71 -7.85 -5.85
N ASN A 127 11.71 -7.99 -5.05
CA ASN A 127 12.62 -9.17 -5.19
C ASN A 127 12.05 -10.32 -4.37
N VAL A 128 11.23 -9.98 -3.44
CA VAL A 128 10.60 -11.00 -2.56
C VAL A 128 9.22 -11.33 -3.10
N GLU A 129 8.87 -12.56 -3.01
CA GLU A 129 7.56 -13.03 -3.51
C GLU A 129 6.42 -12.44 -2.66
N ASP B 1 12.93 8.64 -13.39
CA ASP B 1 11.86 9.66 -13.53
C ASP B 1 10.58 8.98 -14.04
N LEU B 2 9.77 9.68 -14.78
CA LEU B 2 8.51 9.07 -15.30
C LEU B 2 8.85 7.87 -16.18
N ASP B 3 9.93 7.95 -16.90
CA ASP B 3 10.33 6.82 -17.78
C ASP B 3 10.77 5.64 -16.91
N ALA B 4 11.66 5.87 -15.99
CA ALA B 4 12.12 4.76 -15.11
C ALA B 4 10.91 4.06 -14.48
N LEU B 5 9.92 4.81 -14.09
CA LEU B 5 8.72 4.18 -13.47
C LEU B 5 8.09 3.21 -14.48
N LEU B 6 7.58 3.71 -15.56
CA LEU B 6 6.95 2.82 -16.59
C LEU B 6 7.83 1.60 -16.84
N ALA B 7 9.12 1.78 -16.88
CA ALA B 7 10.03 0.63 -17.12
C ALA B 7 9.86 -0.40 -15.99
N ASP B 8 9.60 0.06 -14.80
CA ASP B 8 9.42 -0.90 -13.67
C ASP B 8 8.08 -1.61 -13.81
N LEU B 9 7.07 -0.93 -14.30
CA LEU B 9 5.74 -1.58 -14.46
C LEU B 9 5.81 -2.62 -15.58
N GLU B 10 5.96 -2.18 -16.80
CA GLU B 10 6.03 -3.07 -17.93
C GLU B 10 7.32 -3.91 -17.84
N ARG A 1 9.34 18.71 4.30
CA ARG A 1 9.87 19.67 3.29
C ARG A 1 9.18 19.42 1.94
N HIS A 2 9.45 20.25 0.96
CA HIS A 2 8.83 20.08 -0.40
C HIS A 2 9.93 19.90 -1.44
N GLU A 3 9.94 18.78 -2.12
CA GLU A 3 10.99 18.53 -3.17
C GLU A 3 10.32 17.85 -4.37
N ARG A 4 10.59 18.34 -5.56
CA ARG A 4 9.98 17.74 -6.76
C ARG A 4 10.36 16.25 -6.85
N ASP A 5 9.40 15.38 -6.69
CA ASP A 5 9.68 13.91 -6.74
C ASP A 5 8.72 13.24 -7.73
N ALA A 6 8.16 12.13 -7.34
CA ALA A 6 7.21 11.41 -8.26
C ALA A 6 5.81 12.04 -8.15
N PHE A 7 5.26 12.10 -6.97
CA PHE A 7 3.90 12.70 -6.81
C PHE A 7 3.85 14.05 -7.53
N ASP A 8 4.96 14.71 -7.63
CA ASP A 8 4.99 16.03 -8.30
C ASP A 8 4.60 15.87 -9.78
N THR A 9 5.47 15.26 -10.54
CA THR A 9 5.19 15.09 -12.00
C THR A 9 4.04 14.11 -12.25
N LEU A 10 3.73 13.29 -11.29
CA LEU A 10 2.62 12.32 -11.50
C LEU A 10 1.28 13.06 -11.40
N PHE A 11 1.10 13.83 -10.37
CA PHE A 11 -0.16 14.58 -10.18
C PHE A 11 -0.13 15.90 -10.95
N ASP A 12 1.03 16.27 -11.46
CA ASP A 12 1.14 17.57 -12.21
C ASP A 12 1.32 17.33 -13.71
N HIS A 13 1.57 16.11 -14.14
CA HIS A 13 1.77 15.91 -15.60
C HIS A 13 1.57 14.44 -16.01
N ALA A 14 0.74 13.69 -15.32
CA ALA A 14 0.53 12.27 -15.75
C ALA A 14 -0.65 11.63 -15.00
N PRO A 15 -1.85 12.10 -15.28
CA PRO A 15 -3.06 11.54 -14.64
C PRO A 15 -3.30 10.13 -15.20
N ASP A 16 -2.63 9.79 -16.28
CA ASP A 16 -2.83 8.45 -16.90
C ASP A 16 -1.96 7.41 -16.20
N LYS A 17 -0.68 7.66 -16.08
CA LYS A 17 0.20 6.67 -15.40
C LYS A 17 -0.24 6.57 -13.95
N LEU A 18 -0.72 7.65 -13.40
CA LEU A 18 -1.19 7.62 -11.98
C LEU A 18 -2.17 6.46 -11.84
N ASN A 19 -2.96 6.22 -12.84
CA ASN A 19 -3.94 5.10 -12.78
C ASN A 19 -3.19 3.78 -12.91
N VAL A 20 -2.40 3.62 -13.94
CA VAL A 20 -1.64 2.36 -14.11
C VAL A 20 -0.71 2.15 -12.91
N VAL A 21 -0.26 3.21 -12.30
CA VAL A 21 0.65 3.07 -11.13
C VAL A 21 -0.11 2.42 -9.97
N LYS A 22 -1.31 2.85 -9.70
CA LYS A 22 -2.09 2.23 -8.61
C LYS A 22 -2.27 0.76 -9.00
N LYS A 23 -2.61 0.52 -10.23
CA LYS A 23 -2.84 -0.89 -10.71
C LYS A 23 -1.58 -1.75 -10.50
N THR A 24 -0.42 -1.14 -10.48
CA THR A 24 0.82 -1.95 -10.28
C THR A 24 0.91 -2.31 -8.81
N LEU A 25 0.45 -1.44 -7.98
CA LEU A 25 0.46 -1.72 -6.54
C LEU A 25 -0.62 -2.77 -6.28
N ILE A 26 -1.63 -2.81 -7.12
CA ILE A 26 -2.67 -3.84 -6.96
C ILE A 26 -2.00 -5.18 -7.22
N THR A 27 -1.10 -5.22 -8.17
CA THR A 27 -0.39 -6.51 -8.48
C THR A 27 0.44 -6.94 -7.26
N PHE A 28 1.07 -6.01 -6.58
CA PHE A 28 1.89 -6.35 -5.39
C PHE A 28 1.02 -7.09 -4.37
N VAL A 29 -0.07 -6.49 -3.99
CA VAL A 29 -0.97 -7.14 -3.00
C VAL A 29 -1.56 -8.42 -3.61
N ASN A 30 -2.01 -8.36 -4.84
CA ASN A 30 -2.60 -9.56 -5.49
C ASN A 30 -1.59 -10.72 -5.42
N LYS A 31 -0.36 -10.41 -5.23
CA LYS A 31 0.67 -11.49 -5.17
C LYS A 31 0.61 -12.09 -3.78
N HIS A 32 0.76 -11.28 -2.79
CA HIS A 32 0.68 -11.73 -1.44
C HIS A 32 -0.72 -12.30 -1.22
N LEU A 33 -1.67 -11.79 -1.94
CA LEU A 33 -3.06 -12.30 -1.82
C LEU A 33 -3.19 -13.53 -2.71
N ASN A 34 -2.69 -13.46 -3.92
CA ASN A 34 -2.78 -14.65 -4.82
C ASN A 34 -2.35 -15.88 -4.02
N LYS A 35 -1.58 -15.71 -2.98
CA LYS A 35 -1.18 -16.89 -2.17
C LYS A 35 -2.47 -17.50 -1.63
N LEU A 36 -3.22 -16.75 -0.88
CA LEU A 36 -4.52 -17.24 -0.35
C LEU A 36 -5.51 -17.27 -1.53
N ASN A 37 -5.01 -16.99 -2.70
CA ASN A 37 -5.82 -16.97 -3.94
C ASN A 37 -7.07 -16.09 -3.80
N LEU A 38 -6.86 -14.81 -3.71
CA LEU A 38 -8.01 -13.83 -3.62
C LEU A 38 -7.91 -12.90 -4.84
N GLU A 39 -8.38 -11.69 -4.72
CA GLU A 39 -8.32 -10.74 -5.88
C GLU A 39 -8.62 -9.32 -5.40
N VAL A 40 -7.67 -8.43 -5.51
CA VAL A 40 -7.89 -7.01 -5.07
C VAL A 40 -8.14 -6.13 -6.30
N THR A 41 -8.76 -4.98 -6.12
CA THR A 41 -9.05 -4.09 -7.28
C THR A 41 -8.93 -2.62 -6.87
N GLU A 42 -9.22 -2.31 -5.63
CA GLU A 42 -9.15 -0.88 -5.17
C GLU A 42 -8.05 -0.72 -4.12
N LEU A 43 -6.83 -0.58 -4.56
CA LEU A 43 -5.73 -0.40 -3.59
C LEU A 43 -6.08 0.77 -2.67
N GLU A 44 -6.54 1.85 -3.24
CA GLU A 44 -6.90 3.04 -2.40
C GLU A 44 -7.78 2.63 -1.20
N THR A 45 -8.94 2.12 -1.48
CA THR A 45 -9.88 1.74 -0.39
C THR A 45 -9.46 0.43 0.28
N GLN A 46 -8.41 -0.18 -0.14
CA GLN A 46 -8.00 -1.44 0.52
C GLN A 46 -7.44 -1.09 1.88
N PHE A 47 -7.04 0.15 2.06
CA PHE A 47 -6.52 0.58 3.36
C PHE A 47 -7.67 1.22 4.10
N ALA A 48 -8.70 1.55 3.38
CA ALA A 48 -9.89 2.17 4.02
C ALA A 48 -10.52 1.15 4.98
N ASP A 49 -9.74 0.21 5.40
CA ASP A 49 -10.24 -0.83 6.33
C ASP A 49 -9.05 -1.67 6.81
N GLY A 50 -7.89 -1.42 6.28
CA GLY A 50 -6.67 -2.17 6.68
C GLY A 50 -6.96 -3.67 6.88
N VAL A 51 -8.06 -4.17 6.36
CA VAL A 51 -8.35 -5.63 6.54
C VAL A 51 -7.54 -6.42 5.50
N TYR A 52 -7.79 -6.20 4.25
CA TYR A 52 -7.02 -6.94 3.21
C TYR A 52 -5.55 -6.58 3.42
N LEU A 53 -5.31 -5.57 4.21
CA LEU A 53 -3.90 -5.15 4.45
C LEU A 53 -3.21 -6.18 5.35
N VAL A 54 -3.70 -6.41 6.54
CA VAL A 54 -3.02 -7.42 7.40
C VAL A 54 -2.95 -8.75 6.65
N LEU A 55 -3.90 -9.01 5.79
CA LEU A 55 -3.86 -10.29 5.03
C LEU A 55 -2.55 -10.36 4.23
N LEU A 56 -2.31 -9.42 3.36
CA LEU A 56 -1.05 -9.47 2.55
C LEU A 56 0.18 -9.60 3.46
N MET A 57 0.16 -8.97 4.59
CA MET A 57 1.33 -9.05 5.52
C MET A 57 1.65 -10.50 5.87
N GLY A 58 0.67 -11.28 6.22
CA GLY A 58 0.96 -12.69 6.60
C GLY A 58 1.27 -13.55 5.38
N LEU A 59 0.55 -13.39 4.31
CA LEU A 59 0.81 -14.21 3.10
C LEU A 59 2.22 -13.90 2.61
N LEU A 60 2.75 -12.80 3.04
CA LEU A 60 4.15 -12.45 2.66
C LEU A 60 5.04 -13.32 3.54
N GLU A 61 4.77 -13.33 4.82
CA GLU A 61 5.57 -14.18 5.74
C GLU A 61 5.45 -15.63 5.28
N GLY A 62 4.24 -16.07 5.02
CA GLY A 62 4.02 -17.47 4.56
C GLY A 62 3.57 -18.35 5.73
N TYR A 63 2.42 -18.06 6.27
CA TYR A 63 1.92 -18.89 7.41
C TYR A 63 0.48 -18.50 7.70
N PHE A 64 -0.29 -18.52 6.70
CA PHE A 64 -1.74 -18.18 6.80
C PHE A 64 -1.91 -16.88 7.59
N VAL A 65 -3.12 -16.46 7.80
CA VAL A 65 -3.37 -15.19 8.58
C VAL A 65 -4.72 -15.34 9.32
N PRO A 66 -4.71 -15.72 10.59
CA PRO A 66 -5.96 -15.89 11.35
C PRO A 66 -6.76 -14.58 11.34
N LEU A 67 -8.06 -14.67 11.48
CA LEU A 67 -8.89 -13.44 11.47
C LEU A 67 -8.74 -12.70 12.79
N HIS A 68 -8.95 -13.38 13.89
CA HIS A 68 -8.83 -12.70 15.21
C HIS A 68 -7.37 -12.40 15.53
N SER A 69 -6.53 -12.30 14.52
CA SER A 69 -5.10 -12.00 14.77
C SER A 69 -4.93 -10.50 14.91
N PHE A 70 -5.73 -9.77 14.20
CA PHE A 70 -5.64 -8.28 14.23
C PHE A 70 -6.73 -7.69 15.13
N PHE A 71 -7.50 -6.77 14.61
CA PHE A 71 -8.60 -6.14 15.42
C PHE A 71 -9.94 -6.43 14.74
N LEU A 72 -11.03 -6.25 15.43
CA LEU A 72 -12.36 -6.52 14.81
C LEU A 72 -12.50 -5.69 13.54
N THR A 73 -13.66 -5.62 12.98
CA THR A 73 -13.86 -4.83 11.74
C THR A 73 -13.96 -3.33 12.12
N PRO A 74 -13.37 -2.45 11.35
CA PRO A 74 -13.45 -1.00 11.65
C PRO A 74 -14.92 -0.56 11.71
N ASP A 75 -15.29 0.22 12.70
CA ASP A 75 -16.70 0.70 12.80
C ASP A 75 -16.75 2.14 12.31
N SER A 76 -15.76 2.92 12.67
CA SER A 76 -15.73 4.35 12.25
C SER A 76 -14.35 4.66 11.66
N PHE A 77 -14.10 5.91 11.41
CA PHE A 77 -12.80 6.33 10.80
C PHE A 77 -11.65 6.01 11.73
N GLU A 78 -11.68 6.53 12.89
CA GLU A 78 -10.58 6.28 13.86
C GLU A 78 -10.24 4.79 13.88
N GLN A 79 -11.21 3.95 13.84
CA GLN A 79 -10.96 2.50 13.84
C GLN A 79 -10.24 2.09 12.57
N LYS A 80 -10.46 2.78 11.49
CA LYS A 80 -9.73 2.44 10.23
C LYS A 80 -8.32 3.01 10.34
N VAL A 81 -8.21 4.26 10.70
CA VAL A 81 -6.87 4.89 10.84
C VAL A 81 -6.02 4.04 11.77
N LEU A 82 -6.63 3.29 12.64
CA LEU A 82 -5.84 2.46 13.59
C LEU A 82 -5.47 1.15 12.93
N ASN A 83 -6.34 0.57 12.18
CA ASN A 83 -6.00 -0.69 11.50
C ASN A 83 -4.77 -0.42 10.61
N VAL A 84 -4.67 0.77 10.09
CA VAL A 84 -3.49 1.11 9.24
C VAL A 84 -2.35 1.58 10.10
N SER A 85 -2.62 2.21 11.20
CA SER A 85 -1.53 2.68 12.06
C SER A 85 -0.79 1.44 12.56
N PHE A 86 -1.51 0.37 12.61
CA PHE A 86 -0.92 -0.92 13.08
C PHE A 86 -0.05 -1.50 11.97
N ALA A 87 -0.61 -1.71 10.83
CA ALA A 87 0.21 -2.27 9.72
C ALA A 87 1.41 -1.35 9.52
N PHE A 88 1.20 -0.09 9.79
CA PHE A 88 2.27 0.91 9.64
C PHE A 88 3.21 0.75 10.81
N GLU A 89 2.76 0.13 11.86
CA GLU A 89 3.66 -0.05 13.03
C GLU A 89 4.58 -1.23 12.75
N LEU A 90 4.04 -2.31 12.25
CA LEU A 90 4.91 -3.48 11.94
C LEU A 90 5.76 -3.12 10.72
N MET A 91 5.38 -2.11 9.97
CA MET A 91 6.20 -1.74 8.79
C MET A 91 7.30 -0.79 9.26
N GLN A 92 6.95 0.18 10.05
CA GLN A 92 7.98 1.11 10.57
C GLN A 92 9.07 0.26 11.21
N ASP A 93 8.70 -0.87 11.73
CA ASP A 93 9.69 -1.78 12.35
C ASP A 93 10.23 -2.73 11.29
N GLY A 94 9.34 -3.41 10.63
CA GLY A 94 9.76 -4.36 9.56
C GLY A 94 10.58 -3.60 8.50
N GLY A 95 10.75 -2.31 8.66
CA GLY A 95 11.55 -1.52 7.66
C GLY A 95 10.86 -0.20 7.33
N LEU A 96 10.49 0.00 6.08
CA LEU A 96 9.83 1.27 5.67
C LEU A 96 10.79 2.44 5.91
N GLU A 97 10.98 2.80 7.14
CA GLU A 97 11.92 3.91 7.48
C GLU A 97 11.50 5.22 6.81
N LYS A 98 11.90 6.32 7.39
CA LYS A 98 11.58 7.67 6.84
C LYS A 98 10.18 7.71 6.21
N PRO A 99 9.16 7.61 7.04
CA PRO A 99 7.76 7.66 6.56
C PRO A 99 7.45 9.09 6.09
N LYS A 100 6.38 9.27 5.35
CA LYS A 100 6.02 10.64 4.87
C LYS A 100 4.51 10.96 5.06
N PRO A 101 3.63 10.09 4.61
CA PRO A 101 2.19 10.34 4.74
C PRO A 101 1.72 9.84 6.12
N ARG A 102 0.44 9.79 6.38
CA ARG A 102 -0.04 9.34 7.72
C ARG A 102 -1.10 8.21 7.57
N PRO A 103 -1.20 7.31 8.55
CA PRO A 103 -2.19 6.22 8.53
C PRO A 103 -3.54 6.75 8.01
N GLU A 104 -3.74 8.03 8.12
CA GLU A 104 -5.01 8.62 7.63
C GLU A 104 -4.90 8.76 6.12
N ASP A 105 -3.91 9.49 5.68
CA ASP A 105 -3.68 9.72 4.22
C ASP A 105 -3.93 8.42 3.46
N ILE A 106 -3.71 7.31 4.09
CA ILE A 106 -3.94 6.00 3.42
C ILE A 106 -5.44 5.69 3.50
N VAL A 107 -5.93 5.42 4.68
CA VAL A 107 -7.39 5.14 4.84
C VAL A 107 -8.19 6.18 4.04
N ASN A 108 -7.69 7.37 3.97
CA ASN A 108 -8.40 8.45 3.22
C ASN A 108 -8.56 8.07 1.74
N CYS A 109 -8.39 6.82 1.39
CA CYS A 109 -8.54 6.44 -0.05
C CYS A 109 -7.70 7.37 -0.91
N ASP A 110 -6.87 8.20 -0.31
CA ASP A 110 -6.04 9.12 -1.12
C ASP A 110 -5.16 8.30 -2.04
N LEU A 111 -4.79 8.88 -3.12
CA LEU A 111 -3.87 8.22 -4.06
C LEU A 111 -2.47 8.78 -3.76
N LYS A 112 -2.31 10.03 -3.99
CA LYS A 112 -1.00 10.71 -3.75
C LYS A 112 -0.18 10.10 -2.63
N SER A 113 -0.55 10.35 -1.43
CA SER A 113 0.25 9.84 -0.28
C SER A 113 0.29 8.29 -0.26
N THR A 114 -0.86 7.68 -0.23
CA THR A 114 -0.93 6.19 -0.20
C THR A 114 0.08 5.60 -1.20
N LEU A 115 0.24 6.24 -2.32
CA LEU A 115 1.20 5.76 -3.33
C LEU A 115 2.60 5.90 -2.77
N ARG A 116 2.93 7.01 -2.17
CA ARG A 116 4.30 7.18 -1.62
C ARG A 116 4.70 5.93 -0.78
N VAL A 117 3.88 5.56 0.16
CA VAL A 117 4.23 4.40 1.04
C VAL A 117 4.27 3.08 0.25
N LEU A 118 3.23 2.77 -0.47
CA LEU A 118 3.22 1.49 -1.21
C LEU A 118 4.41 1.42 -2.15
N TYR A 119 4.74 2.50 -2.78
CA TYR A 119 5.93 2.48 -3.67
C TYR A 119 7.10 2.01 -2.84
N ASN A 120 7.29 2.66 -1.74
CA ASN A 120 8.38 2.30 -0.81
C ASN A 120 8.41 0.77 -0.62
N LEU A 121 7.27 0.14 -0.58
CA LEU A 121 7.24 -1.33 -0.40
C LEU A 121 7.67 -2.01 -1.70
N PHE A 122 6.91 -1.85 -2.76
CA PHE A 122 7.26 -2.50 -4.04
C PHE A 122 8.76 -2.40 -4.27
N THR A 123 9.33 -1.40 -3.74
CA THR A 123 10.80 -1.24 -3.93
C THR A 123 11.53 -2.27 -3.07
N LYS A 124 11.21 -2.34 -1.82
CA LYS A 124 11.91 -3.28 -0.91
C LYS A 124 11.48 -4.74 -1.09
N TYR A 125 10.33 -5.01 -1.65
CA TYR A 125 9.88 -6.44 -1.78
C TYR A 125 9.97 -6.91 -3.23
N ARG A 126 10.09 -6.00 -4.16
CA ARG A 126 10.18 -6.35 -5.59
C ARG A 126 11.10 -7.57 -5.79
N ASN A 127 12.06 -7.73 -4.94
CA ASN A 127 13.02 -8.87 -5.08
C ASN A 127 12.45 -10.07 -4.34
N VAL A 128 11.59 -9.80 -3.42
CA VAL A 128 10.95 -10.88 -2.62
C VAL A 128 9.59 -11.21 -3.21
N GLU A 129 9.30 -12.46 -3.27
CA GLU A 129 8.04 -12.93 -3.86
C GLU A 129 6.86 -12.48 -2.98
N ASP B 1 12.17 9.51 -13.83
CA ASP B 1 10.94 10.32 -14.04
C ASP B 1 9.78 9.40 -14.44
N LEU B 2 8.83 9.92 -15.18
CA LEU B 2 7.68 9.08 -15.60
C LEU B 2 8.19 7.84 -16.35
N ASP B 3 9.05 8.04 -17.29
CA ASP B 3 9.60 6.89 -18.07
C ASP B 3 10.16 5.83 -17.11
N ALA B 4 10.97 6.23 -16.17
CA ALA B 4 11.55 5.25 -15.21
C ALA B 4 10.45 4.42 -14.56
N LEU B 5 9.46 5.05 -14.00
CA LEU B 5 8.36 4.30 -13.33
C LEU B 5 7.78 3.27 -14.30
N LEU B 6 7.29 3.71 -15.43
CA LEU B 6 6.69 2.74 -16.41
C LEU B 6 7.67 1.60 -16.65
N ALA B 7 8.94 1.90 -16.73
CA ALA B 7 9.95 0.82 -16.97
C ALA B 7 9.77 -0.25 -15.89
N ASP B 8 9.56 0.15 -14.67
CA ASP B 8 9.37 -0.84 -13.57
C ASP B 8 8.15 -1.69 -13.89
N LEU B 9 7.08 -1.09 -14.32
CA LEU B 9 5.86 -1.87 -14.65
C LEU B 9 6.21 -2.92 -15.73
N GLU B 10 6.35 -2.49 -16.96
CA GLU B 10 6.69 -3.45 -18.05
C GLU B 10 7.85 -4.34 -17.61
N ARG A 1 13.03 21.00 3.80
CA ARG A 1 11.69 20.47 4.17
C ARG A 1 10.82 20.38 2.93
N HIS A 2 11.16 21.11 1.90
CA HIS A 2 10.34 21.06 0.65
C HIS A 2 10.54 19.71 -0.03
N GLU A 3 9.64 18.78 0.18
CA GLU A 3 9.77 17.44 -0.45
C GLU A 3 9.16 17.48 -1.85
N ARG A 4 9.86 16.96 -2.82
CA ARG A 4 9.33 16.95 -4.22
C ARG A 4 9.91 15.75 -4.95
N ASP A 5 9.08 14.83 -5.37
CA ASP A 5 9.58 13.61 -6.08
C ASP A 5 8.61 13.23 -7.21
N ALA A 6 8.29 11.98 -7.31
CA ALA A 6 7.39 11.51 -8.39
C ALA A 6 5.99 12.15 -8.27
N PHE A 7 5.33 12.00 -7.14
CA PHE A 7 3.97 12.60 -7.00
C PHE A 7 3.93 14.00 -7.58
N ASP A 8 5.01 14.70 -7.55
CA ASP A 8 5.00 16.08 -8.11
C ASP A 8 4.77 16.03 -9.61
N THR A 9 5.76 15.61 -10.35
CA THR A 9 5.63 15.55 -11.84
C THR A 9 4.53 14.58 -12.26
N LEU A 10 4.14 13.68 -11.41
CA LEU A 10 3.07 12.71 -11.79
C LEU A 10 1.70 13.39 -11.70
N PHE A 11 1.35 13.90 -10.55
CA PHE A 11 0.03 14.56 -10.40
C PHE A 11 0.03 15.86 -11.18
N ASP A 12 1.18 16.28 -11.62
CA ASP A 12 1.26 17.55 -12.40
C ASP A 12 0.98 17.27 -13.86
N HIS A 13 1.68 16.34 -14.43
CA HIS A 13 1.52 16.03 -15.87
C HIS A 13 1.29 14.51 -16.10
N ALA A 14 0.50 13.87 -15.29
CA ALA A 14 0.27 12.40 -15.54
C ALA A 14 -0.87 11.85 -14.66
N PRO A 15 -2.08 12.33 -14.89
CA PRO A 15 -3.24 11.84 -14.13
C PRO A 15 -3.56 10.41 -14.59
N ASP A 16 -3.05 10.03 -15.75
CA ASP A 16 -3.34 8.67 -16.29
C ASP A 16 -2.33 7.64 -15.75
N LYS A 17 -1.08 7.99 -15.71
CA LYS A 17 -0.06 7.03 -15.21
C LYS A 17 -0.37 6.68 -13.76
N LEU A 18 -0.77 7.66 -12.99
CA LEU A 18 -1.10 7.39 -11.57
C LEU A 18 -2.15 6.28 -11.49
N ASN A 19 -3.06 6.25 -12.43
CA ASN A 19 -4.10 5.19 -12.43
C ASN A 19 -3.43 3.84 -12.64
N VAL A 20 -2.61 3.74 -13.65
CA VAL A 20 -1.92 2.44 -13.93
C VAL A 20 -0.97 2.09 -12.78
N VAL A 21 -0.29 3.07 -12.23
CA VAL A 21 0.65 2.77 -11.12
C VAL A 21 -0.13 2.18 -9.93
N LYS A 22 -1.33 2.65 -9.68
CA LYS A 22 -2.10 2.07 -8.56
C LYS A 22 -2.35 0.61 -8.92
N LYS A 23 -2.69 0.34 -10.15
CA LYS A 23 -2.95 -1.06 -10.59
C LYS A 23 -1.69 -1.93 -10.41
N THR A 24 -0.53 -1.33 -10.39
CA THR A 24 0.70 -2.15 -10.20
C THR A 24 0.79 -2.47 -8.73
N LEU A 25 0.30 -1.60 -7.92
CA LEU A 25 0.29 -1.86 -6.47
C LEU A 25 -0.79 -2.91 -6.22
N ILE A 26 -1.81 -2.92 -7.05
CA ILE A 26 -2.88 -3.93 -6.91
C ILE A 26 -2.24 -5.29 -7.17
N THR A 27 -1.27 -5.34 -8.05
CA THR A 27 -0.59 -6.63 -8.33
C THR A 27 0.20 -7.07 -7.08
N PHE A 28 0.85 -6.14 -6.42
CA PHE A 28 1.64 -6.50 -5.19
C PHE A 28 0.70 -7.24 -4.20
N VAL A 29 -0.43 -6.66 -3.93
CA VAL A 29 -1.39 -7.32 -3.00
C VAL A 29 -1.91 -8.61 -3.64
N ASN A 30 -2.15 -8.59 -4.93
CA ASN A 30 -2.64 -9.81 -5.62
C ASN A 30 -1.63 -10.92 -5.41
N LYS A 31 -0.44 -10.57 -5.02
CA LYS A 31 0.61 -11.58 -4.78
C LYS A 31 0.37 -12.19 -3.42
N HIS A 32 0.31 -11.37 -2.40
CA HIS A 32 0.05 -11.90 -1.06
C HIS A 32 -1.31 -12.59 -1.11
N LEU A 33 -2.14 -12.16 -2.00
CA LEU A 33 -3.49 -12.76 -2.12
C LEU A 33 -3.37 -13.98 -3.01
N ASN A 34 -2.72 -13.83 -4.16
CA ASN A 34 -2.58 -15.00 -5.07
C ASN A 34 -2.21 -16.24 -4.24
N LYS A 35 -1.54 -16.08 -3.13
CA LYS A 35 -1.22 -17.30 -2.32
C LYS A 35 -2.53 -17.74 -1.65
N LEU A 36 -3.17 -16.87 -0.90
CA LEU A 36 -4.49 -17.28 -0.32
C LEU A 36 -5.46 -17.41 -1.51
N ASN A 37 -4.94 -17.16 -2.68
CA ASN A 37 -5.73 -17.21 -3.94
C ASN A 37 -6.99 -16.36 -3.86
N LEU A 38 -6.81 -15.08 -3.87
CA LEU A 38 -7.97 -14.11 -3.84
C LEU A 38 -7.79 -13.14 -5.02
N GLU A 39 -8.25 -11.93 -4.88
CA GLU A 39 -8.11 -10.93 -5.99
C GLU A 39 -8.43 -9.53 -5.47
N VAL A 40 -7.49 -8.63 -5.51
CA VAL A 40 -7.73 -7.23 -5.05
C VAL A 40 -8.15 -6.36 -6.24
N THR A 41 -8.80 -5.25 -5.99
CA THR A 41 -9.24 -4.35 -7.11
C THR A 41 -9.04 -2.88 -6.73
N GLU A 42 -9.08 -2.57 -5.47
CA GLU A 42 -8.93 -1.15 -5.03
C GLU A 42 -7.82 -1.02 -3.99
N LEU A 43 -6.61 -0.85 -4.42
CA LEU A 43 -5.50 -0.70 -3.44
C LEU A 43 -5.85 0.46 -2.51
N GLU A 44 -6.32 1.53 -3.06
CA GLU A 44 -6.68 2.72 -2.24
C GLU A 44 -7.56 2.30 -1.03
N THR A 45 -8.71 1.76 -1.30
CA THR A 45 -9.64 1.37 -0.21
C THR A 45 -9.18 0.09 0.48
N GLN A 46 -8.11 -0.51 0.05
CA GLN A 46 -7.66 -1.74 0.72
C GLN A 46 -7.03 -1.36 2.05
N PHE A 47 -6.66 -0.11 2.18
CA PHE A 47 -6.07 0.37 3.46
C PHE A 47 -7.19 1.02 4.22
N ALA A 48 -8.29 1.26 3.55
CA ALA A 48 -9.47 1.86 4.22
C ALA A 48 -10.05 0.80 5.14
N ASP A 49 -9.19 -0.05 5.63
CA ASP A 49 -9.63 -1.14 6.51
C ASP A 49 -8.40 -1.85 7.09
N GLY A 50 -7.24 -1.60 6.55
CA GLY A 50 -6.02 -2.27 7.07
C GLY A 50 -6.26 -3.79 7.22
N VAL A 51 -7.36 -4.29 6.74
CA VAL A 51 -7.64 -5.75 6.87
C VAL A 51 -6.74 -6.53 5.93
N TYR A 52 -6.89 -6.33 4.65
CA TYR A 52 -6.03 -7.06 3.69
C TYR A 52 -4.58 -6.70 3.97
N LEU A 53 -4.38 -5.70 4.77
CA LEU A 53 -2.99 -5.29 5.10
C LEU A 53 -2.38 -6.29 6.08
N VAL A 54 -3.06 -6.64 7.13
CA VAL A 54 -2.47 -7.64 8.04
C VAL A 54 -2.36 -8.98 7.28
N LEU A 55 -3.28 -9.24 6.40
CA LEU A 55 -3.20 -10.50 5.61
C LEU A 55 -1.92 -10.46 4.79
N LEU A 56 -1.57 -9.32 4.26
CA LEU A 56 -0.31 -9.23 3.47
C LEU A 56 0.84 -9.71 4.34
N MET A 57 1.04 -9.11 5.46
CA MET A 57 2.16 -9.54 6.35
C MET A 57 2.20 -11.07 6.45
N GLY A 58 1.06 -11.70 6.49
CA GLY A 58 1.04 -13.19 6.62
C GLY A 58 1.34 -13.93 5.31
N LEU A 59 0.55 -13.74 4.30
CA LEU A 59 0.79 -14.46 3.02
C LEU A 59 2.20 -14.15 2.54
N LEU A 60 2.81 -13.14 3.08
CA LEU A 60 4.20 -12.79 2.68
C LEU A 60 5.13 -13.72 3.46
N GLU A 61 4.92 -13.84 4.75
CA GLU A 61 5.76 -14.74 5.56
C GLU A 61 5.59 -16.17 5.05
N GLY A 62 4.49 -16.46 4.39
CA GLY A 62 4.27 -17.84 3.86
C GLY A 62 3.55 -18.68 4.91
N TYR A 63 2.33 -18.36 5.20
CA TYR A 63 1.57 -19.14 6.22
C TYR A 63 0.11 -18.69 6.23
N PHE A 64 -0.71 -19.26 7.07
CA PHE A 64 -2.14 -18.86 7.12
C PHE A 64 -2.30 -17.61 8.00
N VAL A 65 -3.45 -16.99 7.95
CA VAL A 65 -3.67 -15.76 8.78
C VAL A 65 -5.17 -15.73 9.19
N PRO A 66 -5.50 -16.17 10.38
CA PRO A 66 -6.93 -16.17 10.82
C PRO A 66 -7.49 -14.74 10.74
N LEU A 67 -8.67 -14.61 10.21
CA LEU A 67 -9.29 -13.26 10.09
C LEU A 67 -9.44 -12.64 11.48
N HIS A 68 -9.59 -13.45 12.49
CA HIS A 68 -9.74 -12.91 13.88
C HIS A 68 -8.38 -12.83 14.56
N SER A 69 -7.33 -13.11 13.84
CA SER A 69 -5.96 -13.03 14.46
C SER A 69 -5.60 -11.57 14.65
N PHE A 70 -6.06 -10.75 13.78
CA PHE A 70 -5.75 -9.30 13.85
C PHE A 70 -6.84 -8.58 14.67
N PHE A 71 -7.12 -7.35 14.36
CA PHE A 71 -8.18 -6.62 15.13
C PHE A 71 -9.54 -7.26 14.84
N LEU A 72 -10.61 -6.60 15.21
CA LEU A 72 -11.96 -7.16 14.94
C LEU A 72 -12.39 -6.81 13.51
N THR A 73 -13.03 -5.68 13.35
CA THR A 73 -13.47 -5.26 11.98
C THR A 73 -13.60 -3.72 11.97
N PRO A 74 -13.10 -3.05 10.95
CA PRO A 74 -13.20 -1.58 10.88
C PRO A 74 -14.62 -1.12 11.18
N ASP A 75 -14.79 -0.13 12.05
CA ASP A 75 -16.15 0.38 12.40
C ASP A 75 -16.31 1.83 11.93
N SER A 76 -15.32 2.63 12.20
CA SER A 76 -15.37 4.08 11.81
C SER A 76 -14.05 4.50 11.18
N PHE A 77 -13.84 5.77 11.06
CA PHE A 77 -12.57 6.25 10.45
C PHE A 77 -11.44 6.03 11.42
N GLU A 78 -11.55 6.56 12.57
CA GLU A 78 -10.46 6.40 13.58
C GLU A 78 -9.98 4.95 13.61
N GLN A 79 -10.86 3.98 13.61
CA GLN A 79 -10.36 2.57 13.65
C GLN A 79 -9.58 2.29 12.38
N LYS A 80 -10.00 2.85 11.28
CA LYS A 80 -9.25 2.61 10.01
C LYS A 80 -7.87 3.26 10.13
N VAL A 81 -7.83 4.53 10.47
CA VAL A 81 -6.53 5.24 10.61
C VAL A 81 -5.63 4.45 11.55
N LEU A 82 -6.21 3.74 12.47
CA LEU A 82 -5.40 2.96 13.44
C LEU A 82 -4.89 1.70 12.79
N ASN A 83 -5.76 0.88 12.35
CA ASN A 83 -5.31 -0.39 11.71
C ASN A 83 -4.17 -0.08 10.72
N VAL A 84 -4.16 1.08 10.11
CA VAL A 84 -3.05 1.40 9.15
C VAL A 84 -1.85 1.96 9.88
N SER A 85 -2.06 2.76 10.87
CA SER A 85 -0.89 3.31 11.60
C SER A 85 -0.19 2.16 12.33
N PHE A 86 -0.93 1.13 12.61
CA PHE A 86 -0.37 -0.04 13.31
C PHE A 86 0.51 -0.80 12.33
N ALA A 87 -0.04 -1.16 11.23
CA ALA A 87 0.78 -1.87 10.22
C ALA A 87 2.01 -1.02 9.97
N PHE A 88 1.81 0.27 9.86
CA PHE A 88 2.92 1.20 9.65
C PHE A 88 3.82 1.23 10.87
N GLU A 89 3.35 0.75 11.99
CA GLU A 89 4.22 0.80 13.20
C GLU A 89 5.21 -0.35 13.13
N LEU A 90 4.74 -1.56 12.97
CA LEU A 90 5.69 -2.69 12.89
C LEU A 90 6.46 -2.62 11.58
N MET A 91 5.98 -1.85 10.64
CA MET A 91 6.73 -1.76 9.33
C MET A 91 7.78 -0.68 9.47
N GLN A 92 7.38 0.46 9.96
CA GLN A 92 8.35 1.57 10.15
C GLN A 92 9.52 1.01 10.96
N ASP A 93 9.26 0.01 11.78
CA ASP A 93 10.36 -0.60 12.58
C ASP A 93 11.01 -1.68 11.72
N GLY A 94 10.24 -2.59 11.25
CA GLY A 94 10.79 -3.68 10.40
C GLY A 94 11.36 -3.06 9.11
N GLY A 95 11.35 -1.75 9.00
CA GLY A 95 11.91 -1.10 7.76
C GLY A 95 11.13 0.16 7.40
N LEU A 96 10.82 0.32 6.12
CA LEU A 96 10.06 1.51 5.65
C LEU A 96 10.77 2.79 6.12
N GLU A 97 10.55 3.15 7.35
CA GLU A 97 11.20 4.37 7.91
C GLU A 97 10.92 5.58 7.01
N LYS A 98 11.52 6.70 7.32
CA LYS A 98 11.33 7.93 6.51
C LYS A 98 9.85 8.09 6.10
N PRO A 99 9.00 8.36 7.08
CA PRO A 99 7.56 8.56 6.82
C PRO A 99 7.35 9.83 5.99
N LYS A 100 6.21 9.97 5.37
CA LYS A 100 5.93 11.18 4.57
C LYS A 100 4.41 11.48 4.58
N PRO A 101 3.55 10.52 4.22
CA PRO A 101 2.10 10.75 4.25
C PRO A 101 1.63 10.36 5.67
N ARG A 102 0.37 10.12 5.90
CA ARG A 102 -0.09 9.74 7.29
C ARG A 102 -1.08 8.58 7.23
N PRO A 103 -1.12 7.73 8.25
CA PRO A 103 -2.05 6.58 8.30
C PRO A 103 -3.42 7.02 7.78
N GLU A 104 -3.70 8.29 7.84
CA GLU A 104 -4.99 8.80 7.32
C GLU A 104 -4.90 8.89 5.80
N ASP A 105 -3.94 9.64 5.34
CA ASP A 105 -3.73 9.82 3.88
C ASP A 105 -3.89 8.48 3.15
N ILE A 106 -3.67 7.41 3.83
CA ILE A 106 -3.83 6.07 3.18
C ILE A 106 -5.32 5.72 3.25
N VAL A 107 -5.83 5.45 4.43
CA VAL A 107 -7.28 5.14 4.58
C VAL A 107 -8.09 6.13 3.75
N ASN A 108 -7.57 7.32 3.61
CA ASN A 108 -8.29 8.39 2.84
C ASN A 108 -8.54 7.94 1.39
N CYS A 109 -8.26 6.71 1.09
CA CYS A 109 -8.51 6.22 -0.30
C CYS A 109 -7.84 7.15 -1.32
N ASP A 110 -7.12 8.16 -0.88
CA ASP A 110 -6.46 9.05 -1.85
C ASP A 110 -5.38 8.26 -2.55
N LEU A 111 -4.89 8.77 -3.63
CA LEU A 111 -3.83 8.06 -4.39
C LEU A 111 -2.47 8.66 -4.01
N LYS A 112 -2.32 9.93 -4.20
CA LYS A 112 -1.02 10.63 -3.92
C LYS A 112 -0.21 9.99 -2.79
N SER A 113 -0.62 10.19 -1.59
CA SER A 113 0.11 9.63 -0.42
C SER A 113 0.20 8.10 -0.50
N THR A 114 -0.93 7.48 -0.55
CA THR A 114 -1.01 5.99 -0.60
C THR A 114 0.08 5.46 -1.54
N LEU A 115 0.31 6.14 -2.61
CA LEU A 115 1.34 5.71 -3.59
C LEU A 115 2.70 5.85 -2.94
N ARG A 116 2.97 6.95 -2.31
CA ARG A 116 4.31 7.10 -1.67
C ARG A 116 4.65 5.86 -0.83
N VAL A 117 3.76 5.45 0.03
CA VAL A 117 4.04 4.26 0.91
C VAL A 117 4.02 2.94 0.12
N LEU A 118 3.00 2.69 -0.64
CA LEU A 118 2.95 1.40 -1.38
C LEU A 118 4.18 1.28 -2.29
N TYR A 119 4.64 2.37 -2.82
CA TYR A 119 5.83 2.32 -3.68
C TYR A 119 7.00 1.87 -2.83
N ASN A 120 7.19 2.57 -1.75
CA ASN A 120 8.30 2.23 -0.81
C ASN A 120 8.34 0.70 -0.61
N LEU A 121 7.19 0.06 -0.53
CA LEU A 121 7.18 -1.41 -0.34
C LEU A 121 7.55 -2.09 -1.65
N PHE A 122 6.74 -1.95 -2.67
CA PHE A 122 7.04 -2.60 -3.97
C PHE A 122 8.52 -2.53 -4.27
N THR A 123 9.13 -1.54 -3.78
CA THR A 123 10.59 -1.40 -4.03
C THR A 123 11.34 -2.41 -3.18
N LYS A 124 11.05 -2.43 -1.92
CA LYS A 124 11.78 -3.34 -1.00
C LYS A 124 11.37 -4.81 -1.15
N TYR A 125 10.21 -5.10 -1.69
CA TYR A 125 9.78 -6.53 -1.80
C TYR A 125 9.89 -7.02 -3.24
N ARG A 126 9.92 -6.12 -4.18
CA ARG A 126 10.03 -6.49 -5.61
C ARG A 126 11.03 -7.64 -5.79
N ASN A 127 12.01 -7.72 -4.94
CA ASN A 127 13.05 -8.78 -5.07
C ASN A 127 12.63 -9.98 -4.24
N VAL A 128 11.80 -9.74 -3.27
CA VAL A 128 11.32 -10.81 -2.37
C VAL A 128 9.89 -11.18 -2.73
N GLU A 129 9.60 -12.44 -2.73
CA GLU A 129 8.25 -12.92 -3.09
C GLU A 129 7.23 -12.47 -2.04
N ASP B 1 12.34 8.82 -14.97
CA ASP B 1 11.29 9.86 -14.72
C ASP B 1 9.93 9.33 -15.19
N LEU B 2 9.21 10.10 -15.95
CA LEU B 2 7.88 9.64 -16.44
C LEU B 2 8.03 8.28 -17.13
N ASP B 3 8.93 8.21 -18.08
CA ASP B 3 9.14 6.93 -18.80
C ASP B 3 9.65 5.86 -17.84
N ALA B 4 10.62 6.20 -17.02
CA ALA B 4 11.17 5.19 -16.07
C ALA B 4 10.02 4.51 -15.31
N LEU B 5 9.10 5.26 -14.78
CA LEU B 5 7.98 4.65 -14.02
C LEU B 5 7.19 3.71 -14.94
N LEU B 6 6.63 4.22 -16.01
CA LEU B 6 5.84 3.36 -16.93
C LEU B 6 6.57 2.05 -17.20
N ALA B 7 7.82 2.11 -17.57
CA ALA B 7 8.59 0.87 -17.83
C ALA B 7 8.60 -0.01 -16.57
N ASP B 8 8.63 0.61 -15.42
CA ASP B 8 8.64 -0.19 -14.16
C ASP B 8 7.33 -0.98 -14.05
N LEU B 9 6.28 -0.47 -14.61
CA LEU B 9 4.97 -1.20 -14.52
C LEU B 9 4.97 -2.36 -15.53
N GLU B 10 5.03 -2.05 -16.80
CA GLU B 10 5.04 -3.07 -17.83
C GLU B 10 6.34 -3.90 -17.74
N ARG A 1 11.87 19.47 5.72
CA ARG A 1 10.50 18.89 5.76
C ARG A 1 9.89 18.90 4.36
N HIS A 2 9.42 20.04 3.92
CA HIS A 2 8.81 20.12 2.56
C HIS A 2 9.89 19.82 1.50
N GLU A 3 9.78 18.69 0.85
CA GLU A 3 10.79 18.32 -0.20
C GLU A 3 10.06 17.70 -1.39
N ARG A 4 10.49 18.02 -2.58
CA ARG A 4 9.83 17.45 -3.79
C ARG A 4 10.08 15.94 -3.83
N ASP A 5 9.07 15.17 -4.14
CA ASP A 5 9.24 13.68 -4.20
C ASP A 5 8.69 13.15 -5.53
N ALA A 6 7.92 12.09 -5.47
CA ALA A 6 7.37 11.49 -6.71
C ALA A 6 6.10 12.21 -7.18
N PHE A 7 5.20 12.56 -6.28
CA PHE A 7 3.93 13.24 -6.73
C PHE A 7 4.23 14.30 -7.80
N ASP A 8 5.31 15.00 -7.65
CA ASP A 8 5.66 16.09 -8.61
C ASP A 8 5.46 15.65 -10.06
N THR A 9 6.33 14.83 -10.56
CA THR A 9 6.21 14.38 -11.99
C THR A 9 4.92 13.64 -12.22
N LEU A 10 4.55 12.82 -11.31
CA LEU A 10 3.31 12.03 -11.45
C LEU A 10 2.12 12.98 -11.65
N PHE A 11 1.95 13.92 -10.76
CA PHE A 11 0.79 14.86 -10.88
C PHE A 11 1.11 16.02 -11.82
N ASP A 12 2.35 16.38 -11.94
CA ASP A 12 2.70 17.53 -12.83
C ASP A 12 2.72 17.09 -14.28
N HIS A 13 2.81 15.81 -14.54
CA HIS A 13 2.84 15.37 -15.97
C HIS A 13 2.32 13.93 -16.11
N ALA A 14 1.52 13.45 -15.19
CA ALA A 14 1.02 12.04 -15.34
C ALA A 14 -0.28 11.81 -14.54
N PRO A 15 -1.34 12.52 -14.90
CA PRO A 15 -2.63 12.32 -14.26
C PRO A 15 -3.17 10.95 -14.69
N ASP A 16 -2.73 10.47 -15.83
CA ASP A 16 -3.21 9.15 -16.34
C ASP A 16 -2.36 8.00 -15.79
N LYS A 17 -1.07 8.16 -15.79
CA LYS A 17 -0.19 7.07 -15.28
C LYS A 17 -0.46 6.89 -13.79
N LEU A 18 -0.82 7.95 -13.11
CA LEU A 18 -1.12 7.83 -11.67
C LEU A 18 -2.18 6.72 -11.50
N ASN A 19 -3.10 6.66 -12.41
CA ASN A 19 -4.16 5.61 -12.32
C ASN A 19 -3.54 4.25 -12.61
N VAL A 20 -2.82 4.13 -13.69
CA VAL A 20 -2.19 2.82 -14.02
C VAL A 20 -1.17 2.44 -12.95
N VAL A 21 -0.48 3.41 -12.40
CA VAL A 21 0.52 3.08 -11.35
C VAL A 21 -0.20 2.48 -10.14
N LYS A 22 -1.38 2.95 -9.82
CA LYS A 22 -2.11 2.36 -8.67
C LYS A 22 -2.36 0.90 -9.04
N LYS A 23 -2.75 0.65 -10.26
CA LYS A 23 -3.04 -0.75 -10.68
C LYS A 23 -1.78 -1.63 -10.55
N THR A 24 -0.61 -1.06 -10.64
CA THR A 24 0.61 -1.90 -10.50
C THR A 24 0.78 -2.24 -9.04
N LEU A 25 0.33 -1.36 -8.20
CA LEU A 25 0.40 -1.62 -6.76
C LEU A 25 -0.68 -2.66 -6.44
N ILE A 26 -1.75 -2.68 -7.21
CA ILE A 26 -2.80 -3.70 -6.98
C ILE A 26 -2.18 -5.05 -7.28
N THR A 27 -1.29 -5.10 -8.22
CA THR A 27 -0.64 -6.40 -8.57
C THR A 27 0.25 -6.90 -7.41
N PHE A 28 1.09 -6.08 -6.88
CA PHE A 28 1.98 -6.53 -5.75
C PHE A 28 1.09 -7.12 -4.65
N VAL A 29 0.01 -6.47 -4.34
CA VAL A 29 -0.87 -7.02 -3.29
C VAL A 29 -1.53 -8.29 -3.82
N ASN A 30 -1.92 -8.30 -5.07
CA ASN A 30 -2.55 -9.52 -5.67
C ASN A 30 -1.56 -10.68 -5.52
N LYS A 31 -0.34 -10.38 -5.24
CA LYS A 31 0.67 -11.45 -5.08
C LYS A 31 0.52 -12.03 -3.68
N HIS A 32 0.62 -11.19 -2.69
CA HIS A 32 0.45 -11.68 -1.32
C HIS A 32 -0.96 -12.23 -1.22
N LEU A 33 -1.85 -11.75 -2.05
CA LEU A 33 -3.25 -12.26 -2.02
C LEU A 33 -3.32 -13.52 -2.89
N ASN A 34 -2.80 -13.46 -4.10
CA ASN A 34 -2.84 -14.67 -4.98
C ASN A 34 -2.43 -15.90 -4.16
N LYS A 35 -1.68 -15.70 -3.11
CA LYS A 35 -1.31 -16.88 -2.27
C LYS A 35 -2.62 -17.53 -1.82
N LEU A 36 -3.45 -16.77 -1.14
CA LEU A 36 -4.77 -17.32 -0.71
C LEU A 36 -5.62 -17.44 -1.98
N ASN A 37 -5.02 -17.17 -3.10
CA ASN A 37 -5.71 -17.25 -4.42
C ASN A 37 -6.98 -16.40 -4.42
N LEU A 38 -6.79 -15.12 -4.53
CA LEU A 38 -7.95 -14.18 -4.57
C LEU A 38 -7.70 -13.12 -5.64
N GLU A 39 -8.27 -11.95 -5.49
CA GLU A 39 -8.06 -10.88 -6.51
C GLU A 39 -8.48 -9.53 -5.93
N VAL A 40 -7.55 -8.61 -5.83
CA VAL A 40 -7.88 -7.25 -5.26
C VAL A 40 -8.04 -6.26 -6.42
N THR A 41 -8.73 -5.16 -6.18
CA THR A 41 -8.93 -4.15 -7.28
C THR A 41 -8.88 -2.71 -6.74
N GLU A 42 -8.78 -2.53 -5.45
CA GLU A 42 -8.76 -1.13 -4.90
C GLU A 42 -7.59 -0.96 -3.94
N LEU A 43 -6.41 -0.72 -4.44
CA LEU A 43 -5.26 -0.54 -3.52
C LEU A 43 -5.60 0.61 -2.56
N GLU A 44 -6.14 1.67 -3.08
CA GLU A 44 -6.48 2.82 -2.20
C GLU A 44 -7.37 2.37 -1.01
N THR A 45 -8.51 1.85 -1.31
CA THR A 45 -9.46 1.42 -0.23
C THR A 45 -8.97 0.15 0.45
N GLN A 46 -7.86 -0.40 0.02
CA GLN A 46 -7.39 -1.63 0.69
C GLN A 46 -6.76 -1.24 2.01
N PHE A 47 -6.38 0.01 2.15
CA PHE A 47 -5.80 0.46 3.43
C PHE A 47 -6.94 1.04 4.24
N ALA A 48 -8.06 1.24 3.58
CA ALA A 48 -9.26 1.75 4.30
C ALA A 48 -9.77 0.66 5.20
N ASP A 49 -8.87 -0.15 5.66
CA ASP A 49 -9.23 -1.27 6.54
C ASP A 49 -7.97 -1.81 7.18
N GLY A 50 -6.85 -1.63 6.53
CA GLY A 50 -5.56 -2.14 7.09
C GLY A 50 -5.68 -3.66 7.38
N VAL A 51 -6.83 -4.23 7.16
CA VAL A 51 -6.98 -5.68 7.40
C VAL A 51 -6.24 -6.43 6.31
N TYR A 52 -6.61 -6.19 5.08
CA TYR A 52 -5.90 -6.88 3.95
C TYR A 52 -4.39 -6.71 4.18
N LEU A 53 -4.04 -5.80 5.05
CA LEU A 53 -2.60 -5.59 5.36
C LEU A 53 -2.14 -6.73 6.26
N VAL A 54 -2.82 -6.99 7.35
CA VAL A 54 -2.37 -8.14 8.21
C VAL A 54 -2.20 -9.37 7.30
N LEU A 55 -3.07 -9.49 6.36
CA LEU A 55 -3.00 -10.63 5.41
C LEU A 55 -1.66 -10.58 4.66
N LEU A 56 -1.28 -9.44 4.15
CA LEU A 56 0.03 -9.36 3.42
C LEU A 56 1.11 -10.03 4.26
N MET A 57 1.28 -9.54 5.45
CA MET A 57 2.33 -10.12 6.35
C MET A 57 2.30 -11.65 6.34
N GLY A 58 1.15 -12.25 6.52
CA GLY A 58 1.10 -13.74 6.59
C GLY A 58 1.24 -14.42 5.21
N LEU A 59 0.47 -14.01 4.24
CA LEU A 59 0.56 -14.67 2.91
C LEU A 59 1.99 -14.52 2.40
N LEU A 60 2.72 -13.62 2.99
CA LEU A 60 4.14 -13.43 2.61
C LEU A 60 4.93 -14.59 3.23
N GLU A 61 4.85 -14.72 4.53
CA GLU A 61 5.58 -15.84 5.20
C GLU A 61 4.94 -17.17 4.80
N GLY A 62 3.71 -17.14 4.37
CA GLY A 62 3.02 -18.40 3.96
C GLY A 62 2.44 -19.09 5.19
N TYR A 63 1.46 -18.51 5.79
CA TYR A 63 0.84 -19.13 7.00
C TYR A 63 -0.55 -18.53 7.25
N PHE A 64 -1.43 -19.28 7.84
CA PHE A 64 -2.80 -18.75 8.12
C PHE A 64 -2.67 -17.39 8.81
N VAL A 65 -3.66 -16.54 8.69
CA VAL A 65 -3.59 -15.19 9.34
C VAL A 65 -4.94 -14.90 10.06
N PRO A 66 -5.05 -15.23 11.33
CA PRO A 66 -6.30 -14.97 12.07
C PRO A 66 -6.54 -13.46 12.19
N LEU A 67 -7.49 -12.94 11.47
CA LEU A 67 -7.78 -11.47 11.53
C LEU A 67 -8.35 -11.14 12.91
N HIS A 68 -8.43 -12.11 13.79
CA HIS A 68 -9.00 -11.84 15.14
C HIS A 68 -8.02 -11.05 16.00
N SER A 69 -6.96 -10.55 15.41
CA SER A 69 -5.99 -9.74 16.17
C SER A 69 -6.24 -8.30 15.80
N PHE A 70 -6.82 -8.13 14.65
CA PHE A 70 -7.13 -6.79 14.14
C PHE A 70 -8.52 -6.39 14.65
N PHE A 71 -9.17 -5.48 13.99
CA PHE A 71 -10.53 -5.05 14.45
C PHE A 71 -11.59 -5.85 13.68
N LEU A 72 -11.33 -7.10 13.43
CA LEU A 72 -12.32 -7.94 12.69
C LEU A 72 -12.81 -7.19 11.45
N THR A 73 -13.87 -6.43 11.58
CA THR A 73 -14.43 -5.68 10.41
C THR A 73 -14.38 -4.16 10.71
N PRO A 74 -13.70 -3.36 9.89
CA PRO A 74 -13.66 -1.90 10.11
C PRO A 74 -15.07 -1.37 10.37
N ASP A 75 -15.24 -0.55 11.39
CA ASP A 75 -16.60 -0.03 11.72
C ASP A 75 -16.72 1.44 11.31
N SER A 76 -15.73 2.20 11.65
CA SER A 76 -15.75 3.66 11.32
C SER A 76 -14.39 4.12 10.82
N PHE A 77 -14.18 5.39 10.75
CA PHE A 77 -12.90 5.92 10.27
C PHE A 77 -11.83 5.64 11.30
N GLU A 78 -12.03 6.08 12.47
CA GLU A 78 -11.02 5.87 13.54
C GLU A 78 -10.54 4.41 13.54
N GLN A 79 -11.40 3.45 13.41
CA GLN A 79 -10.90 2.03 13.42
C GLN A 79 -10.01 1.82 12.20
N LYS A 80 -10.36 2.42 11.10
CA LYS A 80 -9.52 2.27 9.88
C LYS A 80 -8.17 2.95 10.12
N VAL A 81 -8.19 4.19 10.52
CA VAL A 81 -6.93 4.93 10.78
C VAL A 81 -6.05 4.15 11.74
N LEU A 82 -6.63 3.35 12.59
CA LEU A 82 -5.81 2.58 13.57
C LEU A 82 -5.29 1.30 12.94
N ASN A 83 -6.08 0.63 12.18
CA ASN A 83 -5.57 -0.61 11.54
C ASN A 83 -4.39 -0.24 10.64
N VAL A 84 -4.40 0.96 10.11
CA VAL A 84 -3.26 1.37 9.23
C VAL A 84 -2.16 1.97 10.08
N SER A 85 -2.50 2.68 11.11
CA SER A 85 -1.46 3.27 11.96
C SER A 85 -0.63 2.12 12.54
N PHE A 86 -1.26 1.00 12.68
CA PHE A 86 -0.55 -0.18 13.24
C PHE A 86 0.37 -0.78 12.20
N ALA A 87 -0.15 -1.15 11.07
CA ALA A 87 0.74 -1.74 10.02
C ALA A 87 1.85 -0.72 9.77
N PHE A 88 1.53 0.52 9.93
CA PHE A 88 2.50 1.62 9.75
C PHE A 88 3.45 1.61 10.92
N GLU A 89 3.04 1.03 12.02
CA GLU A 89 3.93 1.02 13.21
C GLU A 89 4.95 -0.11 13.05
N LEU A 90 4.51 -1.27 12.65
CA LEU A 90 5.46 -2.38 12.46
C LEU A 90 6.29 -2.08 11.22
N MET A 91 5.82 -1.18 10.40
CA MET A 91 6.59 -0.82 9.17
C MET A 91 7.62 0.23 9.55
N GLN A 92 7.20 1.25 10.24
CA GLN A 92 8.15 2.30 10.67
C GLN A 92 9.31 1.60 11.39
N ASP A 93 9.03 0.48 12.00
CA ASP A 93 10.10 -0.27 12.71
C ASP A 93 10.73 -1.25 11.72
N GLY A 94 9.92 -2.07 11.12
CA GLY A 94 10.45 -3.06 10.15
C GLY A 94 11.15 -2.32 9.01
N GLY A 95 11.21 -1.00 9.07
CA GLY A 95 11.89 -0.21 7.98
C GLY A 95 10.96 0.88 7.46
N LEU A 96 10.61 0.83 6.19
CA LEU A 96 9.70 1.86 5.61
C LEU A 96 10.46 3.17 5.43
N GLU A 97 11.42 3.41 6.28
CA GLU A 97 12.23 4.67 6.19
C GLU A 97 11.33 5.90 6.33
N LYS A 98 11.85 6.92 6.97
CA LYS A 98 11.11 8.21 7.21
C LYS A 98 9.91 8.38 6.26
N PRO A 99 8.75 7.85 6.64
CA PRO A 99 7.54 7.99 5.81
C PRO A 99 7.14 9.47 5.76
N LYS A 100 6.29 9.86 4.83
CA LYS A 100 5.89 11.31 4.72
C LYS A 100 4.36 11.52 4.89
N PRO A 101 3.53 10.61 4.42
CA PRO A 101 2.07 10.79 4.53
C PRO A 101 1.60 10.31 5.92
N ARG A 102 0.31 10.17 6.14
CA ARG A 102 -0.19 9.74 7.49
C ARG A 102 -1.15 8.54 7.36
N PRO A 103 -1.26 7.73 8.41
CA PRO A 103 -2.18 6.57 8.43
C PRO A 103 -3.53 6.96 7.82
N GLU A 104 -3.84 8.23 7.84
CA GLU A 104 -5.13 8.69 7.26
C GLU A 104 -4.96 8.84 5.75
N ASP A 105 -3.99 9.62 5.35
CA ASP A 105 -3.73 9.83 3.89
C ASP A 105 -3.89 8.51 3.13
N ILE A 106 -3.71 7.43 3.83
CA ILE A 106 -3.88 6.08 3.19
C ILE A 106 -5.37 5.72 3.29
N VAL A 107 -5.83 5.45 4.49
CA VAL A 107 -7.28 5.12 4.68
C VAL A 107 -8.12 6.13 3.87
N ASN A 108 -7.64 7.33 3.80
CA ASN A 108 -8.37 8.41 3.07
C ASN A 108 -8.58 8.01 1.60
N CYS A 109 -8.29 6.79 1.25
CA CYS A 109 -8.47 6.35 -0.16
C CYS A 109 -7.73 7.30 -1.10
N ASP A 110 -7.04 8.28 -0.57
CA ASP A 110 -6.30 9.20 -1.46
C ASP A 110 -5.31 8.40 -2.25
N LEU A 111 -4.87 8.94 -3.34
CA LEU A 111 -3.89 8.26 -4.20
C LEU A 111 -2.50 8.80 -3.89
N LYS A 112 -2.34 10.07 -4.08
CA LYS A 112 -1.03 10.74 -3.86
C LYS A 112 -0.17 10.10 -2.76
N SER A 113 -0.51 10.32 -1.55
CA SER A 113 0.28 9.78 -0.42
C SER A 113 0.37 8.25 -0.52
N THR A 114 -0.75 7.62 -0.50
CA THR A 114 -0.82 6.13 -0.56
C THR A 114 0.19 5.61 -1.59
N LEU A 115 0.33 6.29 -2.68
CA LEU A 115 1.28 5.86 -3.74
C LEU A 115 2.69 5.93 -3.20
N ARG A 116 3.05 6.99 -2.53
CA ARG A 116 4.45 7.05 -2.02
C ARG A 116 4.73 5.83 -1.10
N VAL A 117 3.86 5.56 -0.17
CA VAL A 117 4.08 4.40 0.75
C VAL A 117 4.12 3.09 -0.03
N LEU A 118 3.15 2.85 -0.86
CA LEU A 118 3.13 1.58 -1.64
C LEU A 118 4.46 1.44 -2.36
N TYR A 119 4.92 2.49 -3.01
CA TYR A 119 6.23 2.41 -3.70
C TYR A 119 7.23 1.82 -2.72
N ASN A 120 7.28 2.40 -1.57
CA ASN A 120 8.19 1.93 -0.50
C ASN A 120 8.07 0.40 -0.37
N LEU A 121 6.89 -0.14 -0.49
CA LEU A 121 6.72 -1.62 -0.37
C LEU A 121 7.27 -2.27 -1.64
N PHE A 122 6.71 -1.96 -2.78
CA PHE A 122 7.20 -2.57 -4.05
C PHE A 122 8.71 -2.67 -4.02
N THR A 123 9.30 -1.80 -3.30
CA THR A 123 10.78 -1.83 -3.19
C THR A 123 11.19 -2.96 -2.25
N LYS A 124 10.58 -3.03 -1.11
CA LYS A 124 10.92 -4.07 -0.12
C LYS A 124 10.49 -5.48 -0.55
N TYR A 125 9.51 -5.62 -1.42
CA TYR A 125 9.05 -6.98 -1.81
C TYR A 125 9.53 -7.33 -3.23
N ARG A 126 9.84 -6.34 -4.00
CA ARG A 126 10.32 -6.57 -5.39
C ARG A 126 11.35 -7.70 -5.41
N ASN A 127 12.16 -7.82 -4.39
CA ASN A 127 13.21 -8.87 -4.35
C ASN A 127 12.73 -10.04 -3.50
N VAL A 128 11.83 -9.76 -2.61
CA VAL A 128 11.29 -10.82 -1.71
C VAL A 128 9.89 -11.21 -2.18
N GLU A 129 9.70 -12.48 -2.37
CA GLU A 129 8.40 -12.98 -2.85
C GLU A 129 7.38 -13.00 -1.72
N ASP B 1 11.58 9.58 -14.33
CA ASP B 1 11.43 9.15 -15.75
C ASP B 1 10.12 8.37 -15.90
N LEU B 2 9.03 9.06 -16.13
CA LEU B 2 7.72 8.34 -16.28
C LEU B 2 7.86 7.28 -17.37
N ASP B 3 8.60 7.57 -18.41
CA ASP B 3 8.77 6.57 -19.49
C ASP B 3 9.37 5.30 -18.91
N ALA B 4 10.12 5.42 -17.86
CA ALA B 4 10.73 4.21 -17.23
C ALA B 4 9.68 3.48 -16.40
N LEU B 5 8.85 4.20 -15.71
CA LEU B 5 7.80 3.54 -14.88
C LEU B 5 6.88 2.70 -15.79
N LEU B 6 6.62 3.17 -16.98
CA LEU B 6 5.73 2.39 -17.90
C LEU B 6 6.56 1.31 -18.60
N ALA B 7 7.80 1.59 -18.91
CA ALA B 7 8.65 0.58 -19.58
C ALA B 7 8.79 -0.65 -18.67
N ASP B 8 8.77 -0.43 -17.38
CA ASP B 8 8.90 -1.58 -16.43
C ASP B 8 7.55 -2.27 -16.28
N LEU B 9 6.49 -1.52 -16.14
CA LEU B 9 5.14 -2.13 -16.00
C LEU B 9 4.89 -3.06 -17.20
N GLU B 10 5.22 -2.61 -18.38
CA GLU B 10 5.02 -3.42 -19.57
C GLU B 10 5.93 -4.64 -19.53
N ARG A 1 6.77 24.43 2.56
CA ARG A 1 6.15 23.26 3.26
C ARG A 1 5.98 22.11 2.26
N HIS A 2 4.96 22.17 1.46
CA HIS A 2 4.72 21.08 0.46
C HIS A 2 5.86 21.05 -0.55
N GLU A 3 6.75 20.10 -0.43
CA GLU A 3 7.90 20.01 -1.39
C GLU A 3 7.45 19.24 -2.63
N ARG A 4 8.04 19.53 -3.77
CA ARG A 4 7.65 18.81 -5.02
C ARG A 4 8.38 17.46 -5.06
N ASP A 5 7.68 16.40 -5.34
CA ASP A 5 8.31 15.05 -5.38
C ASP A 5 7.83 14.30 -6.63
N ALA A 6 7.48 13.06 -6.47
CA ALA A 6 7.02 12.25 -7.64
C ALA A 6 5.54 12.53 -7.93
N PHE A 7 4.67 12.33 -6.99
CA PHE A 7 3.21 12.58 -7.26
C PHE A 7 3.03 13.89 -8.01
N ASP A 8 3.51 14.96 -7.46
CA ASP A 8 3.35 16.28 -8.14
C ASP A 8 3.65 16.15 -9.64
N THR A 9 4.88 15.92 -9.98
CA THR A 9 5.24 15.79 -11.42
C THR A 9 4.36 14.73 -12.10
N LEU A 10 4.29 13.58 -11.51
CA LEU A 10 3.47 12.49 -12.10
C LEU A 10 2.03 12.99 -12.31
N PHE A 11 1.38 13.41 -11.27
CA PHE A 11 -0.01 13.93 -11.41
C PHE A 11 0.00 15.06 -12.43
N ASP A 12 0.85 15.99 -12.20
CA ASP A 12 0.96 17.18 -13.10
C ASP A 12 1.05 16.78 -14.56
N HIS A 13 2.03 16.01 -14.90
CA HIS A 13 2.23 15.61 -16.33
C HIS A 13 1.74 14.18 -16.60
N ALA A 14 1.05 13.57 -15.69
CA ALA A 14 0.57 12.18 -15.98
C ALA A 14 -0.43 11.67 -14.93
N PRO A 15 -1.60 12.27 -14.91
CA PRO A 15 -2.66 11.84 -13.99
C PRO A 15 -3.12 10.43 -14.40
N ASP A 16 -2.80 10.04 -15.60
CA ASP A 16 -3.22 8.68 -16.09
C ASP A 16 -2.21 7.61 -15.68
N LYS A 17 -0.95 7.93 -15.73
CA LYS A 17 0.08 6.92 -15.33
C LYS A 17 -0.14 6.55 -13.87
N LEU A 18 -0.51 7.51 -13.07
CA LEU A 18 -0.75 7.21 -11.64
C LEU A 18 -1.84 6.15 -11.53
N ASN A 19 -2.83 6.23 -12.37
CA ASN A 19 -3.92 5.22 -12.35
C ASN A 19 -3.30 3.84 -12.57
N VAL A 20 -2.46 3.72 -13.56
CA VAL A 20 -1.82 2.40 -13.84
C VAL A 20 -0.85 2.05 -12.71
N VAL A 21 -0.16 3.02 -12.17
CA VAL A 21 0.80 2.71 -11.06
C VAL A 21 0.02 2.16 -9.87
N LYS A 22 -1.18 2.62 -9.62
CA LYS A 22 -1.95 2.06 -8.49
C LYS A 22 -2.25 0.63 -8.86
N LYS A 23 -2.62 0.38 -10.08
CA LYS A 23 -2.94 -1.01 -10.53
C LYS A 23 -1.71 -1.90 -10.35
N THR A 24 -0.55 -1.33 -10.29
CA THR A 24 0.67 -2.17 -10.10
C THR A 24 0.76 -2.54 -8.63
N LEU A 25 0.35 -1.63 -7.80
CA LEU A 25 0.34 -1.91 -6.36
C LEU A 25 -0.76 -2.95 -6.11
N ILE A 26 -1.79 -2.91 -6.92
CA ILE A 26 -2.89 -3.90 -6.79
C ILE A 26 -2.28 -5.27 -7.07
N THR A 27 -1.41 -5.34 -8.03
CA THR A 27 -0.78 -6.65 -8.36
C THR A 27 0.07 -7.12 -7.16
N PHE A 28 0.70 -6.22 -6.47
CA PHE A 28 1.53 -6.59 -5.29
C PHE A 28 0.68 -7.39 -4.30
N VAL A 29 -0.43 -6.83 -3.88
CA VAL A 29 -1.29 -7.57 -2.91
C VAL A 29 -1.93 -8.77 -3.63
N ASN A 30 -2.35 -8.62 -4.85
CA ASN A 30 -2.98 -9.75 -5.59
C ASN A 30 -2.05 -10.96 -5.52
N LYS A 31 -0.79 -10.72 -5.33
CA LYS A 31 0.18 -11.84 -5.26
C LYS A 31 0.06 -12.46 -3.88
N HIS A 32 0.22 -11.66 -2.87
CA HIS A 32 0.08 -12.13 -1.53
C HIS A 32 -1.32 -12.66 -1.35
N LEU A 33 -2.26 -12.09 -2.06
CA LEU A 33 -3.67 -12.53 -1.98
C LEU A 33 -3.83 -13.76 -2.88
N ASN A 34 -3.36 -13.68 -4.10
CA ASN A 34 -3.49 -14.87 -5.00
C ASN A 34 -3.01 -16.12 -4.26
N LYS A 35 -2.21 -15.97 -3.23
CA LYS A 35 -1.74 -17.19 -2.50
C LYS A 35 -2.97 -17.93 -1.97
N LEU A 36 -3.75 -17.30 -1.14
CA LEU A 36 -4.98 -17.96 -0.62
C LEU A 36 -6.06 -17.88 -1.70
N ASN A 37 -5.67 -17.37 -2.84
CA ASN A 37 -6.57 -17.24 -4.01
C ASN A 37 -7.72 -16.25 -3.77
N LEU A 38 -7.43 -14.99 -3.96
CA LEU A 38 -8.46 -13.92 -3.81
C LEU A 38 -8.26 -12.91 -4.96
N GLU A 39 -8.68 -11.69 -4.79
CA GLU A 39 -8.50 -10.68 -5.88
C GLU A 39 -8.80 -9.27 -5.35
N VAL A 40 -7.82 -8.41 -5.37
CA VAL A 40 -8.02 -7.01 -4.89
C VAL A 40 -8.29 -6.10 -6.09
N THR A 41 -8.91 -4.96 -5.87
CA THR A 41 -9.21 -4.03 -7.02
C THR A 41 -8.99 -2.57 -6.60
N GLU A 42 -9.06 -2.28 -5.32
CA GLU A 42 -8.89 -0.86 -4.86
C GLU A 42 -7.78 -0.80 -3.82
N LEU A 43 -6.55 -0.73 -4.23
CA LEU A 43 -5.45 -0.65 -3.24
C LEU A 43 -5.74 0.55 -2.34
N GLU A 44 -6.11 1.66 -2.92
CA GLU A 44 -6.40 2.86 -2.09
C GLU A 44 -7.33 2.52 -0.90
N THR A 45 -8.51 2.08 -1.17
CA THR A 45 -9.49 1.77 -0.09
C THR A 45 -9.13 0.46 0.61
N GLN A 46 -8.10 -0.22 0.18
CA GLN A 46 -7.76 -1.48 0.85
C GLN A 46 -7.07 -1.15 2.16
N PHE A 47 -6.60 0.07 2.30
CA PHE A 47 -5.95 0.48 3.55
C PHE A 47 -7.03 1.14 4.37
N ALA A 48 -8.12 1.47 3.73
CA ALA A 48 -9.26 2.09 4.46
C ALA A 48 -9.84 1.06 5.40
N ASP A 49 -9.03 0.13 5.80
CA ASP A 49 -9.50 -0.93 6.72
C ASP A 49 -8.28 -1.74 7.19
N GLY A 50 -7.15 -1.55 6.55
CA GLY A 50 -5.92 -2.30 6.94
C GLY A 50 -6.24 -3.80 7.14
N VAL A 51 -7.41 -4.23 6.75
CA VAL A 51 -7.75 -5.69 6.92
C VAL A 51 -7.02 -6.52 5.87
N TYR A 52 -7.29 -6.27 4.62
CA TYR A 52 -6.61 -7.05 3.55
C TYR A 52 -5.12 -6.77 3.64
N LEU A 53 -4.75 -5.79 4.43
CA LEU A 53 -3.30 -5.46 4.56
C LEU A 53 -2.62 -6.50 5.44
N VAL A 54 -3.00 -6.61 6.69
CA VAL A 54 -2.35 -7.64 7.55
C VAL A 54 -2.57 -9.00 6.89
N LEU A 55 -3.57 -9.11 6.06
CA LEU A 55 -3.84 -10.40 5.38
C LEU A 55 -2.71 -10.67 4.38
N LEU A 56 -2.39 -9.71 3.55
CA LEU A 56 -1.30 -9.91 2.56
C LEU A 56 -0.03 -10.35 3.30
N MET A 57 0.20 -9.81 4.47
CA MET A 57 1.42 -10.19 5.24
C MET A 57 1.43 -11.69 5.53
N GLY A 58 0.39 -12.20 6.13
CA GLY A 58 0.37 -13.66 6.44
C GLY A 58 0.64 -14.47 5.19
N LEU A 59 -0.05 -14.19 4.13
CA LEU A 59 0.19 -14.96 2.87
C LEU A 59 1.62 -14.73 2.44
N LEU A 60 2.24 -13.72 2.95
CA LEU A 60 3.67 -13.47 2.60
C LEU A 60 4.49 -14.62 3.19
N GLU A 61 4.33 -14.85 4.46
CA GLU A 61 5.07 -15.98 5.11
C GLU A 61 4.59 -17.30 4.51
N GLY A 62 3.30 -17.48 4.43
CA GLY A 62 2.72 -18.73 3.85
C GLY A 62 1.95 -19.48 4.94
N TYR A 63 0.75 -19.04 5.24
CA TYR A 63 -0.06 -19.72 6.28
C TYR A 63 -1.45 -19.09 6.33
N PHE A 64 -2.41 -19.78 6.89
CA PHE A 64 -3.78 -19.21 6.96
C PHE A 64 -3.78 -17.99 7.88
N VAL A 65 -4.42 -16.92 7.47
CA VAL A 65 -4.47 -15.67 8.30
C VAL A 65 -5.92 -15.44 8.81
N PRO A 66 -6.24 -15.87 10.02
CA PRO A 66 -7.60 -15.69 10.54
C PRO A 66 -7.96 -14.19 10.56
N LEU A 67 -9.21 -13.87 10.36
CA LEU A 67 -9.62 -12.44 10.36
C LEU A 67 -9.43 -11.86 11.76
N HIS A 68 -9.60 -12.66 12.78
CA HIS A 68 -9.44 -12.14 14.18
C HIS A 68 -7.99 -12.31 14.63
N SER A 69 -7.11 -12.65 13.73
CA SER A 69 -5.68 -12.82 14.11
C SER A 69 -5.03 -11.46 14.29
N PHE A 70 -5.50 -10.52 13.54
CA PHE A 70 -4.94 -9.14 13.61
C PHE A 70 -5.70 -8.31 14.65
N PHE A 71 -5.83 -7.03 14.42
CA PHE A 71 -6.56 -6.17 15.40
C PHE A 71 -8.07 -6.43 15.27
N LEU A 72 -8.88 -5.55 15.79
CA LEU A 72 -10.36 -5.76 15.69
C LEU A 72 -10.84 -5.22 14.34
N THR A 73 -12.04 -5.56 13.95
CA THR A 73 -12.56 -5.07 12.64
C THR A 73 -12.74 -3.54 12.71
N PRO A 74 -12.03 -2.76 11.90
CA PRO A 74 -12.18 -1.30 11.94
C PRO A 74 -13.66 -0.92 11.81
N ASP A 75 -14.12 0.00 12.62
CA ASP A 75 -15.56 0.41 12.59
C ASP A 75 -15.66 1.87 12.16
N SER A 76 -14.80 2.70 12.67
CA SER A 76 -14.83 4.16 12.32
C SER A 76 -13.49 4.57 11.72
N PHE A 77 -13.31 5.83 11.52
CA PHE A 77 -12.05 6.34 10.91
C PHE A 77 -10.88 6.07 11.82
N GLU A 78 -10.91 6.58 12.99
CA GLU A 78 -9.78 6.38 13.93
C GLU A 78 -9.39 4.90 13.96
N GLN A 79 -10.35 4.02 13.95
CA GLN A 79 -10.05 2.59 13.99
C GLN A 79 -9.33 2.17 12.71
N LYS A 80 -9.64 2.78 11.62
CA LYS A 80 -8.94 2.43 10.35
C LYS A 80 -7.55 3.04 10.38
N VAL A 81 -7.47 4.30 10.73
CA VAL A 81 -6.15 4.99 10.80
C VAL A 81 -5.24 4.20 11.73
N LEU A 82 -5.80 3.48 12.66
CA LEU A 82 -4.97 2.68 13.61
C LEU A 82 -4.58 1.36 12.97
N ASN A 83 -5.47 0.75 12.25
CA ASN A 83 -5.10 -0.53 11.61
C ASN A 83 -3.97 -0.26 10.61
N VAL A 84 -3.93 0.93 10.05
CA VAL A 84 -2.85 1.25 9.07
C VAL A 84 -1.61 1.71 9.80
N SER A 85 -1.77 2.49 10.83
CA SER A 85 -0.57 2.95 11.56
C SER A 85 0.12 1.73 12.16
N PHE A 86 -0.63 0.71 12.40
CA PHE A 86 -0.06 -0.53 12.99
C PHE A 86 0.74 -1.27 11.92
N ALA A 87 0.12 -1.57 10.82
CA ALA A 87 0.87 -2.26 9.76
C ALA A 87 2.11 -1.41 9.45
N PHE A 88 1.93 -0.12 9.46
CA PHE A 88 3.02 0.80 9.20
C PHE A 88 4.01 0.75 10.35
N GLU A 89 3.60 0.26 11.48
CA GLU A 89 4.54 0.21 12.64
C GLU A 89 5.50 -0.96 12.41
N LEU A 90 4.98 -2.13 12.18
CA LEU A 90 5.88 -3.28 11.94
C LEU A 90 6.65 -3.04 10.64
N MET A 91 6.19 -2.13 9.81
CA MET A 91 6.94 -1.87 8.55
C MET A 91 8.08 -0.92 8.85
N GLN A 92 7.77 0.20 9.42
CA GLN A 92 8.82 1.19 9.77
C GLN A 92 9.93 0.45 10.52
N ASP A 93 9.58 -0.63 11.16
CA ASP A 93 10.60 -1.43 11.89
C ASP A 93 11.23 -2.38 10.88
N GLY A 94 10.41 -2.99 10.08
CA GLY A 94 10.93 -3.93 9.05
C GLY A 94 11.93 -3.18 8.17
N GLY A 95 12.02 -1.87 8.33
CA GLY A 95 13.00 -1.07 7.50
C GLY A 95 12.31 0.11 6.82
N LEU A 96 11.83 -0.08 5.61
CA LEU A 96 11.18 1.00 4.85
C LEU A 96 12.15 2.19 4.78
N GLU A 97 12.10 3.02 5.78
CA GLU A 97 13.00 4.22 5.84
C GLU A 97 12.43 5.20 6.88
N LYS A 98 12.01 6.34 6.40
CA LYS A 98 11.42 7.39 7.29
C LYS A 98 9.99 7.70 6.78
N PRO A 99 9.00 7.77 7.65
CA PRO A 99 7.62 8.05 7.20
C PRO A 99 7.54 9.33 6.38
N LYS A 100 6.67 9.32 5.40
CA LYS A 100 6.47 10.49 4.53
C LYS A 100 4.98 10.94 4.61
N PRO A 101 4.03 10.09 4.24
CA PRO A 101 2.60 10.46 4.34
C PRO A 101 2.14 10.13 5.76
N ARG A 102 0.87 9.88 5.98
CA ARG A 102 0.39 9.54 7.36
C ARG A 102 -0.64 8.40 7.29
N PRO A 103 -0.69 7.54 8.30
CA PRO A 103 -1.66 6.42 8.34
C PRO A 103 -3.03 6.90 7.86
N GLU A 104 -3.27 8.18 7.95
CA GLU A 104 -4.56 8.73 7.47
C GLU A 104 -4.48 8.88 5.96
N ASP A 105 -3.52 9.63 5.51
CA ASP A 105 -3.32 9.87 4.05
C ASP A 105 -3.55 8.56 3.28
N ILE A 106 -3.37 7.45 3.93
CA ILE A 106 -3.60 6.13 3.26
C ILE A 106 -5.10 5.81 3.41
N VAL A 107 -5.53 5.54 4.63
CA VAL A 107 -6.98 5.25 4.87
C VAL A 107 -7.80 6.27 4.10
N ASN A 108 -7.29 7.46 4.00
CA ASN A 108 -8.00 8.56 3.30
C ASN A 108 -8.29 8.17 1.83
N CYS A 109 -8.07 6.93 1.48
CA CYS A 109 -8.32 6.50 0.08
C CYS A 109 -7.55 7.39 -0.90
N ASP A 110 -6.81 8.35 -0.41
CA ASP A 110 -6.06 9.22 -1.34
C ASP A 110 -5.06 8.35 -2.08
N LEU A 111 -4.64 8.81 -3.21
CA LEU A 111 -3.66 8.05 -4.03
C LEU A 111 -2.28 8.63 -3.78
N LYS A 112 -2.14 9.90 -3.96
CA LYS A 112 -0.82 10.59 -3.79
C LYS A 112 0.08 9.93 -2.74
N SER A 113 -0.22 10.15 -1.51
CA SER A 113 0.59 9.57 -0.41
C SER A 113 0.69 8.04 -0.52
N THR A 114 -0.45 7.42 -0.50
CA THR A 114 -0.53 5.93 -0.58
C THR A 114 0.47 5.41 -1.61
N LEU A 115 0.55 6.07 -2.72
CA LEU A 115 1.50 5.63 -3.76
C LEU A 115 2.91 5.72 -3.23
N ARG A 116 3.26 6.79 -2.57
CA ARG A 116 4.66 6.90 -2.07
C ARG A 116 5.04 5.69 -1.18
N VAL A 117 4.24 5.38 -0.20
CA VAL A 117 4.59 4.25 0.73
C VAL A 117 4.45 2.88 0.05
N LEU A 118 3.42 2.68 -0.71
CA LEU A 118 3.25 1.35 -1.35
C LEU A 118 4.35 1.16 -2.39
N TYR A 119 4.74 2.21 -3.03
CA TYR A 119 5.83 2.09 -4.01
C TYR A 119 7.05 1.62 -3.26
N ASN A 120 7.35 2.31 -2.20
CA ASN A 120 8.51 1.94 -1.35
C ASN A 120 8.51 0.42 -1.10
N LEU A 121 7.35 -0.16 -0.88
CA LEU A 121 7.31 -1.63 -0.64
C LEU A 121 7.62 -2.34 -1.95
N PHE A 122 6.80 -2.18 -2.95
CA PHE A 122 7.03 -2.86 -4.25
C PHE A 122 8.51 -2.81 -4.59
N THR A 123 9.16 -1.83 -4.11
CA THR A 123 10.61 -1.72 -4.40
C THR A 123 11.37 -2.80 -3.63
N LYS A 124 11.15 -2.87 -2.36
CA LYS A 124 11.88 -3.85 -1.53
C LYS A 124 11.38 -5.28 -1.67
N TYR A 125 10.16 -5.50 -2.09
CA TYR A 125 9.63 -6.91 -2.18
C TYR A 125 9.54 -7.36 -3.65
N ARG A 126 9.67 -6.46 -4.56
CA ARG A 126 9.62 -6.80 -6.01
C ARG A 126 10.40 -8.09 -6.28
N ASN A 127 11.39 -8.36 -5.49
CA ASN A 127 12.22 -9.58 -5.69
C ASN A 127 11.58 -10.73 -4.92
N VAL A 128 10.82 -10.38 -3.95
CA VAL A 128 10.13 -11.40 -3.11
C VAL A 128 8.78 -11.71 -3.73
N GLU A 129 8.47 -12.96 -3.80
CA GLU A 129 7.20 -13.40 -4.40
C GLU A 129 6.03 -13.06 -3.47
N ASP B 1 10.85 10.06 -11.39
CA ASP B 1 10.38 10.85 -12.56
C ASP B 1 9.41 10.01 -13.39
N LEU B 2 8.95 10.53 -14.49
CA LEU B 2 8.00 9.75 -15.33
C LEU B 2 8.70 8.52 -15.90
N ASP B 3 9.48 8.71 -16.93
CA ASP B 3 10.19 7.55 -17.55
C ASP B 3 10.89 6.73 -16.46
N ALA B 4 11.00 7.25 -15.27
CA ALA B 4 11.68 6.47 -14.20
C ALA B 4 10.75 5.36 -13.69
N LEU B 5 9.63 5.70 -13.14
CA LEU B 5 8.69 4.67 -12.63
C LEU B 5 8.25 3.76 -13.77
N LEU B 6 8.36 4.21 -14.99
CA LEU B 6 7.94 3.34 -16.14
C LEU B 6 9.07 2.37 -16.48
N ALA B 7 10.24 2.89 -16.74
CA ALA B 7 11.39 2.00 -17.08
C ALA B 7 11.59 1.01 -15.94
N ASP B 8 11.05 1.28 -14.79
CA ASP B 8 11.21 0.35 -13.64
C ASP B 8 10.02 -0.60 -13.59
N LEU B 9 8.87 -0.16 -14.05
CA LEU B 9 7.67 -1.04 -14.04
C LEU B 9 7.92 -2.25 -14.95
N GLU B 10 8.43 -2.04 -16.13
CA GLU B 10 8.69 -3.16 -17.06
C GLU B 10 9.33 -4.34 -16.31
N ARG A 1 8.90 27.58 -1.53
CA ARG A 1 7.98 27.21 -0.42
C ARG A 1 7.31 25.87 -0.73
N HIS A 2 6.60 25.79 -1.82
CA HIS A 2 5.92 24.50 -2.18
C HIS A 2 6.94 23.36 -2.11
N GLU A 3 6.94 22.62 -1.05
CA GLU A 3 7.90 21.48 -0.92
C GLU A 3 7.69 20.51 -2.08
N ARG A 4 8.58 20.52 -3.04
CA ARG A 4 8.45 19.60 -4.20
C ARG A 4 8.94 18.21 -3.78
N ASP A 5 8.19 17.18 -4.09
CA ASP A 5 8.60 15.80 -3.70
C ASP A 5 8.28 14.83 -4.84
N ALA A 6 7.72 13.69 -4.51
CA ALA A 6 7.38 12.69 -5.56
C ALA A 6 6.04 13.06 -6.21
N PHE A 7 5.00 13.20 -5.43
CA PHE A 7 3.68 13.56 -6.03
C PHE A 7 3.84 14.70 -7.04
N ASP A 8 4.69 15.64 -6.73
CA ASP A 8 4.87 16.79 -7.66
C ASP A 8 5.13 16.28 -9.08
N THR A 9 6.29 15.75 -9.32
CA THR A 9 6.62 15.26 -10.68
C THR A 9 5.51 14.36 -11.22
N LEU A 10 4.91 13.60 -10.36
CA LEU A 10 3.81 12.68 -10.82
C LEU A 10 2.53 13.49 -11.11
N PHE A 11 1.99 14.14 -10.11
CA PHE A 11 0.75 14.92 -10.31
C PHE A 11 1.03 16.13 -11.19
N ASP A 12 2.28 16.43 -11.40
CA ASP A 12 2.62 17.60 -12.26
C ASP A 12 2.58 17.20 -13.71
N HIS A 13 3.30 16.17 -14.04
CA HIS A 13 3.38 15.71 -15.47
C HIS A 13 3.03 14.23 -15.61
N ALA A 14 2.05 13.74 -14.90
CA ALA A 14 1.70 12.29 -15.04
C ALA A 14 0.39 11.96 -14.33
N PRO A 15 -0.71 12.51 -14.79
CA PRO A 15 -2.03 12.23 -14.20
C PRO A 15 -2.46 10.82 -14.65
N ASP A 16 -1.83 10.31 -15.68
CA ASP A 16 -2.20 8.95 -16.19
C ASP A 16 -1.41 7.86 -15.45
N LYS A 17 -0.14 8.07 -15.25
CA LYS A 17 0.69 7.05 -14.57
C LYS A 17 0.13 6.80 -13.17
N LEU A 18 -0.17 7.85 -12.45
CA LEU A 18 -0.74 7.68 -11.08
C LEU A 18 -1.85 6.62 -11.13
N ASN A 19 -2.60 6.60 -12.19
CA ASN A 19 -3.70 5.60 -12.30
C ASN A 19 -3.10 4.19 -12.50
N VAL A 20 -2.36 4.00 -13.55
CA VAL A 20 -1.75 2.67 -13.80
C VAL A 20 -0.85 2.28 -12.62
N VAL A 21 -0.29 3.25 -11.94
CA VAL A 21 0.60 2.89 -10.80
C VAL A 21 -0.24 2.28 -9.66
N LYS A 22 -1.44 2.77 -9.44
CA LYS A 22 -2.28 2.15 -8.39
C LYS A 22 -2.51 0.71 -8.82
N LYS A 23 -2.77 0.52 -10.09
CA LYS A 23 -3.02 -0.87 -10.62
C LYS A 23 -1.78 -1.76 -10.42
N THR A 24 -0.61 -1.19 -10.37
CA THR A 24 0.61 -2.04 -10.18
C THR A 24 0.65 -2.44 -8.72
N LEU A 25 0.09 -1.62 -7.90
CA LEU A 25 0.04 -1.94 -6.47
C LEU A 25 -1.09 -2.95 -6.27
N ILE A 26 -2.06 -2.95 -7.14
CA ILE A 26 -3.15 -3.94 -7.06
C ILE A 26 -2.51 -5.30 -7.34
N THR A 27 -1.51 -5.31 -8.19
CA THR A 27 -0.81 -6.59 -8.51
C THR A 27 -0.04 -7.07 -7.26
N PHE A 28 0.62 -6.17 -6.59
CA PHE A 28 1.39 -6.54 -5.36
C PHE A 28 0.47 -7.31 -4.39
N VAL A 29 -0.68 -6.76 -4.14
CA VAL A 29 -1.64 -7.44 -3.23
C VAL A 29 -2.16 -8.71 -3.91
N ASN A 30 -2.40 -8.66 -5.19
CA ASN A 30 -2.87 -9.87 -5.92
C ASN A 30 -1.85 -10.96 -5.70
N LYS A 31 -0.70 -10.60 -5.25
CA LYS A 31 0.38 -11.59 -5.01
C LYS A 31 0.09 -12.24 -3.67
N HIS A 32 0.02 -11.46 -2.63
CA HIS A 32 -0.29 -12.05 -1.31
C HIS A 32 -1.64 -12.73 -1.40
N LEU A 33 -2.44 -12.29 -2.32
CA LEU A 33 -3.78 -12.89 -2.49
C LEU A 33 -3.62 -14.09 -3.41
N ASN A 34 -2.93 -13.92 -4.52
CA ASN A 34 -2.74 -15.09 -5.45
C ASN A 34 -2.41 -16.34 -4.62
N LYS A 35 -1.77 -16.19 -3.48
CA LYS A 35 -1.51 -17.41 -2.67
C LYS A 35 -2.83 -17.77 -1.99
N LEU A 36 -3.44 -16.81 -1.34
CA LEU A 36 -4.76 -17.07 -0.72
C LEU A 36 -5.76 -17.25 -1.87
N ASN A 37 -5.27 -17.20 -3.07
CA ASN A 37 -6.10 -17.33 -4.29
C ASN A 37 -7.30 -16.40 -4.22
N LEU A 38 -7.04 -15.13 -4.36
CA LEU A 38 -8.15 -14.11 -4.34
C LEU A 38 -7.92 -13.09 -5.47
N GLU A 39 -8.36 -11.89 -5.26
CA GLU A 39 -8.19 -10.83 -6.30
C GLU A 39 -8.55 -9.46 -5.73
N VAL A 40 -7.61 -8.54 -5.73
CA VAL A 40 -7.88 -7.16 -5.23
C VAL A 40 -8.26 -6.25 -6.39
N THR A 41 -8.92 -5.15 -6.13
CA THR A 41 -9.31 -4.23 -7.24
C THR A 41 -9.22 -2.76 -6.78
N GLU A 42 -9.39 -2.50 -5.50
CA GLU A 42 -9.32 -1.08 -5.01
C GLU A 42 -8.16 -0.94 -4.02
N LEU A 43 -6.97 -0.78 -4.50
CA LEU A 43 -5.82 -0.62 -3.57
C LEU A 43 -6.12 0.53 -2.61
N GLU A 44 -6.65 1.59 -3.12
CA GLU A 44 -6.97 2.77 -2.23
C GLU A 44 -7.82 2.36 -0.99
N THR A 45 -9.01 1.90 -1.22
CA THR A 45 -9.90 1.54 -0.08
C THR A 45 -9.45 0.23 0.56
N GLN A 46 -8.42 -0.37 0.08
CA GLN A 46 -7.96 -1.63 0.67
C GLN A 46 -7.26 -1.29 1.99
N PHE A 47 -6.79 -0.07 2.13
CA PHE A 47 -6.15 0.32 3.40
C PHE A 47 -7.25 0.86 4.29
N ALA A 48 -8.37 1.12 3.69
CA ALA A 48 -9.53 1.61 4.49
C ALA A 48 -10.02 0.45 5.34
N ASP A 49 -9.11 -0.39 5.72
CA ASP A 49 -9.45 -1.57 6.54
C ASP A 49 -8.17 -2.21 7.08
N GLY A 50 -7.05 -1.92 6.47
CA GLY A 50 -5.76 -2.53 6.95
C GLY A 50 -5.92 -4.05 7.11
N VAL A 51 -7.03 -4.59 6.70
CA VAL A 51 -7.24 -6.07 6.82
C VAL A 51 -6.26 -6.79 5.90
N TYR A 52 -6.35 -6.52 4.64
CA TYR A 52 -5.43 -7.18 3.68
C TYR A 52 -3.99 -6.91 4.12
N LEU A 53 -3.81 -5.97 5.00
CA LEU A 53 -2.41 -5.66 5.45
C LEU A 53 -1.90 -6.80 6.31
N VAL A 54 -2.55 -7.08 7.40
CA VAL A 54 -2.04 -8.19 8.26
C VAL A 54 -2.03 -9.50 7.45
N LEU A 55 -2.94 -9.65 6.52
CA LEU A 55 -2.93 -10.91 5.72
C LEU A 55 -1.67 -10.92 4.85
N LEU A 56 -1.35 -9.81 4.24
CA LEU A 56 -0.14 -9.75 3.39
C LEU A 56 1.02 -10.36 4.17
N MET A 57 1.27 -9.86 5.33
CA MET A 57 2.38 -10.42 6.14
C MET A 57 2.26 -11.94 6.20
N GLY A 58 1.06 -12.45 6.30
CA GLY A 58 0.90 -13.94 6.40
C GLY A 58 1.15 -14.67 5.07
N LEU A 59 0.45 -14.33 4.03
CA LEU A 59 0.65 -15.04 2.74
C LEU A 59 2.09 -14.85 2.30
N LEU A 60 2.78 -13.92 2.90
CA LEU A 60 4.20 -13.71 2.56
C LEU A 60 4.99 -14.78 3.32
N GLU A 61 4.59 -15.02 4.55
CA GLU A 61 5.28 -16.06 5.35
C GLU A 61 4.93 -17.45 4.81
N GLY A 62 3.66 -17.71 4.60
CA GLY A 62 3.23 -19.04 4.06
C GLY A 62 2.16 -19.64 4.97
N TYR A 63 1.30 -18.82 5.51
CA TYR A 63 0.23 -19.34 6.41
C TYR A 63 -0.97 -18.38 6.37
N PHE A 64 -2.16 -18.89 6.61
CA PHE A 64 -3.36 -18.01 6.58
C PHE A 64 -3.53 -17.36 7.95
N VAL A 65 -3.60 -16.07 8.00
CA VAL A 65 -3.77 -15.37 9.31
C VAL A 65 -5.18 -15.69 9.86
N PRO A 66 -5.29 -16.28 11.04
CA PRO A 66 -6.61 -16.59 11.61
C PRO A 66 -7.47 -15.31 11.67
N LEU A 67 -8.76 -15.45 11.81
CA LEU A 67 -9.63 -14.26 11.86
C LEU A 67 -9.35 -13.45 13.12
N HIS A 68 -9.41 -14.07 14.27
CA HIS A 68 -9.16 -13.34 15.54
C HIS A 68 -7.66 -13.24 15.81
N SER A 69 -6.85 -13.40 14.80
CA SER A 69 -5.38 -13.28 15.00
C SER A 69 -5.00 -11.82 15.04
N PHE A 70 -5.68 -11.04 14.26
CA PHE A 70 -5.38 -9.58 14.18
C PHE A 70 -6.44 -8.78 14.95
N PHE A 71 -6.72 -7.58 14.51
CA PHE A 71 -7.74 -6.76 15.22
C PHE A 71 -9.13 -7.28 14.88
N LEU A 72 -10.16 -6.48 15.04
CA LEU A 72 -11.54 -6.93 14.72
C LEU A 72 -11.92 -6.43 13.32
N THR A 73 -13.20 -6.39 13.01
CA THR A 73 -13.63 -5.91 11.67
C THR A 73 -13.76 -4.38 11.71
N PRO A 74 -13.21 -3.65 10.74
CA PRO A 74 -13.32 -2.17 10.74
C PRO A 74 -14.76 -1.74 11.00
N ASP A 75 -14.94 -0.78 11.89
CA ASP A 75 -16.32 -0.29 12.22
C ASP A 75 -16.45 1.19 11.82
N SER A 76 -15.49 1.98 12.19
CA SER A 76 -15.53 3.45 11.89
C SER A 76 -14.19 3.92 11.33
N PHE A 77 -13.97 5.19 11.29
CA PHE A 77 -12.70 5.71 10.74
C PHE A 77 -11.59 5.41 11.71
N GLU A 78 -11.72 5.87 12.89
CA GLU A 78 -10.66 5.64 13.92
C GLU A 78 -10.18 4.19 13.88
N GLN A 79 -11.06 3.22 13.78
CA GLN A 79 -10.58 1.82 13.76
C GLN A 79 -9.77 1.61 12.50
N LYS A 80 -10.17 2.21 11.42
CA LYS A 80 -9.40 2.05 10.15
C LYS A 80 -8.03 2.69 10.33
N VAL A 81 -8.00 3.93 10.75
CA VAL A 81 -6.71 4.63 10.95
C VAL A 81 -5.80 3.81 11.86
N LEU A 82 -6.38 3.03 12.73
CA LEU A 82 -5.54 2.23 13.67
C LEU A 82 -5.08 0.94 13.00
N ASN A 83 -5.93 0.31 12.26
CA ASN A 83 -5.50 -0.93 11.59
C ASN A 83 -4.34 -0.59 10.65
N VAL A 84 -4.32 0.61 10.12
CA VAL A 84 -3.21 0.99 9.20
C VAL A 84 -2.05 1.54 10.02
N SER A 85 -2.33 2.23 11.08
CA SER A 85 -1.22 2.77 11.90
C SER A 85 -0.43 1.58 12.43
N PHE A 86 -1.09 0.49 12.56
CA PHE A 86 -0.43 -0.74 13.08
C PHE A 86 0.44 -1.37 11.99
N ALA A 87 -0.14 -1.68 10.88
CA ALA A 87 0.68 -2.29 9.79
C ALA A 87 1.81 -1.31 9.48
N PHE A 88 1.53 -0.06 9.68
CA PHE A 88 2.52 0.99 9.43
C PHE A 88 3.52 0.97 10.57
N GLU A 89 3.14 0.41 11.68
CA GLU A 89 4.09 0.35 12.83
C GLU A 89 5.06 -0.78 12.57
N LEU A 90 4.57 -1.92 12.15
CA LEU A 90 5.48 -3.05 11.86
C LEU A 90 6.27 -2.71 10.60
N MET A 91 5.80 -1.76 9.83
CA MET A 91 6.56 -1.37 8.60
C MET A 91 7.65 -0.39 9.00
N GLN A 92 7.29 0.61 9.73
CA GLN A 92 8.31 1.60 10.18
C GLN A 92 9.44 0.83 10.85
N ASP A 93 9.12 -0.31 11.43
CA ASP A 93 10.17 -1.14 12.08
C ASP A 93 10.73 -2.10 11.04
N GLY A 94 9.85 -2.86 10.43
CA GLY A 94 10.30 -3.82 9.40
C GLY A 94 11.03 -3.06 8.28
N GLY A 95 11.13 -1.76 8.39
CA GLY A 95 11.83 -0.95 7.34
C GLY A 95 11.01 0.28 6.97
N LEU A 96 10.69 0.44 5.71
CA LEU A 96 9.90 1.62 5.25
C LEU A 96 10.75 2.88 5.42
N GLU A 97 11.40 3.02 6.52
CA GLU A 97 12.26 4.21 6.78
C GLU A 97 11.44 5.51 6.68
N LYS A 98 12.13 6.63 6.81
CA LYS A 98 11.49 7.98 6.74
C LYS A 98 10.12 7.97 6.00
N PRO A 99 9.03 7.76 6.73
CA PRO A 99 7.69 7.75 6.11
C PRO A 99 7.34 9.17 5.66
N LYS A 100 6.33 9.32 4.82
CA LYS A 100 5.96 10.70 4.32
C LYS A 100 4.46 11.02 4.57
N PRO A 101 3.52 10.19 4.13
CA PRO A 101 2.09 10.47 4.35
C PRO A 101 1.70 10.01 5.77
N ARG A 102 0.45 9.72 6.02
CA ARG A 102 0.03 9.30 7.41
C ARG A 102 -1.02 8.17 7.34
N PRO A 103 -1.05 7.28 8.34
CA PRO A 103 -2.04 6.17 8.41
C PRO A 103 -3.42 6.64 7.96
N GLU A 104 -3.70 7.90 8.14
CA GLU A 104 -5.02 8.43 7.70
C GLU A 104 -4.96 8.61 6.19
N ASP A 105 -4.00 9.36 5.75
CA ASP A 105 -3.81 9.63 4.30
C ASP A 105 -4.00 8.33 3.51
N ILE A 106 -3.81 7.22 4.13
CA ILE A 106 -4.02 5.92 3.43
C ILE A 106 -5.51 5.57 3.52
N VAL A 107 -5.98 5.25 4.70
CA VAL A 107 -7.43 4.94 4.89
C VAL A 107 -8.27 5.99 4.15
N ASN A 108 -7.74 7.18 4.04
CA ASN A 108 -8.48 8.29 3.38
C ASN A 108 -8.85 7.92 1.94
N CYS A 109 -8.57 6.71 1.54
CA CYS A 109 -8.93 6.29 0.15
C CYS A 109 -8.22 7.19 -0.86
N ASP A 110 -7.54 8.22 -0.42
CA ASP A 110 -6.85 9.10 -1.38
C ASP A 110 -5.80 8.28 -2.10
N LEU A 111 -5.38 8.73 -3.24
CA LEU A 111 -4.35 8.00 -4.01
C LEU A 111 -2.99 8.61 -3.72
N LYS A 112 -2.87 9.87 -3.92
CA LYS A 112 -1.58 10.59 -3.71
C LYS A 112 -0.69 9.96 -2.64
N SER A 113 -1.01 10.17 -1.42
CA SER A 113 -0.19 9.63 -0.31
C SER A 113 -0.08 8.10 -0.39
N THR A 114 -1.20 7.46 -0.34
CA THR A 114 -1.24 5.97 -0.38
C THR A 114 -0.25 5.45 -1.44
N LEU A 115 -0.20 6.09 -2.57
CA LEU A 115 0.71 5.67 -3.65
C LEU A 115 2.14 5.79 -3.17
N ARG A 116 2.45 6.85 -2.48
CA ARG A 116 3.86 7.04 -1.99
C ARG A 116 4.29 5.82 -1.14
N VAL A 117 3.55 5.48 -0.14
CA VAL A 117 3.94 4.34 0.74
C VAL A 117 3.86 2.99 0.01
N LEU A 118 2.85 2.76 -0.76
CA LEU A 118 2.75 1.45 -1.45
C LEU A 118 3.91 1.33 -2.43
N TYR A 119 4.27 2.40 -3.07
CA TYR A 119 5.41 2.33 -4.00
C TYR A 119 6.62 1.89 -3.19
N ASN A 120 6.86 2.59 -2.13
CA ASN A 120 8.00 2.27 -1.24
C ASN A 120 8.06 0.74 -1.01
N LEU A 121 6.93 0.10 -0.87
CA LEU A 121 6.93 -1.36 -0.65
C LEU A 121 7.28 -2.05 -1.96
N PHE A 122 6.45 -1.94 -2.96
CA PHE A 122 6.74 -2.61 -4.25
C PHE A 122 8.22 -2.52 -4.57
N THR A 123 8.83 -1.52 -4.11
CA THR A 123 10.28 -1.36 -4.37
C THR A 123 11.06 -2.37 -3.52
N LYS A 124 10.78 -2.39 -2.25
CA LYS A 124 11.52 -3.29 -1.34
C LYS A 124 11.12 -4.77 -1.48
N TYR A 125 9.96 -5.09 -1.99
CA TYR A 125 9.55 -6.53 -2.09
C TYR A 125 9.63 -7.01 -3.55
N ARG A 126 9.64 -6.10 -4.47
CA ARG A 126 9.72 -6.47 -5.91
C ARG A 126 10.72 -7.61 -6.13
N ASN A 127 11.73 -7.68 -5.33
CA ASN A 127 12.77 -8.73 -5.49
C ASN A 127 12.29 -9.98 -4.76
N VAL A 128 11.42 -9.78 -3.84
CA VAL A 128 10.87 -10.89 -3.03
C VAL A 128 9.48 -11.25 -3.58
N GLU A 129 9.14 -12.48 -3.47
CA GLU A 129 7.84 -12.95 -3.99
C GLU A 129 6.72 -12.58 -3.01
N ASP B 1 12.25 8.75 -11.76
CA ASP B 1 11.82 9.50 -12.97
C ASP B 1 10.53 8.87 -13.52
N LEU B 2 9.65 9.66 -14.08
CA LEU B 2 8.38 9.10 -14.63
C LEU B 2 8.71 7.96 -15.57
N ASP B 3 9.60 8.18 -16.50
CA ASP B 3 9.96 7.12 -17.46
C ASP B 3 10.45 5.89 -16.70
N ALA B 4 11.16 6.09 -15.62
CA ALA B 4 11.66 4.91 -14.83
C ALA B 4 10.48 4.13 -14.25
N LEU B 5 9.51 4.82 -13.72
CA LEU B 5 8.34 4.13 -13.13
C LEU B 5 7.71 3.20 -14.17
N LEU B 6 7.41 3.69 -15.34
CA LEU B 6 6.79 2.83 -16.38
C LEU B 6 7.77 1.71 -16.77
N ALA B 7 9.02 2.04 -16.97
CA ALA B 7 10.02 1.00 -17.34
C ALA B 7 9.93 -0.15 -16.35
N ASP B 8 9.54 0.12 -15.14
CA ASP B 8 9.44 -0.96 -14.11
C ASP B 8 8.13 -1.72 -14.32
N LEU B 9 7.08 -1.03 -14.69
CA LEU B 9 5.77 -1.72 -14.90
C LEU B 9 5.93 -2.82 -15.96
N GLU B 10 6.29 -2.44 -17.17
CA GLU B 10 6.46 -3.45 -18.24
C GLU B 10 7.29 -4.64 -17.71
N ARG A 1 4.98 25.77 0.69
CA ARG A 1 5.57 25.09 1.88
C ARG A 1 5.63 23.58 1.63
N HIS A 2 4.93 23.12 0.62
CA HIS A 2 4.95 21.66 0.32
C HIS A 2 6.36 21.27 -0.16
N GLU A 3 6.89 20.19 0.34
CA GLU A 3 8.26 19.77 -0.08
C GLU A 3 8.20 19.19 -1.50
N ARG A 4 9.14 19.53 -2.33
CA ARG A 4 9.14 18.99 -3.72
C ARG A 4 9.55 17.51 -3.65
N ASP A 5 8.73 16.62 -4.17
CA ASP A 5 9.06 15.18 -4.09
C ASP A 5 8.59 14.45 -5.35
N ALA A 6 7.94 13.33 -5.18
CA ALA A 6 7.47 12.52 -6.35
C ALA A 6 6.12 13.04 -6.89
N PHE A 7 5.13 13.13 -6.06
CA PHE A 7 3.78 13.57 -6.55
C PHE A 7 3.90 14.76 -7.52
N ASP A 8 4.77 15.68 -7.26
CA ASP A 8 4.88 16.88 -8.14
C ASP A 8 4.92 16.47 -9.60
N THR A 9 6.05 16.02 -10.00
CA THR A 9 6.26 15.61 -11.42
C THR A 9 5.15 14.67 -11.87
N LEU A 10 4.68 13.85 -10.99
CA LEU A 10 3.61 12.89 -11.39
C LEU A 10 2.28 13.64 -11.56
N PHE A 11 1.79 14.25 -10.52
CA PHE A 11 0.51 15.00 -10.61
C PHE A 11 0.67 16.22 -11.50
N ASP A 12 1.89 16.61 -11.76
CA ASP A 12 2.12 17.80 -12.62
C ASP A 12 1.96 17.44 -14.09
N HIS A 13 2.67 16.43 -14.50
CA HIS A 13 2.64 16.01 -15.94
C HIS A 13 2.31 14.51 -16.07
N ALA A 14 1.45 13.98 -15.25
CA ALA A 14 1.11 12.53 -15.41
C ALA A 14 -0.08 12.13 -14.54
N PRO A 15 -1.25 12.68 -14.85
CA PRO A 15 -2.46 12.33 -14.11
C PRO A 15 -2.90 10.92 -14.52
N ASP A 16 -2.40 10.45 -15.64
CA ASP A 16 -2.79 9.09 -16.13
C ASP A 16 -1.89 8.01 -15.52
N LYS A 17 -0.61 8.25 -15.46
CA LYS A 17 0.31 7.23 -14.90
C LYS A 17 -0.08 6.94 -13.45
N LEU A 18 -0.33 7.96 -12.69
CA LEU A 18 -0.73 7.74 -11.26
C LEU A 18 -1.82 6.66 -11.21
N ASN A 19 -2.71 6.66 -12.16
CA ASN A 19 -3.80 5.64 -12.17
C ASN A 19 -3.19 4.25 -12.44
N VAL A 20 -2.52 4.10 -13.55
CA VAL A 20 -1.92 2.78 -13.88
C VAL A 20 -0.93 2.36 -12.78
N VAL A 21 -0.25 3.30 -12.18
CA VAL A 21 0.72 2.91 -11.12
C VAL A 21 -0.04 2.25 -9.96
N LYS A 22 -1.22 2.74 -9.63
CA LYS A 22 -1.97 2.09 -8.53
C LYS A 22 -2.29 0.67 -8.99
N LYS A 23 -2.64 0.51 -10.24
CA LYS A 23 -2.97 -0.86 -10.76
C LYS A 23 -1.76 -1.79 -10.61
N THR A 24 -0.57 -1.24 -10.61
CA THR A 24 0.63 -2.11 -10.46
C THR A 24 0.76 -2.47 -9.00
N LEU A 25 0.30 -1.61 -8.15
CA LEU A 25 0.35 -1.91 -6.71
C LEU A 25 -0.72 -2.98 -6.44
N ILE A 26 -1.76 -2.97 -7.24
CA ILE A 26 -2.82 -3.99 -7.06
C ILE A 26 -2.17 -5.33 -7.37
N THR A 27 -1.31 -5.37 -8.35
CA THR A 27 -0.63 -6.65 -8.71
C THR A 27 0.22 -7.12 -7.51
N PHE A 28 0.93 -6.22 -6.86
CA PHE A 28 1.77 -6.61 -5.69
C PHE A 28 0.93 -7.40 -4.68
N VAL A 29 -0.14 -6.82 -4.23
CA VAL A 29 -1.01 -7.54 -3.25
C VAL A 29 -1.61 -8.78 -3.92
N ASN A 30 -1.99 -8.67 -5.17
CA ASN A 30 -2.58 -9.85 -5.88
C ASN A 30 -1.60 -11.02 -5.78
N LYS A 31 -0.37 -10.73 -5.55
CA LYS A 31 0.64 -11.80 -5.46
C LYS A 31 0.56 -12.41 -4.07
N HIS A 32 0.67 -11.60 -3.06
CA HIS A 32 0.57 -12.10 -1.73
C HIS A 32 -0.83 -12.69 -1.58
N LEU A 33 -1.76 -12.18 -2.33
CA LEU A 33 -3.16 -12.70 -2.27
C LEU A 33 -3.24 -13.92 -3.17
N ASN A 34 -2.79 -13.82 -4.39
CA ASN A 34 -2.84 -15.00 -5.30
C ASN A 34 -2.31 -16.23 -4.56
N LYS A 35 -1.54 -16.06 -3.51
CA LYS A 35 -1.03 -17.25 -2.78
C LYS A 35 -2.22 -18.08 -2.29
N LEU A 36 -3.06 -17.51 -1.48
CA LEU A 36 -4.25 -18.25 -1.00
C LEU A 36 -5.30 -18.23 -2.11
N ASN A 37 -4.92 -17.65 -3.22
CA ASN A 37 -5.80 -17.58 -4.42
C ASN A 37 -6.99 -16.64 -4.19
N LEU A 38 -6.76 -15.38 -4.43
CA LEU A 38 -7.84 -14.36 -4.28
C LEU A 38 -7.61 -13.29 -5.35
N GLU A 39 -8.10 -12.09 -5.15
CA GLU A 39 -7.90 -11.04 -6.18
C GLU A 39 -8.28 -9.67 -5.62
N VAL A 40 -7.32 -8.78 -5.55
CA VAL A 40 -7.60 -7.40 -5.04
C VAL A 40 -8.00 -6.51 -6.23
N THR A 41 -8.67 -5.42 -5.99
CA THR A 41 -9.10 -4.53 -7.12
C THR A 41 -8.94 -3.05 -6.75
N GLU A 42 -8.93 -2.74 -5.48
CA GLU A 42 -8.82 -1.31 -5.06
C GLU A 42 -7.72 -1.16 -4.01
N LEU A 43 -6.50 -1.00 -4.43
CA LEU A 43 -5.40 -0.83 -3.43
C LEU A 43 -5.78 0.33 -2.52
N GLU A 44 -6.25 1.40 -3.10
CA GLU A 44 -6.64 2.59 -2.30
C GLU A 44 -7.47 2.19 -1.05
N THR A 45 -8.61 1.62 -1.27
CA THR A 45 -9.50 1.25 -0.12
C THR A 45 -9.02 -0.03 0.55
N GLN A 46 -7.96 -0.62 0.08
CA GLN A 46 -7.49 -1.86 0.75
C GLN A 46 -6.82 -1.45 2.04
N PHE A 47 -6.53 -0.18 2.18
CA PHE A 47 -5.91 0.32 3.41
C PHE A 47 -7.02 0.98 4.21
N ALA A 48 -8.12 1.22 3.55
CA ALA A 48 -9.29 1.82 4.26
C ALA A 48 -9.81 0.82 5.28
N ASP A 49 -8.94 -0.02 5.75
CA ASP A 49 -9.34 -1.04 6.77
C ASP A 49 -8.10 -1.87 7.13
N GLY A 50 -7.03 -1.70 6.39
CA GLY A 50 -5.76 -2.43 6.71
C GLY A 50 -6.00 -3.91 7.02
N VAL A 51 -7.13 -4.47 6.64
CA VAL A 51 -7.36 -5.92 6.93
C VAL A 51 -6.70 -6.74 5.83
N TYR A 52 -7.12 -6.56 4.62
CA TYR A 52 -6.48 -7.33 3.51
C TYR A 52 -4.99 -7.02 3.54
N LEU A 53 -4.63 -6.04 4.32
CA LEU A 53 -3.19 -5.68 4.43
C LEU A 53 -2.48 -6.68 5.34
N VAL A 54 -2.85 -6.75 6.59
CA VAL A 54 -2.18 -7.74 7.48
C VAL A 54 -2.29 -9.12 6.84
N LEU A 55 -3.25 -9.30 5.97
CA LEU A 55 -3.42 -10.62 5.32
C LEU A 55 -2.28 -10.83 4.30
N LEU A 56 -2.09 -9.90 3.39
CA LEU A 56 -0.98 -10.04 2.40
C LEU A 56 0.31 -10.39 3.14
N MET A 57 0.51 -9.78 4.28
CA MET A 57 1.74 -10.07 5.07
C MET A 57 1.78 -11.55 5.43
N GLY A 58 0.69 -12.10 5.87
CA GLY A 58 0.69 -13.54 6.25
C GLY A 58 0.96 -14.40 5.01
N LEU A 59 0.26 -14.15 3.95
CA LEU A 59 0.49 -14.95 2.72
C LEU A 59 1.95 -14.82 2.30
N LEU A 60 2.62 -13.81 2.79
CA LEU A 60 4.06 -13.66 2.46
C LEU A 60 4.84 -14.72 3.24
N GLU A 61 4.69 -14.72 4.55
CA GLU A 61 5.40 -15.74 5.36
C GLU A 61 4.91 -17.14 5.00
N GLY A 62 3.68 -17.25 4.53
CA GLY A 62 3.14 -18.59 4.14
C GLY A 62 2.23 -19.13 5.24
N TYR A 63 1.34 -18.33 5.72
CA TYR A 63 0.40 -18.81 6.79
C TYR A 63 -0.83 -17.89 6.82
N PHE A 64 -1.98 -18.46 7.08
CA PHE A 64 -3.23 -17.64 7.11
C PHE A 64 -3.29 -16.82 8.40
N VAL A 65 -3.84 -15.63 8.32
CA VAL A 65 -3.94 -14.76 9.53
C VAL A 65 -5.26 -15.10 10.28
N PRO A 66 -5.19 -15.43 11.56
CA PRO A 66 -6.42 -15.76 12.31
C PRO A 66 -7.45 -14.64 12.18
N LEU A 67 -8.61 -14.80 12.77
CA LEU A 67 -9.67 -13.77 12.67
C LEU A 67 -9.50 -12.73 13.80
N HIS A 68 -8.85 -13.09 14.87
CA HIS A 68 -8.67 -12.14 16.02
C HIS A 68 -7.18 -11.82 16.20
N SER A 69 -6.37 -12.16 15.25
CA SER A 69 -4.92 -11.85 15.39
C SER A 69 -4.76 -10.34 15.48
N PHE A 70 -5.48 -9.66 14.65
CA PHE A 70 -5.41 -8.17 14.61
C PHE A 70 -6.67 -7.55 15.21
N PHE A 71 -7.38 -6.77 14.43
CA PHE A 71 -8.65 -6.12 14.92
C PHE A 71 -9.84 -6.78 14.21
N LEU A 72 -10.97 -6.83 14.87
CA LEU A 72 -12.17 -7.45 14.24
C LEU A 72 -12.43 -6.77 12.90
N THR A 73 -13.00 -5.59 12.93
CA THR A 73 -13.29 -4.87 11.65
C THR A 73 -13.47 -3.37 11.98
N PRO A 74 -12.83 -2.47 11.24
CA PRO A 74 -12.98 -1.03 11.49
C PRO A 74 -14.46 -0.64 11.47
N ASP A 75 -14.87 0.23 12.37
CA ASP A 75 -16.30 0.67 12.41
C ASP A 75 -16.36 2.09 11.87
N SER A 76 -15.39 2.90 12.22
CA SER A 76 -15.37 4.32 11.74
C SER A 76 -13.99 4.65 11.18
N PHE A 77 -13.78 5.90 10.89
CA PHE A 77 -12.47 6.34 10.31
C PHE A 77 -11.34 6.10 11.27
N GLU A 78 -11.41 6.66 12.42
CA GLU A 78 -10.32 6.47 13.41
C GLU A 78 -9.94 4.99 13.49
N GLN A 79 -10.90 4.13 13.47
CA GLN A 79 -10.61 2.68 13.54
C GLN A 79 -9.86 2.24 12.30
N LYS A 80 -10.08 2.88 11.20
CA LYS A 80 -9.34 2.51 9.96
C LYS A 80 -7.92 3.10 10.07
N VAL A 81 -7.84 4.37 10.38
CA VAL A 81 -6.52 5.03 10.52
C VAL A 81 -5.67 4.23 11.49
N LEU A 82 -6.29 3.51 12.38
CA LEU A 82 -5.52 2.70 13.37
C LEU A 82 -5.11 1.39 12.75
N ASN A 83 -5.95 0.80 11.96
CA ASN A 83 -5.56 -0.47 11.32
C ASN A 83 -4.37 -0.20 10.40
N VAL A 84 -4.28 0.99 9.87
CA VAL A 84 -3.13 1.30 8.96
C VAL A 84 -1.94 1.75 9.78
N SER A 85 -2.14 2.53 10.78
CA SER A 85 -1.00 2.98 11.61
C SER A 85 -0.35 1.73 12.23
N PHE A 86 -1.13 0.72 12.42
CA PHE A 86 -0.63 -0.53 13.02
C PHE A 86 0.21 -1.30 12.00
N ALA A 87 -0.35 -1.61 10.89
CA ALA A 87 0.44 -2.34 9.87
C ALA A 87 1.69 -1.52 9.58
N PHE A 88 1.54 -0.23 9.66
CA PHE A 88 2.68 0.68 9.42
C PHE A 88 3.60 0.59 10.60
N GLU A 89 3.12 0.12 11.72
CA GLU A 89 4.00 0.04 12.91
C GLU A 89 4.88 -1.21 12.81
N LEU A 90 4.29 -2.32 12.49
CA LEU A 90 5.11 -3.56 12.36
C LEU A 90 5.93 -3.44 11.09
N MET A 91 5.57 -2.55 10.21
CA MET A 91 6.35 -2.41 8.96
C MET A 91 7.48 -1.41 9.23
N GLN A 92 7.17 -0.32 9.88
CA GLN A 92 8.23 0.66 10.21
C GLN A 92 9.35 -0.10 10.90
N ASP A 93 8.99 -1.15 11.59
CA ASP A 93 10.02 -1.99 12.26
C ASP A 93 10.58 -2.93 11.21
N GLY A 94 9.70 -3.59 10.52
CA GLY A 94 10.14 -4.51 9.45
C GLY A 94 10.93 -3.74 8.40
N GLY A 95 11.03 -2.43 8.55
CA GLY A 95 11.81 -1.62 7.56
C GLY A 95 11.04 -0.35 7.15
N LEU A 96 10.85 -0.15 5.87
CA LEU A 96 10.15 1.07 5.37
C LEU A 96 10.91 2.32 5.80
N GLU A 97 10.76 2.68 7.04
CA GLU A 97 11.46 3.89 7.56
C GLU A 97 11.23 5.10 6.64
N LYS A 98 11.74 6.23 7.02
CA LYS A 98 11.57 7.46 6.19
C LYS A 98 10.12 7.59 5.68
N PRO A 99 9.20 7.82 6.59
CA PRO A 99 7.78 7.99 6.23
C PRO A 99 7.57 9.32 5.50
N LYS A 100 6.45 9.48 4.84
CA LYS A 100 6.17 10.75 4.13
C LYS A 100 4.67 11.12 4.27
N PRO A 101 3.75 10.22 3.92
CA PRO A 101 2.30 10.53 4.04
C PRO A 101 1.86 10.14 5.46
N ARG A 102 0.60 9.88 5.69
CA ARG A 102 0.14 9.52 7.08
C ARG A 102 -0.92 8.39 7.00
N PRO A 103 -0.96 7.51 8.00
CA PRO A 103 -1.95 6.41 8.04
C PRO A 103 -3.31 6.91 7.56
N GLU A 104 -3.57 8.17 7.74
CA GLU A 104 -4.85 8.75 7.28
C GLU A 104 -4.77 8.87 5.76
N ASP A 105 -3.80 9.59 5.29
CA ASP A 105 -3.57 9.79 3.84
C ASP A 105 -3.78 8.47 3.11
N ILE A 106 -3.56 7.38 3.76
CA ILE A 106 -3.76 6.05 3.09
C ILE A 106 -5.26 5.71 3.18
N VAL A 107 -5.74 5.45 4.37
CA VAL A 107 -7.20 5.14 4.55
C VAL A 107 -8.01 6.15 3.71
N ASN A 108 -7.45 7.32 3.52
CA ASN A 108 -8.17 8.39 2.77
C ASN A 108 -8.50 7.90 1.35
N CYS A 109 -8.22 6.67 1.05
CA CYS A 109 -8.54 6.15 -0.31
C CYS A 109 -7.85 7.02 -1.37
N ASP A 110 -7.13 8.02 -0.96
CA ASP A 110 -6.45 8.87 -1.97
C ASP A 110 -5.37 8.05 -2.64
N LEU A 111 -4.91 8.48 -3.76
CA LEU A 111 -3.87 7.76 -4.50
C LEU A 111 -2.51 8.36 -4.14
N LYS A 112 -2.39 9.62 -4.34
CA LYS A 112 -1.12 10.36 -4.08
C LYS A 112 -0.24 9.74 -2.99
N SER A 113 -0.61 9.97 -1.78
CA SER A 113 0.19 9.45 -0.64
C SER A 113 0.30 7.92 -0.70
N THR A 114 -0.82 7.28 -0.69
CA THR A 114 -0.89 5.80 -0.73
C THR A 114 0.15 5.26 -1.70
N LEU A 115 0.29 5.91 -2.81
CA LEU A 115 1.26 5.47 -3.84
C LEU A 115 2.67 5.60 -3.29
N ARG A 116 2.99 6.68 -2.63
CA ARG A 116 4.38 6.81 -2.11
C ARG A 116 4.73 5.60 -1.22
N VAL A 117 3.89 5.27 -0.27
CA VAL A 117 4.21 4.13 0.65
C VAL A 117 4.18 2.79 -0.09
N LEU A 118 3.18 2.55 -0.88
CA LEU A 118 3.14 1.23 -1.58
C LEU A 118 4.36 1.12 -2.48
N TYR A 119 4.74 2.17 -3.14
CA TYR A 119 5.93 2.11 -4.01
C TYR A 119 7.08 1.64 -3.15
N ASN A 120 7.26 2.31 -2.06
CA ASN A 120 8.35 1.94 -1.11
C ASN A 120 8.36 0.41 -0.92
N LEU A 121 7.20 -0.20 -0.83
CA LEU A 121 7.16 -1.67 -0.64
C LEU A 121 7.59 -2.35 -1.93
N PHE A 122 6.83 -2.20 -2.99
CA PHE A 122 7.21 -2.85 -4.27
C PHE A 122 8.69 -2.77 -4.49
N THR A 123 9.28 -1.78 -3.95
CA THR A 123 10.74 -1.63 -4.11
C THR A 123 11.47 -2.70 -3.32
N LYS A 124 11.17 -2.79 -2.06
CA LYS A 124 11.90 -3.78 -1.20
C LYS A 124 11.35 -5.21 -1.34
N TYR A 125 10.17 -5.41 -1.88
CA TYR A 125 9.62 -6.80 -1.98
C TYR A 125 9.64 -7.28 -3.44
N ARG A 126 9.85 -6.39 -4.36
CA ARG A 126 9.89 -6.77 -5.79
C ARG A 126 10.72 -8.07 -5.98
N ASN A 127 11.67 -8.29 -5.12
CA ASN A 127 12.53 -9.50 -5.22
C ASN A 127 11.86 -10.63 -4.44
N VAL A 128 11.05 -10.26 -3.52
CA VAL A 128 10.34 -11.25 -2.69
C VAL A 128 9.16 -11.80 -3.46
N GLU A 129 9.05 -13.08 -3.48
CA GLU A 129 7.96 -13.76 -4.22
C GLU A 129 6.61 -13.46 -3.58
N ASP B 1 12.12 11.06 -15.15
CA ASP B 1 11.69 10.19 -14.01
C ASP B 1 10.41 9.44 -14.40
N LEU B 2 9.43 10.13 -14.91
CA LEU B 2 8.17 9.45 -15.30
C LEU B 2 8.50 8.23 -16.18
N ASP B 3 9.59 8.28 -16.90
CA ASP B 3 9.97 7.14 -17.77
C ASP B 3 10.51 6.00 -16.91
N ALA B 4 11.23 6.30 -15.86
CA ALA B 4 11.77 5.22 -15.00
C ALA B 4 10.63 4.47 -14.33
N LEU B 5 9.59 5.16 -13.93
CA LEU B 5 8.44 4.49 -13.28
C LEU B 5 7.75 3.57 -14.29
N LEU B 6 7.47 4.07 -15.47
CA LEU B 6 6.80 3.21 -16.48
C LEU B 6 7.67 1.98 -16.76
N ALA B 7 8.95 2.18 -16.93
CA ALA B 7 9.86 1.03 -17.20
C ALA B 7 9.67 -0.02 -16.10
N ASP B 8 9.57 0.40 -14.88
CA ASP B 8 9.39 -0.58 -13.77
C ASP B 8 8.14 -1.42 -14.04
N LEU B 9 7.05 -0.79 -14.36
CA LEU B 9 5.80 -1.56 -14.65
C LEU B 9 6.08 -2.55 -15.78
N GLU B 10 6.51 -2.07 -16.91
CA GLU B 10 6.82 -2.92 -18.04
C GLU B 10 8.00 -3.84 -17.69
#